data_9RDT
#
_entry.id   9RDT
#
_cell.length_a   1.00
_cell.length_b   1.00
_cell.length_c   1.00
_cell.angle_alpha   90.00
_cell.angle_beta   90.00
_cell.angle_gamma   90.00
#
_symmetry.space_group_name_H-M   'P 1'
#
loop_
_entity.id
_entity.type
_entity.pdbx_description
1 polymer 'RhGB07 Spike- T4 foldon fusion protein'
2 branched beta-D-mannopyranose-(1-4)-2-acetamido-2-deoxy-beta-D-glucopyranose
3 branched 2-acetamido-2-deoxy-beta-D-glucopyranose-(1-4)-2-acetamido-2-deoxy-beta-D-glucopyranose
4 branched beta-D-mannopyranose-(1-4)-2-acetamido-2-deoxy-beta-D-glucopyranose-(1-4)-2-acetamido-2-deoxy-beta-D-glucopyranose
5 branched alpha-D-mannopyranose-(1-3)-[alpha-D-mannopyranose-(1-6)]beta-D-mannopyranose-(1-4)-2-acetamido-2-deoxy-beta-D-glucopyranose-(1-4)-2-acetamido-2-deoxy-beta-D-glucopyranose
6 non-polymer 2-acetamido-2-deoxy-beta-D-glucopyranose
#
_entity_poly.entity_id   1
_entity_poly.type   'polypeptide(L)'
_entity_poly.pdbx_seq_one_letter_code
;DGCGRLSQKTQPKLEQFNSSRRGLYYFDDIFRSSLRVLTSGYFLPFGSNVTRYEVKQVPQVPIYYDNPLVPFGHGVYFAV
TEKSNVVRGWIFGSTMDNTTQSAVLVNNGTHIVVNVCNFNFCADPMFAVSAGQSYKSWIYTSSTNCTYFQAFPFAIETRP
NGTGPFTHLREHVFRNVDGFLHVYHNYEVINVQNGLPSGFSVLRPIFKLPLGLNITYIKAVMTLFSSTTSNFIAAVASLH
YVGYLQPRTMLFHFDQNGTIVDAIDCSQNPLSELKCTTKSFSLEKGIYQTSNFRVTPTTEVIRFPNVTQLCPFSDVFNRT
KFPSVYAWERMSIRDCVADYAVLYNSSISFSTFECYGVSPTKLNDLCFSSVYADYFVVRGDDVKQIAPGKTGVIADYNYK
LPDDFVGCVLAWNSRHVDSKQGFYYRLFRHGKIKPYQRDMSRELYSPSGTPCTTEGFNCYDPLAHYAFASPGIGTGYQPF
RVVVLSFQLLNAPATVCGPKQSTDLVKNKCVNFNFNGLTGTGVLTDSVKKFQPFQQFGRDSSDFTDSVKDPKTLEILDIT
PCSYGGVSVITPGTNTSDAVAVLYQDVNCTDVPTMLHIDQVSSDWRVYAANTGGNMFQTQAGCLVGATYDNTSYECDIPV
GAGVCAKFQINTGASQSSILAYTMSLGEDSNVAYSNNSIAIPTNFSISVTTEVLPVSMTKTSVDCNMYICGDSTECSSLL
LQYGSFCQQLNRALAGVSVEQDKNTQDVFAQVKSIYKVPAIKDFGGFNFSHILPDPAKPSKRSFIEDLLYNKVTLADPGF
MKQYGDCLGGVNARDLICAQKFNGLTVLPPLLTDDMIAAYTSALVSGTALSGYTFGAGAALQIPFAMQMAYRFNGIGVTQ
NVLYENQKQIANQFNKAISQIQESLTTTATALGKLQDVINQNAIALNTLVKQLSSNFGAISSVLNDILSRLDPPEAEVQI
DRLITGRLQSLQTYVTQQLIRAAEIRASANLAATKMSECVLGQSKRVDFCGKGYHLMSFPQAAPHGVVFLHVTYVPSQEQ
NFTTAPAICHKGKAHFPREGVFVTNGTHWFVTQRNFYQPEVITTENTFESGNCDVVIGIVNNTVYDPLQPELESFKEELD
KYFKNHTSPEVGFDDISGINASVVDIKKEIAHLNEIASKLNESLIDLQELGKYEQGSGYIPEAPRDGQAYVRKDGEWVLL
STFLGRSLEVLFQGPGHHHHHHHHSAWSHPQFEKGGGSGGGGSGGSAWSHPQFEK
;
_entity_poly.pdbx_strand_id   C,B,A
#
loop_
_chem_comp.id
_chem_comp.type
_chem_comp.name
_chem_comp.formula
BMA D-saccharide, beta linking beta-D-mannopyranose 'C6 H12 O6'
MAN D-saccharide, alpha linking alpha-D-mannopyranose 'C6 H12 O6'
NAG D-saccharide, beta linking 2-acetamido-2-deoxy-beta-D-glucopyranose 'C8 H15 N O6'
#
# COMPACT_ATOMS: atom_id res chain seq x y z
N ASP A 1 -9.01 -67.41 -24.14
CA ASP A 1 -8.65 -68.65 -24.82
C ASP A 1 -7.78 -69.54 -23.93
N GLY A 2 -8.17 -69.64 -22.65
CA GLY A 2 -7.41 -70.42 -21.70
C GLY A 2 -6.13 -69.71 -21.28
N CYS A 3 -5.26 -70.49 -20.63
CA CYS A 3 -3.97 -69.96 -20.20
C CYS A 3 -2.99 -71.12 -20.04
N GLY A 4 -1.71 -70.83 -20.30
CA GLY A 4 -0.66 -71.81 -20.13
C GLY A 4 -0.25 -71.95 -18.69
N ARG A 5 0.70 -72.86 -18.46
CA ARG A 5 1.22 -73.14 -17.13
C ARG A 5 2.73 -73.05 -17.13
N LEU A 6 3.28 -72.64 -15.99
CA LEU A 6 4.73 -72.55 -15.79
C LEU A 6 5.04 -73.13 -14.40
N SER A 7 5.34 -74.43 -14.37
CA SER A 7 5.68 -75.06 -13.10
C SER A 7 7.02 -74.55 -12.56
N GLN A 8 7.96 -74.25 -13.44
CA GLN A 8 9.25 -73.71 -13.02
C GLN A 8 9.07 -72.32 -12.44
N LYS A 9 9.69 -72.07 -11.29
CA LYS A 9 9.58 -70.79 -10.58
C LYS A 9 10.97 -70.37 -10.12
N THR A 10 11.64 -69.57 -10.96
CA THR A 10 12.92 -69.00 -10.57
C THR A 10 12.70 -67.79 -9.68
N GLN A 11 13.47 -67.71 -8.61
CA GLN A 11 13.30 -66.61 -7.65
C GLN A 11 13.66 -65.28 -8.32
N PRO A 12 12.84 -64.25 -8.17
CA PRO A 12 13.15 -62.96 -8.78
C PRO A 12 14.40 -62.34 -8.17
N LYS A 13 15.11 -61.59 -9.00
CA LYS A 13 16.31 -60.87 -8.58
C LYS A 13 16.05 -59.37 -8.62
N LEU A 14 16.52 -58.67 -7.58
CA LEU A 14 16.28 -57.23 -7.44
C LEU A 14 17.61 -56.50 -7.44
N GLU A 15 17.72 -55.48 -8.30
CA GLU A 15 18.90 -54.64 -8.37
C GLU A 15 18.46 -53.18 -8.32
N GLN A 16 19.40 -52.31 -7.96
CA GLN A 16 19.12 -50.89 -7.75
C GLN A 16 19.98 -50.05 -8.67
N PHE A 17 19.37 -49.53 -9.73
CA PHE A 17 19.96 -48.50 -10.56
C PHE A 17 19.42 -47.14 -10.13
N ASN A 18 19.70 -46.10 -10.91
CA ASN A 18 19.17 -44.77 -10.65
C ASN A 18 18.54 -44.21 -11.93
N SER A 19 17.66 -43.23 -11.75
CA SER A 19 16.92 -42.62 -12.84
C SER A 19 17.61 -41.40 -13.43
N SER A 20 18.76 -41.01 -12.89
CA SER A 20 19.50 -39.83 -13.36
C SER A 20 18.63 -38.59 -13.36
N ARG A 21 18.30 -38.07 -14.54
CA ARG A 21 17.50 -36.86 -14.70
C ARG A 21 16.39 -37.10 -15.71
N ARG A 22 15.69 -38.22 -15.58
CA ARG A 22 14.62 -38.59 -16.48
C ARG A 22 13.30 -38.67 -15.71
N GLY A 23 12.20 -38.71 -16.45
CA GLY A 23 10.88 -38.81 -15.86
C GLY A 23 10.15 -37.49 -15.76
N LEU A 24 10.15 -36.72 -16.84
CA LEU A 24 9.46 -35.43 -16.90
C LEU A 24 8.43 -35.46 -18.01
N TYR A 25 7.32 -34.77 -17.79
CA TYR A 25 6.21 -34.78 -18.74
C TYR A 25 5.47 -33.45 -18.66
N TYR A 26 4.70 -33.17 -19.72
CA TYR A 26 3.86 -31.98 -19.75
C TYR A 26 2.70 -32.16 -18.77
N PHE A 27 2.73 -31.41 -17.68
CA PHE A 27 1.73 -31.55 -16.62
C PHE A 27 0.46 -30.77 -16.89
N ASP A 28 0.40 -29.98 -17.96
CA ASP A 28 -0.78 -29.19 -18.26
C ASP A 28 -0.81 -28.88 -19.75
N ASP A 29 -1.97 -28.45 -20.22
CA ASP A 29 -2.15 -28.08 -21.62
C ASP A 29 -1.88 -26.61 -21.89
N ILE A 30 -1.60 -25.83 -20.84
CA ILE A 30 -1.31 -24.41 -21.02
C ILE A 30 0.00 -24.26 -21.79
N PHE A 31 -0.07 -23.59 -22.94
CA PHE A 31 1.09 -23.42 -23.80
C PHE A 31 1.93 -22.26 -23.28
N ARG A 32 3.11 -22.57 -22.77
CA ARG A 32 4.04 -21.57 -22.24
C ARG A 32 5.24 -21.47 -23.16
N SER A 33 5.61 -20.25 -23.54
CA SER A 33 6.70 -20.00 -24.47
C SER A 33 7.63 -18.95 -23.89
N SER A 34 8.91 -19.30 -23.77
CA SER A 34 9.98 -18.37 -23.39
C SER A 34 9.72 -17.73 -22.01
N LEU A 35 9.61 -18.59 -21.00
CA LEU A 35 9.49 -18.15 -19.62
C LEU A 35 9.79 -19.32 -18.70
N ARG A 36 9.89 -19.03 -17.41
CA ARG A 36 10.16 -20.02 -16.39
C ARG A 36 9.06 -19.97 -15.34
N VAL A 37 8.51 -21.13 -15.00
CA VAL A 37 7.42 -21.23 -14.03
C VAL A 37 7.79 -22.30 -13.01
N LEU A 38 7.49 -22.02 -11.74
CA LEU A 38 7.73 -22.97 -10.66
C LEU A 38 6.42 -23.67 -10.33
N THR A 39 6.41 -24.99 -10.45
CA THR A 39 5.21 -25.80 -10.25
C THR A 39 5.50 -26.96 -9.31
N SER A 40 4.56 -27.25 -8.43
CA SER A 40 4.65 -28.38 -7.51
C SER A 40 3.66 -29.46 -7.92
N GLY A 41 4.01 -30.71 -7.62
CA GLY A 41 3.16 -31.83 -7.99
C GLY A 41 3.86 -33.14 -7.70
N TYR A 42 3.43 -34.17 -8.41
CA TYR A 42 3.97 -35.53 -8.27
C TYR A 42 4.87 -35.80 -9.47
N PHE A 43 6.19 -35.73 -9.25
CA PHE A 43 7.18 -35.98 -10.29
C PHE A 43 8.16 -37.04 -9.79
N LEU A 44 9.06 -37.43 -10.69
CA LEU A 44 10.10 -38.41 -10.34
C LEU A 44 11.34 -37.68 -9.88
N PRO A 45 11.78 -37.85 -8.63
CA PRO A 45 12.98 -37.16 -8.17
C PRO A 45 14.22 -37.63 -8.90
N PHE A 46 15.17 -36.72 -9.07
CA PHE A 46 16.41 -37.04 -9.75
C PHE A 46 17.24 -38.00 -8.92
N GLY A 47 17.77 -39.03 -9.58
CA GLY A 47 18.53 -40.06 -8.89
C GLY A 47 17.68 -40.85 -7.92
N SER A 48 16.71 -41.59 -8.44
CA SER A 48 15.74 -42.30 -7.62
C SER A 48 16.17 -43.77 -7.47
N ASN A 49 15.32 -44.53 -6.77
CA ASN A 49 15.57 -45.94 -6.52
C ASN A 49 14.84 -46.80 -7.55
N VAL A 50 15.25 -46.67 -8.81
CA VAL A 50 14.62 -47.43 -9.88
C VAL A 50 14.99 -48.91 -9.74
N THR A 51 14.06 -49.78 -10.13
CA THR A 51 14.23 -51.22 -10.01
C THR A 51 14.15 -51.87 -11.39
N ARG A 52 14.93 -52.92 -11.58
CA ARG A 52 15.07 -53.58 -12.87
C ARG A 52 14.58 -55.03 -12.78
N TYR A 53 13.87 -55.46 -13.81
CA TYR A 53 13.41 -56.84 -13.93
C TYR A 53 13.82 -57.39 -15.29
N GLU A 54 14.02 -58.70 -15.34
CA GLU A 54 14.45 -59.39 -16.55
C GLU A 54 13.47 -60.49 -16.92
N VAL A 55 13.67 -61.05 -18.10
CA VAL A 55 12.88 -62.18 -18.57
C VAL A 55 13.76 -63.19 -19.29
N ILE A 63 13.03 -70.75 -15.11
CA ILE A 63 12.97 -69.78 -16.20
C ILE A 63 12.83 -68.37 -15.63
N TYR A 64 13.55 -67.42 -16.23
CA TYR A 64 13.50 -66.03 -15.80
C TYR A 64 12.19 -65.41 -16.26
N TYR A 65 11.25 -65.26 -15.33
CA TYR A 65 9.96 -64.65 -15.64
C TYR A 65 9.47 -63.94 -14.38
N ASP A 66 9.73 -62.64 -14.28
CA ASP A 66 9.38 -61.85 -13.11
C ASP A 66 8.27 -60.87 -13.49
N ASN A 67 7.09 -61.06 -12.92
CA ASN A 67 5.96 -60.15 -13.06
C ASN A 67 5.35 -59.88 -11.70
N PRO A 68 6.07 -59.18 -10.82
CA PRO A 68 5.54 -58.93 -9.48
C PRO A 68 4.42 -57.91 -9.48
N LEU A 69 3.62 -57.94 -8.42
CA LEU A 69 2.53 -56.99 -8.26
C LEU A 69 3.10 -55.70 -7.70
N VAL A 70 3.20 -54.68 -8.54
CA VAL A 70 3.80 -53.40 -8.16
C VAL A 70 2.68 -52.49 -7.65
N PRO A 71 2.77 -51.96 -6.44
CA PRO A 71 1.76 -51.01 -5.97
C PRO A 71 1.78 -49.74 -6.84
N PHE A 72 0.58 -49.23 -7.11
CA PHE A 72 0.47 -48.06 -7.97
C PHE A 72 0.94 -46.80 -7.26
N GLY A 73 0.52 -46.60 -6.01
CA GLY A 73 0.88 -45.39 -5.29
C GLY A 73 0.29 -44.17 -5.96
N HIS A 74 1.11 -43.12 -6.08
CA HIS A 74 0.71 -41.88 -6.72
C HIS A 74 1.04 -41.84 -8.21
N GLY A 75 1.69 -42.86 -8.73
CA GLY A 75 2.08 -42.91 -10.12
C GLY A 75 3.28 -43.81 -10.30
N VAL A 76 3.37 -44.42 -11.48
CA VAL A 76 4.43 -45.37 -11.80
C VAL A 76 5.13 -44.90 -13.07
N TYR A 77 6.45 -44.84 -13.04
CA TYR A 77 7.26 -44.54 -14.21
C TYR A 77 7.77 -45.84 -14.81
N PHE A 78 7.44 -46.07 -16.08
CA PHE A 78 7.77 -47.32 -16.76
C PHE A 78 8.61 -47.02 -17.99
N ALA A 79 9.78 -47.65 -18.07
CA ALA A 79 10.68 -47.51 -19.21
C ALA A 79 11.17 -48.89 -19.63
N VAL A 80 11.16 -49.15 -20.92
CA VAL A 80 11.54 -50.45 -21.48
C VAL A 80 12.67 -50.26 -22.48
N THR A 81 13.67 -51.14 -22.39
CA THR A 81 14.75 -51.22 -23.36
C THR A 81 14.74 -52.61 -23.97
N GLU A 82 14.59 -52.69 -25.29
CA GLU A 82 14.44 -53.98 -25.94
C GLU A 82 14.89 -53.87 -27.39
N LYS A 83 15.13 -55.02 -28.00
CA LYS A 83 15.47 -55.12 -29.41
C LYS A 83 14.29 -55.60 -30.27
N SER A 84 13.22 -56.08 -29.64
CA SER A 84 12.05 -56.55 -30.37
C SER A 84 10.82 -56.36 -29.48
N ASN A 85 9.66 -56.34 -30.13
CA ASN A 85 8.39 -56.12 -29.43
C ASN A 85 8.04 -57.36 -28.61
N VAL A 86 8.29 -57.30 -27.30
CA VAL A 86 8.00 -58.42 -26.42
C VAL A 86 7.11 -57.95 -25.27
N VAL A 87 7.17 -56.66 -24.96
CA VAL A 87 6.35 -56.06 -23.92
C VAL A 87 5.33 -55.16 -24.59
N ARG A 88 4.04 -55.50 -24.45
CA ARG A 88 3.01 -54.80 -25.20
C ARG A 88 1.74 -54.55 -24.39
N GLY A 89 1.78 -54.69 -23.06
CA GLY A 89 0.56 -54.50 -22.30
C GLY A 89 0.83 -54.41 -20.81
N TRP A 90 -0.22 -54.01 -20.08
CA TRP A 90 -0.18 -53.90 -18.63
C TRP A 90 -1.55 -54.26 -18.08
N ILE A 91 -1.58 -54.59 -16.78
CA ILE A 91 -2.80 -54.97 -16.09
C ILE A 91 -3.02 -53.99 -14.94
N PHE A 92 -4.21 -53.40 -14.89
CA PHE A 92 -4.58 -52.46 -13.83
C PHE A 92 -5.74 -53.04 -13.04
N GLY A 93 -5.62 -53.02 -11.72
CA GLY A 93 -6.66 -53.55 -10.86
C GLY A 93 -6.32 -53.36 -9.41
N SER A 94 -7.22 -53.82 -8.55
CA SER A 94 -7.07 -53.73 -7.10
C SER A 94 -6.88 -55.09 -6.44
N THR A 95 -7.69 -56.08 -6.81
CA THR A 95 -7.59 -57.41 -6.26
C THR A 95 -7.28 -58.49 -7.29
N MET A 96 -7.29 -58.15 -8.58
CA MET A 96 -6.92 -59.08 -9.65
C MET A 96 -7.78 -60.33 -9.65
N ASP A 97 -9.07 -60.17 -9.37
CA ASP A 97 -10.02 -61.27 -9.39
C ASP A 97 -11.29 -60.79 -10.08
N ASN A 98 -12.32 -61.64 -10.08
CA ASN A 98 -13.59 -61.31 -10.71
C ASN A 98 -14.53 -60.57 -9.78
N THR A 99 -14.20 -60.44 -8.49
CA THR A 99 -15.07 -59.72 -7.57
C THR A 99 -15.11 -58.23 -7.90
N THR A 100 -13.98 -57.65 -8.26
CA THR A 100 -13.88 -56.23 -8.60
C THR A 100 -13.43 -56.07 -10.05
N GLN A 101 -13.81 -54.94 -10.64
CA GLN A 101 -13.48 -54.68 -12.03
C GLN A 101 -11.99 -54.38 -12.19
N SER A 102 -11.49 -54.64 -13.40
CA SER A 102 -10.09 -54.41 -13.71
C SER A 102 -9.98 -53.95 -15.16
N ALA A 103 -8.84 -53.35 -15.49
CA ALA A 103 -8.60 -52.80 -16.82
C ALA A 103 -7.42 -53.52 -17.48
N VAL A 104 -7.57 -53.79 -18.76
CA VAL A 104 -6.54 -54.44 -19.57
C VAL A 104 -6.27 -53.59 -20.80
N LEU A 105 -5.00 -53.28 -21.04
CA LEU A 105 -4.57 -52.49 -22.19
C LEU A 105 -3.50 -53.25 -22.94
N VAL A 106 -3.80 -53.65 -24.17
CA VAL A 106 -2.87 -54.41 -25.01
C VAL A 106 -2.87 -53.79 -26.40
N ASN A 107 -1.87 -54.16 -27.20
CA ASN A 107 -1.71 -53.68 -28.56
C ASN A 107 -1.87 -54.85 -29.52
N ASN A 108 -2.97 -54.84 -30.28
CA ASN A 108 -3.20 -55.88 -31.29
C ASN A 108 -3.31 -55.32 -32.70
N GLY A 109 -4.14 -54.31 -32.92
CA GLY A 109 -4.46 -53.89 -34.27
C GLY A 109 -4.40 -52.40 -34.53
N THR A 110 -5.52 -51.83 -34.99
CA THR A 110 -5.54 -50.50 -35.58
C THR A 110 -5.03 -49.41 -34.66
N HIS A 111 -5.78 -49.08 -33.61
CA HIS A 111 -5.33 -48.02 -32.71
C HIS A 111 -4.67 -48.55 -31.45
N ILE A 112 -5.47 -49.18 -30.59
CA ILE A 112 -5.08 -49.74 -29.30
C ILE A 112 -6.24 -50.59 -28.79
N VAL A 113 -5.95 -51.71 -28.14
CA VAL A 113 -6.97 -52.54 -27.53
C VAL A 113 -6.97 -52.28 -26.03
N VAL A 114 -8.05 -51.69 -25.52
CA VAL A 114 -8.20 -51.41 -24.10
C VAL A 114 -9.56 -51.94 -23.66
N ASN A 115 -9.58 -52.63 -22.51
CA ASN A 115 -10.79 -53.24 -22.00
C ASN A 115 -10.85 -53.08 -20.49
N VAL A 116 -12.04 -52.73 -20.00
CA VAL A 116 -12.34 -52.71 -18.57
C VAL A 116 -13.44 -53.73 -18.32
N CYS A 117 -13.15 -54.72 -17.49
CA CYS A 117 -14.07 -55.83 -17.31
C CYS A 117 -13.73 -56.57 -16.01
N ASN A 118 -14.54 -57.56 -15.68
CA ASN A 118 -14.30 -58.46 -14.56
C ASN A 118 -13.61 -59.70 -15.12
N PHE A 119 -12.30 -59.79 -14.92
CA PHE A 119 -11.49 -60.86 -15.47
C PHE A 119 -11.17 -61.90 -14.40
N ASN A 120 -10.82 -63.10 -14.87
CA ASN A 120 -10.27 -64.16 -14.04
C ASN A 120 -8.89 -64.47 -14.58
N PHE A 121 -7.89 -63.72 -14.14
CA PHE A 121 -6.54 -63.89 -14.62
C PHE A 121 -5.95 -65.21 -14.12
N CYS A 122 -5.14 -65.84 -14.96
CA CYS A 122 -4.43 -67.05 -14.55
C CYS A 122 -3.19 -66.67 -13.74
N ALA A 123 -2.43 -67.70 -13.34
CA ALA A 123 -1.28 -67.46 -12.48
C ALA A 123 -0.21 -66.61 -13.17
N ASP A 124 0.07 -66.90 -14.44
CA ASP A 124 1.11 -66.19 -15.20
C ASP A 124 0.53 -65.73 -16.52
N PRO A 125 -0.13 -64.57 -16.56
CA PRO A 125 -0.62 -64.04 -17.84
C PRO A 125 0.54 -63.79 -18.80
N MET A 126 0.30 -64.10 -20.08
CA MET A 126 1.31 -63.93 -21.10
C MET A 126 0.65 -64.00 -22.47
N PHE A 127 1.38 -63.54 -23.48
CA PHE A 127 0.96 -63.68 -24.87
C PHE A 127 1.51 -64.98 -25.43
N ALA A 128 1.38 -65.16 -26.74
CA ALA A 128 1.88 -66.36 -27.40
C ALA A 128 2.18 -66.04 -28.85
N VAL A 129 3.40 -66.34 -29.29
CA VAL A 129 3.81 -66.19 -30.68
C VAL A 129 4.52 -67.48 -31.09
N SER A 130 4.00 -68.13 -32.12
CA SER A 130 4.56 -69.38 -32.63
C SER A 130 4.81 -69.26 -34.12
N ALA A 131 5.96 -69.77 -34.57
CA ALA A 131 6.36 -69.74 -35.97
C ALA A 131 6.39 -68.33 -36.54
N GLY A 132 6.73 -67.36 -35.69
CA GLY A 132 6.81 -65.98 -36.14
C GLY A 132 5.47 -65.34 -36.46
N GLN A 133 4.37 -65.91 -35.99
CA GLN A 133 3.03 -65.40 -36.27
C GLN A 133 2.24 -65.32 -34.96
N SER A 134 1.09 -64.66 -35.04
CA SER A 134 0.25 -64.46 -33.87
C SER A 134 -0.32 -65.79 -33.38
N TYR A 135 -0.60 -65.85 -32.09
CA TYR A 135 -1.13 -67.05 -31.45
C TYR A 135 -2.04 -66.61 -30.30
N LYS A 136 -2.31 -67.53 -29.38
CA LYS A 136 -3.28 -67.32 -28.31
C LYS A 136 -2.93 -66.09 -27.47
N SER A 137 -3.89 -65.68 -26.65
CA SER A 137 -3.87 -64.41 -25.90
C SER A 137 -4.09 -64.71 -24.42
N TRP A 138 -3.30 -65.63 -23.87
CA TRP A 138 -3.55 -66.22 -22.56
C TRP A 138 -3.36 -65.17 -21.47
N ILE A 139 -4.35 -64.29 -21.36
CA ILE A 139 -4.38 -63.26 -20.32
C ILE A 139 -5.50 -63.53 -19.31
N TYR A 140 -6.73 -63.70 -19.80
CA TYR A 140 -7.88 -64.00 -18.97
C TYR A 140 -8.69 -65.11 -19.62
N THR A 141 -9.68 -65.61 -18.87
CA THR A 141 -10.50 -66.73 -19.34
C THR A 141 -12.00 -66.46 -19.26
N SER A 142 -12.43 -65.32 -18.73
CA SER A 142 -13.85 -65.04 -18.61
C SER A 142 -14.06 -63.53 -18.58
N SER A 143 -15.13 -63.08 -19.24
CA SER A 143 -15.52 -61.67 -19.27
C SER A 143 -16.95 -61.55 -18.76
N THR A 144 -17.13 -60.83 -17.66
CA THR A 144 -18.42 -60.70 -17.02
C THR A 144 -19.12 -59.44 -17.54
N ASN A 145 -20.18 -59.00 -16.87
CA ASN A 145 -20.93 -57.80 -17.20
C ASN A 145 -20.05 -56.56 -17.20
N CYS A 146 -19.81 -55.96 -18.38
CA CYS A 146 -18.86 -54.88 -18.49
C CYS A 146 -19.32 -53.89 -19.55
N THR A 147 -18.76 -52.68 -19.51
CA THR A 147 -19.23 -51.57 -20.32
C THR A 147 -18.20 -51.06 -21.31
N TYR A 148 -17.00 -50.71 -20.85
CA TYR A 148 -16.07 -49.95 -21.68
C TYR A 148 -15.40 -50.83 -22.73
N PHE A 149 -15.23 -50.26 -23.92
CA PHE A 149 -14.53 -50.92 -25.02
C PHE A 149 -14.05 -49.84 -25.98
N GLN A 150 -12.84 -50.03 -26.51
CA GLN A 150 -12.27 -49.09 -27.47
C GLN A 150 -11.21 -49.80 -28.29
N ALA A 151 -11.20 -49.53 -29.59
CA ALA A 151 -10.22 -50.15 -30.49
C ALA A 151 -9.63 -49.11 -31.43
N PHE A 166 19.24 -53.68 -28.39
CA PHE A 166 18.63 -52.74 -27.46
C PHE A 166 18.54 -51.35 -28.08
N THR A 167 18.23 -51.30 -29.37
CA THR A 167 18.14 -50.02 -30.08
C THR A 167 16.82 -49.30 -29.84
N HIS A 168 15.87 -49.92 -29.17
CA HIS A 168 14.56 -49.33 -28.91
C HIS A 168 14.42 -49.03 -27.42
N LEU A 169 14.00 -47.81 -27.11
CA LEU A 169 13.78 -47.39 -25.73
C LEU A 169 12.48 -46.61 -25.66
N ARG A 170 11.50 -47.14 -24.93
CA ARG A 170 10.20 -46.52 -24.77
C ARG A 170 9.96 -46.24 -23.29
N GLU A 171 9.45 -45.03 -23.01
CA GLU A 171 9.17 -44.60 -21.64
C GLU A 171 7.69 -44.27 -21.53
N HIS A 172 7.06 -44.75 -20.46
CA HIS A 172 5.65 -44.53 -20.21
C HIS A 172 5.43 -44.09 -18.76
N VAL A 173 4.58 -43.09 -18.57
CA VAL A 173 4.19 -42.60 -17.26
C VAL A 173 2.69 -42.75 -17.11
N PHE A 174 2.27 -43.42 -16.04
CA PHE A 174 0.86 -43.68 -15.78
C PHE A 174 0.40 -42.91 -14.55
N ARG A 175 -0.66 -42.14 -14.70
CA ARG A 175 -1.23 -41.38 -13.60
C ARG A 175 -2.75 -41.50 -13.64
N ASN A 176 -3.36 -41.64 -12.46
CA ASN A 176 -4.81 -41.82 -12.34
C ASN A 176 -5.34 -40.80 -11.34
N VAL A 177 -6.05 -39.79 -11.83
CA VAL A 177 -6.64 -38.76 -11.00
C VAL A 177 -8.04 -38.45 -11.51
N ASP A 178 -8.99 -38.33 -10.59
CA ASP A 178 -10.38 -37.98 -10.91
C ASP A 178 -10.99 -38.95 -11.92
N GLY A 179 -10.64 -40.22 -11.82
CA GLY A 179 -11.17 -41.22 -12.72
C GLY A 179 -10.62 -41.17 -14.13
N PHE A 180 -9.55 -40.43 -14.36
CA PHE A 180 -8.93 -40.33 -15.68
C PHE A 180 -7.55 -40.97 -15.65
N LEU A 181 -7.28 -41.85 -16.61
CA LEU A 181 -6.01 -42.54 -16.72
C LEU A 181 -5.19 -41.85 -17.82
N HIS A 182 -4.14 -41.14 -17.41
CA HIS A 182 -3.28 -40.43 -18.33
C HIS A 182 -2.09 -41.29 -18.72
N VAL A 183 -1.77 -41.30 -20.02
CA VAL A 183 -0.67 -42.09 -20.56
C VAL A 183 0.27 -41.15 -21.30
N TYR A 184 1.57 -41.28 -21.02
CA TYR A 184 2.61 -40.49 -21.67
C TYR A 184 3.55 -41.43 -22.41
N HIS A 185 4.05 -40.97 -23.55
CA HIS A 185 4.90 -41.79 -24.42
C HIS A 185 6.14 -41.02 -24.83
N ASN A 186 7.25 -41.75 -25.01
CA ASN A 186 8.50 -41.18 -25.46
C ASN A 186 9.33 -42.28 -26.11
N TYR A 187 10.04 -41.93 -27.16
CA TYR A 187 10.88 -42.88 -27.90
C TYR A 187 12.29 -42.34 -28.01
N GLU A 188 13.28 -43.21 -27.80
CA GLU A 188 14.68 -42.84 -27.89
C GLU A 188 15.47 -44.02 -28.41
N VAL A 189 16.59 -43.74 -29.07
CA VAL A 189 17.47 -44.74 -29.64
C VAL A 189 18.77 -44.74 -28.85
N ILE A 190 19.13 -45.89 -28.28
CA ILE A 190 20.35 -46.04 -27.50
C ILE A 190 21.00 -47.37 -27.85
N ASN A 191 22.29 -47.48 -27.54
CA ASN A 191 23.06 -48.71 -27.74
C ASN A 191 23.85 -48.97 -26.47
N VAL A 192 23.24 -49.65 -25.50
CA VAL A 192 23.86 -49.97 -24.22
C VAL A 192 23.58 -51.43 -23.91
N GLN A 193 24.63 -52.17 -23.55
CA GLN A 193 24.45 -53.58 -23.23
C GLN A 193 23.74 -53.77 -21.90
N ASN A 194 24.10 -52.97 -20.89
CA ASN A 194 23.48 -53.09 -19.58
C ASN A 194 23.58 -51.75 -18.87
N GLY A 195 22.54 -51.39 -18.14
CA GLY A 195 22.50 -50.15 -17.39
C GLY A 195 21.56 -49.15 -18.02
N LEU A 196 20.81 -48.45 -17.19
CA LEU A 196 19.87 -47.44 -17.67
C LEU A 196 20.64 -46.21 -18.12
N PRO A 197 20.52 -45.80 -19.39
CA PRO A 197 21.28 -44.63 -19.85
C PRO A 197 20.82 -43.35 -19.17
N SER A 198 21.77 -42.44 -18.97
CA SER A 198 21.49 -41.15 -18.37
C SER A 198 21.19 -40.11 -19.44
N GLY A 199 20.62 -39.00 -19.01
CA GLY A 199 20.30 -37.92 -19.91
C GLY A 199 19.04 -37.19 -19.46
N PHE A 200 18.44 -36.46 -20.39
CA PHE A 200 17.23 -35.70 -20.16
C PHE A 200 16.15 -36.15 -21.12
N SER A 201 14.96 -36.42 -20.58
CA SER A 201 13.85 -36.91 -21.38
C SER A 201 12.58 -36.17 -21.00
N VAL A 202 11.69 -36.01 -21.97
CA VAL A 202 10.39 -35.37 -21.79
C VAL A 202 9.34 -36.23 -22.47
N LEU A 203 8.18 -36.36 -21.83
CA LEU A 203 7.11 -37.20 -22.33
C LEU A 203 5.89 -36.35 -22.68
N ARG A 204 5.16 -36.78 -23.71
CA ARG A 204 4.00 -36.07 -24.21
C ARG A 204 2.75 -36.93 -24.01
N PRO A 205 1.66 -36.38 -23.47
CA PRO A 205 0.46 -37.18 -23.26
C PRO A 205 -0.15 -37.65 -24.57
N ILE A 206 -0.71 -38.87 -24.55
CA ILE A 206 -1.36 -39.45 -25.71
C ILE A 206 -2.81 -39.84 -25.40
N PHE A 207 -3.07 -40.43 -24.24
CA PHE A 207 -4.38 -40.96 -23.91
C PHE A 207 -4.93 -40.27 -22.66
N LYS A 208 -6.24 -40.07 -22.66
CA LYS A 208 -6.99 -39.52 -21.52
C LYS A 208 -8.24 -40.34 -21.28
N LEU A 209 -8.09 -41.66 -21.23
CA LEU A 209 -9.21 -42.57 -21.17
C LEU A 209 -10.01 -42.37 -19.89
N PRO A 210 -11.31 -42.07 -19.96
CA PRO A 210 -12.12 -41.92 -18.75
C PRO A 210 -12.68 -43.24 -18.25
N LEU A 211 -12.30 -43.63 -17.03
CA LEU A 211 -12.83 -44.86 -16.43
C LEU A 211 -12.69 -44.76 -14.92
N GLY A 212 -13.80 -44.95 -14.22
CA GLY A 212 -13.80 -44.85 -12.77
C GLY A 212 -13.49 -46.17 -12.09
N LEU A 213 -12.25 -46.34 -11.66
CA LEU A 213 -11.79 -47.57 -11.01
C LEU A 213 -11.00 -47.21 -9.76
N ASN A 214 -10.60 -48.25 -9.04
CA ASN A 214 -9.76 -48.12 -7.84
C ASN A 214 -8.47 -48.88 -8.12
N ILE A 215 -7.48 -48.18 -8.66
CA ILE A 215 -6.22 -48.80 -9.06
C ILE A 215 -5.26 -48.77 -7.86
N THR A 216 -4.77 -49.94 -7.47
CA THR A 216 -3.84 -50.04 -6.37
C THR A 216 -2.60 -50.83 -6.79
N TYR A 217 -2.77 -51.77 -7.71
CA TYR A 217 -1.68 -52.60 -8.19
C TYR A 217 -1.62 -52.54 -9.71
N ILE A 218 -0.41 -52.71 -10.24
CA ILE A 218 -0.18 -52.72 -11.69
C ILE A 218 0.69 -53.92 -12.02
N LYS A 219 0.35 -54.61 -13.11
CA LYS A 219 1.09 -55.78 -13.57
C LYS A 219 1.49 -55.58 -15.02
N ALA A 220 2.33 -56.49 -15.51
CA ALA A 220 2.83 -56.43 -16.88
C ALA A 220 2.66 -57.79 -17.55
N VAL A 221 2.40 -57.77 -18.85
CA VAL A 221 2.24 -58.98 -19.64
C VAL A 221 3.23 -58.92 -20.80
N MET A 222 3.93 -60.03 -21.04
CA MET A 222 4.96 -60.09 -22.06
C MET A 222 4.84 -61.41 -22.81
N THR A 223 5.34 -61.41 -24.05
CA THR A 223 5.18 -62.55 -24.93
C THR A 223 6.24 -63.62 -24.68
N LEU A 224 5.90 -64.85 -25.07
CA LEU A 224 6.83 -65.97 -25.03
C LEU A 224 6.83 -66.68 -26.39
N PHE A 225 7.94 -67.32 -26.71
CA PHE A 225 8.12 -67.96 -28.01
C PHE A 225 8.31 -69.46 -27.83
N SER A 226 7.85 -70.21 -28.82
CA SER A 226 7.99 -71.67 -28.84
C SER A 226 8.40 -72.08 -30.25
N SER A 227 8.41 -73.39 -30.50
CA SER A 227 8.81 -73.90 -31.82
C SER A 227 7.60 -74.09 -32.73
N THR A 228 6.67 -74.96 -32.33
CA THR A 228 5.44 -75.14 -33.09
C THR A 228 4.19 -74.83 -32.27
N THR A 229 3.96 -75.54 -31.17
CA THR A 229 2.76 -75.33 -30.37
C THR A 229 3.01 -75.30 -28.87
N SER A 230 4.07 -75.93 -28.36
CA SER A 230 4.27 -76.06 -26.92
C SER A 230 5.74 -75.82 -26.61
N ASN A 231 6.11 -76.06 -25.35
CA ASN A 231 7.47 -75.85 -24.84
C ASN A 231 7.93 -74.41 -25.08
N PHE A 232 7.18 -73.48 -24.48
CA PHE A 232 7.50 -72.06 -24.59
C PHE A 232 8.74 -71.74 -23.77
N ILE A 233 9.67 -71.01 -24.38
CA ILE A 233 10.91 -70.61 -23.72
C ILE A 233 11.14 -69.12 -23.97
N ALA A 234 11.83 -68.49 -23.03
CA ALA A 234 12.14 -67.06 -23.13
C ALA A 234 13.40 -66.89 -23.98
N ALA A 235 13.21 -67.02 -25.29
CA ALA A 235 14.34 -66.90 -26.21
C ALA A 235 14.89 -65.47 -26.22
N VAL A 236 14.01 -64.48 -26.19
CA VAL A 236 14.40 -63.07 -26.24
C VAL A 236 14.24 -62.46 -24.86
N ALA A 237 15.26 -61.76 -24.39
CA ALA A 237 15.25 -61.11 -23.09
C ALA A 237 15.13 -59.60 -23.26
N SER A 238 14.39 -58.97 -22.36
CA SER A 238 14.17 -57.53 -22.39
C SER A 238 14.35 -56.95 -21.00
N LEU A 239 14.64 -55.66 -20.96
CA LEU A 239 14.90 -54.95 -19.71
C LEU A 239 13.87 -53.84 -19.56
N HIS A 240 13.17 -53.84 -18.42
CA HIS A 240 12.21 -52.80 -18.11
C HIS A 240 12.41 -52.33 -16.68
N TYR A 241 12.13 -51.05 -16.45
CA TYR A 241 12.38 -50.40 -15.17
C TYR A 241 11.10 -49.78 -14.63
N VAL A 242 10.99 -49.73 -13.31
CA VAL A 242 9.82 -49.19 -12.63
C VAL A 242 10.26 -48.10 -11.66
N GLY A 243 9.52 -47.01 -11.62
CA GLY A 243 9.84 -45.90 -10.74
C GLY A 243 8.59 -45.40 -10.04
N TYR A 244 8.78 -44.92 -8.82
CA TYR A 244 7.69 -44.43 -7.99
C TYR A 244 7.70 -42.91 -7.97
N LEU A 245 6.57 -42.30 -8.30
CA LEU A 245 6.45 -40.85 -8.25
C LEU A 245 6.30 -40.38 -6.81
N GLN A 246 6.90 -39.24 -6.50
CA GLN A 246 6.87 -38.66 -5.17
C GLN A 246 6.52 -37.19 -5.25
N PRO A 247 5.91 -36.63 -4.20
CA PRO A 247 5.60 -35.19 -4.21
C PRO A 247 6.84 -34.34 -4.09
N ARG A 248 7.21 -33.66 -5.18
CA ARG A 248 8.41 -32.84 -5.22
C ARG A 248 8.09 -31.50 -5.89
N THR A 249 8.94 -30.52 -5.61
CA THR A 249 8.82 -29.18 -6.17
C THR A 249 9.96 -28.95 -7.16
N MET A 250 9.61 -28.55 -8.38
CA MET A 250 10.58 -28.39 -9.45
C MET A 250 10.33 -27.09 -10.19
N LEU A 251 11.39 -26.59 -10.83
CA LEU A 251 11.34 -25.40 -11.67
C LEU A 251 11.58 -25.80 -13.12
N PHE A 252 10.78 -25.25 -14.03
CA PHE A 252 10.81 -25.64 -15.42
C PHE A 252 11.16 -24.46 -16.32
N HIS A 253 11.76 -24.78 -17.47
CA HIS A 253 12.13 -23.78 -18.48
C HIS A 253 11.48 -24.16 -19.80
N PHE A 254 10.90 -23.18 -20.47
CA PHE A 254 10.22 -23.38 -21.75
C PHE A 254 10.91 -22.57 -22.83
N ASP A 255 11.16 -23.21 -23.97
CA ASP A 255 11.79 -22.54 -25.11
C ASP A 255 10.72 -21.76 -25.88
N GLN A 256 11.11 -21.18 -27.01
CA GLN A 256 10.15 -20.47 -27.86
C GLN A 256 9.08 -21.42 -28.38
N ASN A 257 9.49 -22.61 -28.82
CA ASN A 257 8.52 -23.62 -29.25
C ASN A 257 7.67 -24.13 -28.09
N GLY A 258 8.16 -24.00 -26.85
CA GLY A 258 7.47 -24.53 -25.69
C GLY A 258 8.01 -25.84 -25.17
N THR A 259 9.00 -26.43 -25.83
CA THR A 259 9.57 -27.68 -25.37
C THR A 259 10.42 -27.47 -24.13
N ILE A 260 10.31 -28.39 -23.18
CA ILE A 260 11.09 -28.32 -21.95
C ILE A 260 12.52 -28.73 -22.26
N VAL A 261 13.49 -27.91 -21.85
CA VAL A 261 14.89 -28.16 -22.11
C VAL A 261 15.69 -28.43 -20.85
N ASP A 262 15.27 -27.92 -19.70
CA ASP A 262 16.01 -28.12 -18.46
C ASP A 262 15.06 -27.91 -17.29
N ALA A 263 15.42 -28.53 -16.17
CA ALA A 263 14.63 -28.41 -14.95
C ALA A 263 15.52 -28.71 -13.75
N ILE A 264 15.11 -28.22 -12.59
CA ILE A 264 15.83 -28.43 -11.34
C ILE A 264 14.85 -28.94 -10.29
N ASP A 265 15.20 -30.05 -9.65
CA ASP A 265 14.46 -30.54 -8.49
C ASP A 265 14.94 -29.80 -7.25
N CYS A 266 14.06 -29.02 -6.64
CA CYS A 266 14.50 -28.13 -5.57
C CYS A 266 14.58 -28.85 -4.23
N SER A 267 15.21 -30.03 -4.22
CA SER A 267 15.48 -30.72 -2.97
C SER A 267 16.80 -31.48 -2.95
N GLN A 268 17.61 -31.41 -4.00
CA GLN A 268 18.75 -32.31 -4.12
C GLN A 268 19.96 -31.81 -3.35
N ASN A 269 20.46 -30.63 -3.69
CA ASN A 269 21.66 -30.06 -3.12
C ASN A 269 21.41 -28.62 -2.70
N PRO A 270 22.24 -28.06 -1.82
CA PRO A 270 21.98 -26.68 -1.36
C PRO A 270 21.94 -25.66 -2.47
N LEU A 271 22.62 -25.90 -3.59
CA LEU A 271 22.54 -24.98 -4.72
C LEU A 271 21.15 -25.00 -5.36
N SER A 272 20.44 -26.13 -5.27
CA SER A 272 19.18 -26.27 -5.97
C SER A 272 18.13 -25.30 -5.44
N GLU A 273 17.96 -25.24 -4.11
CA GLU A 273 16.93 -24.36 -3.56
C GLU A 273 17.28 -22.90 -3.74
N LEU A 274 18.57 -22.55 -3.70
CA LEU A 274 18.97 -21.17 -4.00
C LEU A 274 18.65 -20.82 -5.44
N LYS A 275 18.92 -21.72 -6.37
CA LYS A 275 18.59 -21.46 -7.77
C LYS A 275 17.09 -21.35 -7.97
N CYS A 276 16.32 -22.17 -7.27
CA CYS A 276 14.86 -22.13 -7.39
C CYS A 276 14.29 -20.84 -6.82
N THR A 277 14.83 -20.38 -5.69
CA THR A 277 14.34 -19.15 -5.07
C THR A 277 14.54 -17.95 -5.97
N THR A 278 15.72 -17.85 -6.60
CA THR A 278 15.99 -16.73 -7.50
C THR A 278 15.18 -16.82 -8.80
N LYS A 279 14.70 -18.02 -9.15
CA LYS A 279 13.97 -18.26 -10.39
C LYS A 279 14.82 -17.89 -11.60
N SER A 280 15.96 -18.57 -11.70
CA SER A 280 16.90 -18.37 -12.81
C SER A 280 17.65 -19.67 -13.03
N PHE A 281 18.55 -19.66 -14.01
CA PHE A 281 19.38 -20.82 -14.33
C PHE A 281 20.87 -20.53 -14.23
N SER A 282 21.25 -19.29 -13.97
CA SER A 282 22.65 -18.92 -13.76
C SER A 282 22.74 -18.01 -12.55
N LEU A 283 23.87 -18.07 -11.86
CA LEU A 283 24.08 -17.34 -10.62
C LEU A 283 25.35 -16.51 -10.70
N GLU A 284 25.39 -15.43 -9.94
CA GLU A 284 26.54 -14.55 -9.85
C GLU A 284 27.30 -14.82 -8.56
N LYS A 285 28.55 -14.33 -8.52
CA LYS A 285 29.38 -14.51 -7.34
C LYS A 285 28.84 -13.67 -6.18
N GLY A 286 28.71 -14.31 -5.02
CA GLY A 286 28.20 -13.62 -3.85
C GLY A 286 27.61 -14.60 -2.86
N ILE A 287 26.94 -14.04 -1.86
CA ILE A 287 26.30 -14.81 -0.80
C ILE A 287 24.82 -14.45 -0.78
N TYR A 288 23.97 -15.47 -0.72
CA TYR A 288 22.52 -15.29 -0.80
C TYR A 288 21.85 -16.01 0.36
N GLN A 289 20.62 -15.60 0.65
CA GLN A 289 19.79 -16.22 1.67
C GLN A 289 18.84 -17.22 1.02
N THR A 290 18.63 -18.36 1.68
CA THR A 290 17.83 -19.45 1.15
C THR A 290 16.63 -19.71 2.05
N SER A 291 15.69 -20.48 1.53
CA SER A 291 14.49 -20.90 2.24
C SER A 291 14.59 -22.38 2.60
N ASN A 292 13.51 -22.91 3.17
CA ASN A 292 13.47 -24.29 3.61
C ASN A 292 12.92 -25.17 2.49
N PHE A 293 13.77 -26.05 1.96
CA PHE A 293 13.36 -27.01 0.93
C PHE A 293 14.00 -28.37 1.15
N ARG A 294 14.24 -28.74 2.40
CA ARG A 294 15.02 -29.93 2.72
C ARG A 294 14.28 -30.96 3.57
N VAL A 295 13.42 -30.54 4.49
CA VAL A 295 12.76 -31.43 5.43
C VAL A 295 11.26 -31.37 5.23
N THR A 296 10.63 -32.53 5.09
CA THR A 296 9.19 -32.64 4.97
C THR A 296 8.68 -33.71 5.93
N PRO A 297 7.70 -33.41 6.77
CA PRO A 297 7.17 -34.41 7.69
C PRO A 297 6.50 -35.56 6.96
N THR A 298 6.58 -36.75 7.56
CA THR A 298 5.98 -37.95 6.96
C THR A 298 5.13 -38.70 7.98
N THR A 299 5.44 -38.54 9.27
CA THR A 299 4.73 -39.24 10.33
C THR A 299 3.60 -38.38 10.87
N GLU A 300 2.54 -39.05 11.34
CA GLU A 300 1.39 -38.37 11.91
C GLU A 300 1.18 -38.82 13.35
N VAL A 301 0.72 -37.90 14.19
CA VAL A 301 0.45 -38.14 15.60
C VAL A 301 -0.97 -37.67 15.86
N ILE A 302 -1.90 -38.61 15.99
CA ILE A 302 -3.30 -38.32 16.27
C ILE A 302 -3.59 -38.71 17.71
N ARG A 303 -4.23 -37.81 18.45
CA ARG A 303 -4.54 -38.05 19.85
C ARG A 303 -5.95 -37.55 20.15
N PHE A 304 -6.78 -38.44 20.69
CA PHE A 304 -8.12 -38.13 21.14
C PHE A 304 -8.34 -38.74 22.52
N PRO A 305 -9.15 -38.10 23.37
CA PRO A 305 -9.49 -38.71 24.64
C PRO A 305 -10.26 -40.01 24.41
N ASN A 306 -9.91 -41.05 25.18
CA ASN A 306 -10.44 -42.37 24.91
C ASN A 306 -11.75 -42.57 25.68
N VAL A 307 -12.86 -42.55 24.94
CA VAL A 307 -14.20 -42.85 25.45
C VAL A 307 -14.93 -43.58 24.34
N THR A 308 -15.91 -44.40 24.71
CA THR A 308 -16.62 -45.22 23.74
C THR A 308 -18.09 -45.31 24.15
N GLN A 309 -18.93 -44.44 23.58
CA GLN A 309 -20.37 -44.52 23.73
C GLN A 309 -21.06 -43.61 22.72
N LEU A 310 -22.03 -44.14 21.99
CA LEU A 310 -22.77 -43.36 21.00
C LEU A 310 -23.77 -42.44 21.68
N CYS A 311 -24.12 -41.36 20.98
CA CYS A 311 -25.16 -40.47 21.45
C CYS A 311 -26.53 -41.16 21.40
N PRO A 312 -27.46 -40.73 22.24
CA PRO A 312 -28.83 -41.25 22.15
C PRO A 312 -29.56 -40.73 20.92
N PHE A 313 -29.15 -41.19 19.74
CA PHE A 313 -29.80 -40.77 18.50
C PHE A 313 -31.26 -41.21 18.48
N SER A 314 -31.55 -42.40 19.00
CA SER A 314 -32.92 -42.89 19.02
C SER A 314 -33.80 -42.02 19.92
N ASP A 315 -33.26 -41.56 21.05
CA ASP A 315 -34.05 -40.77 21.98
C ASP A 315 -34.44 -39.42 21.42
N VAL A 316 -33.73 -38.91 20.41
CA VAL A 316 -34.03 -37.62 19.82
C VAL A 316 -34.64 -37.73 18.42
N PHE A 317 -34.29 -38.77 17.66
CA PHE A 317 -34.83 -38.94 16.32
C PHE A 317 -35.98 -39.95 16.28
N ASN A 318 -36.23 -40.67 17.36
CA ASN A 318 -37.38 -41.57 17.48
C ASN A 318 -38.06 -41.34 18.83
N ARG A 319 -38.33 -40.09 19.15
CA ARG A 319 -39.14 -39.74 20.30
C ARG A 319 -40.61 -39.69 19.86
N THR A 320 -41.46 -40.41 20.59
CA THR A 320 -42.84 -40.57 20.16
C THR A 320 -43.68 -39.30 20.33
N LYS A 321 -43.16 -38.27 20.99
CA LYS A 321 -43.93 -37.05 21.24
C LYS A 321 -43.03 -35.84 21.10
N PHE A 322 -43.36 -34.96 20.15
CA PHE A 322 -42.75 -33.65 20.01
C PHE A 322 -43.76 -32.57 20.35
N PRO A 323 -43.38 -31.54 21.09
CA PRO A 323 -44.31 -30.46 21.42
C PRO A 323 -44.46 -29.50 20.25
N SER A 324 -45.24 -28.45 20.48
CA SER A 324 -45.43 -27.41 19.48
C SER A 324 -44.24 -26.45 19.46
N VAL A 325 -44.20 -25.59 18.44
CA VAL A 325 -43.09 -24.68 18.28
C VAL A 325 -43.06 -23.66 19.42
N TYR A 326 -44.23 -23.24 19.91
CA TYR A 326 -44.29 -22.28 20.99
C TYR A 326 -43.88 -22.87 22.33
N ALA A 327 -43.73 -24.19 22.42
CA ALA A 327 -43.33 -24.87 23.64
C ALA A 327 -42.18 -25.83 23.36
N TRP A 328 -41.19 -25.35 22.60
CA TRP A 328 -40.03 -26.16 22.28
C TRP A 328 -39.20 -26.46 23.53
N GLU A 329 -38.57 -27.63 23.54
CA GLU A 329 -37.80 -28.10 24.68
C GLU A 329 -36.34 -28.29 24.28
N ARG A 330 -35.46 -28.12 25.26
CA ARG A 330 -34.02 -28.21 25.05
C ARG A 330 -33.46 -29.45 25.72
N MET A 331 -32.52 -30.10 25.05
CA MET A 331 -31.87 -31.30 25.56
C MET A 331 -30.36 -31.14 25.51
N SER A 332 -29.68 -31.64 26.54
CA SER A 332 -28.23 -31.54 26.65
C SER A 332 -27.59 -32.88 26.28
N ILE A 333 -26.49 -32.81 25.53
CA ILE A 333 -25.77 -33.99 25.06
C ILE A 333 -24.32 -33.87 25.50
N ARG A 334 -23.79 -34.94 26.08
CA ARG A 334 -22.41 -34.95 26.54
C ARG A 334 -21.92 -36.39 26.62
N ASP A 335 -20.59 -36.54 26.63
CA ASP A 335 -19.94 -37.84 26.76
C ASP A 335 -20.39 -38.81 25.66
N CYS A 336 -20.07 -38.44 24.43
CA CYS A 336 -20.45 -39.20 23.25
C CYS A 336 -19.23 -39.57 22.41
N VAL A 337 -19.49 -40.40 21.39
CA VAL A 337 -18.60 -40.56 20.25
C VAL A 337 -19.49 -40.36 19.03
N ALA A 338 -19.60 -39.13 18.56
CA ALA A 338 -20.56 -38.78 17.52
C ALA A 338 -20.28 -39.55 16.23
N ASP A 339 -21.34 -40.07 15.63
CA ASP A 339 -21.22 -40.85 14.40
C ASP A 339 -22.52 -40.66 13.61
N TYR A 340 -22.48 -39.77 12.60
CA TYR A 340 -23.66 -39.53 11.79
C TYR A 340 -23.94 -40.65 10.81
N ALA A 341 -22.98 -41.55 10.59
CA ALA A 341 -23.17 -42.64 9.63
C ALA A 341 -24.20 -43.66 10.10
N VAL A 342 -24.46 -43.74 11.40
CA VAL A 342 -25.44 -44.71 11.90
C VAL A 342 -26.85 -44.32 11.49
N LEU A 343 -27.09 -43.05 11.17
CA LEU A 343 -28.42 -42.60 10.76
C LEU A 343 -28.84 -43.18 9.41
N TYR A 344 -27.88 -43.63 8.60
CA TYR A 344 -28.22 -44.22 7.31
C TYR A 344 -28.99 -45.52 7.48
N ASN A 345 -28.63 -46.33 8.47
CA ASN A 345 -29.30 -47.60 8.69
C ASN A 345 -30.77 -47.41 9.08
N SER A 346 -31.10 -46.29 9.71
CA SER A 346 -32.47 -46.04 10.12
C SER A 346 -33.34 -45.73 8.90
N SER A 347 -34.65 -45.64 9.16
CA SER A 347 -35.64 -45.41 8.11
C SER A 347 -36.10 -43.96 8.08
N ILE A 348 -35.20 -43.01 8.35
CA ILE A 348 -35.51 -41.60 8.37
C ILE A 348 -34.90 -40.96 7.13
N SER A 349 -35.70 -40.16 6.42
CA SER A 349 -35.27 -39.47 5.21
C SER A 349 -35.41 -37.98 5.43
N PHE A 350 -34.29 -37.29 5.63
CA PHE A 350 -34.30 -35.85 5.85
C PHE A 350 -34.60 -35.11 4.56
N SER A 351 -35.54 -34.18 4.61
CA SER A 351 -35.88 -33.33 3.47
C SER A 351 -35.17 -31.99 3.51
N THR A 352 -34.38 -31.73 4.54
CA THR A 352 -33.65 -30.47 4.66
C THR A 352 -32.46 -30.69 5.58
N PHE A 353 -31.26 -30.37 5.09
CA PHE A 353 -30.05 -30.55 5.88
C PHE A 353 -29.07 -29.44 5.50
N GLU A 354 -29.00 -28.40 6.32
CA GLU A 354 -28.09 -27.29 6.10
C GLU A 354 -27.24 -27.06 7.34
N CYS A 355 -26.00 -26.66 7.13
CA CYS A 355 -25.05 -26.42 8.21
C CYS A 355 -24.45 -25.03 8.06
N TYR A 356 -24.25 -24.36 9.19
CA TYR A 356 -23.70 -23.01 9.22
C TYR A 356 -22.43 -23.01 10.06
N GLY A 357 -21.40 -22.33 9.57
CA GLY A 357 -20.14 -22.22 10.27
C GLY A 357 -19.15 -23.35 10.02
N VAL A 358 -19.60 -24.59 10.17
CA VAL A 358 -18.75 -25.76 9.97
C VAL A 358 -19.20 -26.47 8.70
N SER A 359 -18.23 -27.03 7.96
CA SER A 359 -18.54 -27.73 6.73
C SER A 359 -19.07 -29.14 7.03
N PRO A 360 -20.11 -29.57 6.33
CA PRO A 360 -20.62 -30.94 6.56
C PRO A 360 -19.61 -32.03 6.24
N THR A 361 -18.67 -31.78 5.34
CA THR A 361 -17.72 -32.80 4.95
C THR A 361 -16.81 -33.20 6.11
N LYS A 362 -16.38 -32.23 6.91
CA LYS A 362 -15.43 -32.47 8.01
C LYS A 362 -16.11 -32.50 9.37
N LEU A 363 -17.32 -33.06 9.44
CA LEU A 363 -18.03 -33.15 10.71
C LEU A 363 -17.54 -34.30 11.60
N ASN A 364 -16.78 -35.25 11.05
CA ASN A 364 -16.32 -36.41 11.79
C ASN A 364 -14.89 -36.27 12.28
N ASP A 365 -14.27 -35.10 12.12
CA ASP A 365 -12.89 -34.88 12.53
C ASP A 365 -12.77 -33.70 13.49
N LEU A 366 -13.81 -33.46 14.30
CA LEU A 366 -13.83 -32.34 15.22
C LEU A 366 -14.16 -32.85 16.62
N CYS A 367 -14.10 -31.93 17.58
CA CYS A 367 -14.44 -32.21 18.98
C CYS A 367 -15.34 -31.09 19.47
N PHE A 368 -16.60 -31.41 19.71
CA PHE A 368 -17.57 -30.42 20.16
C PHE A 368 -17.47 -30.22 21.67
N SER A 369 -17.76 -29.00 22.11
CA SER A 369 -17.61 -28.62 23.51
C SER A 369 -18.93 -28.50 24.26
N SER A 370 -19.98 -28.01 23.61
CA SER A 370 -21.27 -27.82 24.28
C SER A 370 -22.37 -28.05 23.25
N VAL A 371 -22.95 -29.25 23.25
CA VAL A 371 -23.95 -29.64 22.27
C VAL A 371 -25.33 -29.56 22.92
N TYR A 372 -26.25 -28.86 22.24
CA TYR A 372 -27.64 -28.77 22.68
C TYR A 372 -28.56 -29.03 21.49
N ALA A 373 -29.74 -29.58 21.78
CA ALA A 373 -30.69 -29.95 20.75
C ALA A 373 -32.07 -29.42 21.11
N ASP A 374 -32.76 -28.86 20.11
CA ASP A 374 -34.12 -28.38 20.26
C ASP A 374 -35.01 -29.05 19.23
N TYR A 375 -36.20 -29.48 19.65
CA TYR A 375 -37.13 -30.18 18.78
C TYR A 375 -38.53 -29.64 18.97
N PHE A 376 -39.28 -29.54 17.88
CA PHE A 376 -40.65 -29.07 17.88
C PHE A 376 -41.31 -29.49 16.57
N VAL A 377 -42.54 -29.03 16.34
CA VAL A 377 -43.31 -29.36 15.15
C VAL A 377 -43.80 -28.06 14.51
N VAL A 378 -43.58 -27.93 13.20
CA VAL A 378 -44.03 -26.78 12.45
C VAL A 378 -44.70 -27.27 11.17
N ARG A 379 -45.26 -26.31 10.43
CA ARG A 379 -45.93 -26.62 9.17
C ARG A 379 -44.89 -26.92 8.08
N GLY A 380 -45.38 -27.50 6.98
CA GLY A 380 -44.48 -27.82 5.87
C GLY A 380 -43.88 -26.62 5.19
N ASP A 381 -44.64 -25.53 5.10
CA ASP A 381 -44.18 -24.31 4.45
C ASP A 381 -43.35 -23.42 5.36
N ASP A 382 -43.24 -23.77 6.64
CA ASP A 382 -42.51 -22.95 7.61
C ASP A 382 -41.13 -23.51 7.92
N VAL A 383 -40.67 -24.52 7.18
CA VAL A 383 -39.34 -25.07 7.42
C VAL A 383 -38.26 -24.05 7.07
N LYS A 384 -38.50 -23.25 6.04
CA LYS A 384 -37.51 -22.27 5.60
C LYS A 384 -37.29 -21.17 6.63
N GLN A 385 -38.24 -20.95 7.54
CA GLN A 385 -38.15 -19.88 8.52
C GLN A 385 -37.34 -20.26 9.75
N ILE A 386 -36.59 -21.36 9.70
CA ILE A 386 -35.80 -21.81 10.85
C ILE A 386 -34.33 -21.54 10.51
N ALA A 387 -34.09 -20.55 9.66
CA ALA A 387 -32.74 -20.14 9.31
C ALA A 387 -32.46 -18.74 9.85
N PRO A 388 -31.22 -18.45 10.24
CA PRO A 388 -30.92 -17.13 10.81
C PRO A 388 -31.13 -16.02 9.79
N GLY A 389 -31.54 -14.86 10.29
CA GLY A 389 -31.70 -13.69 9.46
C GLY A 389 -32.92 -13.70 8.55
N LYS A 390 -33.94 -14.49 8.89
CA LYS A 390 -35.16 -14.57 8.09
C LYS A 390 -36.34 -14.04 8.90
N THR A 391 -37.46 -13.85 8.21
CA THR A 391 -38.66 -13.28 8.81
C THR A 391 -39.83 -14.25 8.66
N GLY A 392 -40.81 -14.08 9.52
CA GLY A 392 -41.98 -14.93 9.54
C GLY A 392 -42.59 -14.96 10.93
N VAL A 393 -43.80 -15.52 11.00
CA VAL A 393 -44.51 -15.55 12.28
C VAL A 393 -43.78 -16.46 13.27
N ILE A 394 -43.21 -17.57 12.80
CA ILE A 394 -42.41 -18.42 13.67
C ILE A 394 -41.14 -17.70 14.10
N ALA A 395 -40.46 -17.03 13.15
CA ALA A 395 -39.23 -16.32 13.47
C ALA A 395 -39.48 -15.10 14.34
N ASP A 396 -40.71 -14.60 14.40
CA ASP A 396 -41.02 -13.40 15.18
C ASP A 396 -41.58 -13.72 16.56
N TYR A 397 -42.51 -14.67 16.66
CA TYR A 397 -43.20 -14.93 17.91
C TYR A 397 -42.98 -16.33 18.47
N ASN A 398 -42.36 -17.24 17.72
CA ASN A 398 -42.25 -18.63 18.14
C ASN A 398 -40.80 -19.04 18.40
N TYR A 399 -39.91 -18.87 17.42
CA TYR A 399 -38.55 -19.39 17.54
C TYR A 399 -37.63 -18.60 16.63
N LYS A 400 -36.60 -17.98 17.20
CA LYS A 400 -35.64 -17.18 16.44
C LYS A 400 -34.23 -17.65 16.76
N LEU A 401 -33.35 -17.65 15.71
CA LEU A 401 -31.96 -18.04 15.85
C LEU A 401 -31.06 -16.81 15.87
N PRO A 402 -29.95 -16.88 16.60
CA PRO A 402 -28.99 -15.75 16.58
C PRO A 402 -28.32 -15.61 15.23
N ASP A 403 -27.88 -14.38 14.95
CA ASP A 403 -27.21 -14.09 13.69
C ASP A 403 -25.89 -14.83 13.54
N ASP A 404 -25.25 -15.20 14.65
CA ASP A 404 -23.98 -15.92 14.63
C ASP A 404 -24.18 -17.40 14.95
N PHE A 405 -25.28 -17.99 14.48
CA PHE A 405 -25.57 -19.38 14.75
C PHE A 405 -24.53 -20.30 14.12
N VAL A 406 -24.07 -21.28 14.88
CA VAL A 406 -23.12 -22.28 14.42
C VAL A 406 -23.72 -23.66 14.71
N GLY A 407 -23.97 -24.43 13.66
CA GLY A 407 -24.56 -25.75 13.82
C GLY A 407 -25.19 -26.21 12.53
N CYS A 408 -26.08 -27.19 12.66
CA CYS A 408 -26.79 -27.78 11.53
C CYS A 408 -28.27 -27.89 11.85
N VAL A 409 -29.08 -27.88 10.79
CA VAL A 409 -30.53 -27.95 10.90
C VAL A 409 -31.01 -29.18 10.14
N LEU A 410 -31.85 -29.99 10.81
CA LEU A 410 -32.39 -31.21 10.22
C LEU A 410 -33.91 -31.19 10.34
N ALA A 411 -34.57 -31.73 9.31
CA ALA A 411 -36.04 -31.79 9.30
C ALA A 411 -36.48 -32.97 8.46
N TRP A 412 -37.63 -33.53 8.82
CA TRP A 412 -38.21 -34.65 8.09
C TRP A 412 -39.72 -34.65 8.27
N ASN A 413 -40.40 -35.34 7.35
CA ASN A 413 -41.86 -35.41 7.40
C ASN A 413 -42.32 -36.52 8.35
N SER A 414 -43.42 -36.27 9.04
CA SER A 414 -44.01 -37.21 9.99
C SER A 414 -45.52 -37.26 9.82
N ARG A 415 -45.97 -37.41 8.57
CA ARG A 415 -47.40 -37.46 8.30
C ARG A 415 -48.06 -38.71 8.87
N HIS A 416 -47.29 -39.74 9.19
CA HIS A 416 -47.83 -41.01 9.67
C HIS A 416 -47.80 -41.15 11.18
N VAL A 417 -47.22 -40.19 11.91
CA VAL A 417 -47.24 -40.24 13.37
C VAL A 417 -47.91 -38.99 13.93
N ASP A 418 -47.82 -37.88 13.21
CA ASP A 418 -48.29 -36.59 13.68
C ASP A 418 -49.56 -36.12 12.97
N SER A 419 -50.42 -37.05 12.58
CA SER A 419 -51.71 -36.71 11.97
C SER A 419 -52.80 -36.68 13.04
N LYS A 420 -52.65 -35.76 13.97
CA LYS A 420 -53.56 -35.63 15.11
C LYS A 420 -53.90 -34.16 15.29
N GLN A 421 -54.53 -33.85 16.43
CA GLN A 421 -54.91 -32.48 16.76
C GLN A 421 -54.38 -32.13 18.14
N GLY A 422 -54.06 -30.85 18.32
CA GLY A 422 -53.55 -30.38 19.60
C GLY A 422 -52.33 -29.49 19.46
N PHE A 423 -51.88 -29.26 18.24
CA PHE A 423 -50.72 -28.43 17.98
C PHE A 423 -51.15 -26.98 17.74
N TYR A 424 -50.37 -26.05 18.27
CA TYR A 424 -50.71 -24.64 18.19
C TYR A 424 -49.46 -23.80 17.94
N TYR A 425 -49.66 -22.59 17.44
CA TYR A 425 -48.60 -21.60 17.29
C TYR A 425 -49.11 -20.24 17.72
N ARG A 426 -48.19 -19.39 18.15
CA ARG A 426 -48.55 -18.05 18.60
C ARG A 426 -48.73 -17.14 17.41
N LEU A 427 -49.90 -16.52 17.31
CA LEU A 427 -50.24 -15.65 16.18
C LEU A 427 -50.15 -14.17 16.51
N PHE A 428 -50.53 -13.77 17.73
CA PHE A 428 -50.58 -12.37 18.12
C PHE A 428 -49.63 -12.11 19.26
N ARG A 429 -48.80 -11.07 19.12
CA ARG A 429 -47.87 -10.66 20.16
C ARG A 429 -47.41 -9.24 19.84
N HIS A 430 -47.28 -8.41 20.89
CA HIS A 430 -46.92 -7.02 20.68
C HIS A 430 -45.50 -6.88 20.17
N GLY A 431 -44.53 -7.36 20.94
CA GLY A 431 -43.13 -7.25 20.56
C GLY A 431 -42.62 -8.49 19.85
N LYS A 432 -41.35 -8.43 19.47
CA LYS A 432 -40.66 -9.54 18.83
C LYS A 432 -39.76 -10.24 19.84
N ILE A 433 -39.81 -11.56 19.85
CA ILE A 433 -39.05 -12.34 20.83
C ILE A 433 -37.56 -12.28 20.50
N LYS A 434 -36.74 -12.41 21.53
CA LYS A 434 -35.30 -12.51 21.37
C LYS A 434 -34.91 -13.91 20.92
N PRO A 435 -33.72 -14.07 20.33
CA PRO A 435 -33.28 -15.42 19.96
C PRO A 435 -33.17 -16.33 21.19
N TYR A 436 -33.57 -17.59 21.00
CA TYR A 436 -33.57 -18.60 22.06
C TYR A 436 -34.44 -18.15 23.24
N GLN A 437 -35.71 -17.90 22.95
CA GLN A 437 -36.67 -17.44 23.94
C GLN A 437 -37.93 -18.28 23.86
N ARG A 438 -38.51 -18.59 25.02
CA ARG A 438 -39.73 -19.37 25.12
C ARG A 438 -40.83 -18.49 25.71
N ASP A 439 -42.02 -18.53 25.11
CA ASP A 439 -43.11 -17.62 25.43
C ASP A 439 -44.40 -18.40 25.65
N MET A 440 -44.34 -19.46 26.46
CA MET A 440 -45.53 -20.25 26.74
C MET A 440 -46.52 -19.47 27.58
N SER A 441 -47.49 -18.84 26.92
CA SER A 441 -48.48 -18.00 27.59
C SER A 441 -49.85 -18.25 26.97
N ARG A 442 -50.89 -17.85 27.72
CA ARG A 442 -52.26 -18.08 27.31
C ARG A 442 -53.16 -16.87 27.51
N GLU A 443 -52.63 -15.76 28.05
CA GLU A 443 -53.46 -14.60 28.33
C GLU A 443 -54.01 -14.00 27.05
N LEU A 444 -55.14 -13.30 27.19
CA LEU A 444 -55.83 -12.72 26.05
C LEU A 444 -55.02 -11.57 25.46
N TYR A 445 -55.29 -11.30 24.18
CA TYR A 445 -54.59 -10.26 23.43
C TYR A 445 -55.59 -9.21 22.96
N SER A 446 -55.18 -7.94 23.05
CA SER A 446 -55.98 -6.83 22.57
C SER A 446 -55.10 -5.91 21.73
N PRO A 447 -55.48 -5.60 20.50
CA PRO A 447 -54.64 -4.72 19.67
C PRO A 447 -54.40 -3.34 20.27
N SER A 448 -55.37 -2.80 21.00
CA SER A 448 -55.22 -1.47 21.58
C SER A 448 -54.47 -1.48 22.90
N GLY A 449 -54.13 -2.65 23.44
CA GLY A 449 -53.43 -2.75 24.70
C GLY A 449 -54.31 -2.67 25.92
N THR A 450 -55.61 -2.47 25.76
CA THR A 450 -56.51 -2.42 26.91
C THR A 450 -56.67 -3.83 27.49
N PRO A 451 -56.55 -3.99 28.81
CA PRO A 451 -56.73 -5.33 29.40
C PRO A 451 -58.12 -5.88 29.13
N CYS A 452 -58.17 -7.18 28.89
CA CYS A 452 -59.42 -7.87 28.56
C CYS A 452 -59.99 -8.55 29.81
N THR A 453 -61.24 -9.00 29.68
CA THR A 453 -61.91 -9.72 30.75
C THR A 453 -62.47 -11.05 30.25
N THR A 454 -62.77 -11.13 28.95
CA THR A 454 -63.28 -12.35 28.36
C THR A 454 -63.03 -12.31 26.86
N GLU A 455 -63.08 -13.49 26.24
CA GLU A 455 -62.90 -13.56 24.80
C GLU A 455 -64.13 -13.03 24.07
N GLY A 456 -63.90 -12.21 23.05
CA GLY A 456 -64.99 -11.60 22.31
C GLY A 456 -64.54 -10.44 21.46
N PHE A 457 -65.25 -9.31 21.56
CA PHE A 457 -64.88 -8.13 20.81
C PHE A 457 -63.60 -7.52 21.40
N ASN A 458 -62.66 -7.19 20.51
CA ASN A 458 -61.37 -6.59 20.88
C ASN A 458 -60.53 -7.50 21.76
N CYS A 459 -60.87 -8.79 21.83
CA CYS A 459 -60.10 -9.76 22.60
C CYS A 459 -60.07 -11.06 21.81
N TYR A 460 -58.87 -11.55 21.51
CA TYR A 460 -58.71 -12.72 20.67
C TYR A 460 -57.70 -13.69 21.29
N ASP A 461 -57.83 -14.95 20.92
CA ASP A 461 -56.93 -15.99 21.42
C ASP A 461 -55.58 -15.87 20.75
N PRO A 462 -54.49 -15.73 21.51
CA PRO A 462 -53.16 -15.61 20.86
C PRO A 462 -52.76 -16.81 20.04
N LEU A 463 -53.17 -18.02 20.43
CA LEU A 463 -52.76 -19.23 19.74
C LEU A 463 -53.77 -19.61 18.65
N ALA A 464 -53.28 -20.36 17.66
CA ALA A 464 -54.10 -20.81 16.55
C ALA A 464 -53.74 -22.26 16.23
N HIS A 465 -54.68 -22.94 15.60
CA HIS A 465 -54.56 -24.37 15.33
C HIS A 465 -53.85 -24.63 14.01
N TYR A 466 -53.17 -25.78 13.95
CA TYR A 466 -52.49 -26.25 12.74
C TYR A 466 -53.38 -27.06 11.81
N ALA A 467 -54.65 -27.25 12.18
CA ALA A 467 -55.53 -28.19 11.47
C ALA A 467 -54.92 -29.59 11.52
N PHE A 468 -54.19 -29.96 10.48
CA PHE A 468 -53.51 -31.25 10.35
C PHE A 468 -54.46 -32.44 10.36
N ALA A 469 -55.77 -32.20 10.32
CA ALA A 469 -56.76 -33.26 10.34
C ALA A 469 -57.61 -33.34 9.08
N SER A 470 -57.60 -32.31 8.24
CA SER A 470 -58.38 -32.33 7.01
C SER A 470 -57.82 -33.38 6.06
N PRO A 471 -58.67 -34.22 5.47
CA PRO A 471 -58.16 -35.22 4.52
C PRO A 471 -57.67 -34.57 3.23
N GLY A 472 -56.65 -35.19 2.64
CA GLY A 472 -56.14 -34.73 1.36
C GLY A 472 -55.55 -33.33 1.37
N ILE A 473 -54.76 -33.01 2.40
CA ILE A 473 -54.10 -31.72 2.46
C ILE A 473 -52.85 -31.73 1.59
N GLY A 474 -52.39 -30.54 1.21
CA GLY A 474 -51.22 -30.40 0.38
C GLY A 474 -49.94 -30.66 1.14
N THR A 475 -48.83 -30.69 0.38
CA THR A 475 -47.53 -30.94 0.99
C THR A 475 -47.13 -29.82 1.93
N GLY A 476 -47.50 -28.58 1.62
CA GLY A 476 -47.14 -27.45 2.45
C GLY A 476 -47.86 -27.40 3.78
N TYR A 477 -49.01 -28.08 3.89
CA TYR A 477 -49.79 -28.10 5.12
C TYR A 477 -49.56 -29.36 5.94
N GLN A 478 -48.61 -30.20 5.55
CA GLN A 478 -48.34 -31.42 6.29
C GLN A 478 -47.44 -31.15 7.50
N PRO A 479 -47.60 -31.91 8.58
CA PRO A 479 -46.72 -31.73 9.74
C PRO A 479 -45.29 -32.11 9.44
N PHE A 480 -44.36 -31.44 10.12
CA PHE A 480 -42.93 -31.72 9.98
C PHE A 480 -42.28 -31.68 11.36
N ARG A 481 -41.17 -32.42 11.49
CA ARG A 481 -40.41 -32.50 12.72
C ARG A 481 -39.05 -31.88 12.51
N VAL A 482 -38.69 -30.91 13.34
CA VAL A 482 -37.48 -30.11 13.16
C VAL A 482 -36.59 -30.29 14.39
N VAL A 483 -35.32 -30.57 14.16
CA VAL A 483 -34.31 -30.69 15.21
C VAL A 483 -33.16 -29.76 14.87
N VAL A 484 -32.76 -28.94 15.84
CA VAL A 484 -31.69 -27.95 15.66
C VAL A 484 -30.54 -28.30 16.59
N LEU A 485 -29.34 -28.36 16.05
CA LEU A 485 -28.14 -28.70 16.81
C LEU A 485 -27.21 -27.48 16.86
N SER A 486 -26.77 -27.13 18.06
CA SER A 486 -25.86 -26.02 18.27
C SER A 486 -24.66 -26.48 19.09
N PHE A 487 -23.47 -26.04 18.70
CA PHE A 487 -22.25 -26.41 19.39
C PHE A 487 -21.21 -25.32 19.24
N GLN A 488 -20.23 -25.33 20.14
CA GLN A 488 -19.12 -24.39 20.13
C GLN A 488 -17.82 -25.15 19.92
N LEU A 489 -16.86 -24.48 19.28
CA LEU A 489 -15.61 -25.11 18.85
C LEU A 489 -14.41 -24.38 19.43
N LEU A 490 -13.49 -25.15 20.03
CA LEU A 490 -12.16 -24.67 20.39
C LEU A 490 -12.21 -23.48 21.36
N ASN A 491 -13.04 -23.60 22.40
CA ASN A 491 -13.07 -22.59 23.44
C ASN A 491 -12.97 -23.21 24.82
N ALA A 492 -13.49 -24.42 24.98
CA ALA A 492 -13.56 -25.11 26.25
C ALA A 492 -13.20 -26.58 26.03
N PRO A 493 -12.84 -27.30 27.09
CA PRO A 493 -12.58 -28.74 26.94
C PRO A 493 -13.78 -29.47 26.36
N ALA A 494 -13.51 -30.42 25.47
CA ALA A 494 -14.55 -31.07 24.69
C ALA A 494 -15.04 -32.34 25.38
N THR A 495 -16.29 -32.69 25.09
CA THR A 495 -16.89 -33.93 25.58
C THR A 495 -17.40 -34.83 24.47
N VAL A 496 -17.71 -34.31 23.30
CA VAL A 496 -18.17 -35.09 22.16
C VAL A 496 -17.15 -34.94 21.03
N CYS A 497 -16.66 -36.07 20.52
CA CYS A 497 -15.66 -36.08 19.48
C CYS A 497 -16.04 -37.11 18.42
N GLY A 498 -15.39 -36.99 17.26
CA GLY A 498 -15.66 -37.88 16.15
C GLY A 498 -15.03 -39.24 16.34
N PRO A 499 -15.41 -40.17 15.47
CA PRO A 499 -14.91 -41.57 15.56
C PRO A 499 -13.50 -41.72 14.98
N LYS A 500 -12.50 -41.39 15.80
CA LYS A 500 -11.11 -41.45 15.39
C LYS A 500 -10.29 -42.17 16.46
N GLN A 501 -9.25 -42.85 16.02
CA GLN A 501 -8.38 -43.63 16.89
C GLN A 501 -7.00 -43.01 16.96
N SER A 502 -6.38 -43.13 18.13
CA SER A 502 -5.07 -42.53 18.37
C SER A 502 -3.96 -43.41 17.82
N THR A 503 -2.82 -42.77 17.52
CA THR A 503 -1.64 -43.43 16.97
C THR A 503 -0.40 -43.08 17.79
N ASP A 504 -0.54 -43.21 19.12
CA ASP A 504 0.49 -42.97 20.14
C ASP A 504 1.21 -41.64 19.95
N LEU A 505 2.41 -41.52 20.51
CA LEU A 505 3.15 -40.26 20.54
C LEU A 505 4.54 -40.46 19.98
N VAL A 506 4.96 -39.57 19.09
CA VAL A 506 6.28 -39.59 18.48
C VAL A 506 7.06 -38.38 18.97
N LYS A 507 8.34 -38.59 19.31
CA LYS A 507 9.17 -37.55 19.89
C LYS A 507 10.37 -37.27 19.00
N ASN A 508 10.92 -36.06 19.16
CA ASN A 508 12.13 -35.60 18.48
C ASN A 508 12.00 -35.59 16.96
N LYS A 509 10.78 -35.47 16.45
CA LYS A 509 10.53 -35.39 15.02
C LYS A 509 9.50 -34.29 14.75
N CYS A 510 9.71 -33.54 13.68
CA CYS A 510 8.70 -32.57 13.25
C CYS A 510 7.69 -33.31 12.38
N VAL A 511 6.46 -33.41 12.88
CA VAL A 511 5.42 -34.25 12.29
C VAL A 511 4.12 -33.45 12.25
N ASN A 512 3.07 -34.09 11.75
CA ASN A 512 1.74 -33.49 11.66
C ASN A 512 0.88 -34.10 12.76
N PHE A 513 0.53 -33.30 13.76
CA PHE A 513 -0.26 -33.76 14.88
C PHE A 513 -1.70 -33.28 14.77
N ASN A 514 -2.58 -33.93 15.54
CA ASN A 514 -4.00 -33.59 15.55
C ASN A 514 -4.51 -33.87 16.96
N PHE A 515 -4.66 -32.82 17.76
CA PHE A 515 -5.09 -32.93 19.15
C PHE A 515 -6.47 -32.29 19.27
N ASN A 516 -7.50 -33.14 19.33
CA ASN A 516 -8.88 -32.69 19.47
C ASN A 516 -9.28 -31.72 18.35
N GLY A 517 -8.76 -31.97 17.15
CA GLY A 517 -9.07 -31.13 16.01
C GLY A 517 -8.20 -29.90 15.92
N LEU A 518 -6.89 -30.06 16.12
CA LEU A 518 -5.93 -28.95 16.05
C LEU A 518 -4.76 -29.41 15.19
N THR A 519 -4.86 -29.19 13.88
CA THR A 519 -3.80 -29.57 12.96
C THR A 519 -2.60 -28.63 13.12
N GLY A 520 -1.41 -29.20 13.08
CA GLY A 520 -0.19 -28.42 13.22
C GLY A 520 1.00 -29.19 12.73
N THR A 521 2.18 -28.55 12.83
CA THR A 521 3.42 -29.16 12.38
C THR A 521 4.56 -28.63 13.24
N GLY A 522 5.43 -29.53 13.69
CA GLY A 522 6.58 -29.12 14.47
C GLY A 522 7.10 -30.27 15.31
N VAL A 523 8.22 -30.00 15.98
CA VAL A 523 8.87 -30.98 16.85
C VAL A 523 8.23 -30.93 18.23
N LEU A 524 8.18 -32.08 18.88
CA LEU A 524 7.66 -32.20 20.24
C LEU A 524 8.58 -33.15 21.00
N THR A 525 9.28 -32.63 22.00
CA THR A 525 10.19 -33.44 22.80
C THR A 525 9.74 -33.56 24.26
N ASP A 526 9.59 -32.43 24.95
CA ASP A 526 9.18 -32.41 26.35
C ASP A 526 8.78 -31.00 26.72
N SER A 527 8.02 -30.89 27.81
CA SER A 527 7.56 -29.60 28.30
C SER A 527 7.66 -29.55 29.81
N VAL A 528 8.04 -28.39 30.34
CA VAL A 528 8.11 -28.14 31.77
C VAL A 528 7.25 -26.96 32.18
N LYS A 529 6.46 -26.42 31.25
CA LYS A 529 5.63 -25.26 31.56
C LYS A 529 4.51 -25.63 32.52
N LYS A 530 4.23 -24.73 33.45
CA LYS A 530 3.16 -24.90 34.42
C LYS A 530 2.04 -23.91 34.11
N PHE A 531 0.81 -24.41 34.10
CA PHE A 531 -0.34 -23.58 33.76
C PHE A 531 -1.50 -23.97 34.67
N GLN A 532 -2.69 -23.47 34.34
CA GLN A 532 -3.89 -23.64 35.12
C GLN A 532 -4.81 -24.66 34.48
N PRO A 533 -5.72 -25.28 35.25
CA PRO A 533 -6.66 -26.24 34.67
C PRO A 533 -7.65 -25.59 33.71
N PHE A 534 -8.52 -26.41 33.12
CA PHE A 534 -9.48 -25.95 32.11
C PHE A 534 -8.77 -25.30 30.93
N GLN A 535 -7.61 -25.84 30.56
CA GLN A 535 -6.81 -25.34 29.47
C GLN A 535 -6.45 -26.48 28.53
N GLN A 536 -6.58 -26.23 27.23
CA GLN A 536 -6.27 -27.23 26.21
C GLN A 536 -5.22 -26.79 25.21
N PHE A 537 -4.96 -25.49 25.09
CA PHE A 537 -4.04 -24.97 24.08
C PHE A 537 -3.14 -23.91 24.70
N GLY A 538 -1.95 -23.75 24.12
CA GLY A 538 -1.04 -22.71 24.54
C GLY A 538 -0.90 -21.62 23.49
N ARG A 539 -1.38 -20.42 23.81
CA ARG A 539 -1.38 -19.31 22.86
C ARG A 539 -0.07 -18.54 22.94
N ASP A 540 -0.01 -17.41 22.26
CA ASP A 540 1.19 -16.58 22.22
C ASP A 540 0.78 -15.16 21.85
N SER A 541 1.72 -14.23 22.01
CA SER A 541 1.45 -12.84 21.64
C SER A 541 1.18 -12.70 20.15
N SER A 542 1.69 -13.61 19.33
CA SER A 542 1.46 -13.60 17.90
C SER A 542 0.42 -14.63 17.46
N ASP A 543 -0.35 -15.17 18.41
CA ASP A 543 -1.38 -16.18 18.12
C ASP A 543 -0.79 -17.39 17.41
N PHE A 544 0.39 -17.81 17.85
CA PHE A 544 1.06 -19.00 17.33
C PHE A 544 1.16 -20.04 18.43
N THR A 545 0.65 -21.23 18.16
CA THR A 545 0.62 -22.28 19.17
C THR A 545 2.03 -22.74 19.52
N ASP A 546 2.28 -22.95 20.82
CA ASP A 546 3.56 -23.44 21.30
C ASP A 546 3.46 -24.56 22.31
N SER A 547 2.33 -24.70 23.02
CA SER A 547 2.15 -25.76 23.99
C SER A 547 0.74 -26.30 23.88
N VAL A 548 0.57 -27.55 24.31
CA VAL A 548 -0.72 -28.24 24.22
C VAL A 548 -0.75 -29.32 25.27
N LYS A 549 -1.95 -29.63 25.76
CA LYS A 549 -2.14 -30.66 26.77
C LYS A 549 -2.63 -31.94 26.10
N ASP A 550 -1.92 -33.03 26.34
CA ASP A 550 -2.32 -34.33 25.82
C ASP A 550 -3.54 -34.83 26.57
N PRO A 551 -4.67 -35.09 25.91
CA PRO A 551 -5.87 -35.55 26.62
C PRO A 551 -5.75 -36.98 27.14
N LYS A 552 -4.77 -37.75 26.69
CA LYS A 552 -4.63 -39.14 27.09
C LYS A 552 -3.61 -39.34 28.21
N THR A 553 -2.51 -38.59 28.20
CA THR A 553 -1.52 -38.68 29.27
C THR A 553 -1.60 -37.54 30.26
N LEU A 554 -2.45 -36.54 30.00
CA LEU A 554 -2.68 -35.42 30.92
C LEU A 554 -1.40 -34.69 31.27
N GLU A 555 -0.57 -34.42 30.26
CA GLU A 555 0.67 -33.69 30.45
C GLU A 555 0.89 -32.74 29.29
N ILE A 556 1.53 -31.61 29.59
CA ILE A 556 1.73 -30.54 28.61
C ILE A 556 2.87 -30.92 27.67
N LEU A 557 2.74 -30.55 26.40
CA LEU A 557 3.77 -30.74 25.40
C LEU A 557 4.25 -29.38 24.90
N ASP A 558 5.17 -29.40 23.93
CA ASP A 558 5.71 -28.19 23.33
C ASP A 558 5.72 -28.33 21.82
N ILE A 559 5.54 -27.20 21.13
CA ILE A 559 5.53 -27.13 19.68
C ILE A 559 6.58 -26.13 19.24
N THR A 560 7.44 -26.54 18.31
CA THR A 560 8.49 -25.70 17.77
C THR A 560 8.59 -26.00 16.28
N PRO A 561 8.65 -24.97 15.43
CA PRO A 561 8.67 -25.20 13.98
C PRO A 561 9.89 -26.02 13.56
N CYS A 562 9.70 -26.81 12.50
CA CYS A 562 10.77 -27.68 12.02
C CYS A 562 11.99 -26.88 11.54
N SER A 563 11.78 -25.64 11.10
CA SER A 563 12.86 -24.79 10.64
C SER A 563 12.91 -23.56 11.54
N TYR A 564 14.08 -23.32 12.15
CA TYR A 564 14.26 -22.20 13.06
C TYR A 564 15.36 -21.24 12.62
N GLY A 565 16.54 -21.76 12.28
CA GLY A 565 17.67 -20.91 11.95
C GLY A 565 17.69 -20.46 10.49
N GLY A 566 18.63 -19.58 10.20
CA GLY A 566 18.84 -19.08 8.85
C GLY A 566 20.03 -19.75 8.19
N VAL A 567 19.93 -19.94 6.89
CA VAL A 567 20.95 -20.63 6.10
C VAL A 567 21.38 -19.72 4.95
N SER A 568 22.69 -19.56 4.79
CA SER A 568 23.25 -18.78 3.69
C SER A 568 24.23 -19.64 2.92
N VAL A 569 24.26 -19.47 1.60
CA VAL A 569 25.09 -20.27 0.71
C VAL A 569 25.99 -19.33 -0.09
N ILE A 570 27.29 -19.63 -0.10
CA ILE A 570 28.28 -18.85 -0.83
C ILE A 570 28.66 -19.60 -2.10
N THR A 571 28.57 -18.91 -3.24
CA THR A 571 28.89 -19.51 -4.53
C THR A 571 29.88 -18.63 -5.27
N PRO A 572 30.77 -19.23 -6.05
CA PRO A 572 31.74 -18.45 -6.84
C PRO A 572 31.29 -18.09 -8.25
N GLY A 573 30.06 -18.38 -8.63
CA GLY A 573 29.61 -18.09 -9.97
C GLY A 573 29.33 -19.36 -10.77
N THR A 574 28.44 -19.24 -11.74
CA THR A 574 28.05 -20.40 -12.54
C THR A 574 29.19 -20.85 -13.46
N ASN A 575 29.81 -19.91 -14.16
CA ASN A 575 30.96 -20.26 -14.99
C ASN A 575 32.13 -20.78 -14.17
N THR A 576 32.35 -20.19 -13.00
CA THR A 576 33.54 -20.54 -12.22
C THR A 576 33.54 -22.01 -11.85
N SER A 577 32.57 -22.43 -11.05
CA SER A 577 32.48 -23.82 -10.61
C SER A 577 31.06 -24.07 -10.12
N ASP A 578 30.84 -25.23 -9.50
CA ASP A 578 29.56 -25.57 -8.91
C ASP A 578 29.65 -25.84 -7.41
N ALA A 579 30.85 -25.93 -6.84
CA ALA A 579 30.99 -26.14 -5.41
C ALA A 579 30.51 -24.92 -4.65
N VAL A 580 29.79 -25.16 -3.55
CA VAL A 580 29.23 -24.09 -2.73
C VAL A 580 29.61 -24.34 -1.27
N ALA A 581 29.56 -23.27 -0.48
CA ALA A 581 29.81 -23.33 0.94
C ALA A 581 28.56 -22.86 1.67
N VAL A 582 28.08 -23.66 2.62
CA VAL A 582 26.87 -23.39 3.36
C VAL A 582 27.24 -22.87 4.74
N LEU A 583 26.74 -21.69 5.09
CA LEU A 583 26.98 -21.08 6.39
C LEU A 583 25.69 -21.18 7.20
N TYR A 584 25.71 -21.98 8.27
CA TYR A 584 24.57 -22.13 9.16
C TYR A 584 24.66 -21.03 10.22
N GLN A 585 23.97 -19.92 9.97
CA GLN A 585 24.01 -18.79 10.86
C GLN A 585 23.30 -19.09 12.18
N ASP A 586 23.85 -18.55 13.27
CA ASP A 586 23.20 -18.60 14.59
C ASP A 586 23.03 -20.03 15.08
N VAL A 587 24.14 -20.78 15.06
CA VAL A 587 24.16 -22.14 15.59
C VAL A 587 25.61 -22.53 15.82
N ASN A 588 25.82 -23.40 16.81
CA ASN A 588 27.14 -23.97 17.08
C ASN A 588 27.25 -25.27 16.29
N CYS A 589 28.27 -25.38 15.44
CA CYS A 589 28.31 -26.57 14.59
C CYS A 589 28.73 -27.82 15.34
N THR A 590 28.91 -27.77 16.65
CA THR A 590 28.94 -29.00 17.43
C THR A 590 27.56 -29.64 17.49
N ASP A 591 26.50 -28.86 17.29
CA ASP A 591 25.12 -29.33 17.37
C ASP A 591 24.42 -29.28 16.01
N VAL A 592 25.16 -29.48 14.92
CA VAL A 592 24.52 -29.59 13.60
C VAL A 592 23.57 -30.78 13.52
N PRO A 593 23.94 -31.98 13.95
CA PRO A 593 23.02 -33.13 13.78
C PRO A 593 21.66 -32.94 14.43
N THR A 594 21.59 -32.22 15.55
CA THR A 594 20.32 -31.97 16.21
C THR A 594 19.60 -30.75 15.65
N MET A 595 20.18 -30.09 14.64
CA MET A 595 19.58 -28.91 14.02
C MET A 595 19.23 -29.13 12.56
N LEU A 596 20.10 -29.78 11.79
CA LEU A 596 19.89 -29.97 10.36
C LEU A 596 18.93 -31.11 10.03
N HIS A 597 18.60 -31.96 11.00
CA HIS A 597 17.75 -33.13 10.78
C HIS A 597 18.35 -34.05 9.72
N ILE A 598 19.51 -34.62 10.08
CA ILE A 598 20.28 -35.44 9.16
C ILE A 598 19.45 -36.62 8.68
N ASP A 599 18.67 -37.23 9.57
CA ASP A 599 17.91 -38.43 9.22
C ASP A 599 16.78 -38.15 8.23
N GLN A 600 16.44 -36.89 7.98
CA GLN A 600 15.34 -36.55 7.09
C GLN A 600 15.79 -35.65 5.93
N VAL A 601 17.03 -35.80 5.49
CA VAL A 601 17.57 -35.04 4.36
C VAL A 601 18.32 -36.00 3.45
N SER A 602 18.56 -35.53 2.22
CA SER A 602 19.28 -36.34 1.24
C SER A 602 20.75 -36.48 1.62
N SER A 603 21.40 -37.48 1.01
CA SER A 603 22.80 -37.77 1.32
C SER A 603 23.71 -36.60 0.97
N ASP A 604 23.31 -35.76 0.02
CA ASP A 604 24.11 -34.58 -0.31
C ASP A 604 24.27 -33.67 0.89
N TRP A 605 23.20 -33.49 1.67
CA TRP A 605 23.29 -32.72 2.91
C TRP A 605 23.98 -33.51 4.01
N ARG A 606 23.88 -34.84 3.98
CA ARG A 606 24.65 -35.67 4.89
C ARG A 606 26.14 -35.43 4.71
N VAL A 607 26.56 -35.15 3.47
CA VAL A 607 27.94 -34.76 3.21
C VAL A 607 28.26 -33.44 3.91
N TYR A 608 27.34 -32.47 3.85
CA TYR A 608 27.52 -31.18 4.48
C TYR A 608 27.04 -31.15 5.92
N ALA A 609 26.90 -32.31 6.55
CA ALA A 609 26.48 -32.38 7.94
C ALA A 609 27.48 -33.13 8.82
N ALA A 610 28.62 -33.56 8.27
CA ALA A 610 29.60 -34.33 9.02
C ALA A 610 30.92 -33.57 9.09
N ASN A 611 31.57 -33.66 10.25
CA ASN A 611 32.88 -33.03 10.48
C ASN A 611 33.97 -34.03 10.11
N THR A 612 34.38 -34.00 8.84
CA THR A 612 35.45 -34.86 8.36
C THR A 612 36.46 -34.03 7.58
N GLY A 613 37.74 -34.19 7.92
CA GLY A 613 38.80 -33.48 7.21
C GLY A 613 38.78 -31.98 7.38
N GLY A 614 38.36 -31.50 8.54
CA GLY A 614 38.39 -30.07 8.82
C GLY A 614 37.50 -29.24 7.91
N ASN A 615 36.30 -29.72 7.62
CA ASN A 615 35.35 -29.00 6.78
C ASN A 615 34.40 -28.11 7.58
N MET A 616 34.54 -28.08 8.91
CA MET A 616 33.68 -27.28 9.77
C MET A 616 34.54 -26.55 10.79
N PHE A 617 34.47 -25.22 10.78
CA PHE A 617 35.23 -24.39 11.71
C PHE A 617 34.33 -23.26 12.19
N GLN A 618 34.36 -23.00 13.49
CA GLN A 618 33.46 -22.01 14.09
C GLN A 618 33.96 -20.60 13.82
N THR A 619 33.05 -19.74 13.35
CA THR A 619 33.31 -18.33 13.16
C THR A 619 32.48 -17.52 14.15
N GLN A 620 32.63 -16.19 14.08
CA GLN A 620 31.91 -15.33 15.00
C GLN A 620 30.43 -15.21 14.65
N ALA A 621 30.09 -15.29 13.37
CA ALA A 621 28.70 -15.21 12.94
C ALA A 621 28.01 -16.57 12.93
N GLY A 622 28.72 -17.61 12.55
CA GLY A 622 28.18 -18.95 12.52
C GLY A 622 29.30 -19.95 12.41
N CYS A 623 29.03 -21.05 11.71
CA CYS A 623 30.05 -22.06 11.43
C CYS A 623 29.95 -22.46 9.97
N LEU A 624 31.00 -22.18 9.21
CA LEU A 624 30.98 -22.45 7.78
C LEU A 624 31.25 -23.92 7.50
N VAL A 625 30.54 -24.47 6.51
CA VAL A 625 30.66 -25.87 6.12
C VAL A 625 30.96 -25.92 4.63
N GLY A 626 31.96 -26.71 4.26
CA GLY A 626 32.33 -26.89 2.87
C GLY A 626 33.50 -26.05 2.39
N ALA A 627 34.21 -25.39 3.28
CA ALA A 627 35.34 -24.56 2.91
C ALA A 627 36.51 -24.83 3.85
N THR A 628 37.70 -24.48 3.38
CA THR A 628 38.93 -24.67 4.15
C THR A 628 39.43 -23.34 4.68
N TYR A 629 39.93 -23.35 5.91
CA TYR A 629 40.44 -22.15 6.55
C TYR A 629 41.91 -21.94 6.16
N ASP A 630 42.32 -20.67 6.14
CA ASP A 630 43.67 -20.30 5.76
C ASP A 630 44.21 -19.26 6.74
N ASN A 631 45.53 -19.24 6.88
CA ASN A 631 46.21 -18.27 7.72
C ASN A 631 46.42 -16.98 6.94
N THR A 632 47.25 -16.08 7.49
CA THR A 632 47.58 -14.80 6.89
C THR A 632 46.32 -13.97 6.66
N SER A 633 46.39 -13.01 5.73
CA SER A 633 45.25 -12.14 5.46
C SER A 633 45.37 -11.59 4.04
N TYR A 634 44.24 -11.44 3.38
CA TYR A 634 44.17 -10.90 2.03
C TYR A 634 43.04 -9.88 1.96
N GLU A 635 42.96 -9.18 0.83
CA GLU A 635 41.87 -8.26 0.61
C GLU A 635 40.55 -9.02 0.46
N CYS A 636 39.48 -8.41 0.94
CA CYS A 636 38.18 -9.07 0.95
C CYS A 636 37.58 -9.07 -0.45
N ASP A 637 37.10 -10.22 -0.89
CA ASP A 637 36.43 -10.37 -2.18
C ASP A 637 34.96 -10.71 -2.04
N ILE A 638 34.63 -11.77 -1.30
CA ILE A 638 33.24 -12.13 -1.03
C ILE A 638 32.96 -11.87 0.44
N PRO A 639 32.23 -10.81 0.79
CA PRO A 639 31.94 -10.55 2.20
C PRO A 639 31.10 -11.65 2.82
N VAL A 640 31.39 -11.96 4.08
CA VAL A 640 30.68 -12.97 4.85
C VAL A 640 30.12 -12.39 6.14
N GLY A 641 30.96 -11.76 6.94
CA GLY A 641 30.54 -11.13 8.18
C GLY A 641 31.55 -11.34 9.29
N ALA A 642 31.58 -10.39 10.22
CA ALA A 642 32.46 -10.44 11.40
C ALA A 642 33.92 -10.58 11.01
N GLY A 643 34.33 -9.86 9.97
CA GLY A 643 35.72 -9.83 9.56
C GLY A 643 36.18 -11.02 8.74
N VAL A 644 35.27 -11.91 8.35
CA VAL A 644 35.61 -13.10 7.58
C VAL A 644 35.15 -12.89 6.14
N CYS A 645 35.99 -13.27 5.18
CA CYS A 645 35.67 -13.19 3.77
C CYS A 645 36.04 -14.51 3.10
N ALA A 646 35.59 -14.66 1.86
CA ALA A 646 35.77 -15.90 1.11
C ALA A 646 36.26 -15.62 -0.29
N LYS A 647 36.94 -16.60 -0.88
CA LYS A 647 37.43 -16.50 -2.24
C LYS A 647 37.60 -17.90 -2.81
N PHE A 648 37.65 -17.98 -4.13
CA PHE A 648 37.80 -19.24 -4.83
C PHE A 648 39.20 -19.33 -5.43
N GLN A 649 39.86 -20.46 -5.22
CA GLN A 649 41.20 -20.70 -5.74
C GLN A 649 41.13 -21.68 -6.90
N ILE A 650 41.93 -21.41 -7.93
CA ILE A 650 42.07 -22.33 -9.06
C ILE A 650 43.50 -22.84 -9.10
N ASN A 651 43.73 -24.00 -8.50
CA ASN A 651 45.06 -24.58 -8.36
C ASN A 651 45.15 -25.85 -9.20
N THR A 652 46.22 -25.95 -10.00
CA THR A 652 46.47 -27.11 -10.82
C THR A 652 47.51 -28.05 -10.22
N GLY A 653 48.59 -27.51 -9.66
CA GLY A 653 49.60 -28.36 -9.04
C GLY A 653 49.08 -29.08 -7.81
N ALA A 654 48.33 -28.38 -6.96
CA ALA A 654 47.76 -28.98 -5.76
C ALA A 654 46.36 -29.52 -5.98
N SER A 655 45.77 -29.31 -7.17
CA SER A 655 44.44 -29.81 -7.50
C SER A 655 43.41 -29.35 -6.48
N GLN A 656 43.47 -28.07 -6.10
CA GLN A 656 42.55 -27.48 -5.15
C GLN A 656 41.53 -26.61 -5.88
N SER A 657 40.26 -26.90 -5.66
CA SER A 657 39.17 -26.15 -6.29
C SER A 657 38.07 -25.88 -5.28
N SER A 658 38.45 -25.50 -4.06
CA SER A 658 37.51 -25.26 -2.98
C SER A 658 37.50 -23.77 -2.62
N ILE A 659 36.74 -23.45 -1.57
CA ILE A 659 36.59 -22.08 -1.09
C ILE A 659 37.47 -21.89 0.14
N LEU A 660 38.05 -20.70 0.26
CA LEU A 660 38.90 -20.37 1.39
C LEU A 660 38.20 -19.38 2.31
N ALA A 661 38.51 -19.47 3.60
CA ALA A 661 38.01 -18.54 4.60
C ALA A 661 39.19 -17.93 5.33
N TYR A 662 39.14 -16.61 5.52
CA TYR A 662 40.26 -15.89 6.12
C TYR A 662 39.74 -14.59 6.73
N THR A 663 40.60 -13.97 7.53
CA THR A 663 40.30 -12.67 8.13
C THR A 663 40.88 -11.57 7.25
N MET A 664 40.08 -10.55 6.97
CA MET A 664 40.52 -9.47 6.11
C MET A 664 41.65 -8.69 6.76
N SER A 665 42.49 -8.10 5.91
CA SER A 665 43.66 -7.35 6.36
C SER A 665 43.32 -5.87 6.46
N LEU A 666 43.63 -5.26 7.60
CA LEU A 666 43.37 -3.84 7.78
C LEU A 666 44.24 -3.00 6.84
N GLY A 667 45.50 -3.38 6.68
CA GLY A 667 46.40 -2.65 5.82
C GLY A 667 47.84 -2.94 6.20
N GLU A 668 48.75 -2.33 5.43
CA GLU A 668 50.16 -2.50 5.70
C GLU A 668 50.57 -1.72 6.95
N ASP A 669 51.66 -2.17 7.57
CA ASP A 669 52.15 -1.60 8.81
C ASP A 669 53.33 -0.67 8.54
N SER A 670 53.37 0.44 9.26
CA SER A 670 54.43 1.42 9.16
C SER A 670 55.27 1.42 10.42
N ASN A 671 56.46 2.00 10.32
CA ASN A 671 57.43 2.03 11.41
C ASN A 671 57.97 3.44 11.64
N VAL A 672 57.07 4.43 11.64
CA VAL A 672 57.47 5.81 11.89
C VAL A 672 57.64 6.00 13.39
N ALA A 673 58.79 6.55 13.78
CA ALA A 673 59.11 6.79 15.18
C ALA A 673 59.05 8.28 15.50
N TYR A 674 58.93 8.58 16.79
CA TYR A 674 58.84 9.95 17.26
C TYR A 674 60.22 10.48 17.64
N SER A 675 60.43 11.78 17.38
CA SER A 675 61.66 12.44 17.73
C SER A 675 61.38 13.91 17.99
N ASN A 676 62.14 14.50 18.91
CA ASN A 676 61.94 15.88 19.31
C ASN A 676 62.91 16.85 18.64
N ASN A 677 63.79 16.38 17.77
CA ASN A 677 64.79 17.24 17.16
C ASN A 677 65.00 17.00 15.67
N SER A 678 64.24 16.12 15.04
CA SER A 678 64.39 15.83 13.61
C SER A 678 63.18 16.35 12.84
N ILE A 679 63.37 16.47 11.53
CA ILE A 679 62.32 16.96 10.64
C ILE A 679 62.57 16.40 9.25
N ALA A 680 61.49 16.06 8.55
CA ALA A 680 61.56 15.52 7.20
C ALA A 680 60.99 16.53 6.22
N ILE A 681 61.75 16.83 5.17
CA ILE A 681 61.36 17.80 4.16
C ILE A 681 61.46 17.13 2.79
N PRO A 682 60.38 17.10 2.01
CA PRO A 682 60.46 16.53 0.67
C PRO A 682 61.33 17.38 -0.24
N THR A 683 61.96 16.72 -1.22
CA THR A 683 62.83 17.39 -2.17
C THR A 683 62.39 17.24 -3.61
N ASN A 684 61.37 16.42 -3.90
CA ASN A 684 60.89 16.23 -5.25
C ASN A 684 59.36 16.19 -5.23
N PHE A 685 58.76 16.45 -6.39
CA PHE A 685 57.32 16.46 -6.53
C PHE A 685 56.91 15.70 -7.78
N SER A 686 55.65 15.27 -7.79
CA SER A 686 55.09 14.55 -8.93
C SER A 686 53.68 15.06 -9.19
N ILE A 687 53.25 14.95 -10.45
CA ILE A 687 51.92 15.38 -10.88
C ILE A 687 51.09 14.13 -11.13
N SER A 688 49.94 14.05 -10.48
CA SER A 688 49.05 12.90 -10.59
C SER A 688 47.66 13.38 -11.00
N VAL A 689 47.01 12.58 -11.85
CA VAL A 689 45.66 12.87 -12.34
C VAL A 689 44.75 11.72 -11.95
N THR A 690 43.64 12.05 -11.30
CA THR A 690 42.67 11.06 -10.84
C THR A 690 41.31 11.38 -11.45
N THR A 691 40.42 10.38 -11.42
CA THR A 691 39.10 10.49 -12.00
C THR A 691 38.03 10.26 -10.94
N GLU A 692 36.84 10.79 -11.20
CA GLU A 692 35.71 10.66 -10.28
C GLU A 692 34.42 10.76 -11.08
N VAL A 693 33.46 9.91 -10.76
CA VAL A 693 32.21 9.80 -11.49
C VAL A 693 31.05 10.03 -10.52
N LEU A 694 30.12 10.90 -10.91
CA LEU A 694 28.93 11.18 -10.11
C LEU A 694 27.71 11.14 -11.02
N PRO A 695 26.67 10.38 -10.66
CA PRO A 695 25.43 10.42 -11.44
C PRO A 695 24.74 11.76 -11.31
N VAL A 696 24.06 12.16 -12.39
CA VAL A 696 23.43 13.47 -12.43
C VAL A 696 21.92 13.35 -12.65
N SER A 697 21.50 12.29 -13.35
CA SER A 697 20.09 12.16 -13.71
C SER A 697 19.79 10.71 -14.06
N MET A 698 18.50 10.40 -14.15
CA MET A 698 18.00 9.09 -14.55
C MET A 698 16.94 9.27 -15.63
N THR A 699 16.34 8.15 -16.04
CA THR A 699 15.36 8.18 -17.11
C THR A 699 14.03 8.73 -16.61
N LYS A 700 13.25 9.25 -17.56
CA LYS A 700 11.91 9.80 -17.28
C LYS A 700 10.86 8.88 -17.89
N THR A 701 9.82 8.60 -17.13
CA THR A 701 8.79 7.64 -17.56
C THR A 701 7.41 8.20 -17.26
N SER A 702 6.41 7.63 -17.93
CA SER A 702 5.01 7.98 -17.72
C SER A 702 4.17 6.71 -17.73
N VAL A 703 3.04 6.75 -17.02
CA VAL A 703 2.17 5.60 -16.86
C VAL A 703 0.74 6.02 -17.15
N ASP A 704 0.03 5.19 -17.92
CA ASP A 704 -1.38 5.39 -18.22
C ASP A 704 -2.18 4.30 -17.52
N CYS A 705 -3.11 4.70 -16.65
CA CYS A 705 -3.90 3.74 -15.91
C CYS A 705 -4.89 3.01 -16.80
N ASN A 706 -5.58 3.74 -17.68
CA ASN A 706 -6.63 3.14 -18.49
C ASN A 706 -6.10 2.08 -19.45
N MET A 707 -4.79 2.09 -19.73
CA MET A 707 -4.18 1.08 -20.58
C MET A 707 -3.49 -0.03 -19.79
N TYR A 708 -2.75 0.32 -18.74
CA TYR A 708 -2.14 -0.71 -17.90
C TYR A 708 -3.21 -1.53 -17.18
N ILE A 709 -4.25 -0.87 -16.67
CA ILE A 709 -5.37 -1.53 -16.02
C ILE A 709 -6.57 -1.45 -16.95
N CYS A 710 -7.30 -2.56 -17.08
CA CYS A 710 -8.48 -2.65 -17.92
C CYS A 710 -8.13 -2.34 -19.38
N GLY A 711 -7.23 -3.16 -19.94
CA GLY A 711 -6.81 -2.98 -21.31
C GLY A 711 -7.87 -3.33 -22.32
N ASP A 712 -8.39 -2.31 -23.01
CA ASP A 712 -9.41 -2.47 -24.04
C ASP A 712 -10.65 -3.17 -23.48
N SER A 713 -11.27 -2.52 -22.50
CA SER A 713 -12.48 -3.03 -21.86
C SER A 713 -13.30 -1.87 -21.35
N THR A 714 -14.49 -1.67 -21.94
CA THR A 714 -15.34 -0.56 -21.53
C THR A 714 -15.92 -0.78 -20.14
N GLU A 715 -16.35 -2.02 -19.84
CA GLU A 715 -16.90 -2.30 -18.52
C GLU A 715 -15.86 -2.11 -17.43
N CYS A 716 -14.64 -2.59 -17.66
CA CYS A 716 -13.58 -2.40 -16.68
C CYS A 716 -13.19 -0.93 -16.55
N SER A 717 -13.23 -0.18 -17.65
CA SER A 717 -12.98 1.25 -17.57
C SER A 717 -14.03 1.95 -16.72
N SER A 718 -15.30 1.59 -16.89
CA SER A 718 -16.36 2.16 -16.07
C SER A 718 -16.18 1.78 -14.61
N LEU A 719 -15.79 0.53 -14.34
CA LEU A 719 -15.56 0.12 -12.96
C LEU A 719 -14.40 0.88 -12.34
N LEU A 720 -13.33 1.10 -13.11
CA LEU A 720 -12.18 1.86 -12.61
C LEU A 720 -12.57 3.31 -12.34
N LEU A 721 -13.40 3.89 -13.21
CA LEU A 721 -13.91 5.24 -12.96
C LEU A 721 -14.73 5.29 -11.69
N GLN A 722 -15.55 4.26 -11.46
CA GLN A 722 -16.33 4.18 -10.24
C GLN A 722 -15.46 3.99 -9.01
N TYR A 723 -14.27 3.40 -9.19
CA TYR A 723 -13.41 3.11 -8.05
C TYR A 723 -12.97 4.38 -7.34
N GLY A 724 -12.63 5.42 -8.09
CA GLY A 724 -12.25 6.70 -7.52
C GLY A 724 -11.08 7.30 -8.26
N SER A 725 -10.55 8.38 -7.70
CA SER A 725 -9.42 9.12 -8.28
C SER A 725 -8.15 8.68 -7.57
N PHE A 726 -7.53 7.62 -8.10
CA PHE A 726 -6.28 7.09 -7.55
C PHE A 726 -5.14 7.15 -8.56
N CYS A 727 -5.29 7.88 -9.66
CA CYS A 727 -4.28 7.90 -10.70
C CYS A 727 -3.72 9.28 -11.02
N GLN A 728 -4.41 10.36 -10.65
CA GLN A 728 -3.86 11.69 -10.89
C GLN A 728 -2.59 11.92 -10.07
N GLN A 729 -2.54 11.36 -8.86
CA GLN A 729 -1.36 11.50 -8.03
C GLN A 729 -0.14 10.88 -8.68
N LEU A 730 -0.31 9.71 -9.29
CA LEU A 730 0.82 9.05 -9.96
C LEU A 730 1.36 9.89 -11.10
N ASN A 731 0.46 10.45 -11.92
CA ASN A 731 0.89 11.28 -13.04
C ASN A 731 1.58 12.55 -12.55
N ARG A 732 1.04 13.17 -11.50
CA ARG A 732 1.67 14.36 -10.95
C ARG A 732 3.07 14.05 -10.41
N ALA A 733 3.22 12.92 -9.71
CA ALA A 733 4.52 12.54 -9.18
C ALA A 733 5.52 12.28 -10.30
N LEU A 734 5.09 11.57 -11.35
CA LEU A 734 5.99 11.29 -12.47
C LEU A 734 6.40 12.56 -13.19
N ALA A 735 5.46 13.49 -13.40
CA ALA A 735 5.80 14.76 -14.02
C ALA A 735 6.77 15.55 -13.17
N GLY A 736 6.56 15.57 -11.85
CA GLY A 736 7.50 16.23 -10.96
C GLY A 736 8.88 15.62 -11.02
N VAL A 737 8.95 14.29 -11.08
CA VAL A 737 10.24 13.61 -11.18
C VAL A 737 10.95 14.00 -12.47
N SER A 738 10.21 14.01 -13.59
CA SER A 738 10.83 14.38 -14.86
C SER A 738 11.34 15.83 -14.85
N VAL A 739 10.55 16.74 -14.32
CA VAL A 739 10.98 18.14 -14.23
C VAL A 739 12.20 18.26 -13.33
N GLU A 740 12.22 17.49 -12.23
CA GLU A 740 13.37 17.52 -11.33
C GLU A 740 14.63 17.01 -12.02
N GLN A 741 14.51 15.95 -12.82
CA GLN A 741 15.66 15.44 -13.55
C GLN A 741 16.19 16.47 -14.54
N ASP A 742 15.28 17.12 -15.28
CA ASP A 742 15.71 18.15 -16.22
C ASP A 742 16.40 19.31 -15.50
N LYS A 743 15.83 19.73 -14.37
CA LYS A 743 16.44 20.81 -13.59
C LYS A 743 17.80 20.41 -13.06
N ASN A 744 17.95 19.16 -12.61
CA ASN A 744 19.24 18.69 -12.12
C ASN A 744 20.30 18.73 -13.22
N THR A 745 19.94 18.24 -14.41
CA THR A 745 20.88 18.27 -15.53
C THR A 745 21.27 19.70 -15.87
N GLN A 746 20.29 20.61 -15.94
CA GLN A 746 20.58 22.00 -16.28
C GLN A 746 21.46 22.65 -15.22
N ASP A 747 21.18 22.40 -13.94
CA ASP A 747 21.98 22.99 -12.87
C ASP A 747 23.40 22.46 -12.87
N VAL A 748 23.57 21.16 -13.12
CA VAL A 748 24.90 20.57 -13.09
C VAL A 748 25.74 21.07 -14.27
N PHE A 749 25.16 21.10 -15.46
CA PHE A 749 25.98 21.40 -16.64
C PHE A 749 25.95 22.89 -17.01
N ALA A 750 24.75 23.48 -17.10
CA ALA A 750 24.63 24.86 -17.54
C ALA A 750 24.83 25.79 -16.34
N GLN A 751 26.03 26.37 -16.25
CA GLN A 751 26.35 27.32 -15.19
C GLN A 751 26.86 28.66 -15.69
N VAL A 752 27.59 28.68 -16.80
CA VAL A 752 28.12 29.90 -17.38
C VAL A 752 27.46 30.12 -18.74
N LYS A 753 26.93 31.32 -18.95
CA LYS A 753 26.24 31.67 -20.18
C LYS A 753 27.19 32.39 -21.15
N SER A 754 28.28 31.70 -21.50
CA SER A 754 29.27 32.25 -22.43
C SER A 754 29.96 31.10 -23.13
N ILE A 755 29.83 31.05 -24.45
CA ILE A 755 30.46 30.02 -25.27
C ILE A 755 31.78 30.57 -25.78
N TYR A 756 32.88 29.90 -25.43
CA TYR A 756 34.21 30.31 -25.85
C TYR A 756 34.70 29.42 -26.98
N LYS A 757 35.19 30.03 -28.04
CA LYS A 757 35.66 29.29 -29.20
C LYS A 757 36.91 28.50 -28.87
N VAL A 758 36.98 27.27 -29.36
CA VAL A 758 38.15 26.42 -29.13
C VAL A 758 39.35 27.01 -29.87
N PRO A 759 40.49 27.20 -29.21
CA PRO A 759 41.66 27.77 -29.89
C PRO A 759 42.16 26.83 -30.99
N ALA A 760 42.72 27.44 -32.04
CA ALA A 760 43.25 26.66 -33.15
C ALA A 760 44.42 25.78 -32.71
N ILE A 761 45.30 26.31 -31.88
CA ILE A 761 46.46 25.58 -31.38
C ILE A 761 46.10 24.95 -30.04
N LYS A 762 46.64 23.77 -29.79
CA LYS A 762 46.35 23.00 -28.57
C LYS A 762 47.65 22.65 -27.85
N ASP A 763 48.54 23.63 -27.72
CA ASP A 763 49.81 23.43 -27.02
C ASP A 763 50.14 24.75 -26.32
N PHE A 764 49.89 24.82 -25.02
CA PHE A 764 50.08 26.03 -24.23
C PHE A 764 51.31 25.84 -23.35
N GLY A 765 52.46 26.28 -23.84
CA GLY A 765 53.67 26.21 -23.06
C GLY A 765 54.11 24.80 -22.70
N GLY A 766 53.95 23.86 -23.63
CA GLY A 766 54.32 22.48 -23.40
C GLY A 766 53.20 21.61 -22.88
N PHE A 767 52.10 22.18 -22.42
CA PHE A 767 50.97 21.41 -21.94
C PHE A 767 50.07 21.03 -23.12
N ASN A 768 49.80 19.73 -23.27
CA ASN A 768 49.08 19.21 -24.42
C ASN A 768 47.60 19.10 -24.09
N PHE A 769 46.81 20.04 -24.58
CA PHE A 769 45.35 19.99 -24.45
C PHE A 769 44.72 19.41 -25.71
N SER A 770 45.05 18.15 -25.98
CA SER A 770 44.59 17.46 -27.18
C SER A 770 43.52 16.42 -26.92
N HIS A 771 43.59 15.72 -25.80
CA HIS A 771 42.62 14.68 -25.46
C HIS A 771 41.42 15.22 -24.67
N ILE A 772 41.37 16.52 -24.42
CA ILE A 772 40.26 17.12 -23.69
C ILE A 772 39.38 17.98 -24.58
N LEU A 773 39.93 18.58 -25.64
CA LEU A 773 39.17 19.41 -26.57
C LEU A 773 38.77 18.60 -27.79
N PRO A 774 37.64 18.94 -28.42
CA PRO A 774 37.21 18.20 -29.60
C PRO A 774 38.18 18.37 -30.77
N ASP A 775 38.28 17.33 -31.58
CA ASP A 775 39.18 17.34 -32.72
C ASP A 775 38.46 17.92 -33.93
N PRO A 776 38.97 19.01 -34.53
CA PRO A 776 38.31 19.58 -35.71
C PRO A 776 38.40 18.71 -36.95
N ALA A 777 39.13 17.59 -36.92
CA ALA A 777 39.21 16.73 -38.08
C ALA A 777 37.85 16.15 -38.46
N LYS A 778 37.06 15.75 -37.45
CA LYS A 778 35.72 15.23 -37.67
C LYS A 778 34.76 15.99 -36.77
N PRO A 779 33.62 16.45 -37.29
CA PRO A 779 32.67 17.22 -36.47
C PRO A 779 31.85 16.31 -35.55
N SER A 780 32.53 15.67 -34.61
CA SER A 780 31.88 14.81 -33.62
C SER A 780 31.42 15.57 -32.38
N LYS A 781 31.91 16.81 -32.19
CA LYS A 781 31.55 17.66 -31.06
C LYS A 781 31.88 17.03 -29.72
N ARG A 782 32.77 16.03 -29.70
CA ARG A 782 33.17 15.38 -28.46
C ARG A 782 34.67 15.15 -28.49
N SER A 783 35.27 15.09 -27.31
CA SER A 783 36.70 14.84 -27.18
C SER A 783 36.99 13.35 -27.29
N PHE A 784 38.28 13.01 -27.30
CA PHE A 784 38.68 11.61 -27.42
C PHE A 784 38.25 10.79 -26.22
N ILE A 785 38.38 11.36 -25.01
CA ILE A 785 38.03 10.63 -23.80
C ILE A 785 36.51 10.43 -23.70
N GLU A 786 35.74 11.44 -24.10
CA GLU A 786 34.28 11.34 -24.00
C GLU A 786 33.72 10.24 -24.89
N ASP A 787 34.32 10.02 -26.07
CA ASP A 787 33.88 8.93 -26.93
C ASP A 787 34.09 7.57 -26.24
N LEU A 788 35.25 7.39 -25.61
CA LEU A 788 35.51 6.16 -24.88
C LEU A 788 34.53 6.00 -23.71
N LEU A 789 34.24 7.09 -23.00
CA LEU A 789 33.29 7.02 -21.90
C LEU A 789 31.91 6.63 -22.38
N TYR A 790 31.47 7.20 -23.51
CA TYR A 790 30.15 6.86 -24.05
C TYR A 790 30.10 5.42 -24.53
N ASN A 791 31.17 4.94 -25.17
CA ASN A 791 31.18 3.58 -25.68
C ASN A 791 31.39 2.53 -24.59
N LYS A 792 31.91 2.94 -23.43
CA LYS A 792 32.16 1.97 -22.37
C LYS A 792 30.88 1.49 -21.71
N VAL A 793 29.95 2.42 -21.45
CA VAL A 793 28.68 2.10 -20.80
C VAL A 793 27.58 2.08 -21.85
N THR A 794 26.73 1.06 -21.80
CA THR A 794 25.67 0.88 -22.77
C THR A 794 24.34 1.39 -22.21
N LEU A 795 23.34 1.46 -23.10
CA LEU A 795 22.00 1.91 -22.75
C LEU A 795 20.98 0.85 -23.14
N ALA A 796 19.84 0.87 -22.46
CA ALA A 796 18.79 -0.12 -22.70
C ALA A 796 18.26 -0.01 -24.13
N ASP A 797 17.64 1.13 -24.45
CA ASP A 797 17.03 1.34 -25.76
C ASP A 797 17.08 2.84 -26.08
N PRO A 798 18.04 3.27 -26.89
CA PRO A 798 18.10 4.69 -27.27
C PRO A 798 17.19 4.98 -28.46
N GLY A 799 17.11 6.25 -28.79
CA GLY A 799 16.34 6.71 -29.95
C GLY A 799 14.89 7.09 -29.70
N PHE A 800 14.12 6.18 -29.09
CA PHE A 800 12.69 6.39 -28.84
C PHE A 800 11.94 6.70 -30.14
N MET A 801 12.28 5.98 -31.20
CA MET A 801 11.71 6.17 -32.52
C MET A 801 11.27 4.84 -33.11
N LYS A 802 10.55 4.06 -32.29
CA LYS A 802 10.11 2.72 -32.67
C LYS A 802 8.67 2.78 -33.18
N GLN A 803 8.45 2.31 -34.40
CA GLN A 803 7.16 2.40 -35.06
C GLN A 803 6.59 1.00 -35.31
N TYR A 804 5.47 0.95 -36.01
CA TYR A 804 4.94 -0.33 -36.48
C TYR A 804 5.88 -0.94 -37.50
N GLY A 805 5.96 -2.26 -37.49
CA GLY A 805 7.01 -2.99 -38.16
C GLY A 805 8.23 -3.21 -37.28
N ASP A 806 8.51 -2.26 -36.38
CA ASP A 806 9.49 -2.44 -35.33
C ASP A 806 8.88 -3.00 -34.05
N CYS A 807 7.56 -3.11 -33.98
CA CYS A 807 6.85 -3.80 -32.91
C CYS A 807 5.98 -4.91 -33.50
N LEU A 808 5.12 -5.49 -32.66
CA LEU A 808 4.34 -6.65 -33.05
C LEU A 808 3.35 -6.36 -34.17
N GLY A 809 3.10 -5.09 -34.49
CA GLY A 809 2.37 -4.78 -35.71
C GLY A 809 3.06 -5.32 -36.95
N GLY A 810 4.39 -5.39 -36.90
CA GLY A 810 5.17 -6.04 -37.93
C GLY A 810 5.68 -7.40 -37.48
N VAL A 811 6.99 -7.52 -37.28
CA VAL A 811 7.61 -8.77 -36.85
C VAL A 811 8.66 -8.47 -35.80
N ASN A 812 8.58 -9.17 -34.67
CA ASN A 812 9.63 -9.15 -33.65
C ASN A 812 9.65 -10.48 -32.92
N ALA A 813 10.62 -10.62 -32.02
CA ALA A 813 10.67 -11.72 -31.06
C ALA A 813 10.09 -11.33 -29.70
N ARG A 814 9.11 -10.43 -29.69
CA ARG A 814 8.49 -9.92 -28.47
C ARG A 814 9.53 -9.23 -27.57
N ASP A 815 10.09 -8.15 -28.11
CA ASP A 815 11.05 -7.34 -27.36
C ASP A 815 10.37 -6.68 -26.16
N LEU A 816 11.18 -6.41 -25.13
CA LEU A 816 10.64 -5.82 -23.91
C LEU A 816 10.05 -4.43 -24.17
N ILE A 817 10.71 -3.64 -25.03
CA ILE A 817 10.28 -2.27 -25.25
C ILE A 817 8.88 -2.22 -25.85
N CYS A 818 8.58 -3.08 -26.82
CA CYS A 818 7.25 -3.08 -27.41
C CYS A 818 6.21 -3.62 -26.43
N ALA A 819 6.60 -4.52 -25.54
CA ALA A 819 5.68 -5.01 -24.51
C ALA A 819 5.33 -3.90 -23.52
N GLN A 820 6.30 -3.06 -23.18
CA GLN A 820 6.02 -1.94 -22.29
C GLN A 820 5.02 -0.96 -22.90
N LYS A 821 5.16 -0.66 -24.19
CA LYS A 821 4.27 0.27 -24.85
C LYS A 821 2.87 -0.31 -25.03
N PHE A 822 2.72 -1.63 -25.00
CA PHE A 822 1.40 -2.24 -25.09
C PHE A 822 0.60 -2.11 -23.81
N ASN A 823 1.20 -1.64 -22.72
CA ASN A 823 0.51 -1.48 -21.45
C ASN A 823 0.58 -0.04 -20.94
N GLY A 824 0.80 0.92 -21.81
CA GLY A 824 0.79 2.31 -21.42
C GLY A 824 2.08 2.82 -20.80
N LEU A 825 3.14 2.02 -20.81
CA LEU A 825 4.42 2.44 -20.24
C LEU A 825 5.29 3.05 -21.33
N THR A 826 5.68 4.30 -21.13
CA THR A 826 6.47 5.05 -22.11
C THR A 826 7.64 5.72 -21.42
N VAL A 827 8.69 5.99 -22.20
CA VAL A 827 9.90 6.65 -21.72
C VAL A 827 10.09 7.93 -22.53
N LEU A 828 10.26 9.05 -21.83
CA LEU A 828 10.39 10.34 -22.51
C LEU A 828 11.85 10.70 -22.70
N PRO A 829 12.20 11.33 -23.83
CA PRO A 829 13.58 11.71 -24.07
C PRO A 829 13.96 12.92 -23.23
N PRO A 830 15.23 13.08 -22.89
CA PRO A 830 15.66 14.26 -22.14
C PRO A 830 15.58 15.52 -22.97
N LEU A 831 15.45 16.66 -22.28
CA LEU A 831 15.35 17.94 -22.97
C LEU A 831 16.64 18.28 -23.70
N LEU A 832 17.78 18.03 -23.08
CA LEU A 832 19.09 18.35 -23.65
C LEU A 832 19.65 17.12 -24.35
N THR A 833 20.10 17.30 -25.59
CA THR A 833 20.70 16.21 -26.34
C THR A 833 22.17 16.02 -25.94
N ASP A 834 22.76 14.92 -26.43
CA ASP A 834 24.15 14.63 -26.11
C ASP A 834 25.09 15.68 -26.68
N ASP A 835 24.81 16.14 -27.90
CA ASP A 835 25.67 17.15 -28.53
C ASP A 835 25.65 18.45 -27.77
N MET A 836 24.48 18.87 -27.29
CA MET A 836 24.37 20.13 -26.56
C MET A 836 25.11 20.06 -25.23
N ILE A 837 25.05 18.91 -24.56
CA ILE A 837 25.75 18.76 -23.28
C ILE A 837 27.26 18.87 -23.47
N ALA A 838 27.79 18.24 -24.52
CA ALA A 838 29.23 18.29 -24.77
C ALA A 838 29.69 19.71 -25.09
N ALA A 839 28.79 20.56 -25.61
CA ALA A 839 29.14 21.95 -25.87
C ALA A 839 29.50 22.68 -24.58
N TYR A 840 28.76 22.42 -23.51
CA TYR A 840 29.08 23.05 -22.23
C TYR A 840 30.46 22.63 -21.74
N THR A 841 30.79 21.34 -21.86
CA THR A 841 32.11 20.87 -21.44
C THR A 841 33.20 21.49 -22.31
N SER A 842 32.97 21.60 -23.61
CA SER A 842 33.96 22.22 -24.48
C SER A 842 34.17 23.68 -24.12
N ALA A 843 33.09 24.41 -23.82
CA ALA A 843 33.22 25.80 -23.41
C ALA A 843 33.95 25.93 -22.07
N LEU A 844 33.65 25.03 -21.13
CA LEU A 844 34.28 25.10 -19.81
C LEU A 844 35.78 24.81 -19.89
N VAL A 845 36.16 23.79 -20.65
CA VAL A 845 37.59 23.45 -20.77
C VAL A 845 38.34 24.55 -21.50
N SER A 846 37.76 25.08 -22.58
CA SER A 846 38.43 26.13 -23.33
C SER A 846 38.58 27.40 -22.51
N GLY A 847 37.57 27.71 -21.68
CA GLY A 847 37.65 28.91 -20.86
C GLY A 847 38.77 28.84 -19.83
N THR A 848 39.01 27.64 -19.29
CA THR A 848 40.08 27.48 -18.30
C THR A 848 41.45 27.76 -18.90
N ALA A 849 41.68 27.30 -20.13
CA ALA A 849 42.98 27.48 -20.78
C ALA A 849 43.21 28.93 -21.21
N LEU A 850 42.18 29.77 -21.22
CA LEU A 850 42.32 31.15 -21.66
C LEU A 850 42.23 32.16 -20.54
N SER A 851 41.54 31.84 -19.44
CA SER A 851 41.38 32.78 -18.33
C SER A 851 41.61 32.17 -16.96
N GLY A 852 41.65 30.85 -16.83
CA GLY A 852 41.81 30.22 -15.54
C GLY A 852 40.50 30.06 -14.81
N TYR A 853 40.23 30.95 -13.85
CA TYR A 853 38.96 30.95 -13.14
C TYR A 853 38.39 32.37 -12.99
N THR A 854 38.95 33.35 -13.68
CA THR A 854 38.44 34.71 -13.60
C THR A 854 37.09 34.85 -14.30
N PHE A 855 36.85 34.03 -15.34
CA PHE A 855 35.58 34.12 -16.06
C PHE A 855 34.41 33.59 -15.23
N GLY A 856 34.69 32.79 -14.19
CA GLY A 856 33.60 32.31 -13.35
C GLY A 856 33.03 33.38 -12.44
N ALA A 857 33.85 34.36 -12.05
CA ALA A 857 33.41 35.46 -11.21
C ALA A 857 33.05 36.71 -11.98
N GLY A 858 33.12 36.67 -13.32
CA GLY A 858 32.80 37.82 -14.13
C GLY A 858 33.21 37.67 -15.57
N ALA A 859 33.86 38.69 -16.12
CA ALA A 859 34.31 38.64 -17.50
C ALA A 859 35.64 37.90 -17.61
N ALA A 860 35.95 37.44 -18.82
CA ALA A 860 37.19 36.72 -19.06
C ALA A 860 38.39 37.65 -19.02
N LEU A 861 39.51 37.13 -18.53
CA LEU A 861 40.76 37.87 -18.46
C LEU A 861 41.86 37.03 -19.09
N GLN A 862 42.41 37.51 -20.22
CA GLN A 862 43.46 36.78 -20.90
C GLN A 862 44.73 36.74 -20.07
N ILE A 863 45.42 35.60 -20.12
CA ILE A 863 46.65 35.39 -19.36
C ILE A 863 47.43 34.24 -19.98
N PRO A 864 48.76 34.34 -20.09
CA PRO A 864 49.53 33.18 -20.55
C PRO A 864 49.38 32.00 -19.61
N PHE A 865 49.38 30.79 -20.20
CA PHE A 865 49.19 29.59 -19.39
C PHE A 865 50.35 29.35 -18.46
N ALA A 866 51.58 29.68 -18.88
CA ALA A 866 52.74 29.49 -18.03
C ALA A 866 52.64 30.35 -16.77
N MET A 867 52.21 31.60 -16.92
CA MET A 867 52.02 32.45 -15.75
C MET A 867 50.79 32.04 -14.95
N GLN A 868 49.75 31.55 -15.63
CA GLN A 868 48.56 31.07 -14.93
C GLN A 868 48.89 29.88 -14.04
N MET A 869 49.67 28.94 -14.56
CA MET A 869 50.07 27.77 -13.77
C MET A 869 51.01 28.15 -12.64
N ALA A 870 51.74 29.25 -12.77
CA ALA A 870 52.68 29.65 -11.72
C ALA A 870 51.94 30.00 -10.43
N TYR A 871 50.82 30.72 -10.53
CA TYR A 871 50.09 31.12 -9.33
C TYR A 871 49.28 29.96 -8.74
N ARG A 872 48.99 28.93 -9.53
CA ARG A 872 48.43 27.71 -8.95
C ARG A 872 49.42 27.06 -7.98
N PHE A 873 50.70 27.06 -8.35
CA PHE A 873 51.73 26.61 -7.43
C PHE A 873 51.89 27.55 -6.24
N ASN A 874 51.53 28.82 -6.42
CA ASN A 874 51.66 29.78 -5.32
C ASN A 874 50.58 29.57 -4.27
N GLY A 875 49.40 29.10 -4.68
CA GLY A 875 48.31 28.91 -3.73
C GLY A 875 48.51 27.74 -2.79
N ILE A 876 49.40 26.81 -3.15
CA ILE A 876 49.65 25.64 -2.31
C ILE A 876 50.88 25.83 -1.43
N GLY A 877 51.35 27.07 -1.28
CA GLY A 877 52.47 27.35 -0.41
C GLY A 877 53.84 27.17 -1.01
N VAL A 878 53.92 26.92 -2.32
CA VAL A 878 55.20 26.72 -2.99
C VAL A 878 55.55 27.99 -3.76
N THR A 879 56.83 28.35 -3.74
CA THR A 879 57.28 29.59 -4.37
C THR A 879 57.12 29.51 -5.89
N GLN A 880 57.07 30.67 -6.51
CA GLN A 880 56.80 30.75 -7.95
C GLN A 880 58.01 30.32 -8.77
N ASN A 881 59.22 30.48 -8.23
CA ASN A 881 60.43 30.23 -9.01
C ASN A 881 60.60 28.77 -9.39
N VAL A 882 60.01 27.84 -8.63
CA VAL A 882 60.24 26.42 -8.88
C VAL A 882 59.61 25.99 -10.20
N LEU A 883 58.48 26.60 -10.59
CA LEU A 883 57.82 26.20 -11.83
C LEU A 883 58.68 26.53 -13.05
N TYR A 884 59.28 27.72 -13.07
CA TYR A 884 60.08 28.11 -14.23
C TYR A 884 61.37 27.29 -14.33
N GLU A 885 61.86 26.78 -13.20
CA GLU A 885 63.08 25.98 -13.23
C GLU A 885 62.85 24.59 -13.80
N ASN A 886 61.65 24.04 -13.62
CA ASN A 886 61.33 22.68 -14.05
C ASN A 886 60.02 22.64 -14.81
N GLN A 887 59.82 23.59 -15.73
CA GLN A 887 58.59 23.63 -16.51
C GLN A 887 58.48 22.42 -17.43
N LYS A 888 59.59 22.02 -18.06
CA LYS A 888 59.56 20.90 -18.99
C LYS A 888 59.18 19.60 -18.29
N GLN A 889 59.74 19.36 -17.09
CA GLN A 889 59.41 18.15 -16.34
C GLN A 889 57.94 18.13 -15.96
N ILE A 890 57.40 19.27 -15.51
CA ILE A 890 55.99 19.34 -15.14
C ILE A 890 55.11 19.07 -16.34
N ALA A 891 55.43 19.67 -17.49
CA ALA A 891 54.64 19.44 -18.70
C ALA A 891 54.69 17.98 -19.13
N ASN A 892 55.88 17.37 -19.06
CA ASN A 892 56.01 15.97 -19.44
C ASN A 892 55.21 15.07 -18.51
N GLN A 893 55.26 15.35 -17.21
CA GLN A 893 54.49 14.54 -16.27
C GLN A 893 52.99 14.70 -16.50
N PHE A 894 52.54 15.93 -16.76
CA PHE A 894 51.13 16.16 -17.04
C PHE A 894 50.67 15.41 -18.28
N ASN A 895 51.47 15.49 -19.36
CA ASN A 895 51.12 14.77 -20.58
C ASN A 895 51.11 13.27 -20.37
N LYS A 896 52.10 12.75 -19.62
CA LYS A 896 52.16 11.32 -19.35
C LYS A 896 50.94 10.86 -18.55
N ALA A 897 50.55 11.64 -17.55
CA ALA A 897 49.37 11.28 -16.76
C ALA A 897 48.10 11.30 -17.62
N ILE A 898 47.97 12.32 -18.46
CA ILE A 898 46.79 12.41 -19.33
C ILE A 898 46.74 11.22 -20.28
N SER A 899 47.88 10.85 -20.86
CA SER A 899 47.92 9.69 -21.75
C SER A 899 47.61 8.40 -21.00
N GLN A 900 48.14 8.25 -19.79
CA GLN A 900 47.91 7.03 -19.01
C GLN A 900 46.47 6.93 -18.53
N ILE A 901 45.75 8.05 -18.42
CA ILE A 901 44.33 7.99 -18.06
C ILE A 901 43.55 7.15 -19.06
N GLN A 902 43.82 7.34 -20.36
CA GLN A 902 43.13 6.57 -21.39
C GLN A 902 43.45 5.09 -21.27
N GLU A 903 44.72 4.74 -21.05
CA GLU A 903 45.09 3.34 -20.91
C GLU A 903 44.43 2.71 -19.69
N SER A 904 44.39 3.44 -18.57
CA SER A 904 43.74 2.93 -17.37
C SER A 904 42.26 2.72 -17.60
N LEU A 905 41.60 3.66 -18.29
CA LEU A 905 40.19 3.49 -18.60
C LEU A 905 39.95 2.29 -19.50
N THR A 906 40.81 2.09 -20.49
CA THR A 906 40.66 0.95 -21.40
C THR A 906 40.86 -0.38 -20.69
N THR A 907 41.86 -0.45 -19.81
CA THR A 907 42.22 -1.72 -19.18
C THR A 907 41.22 -2.17 -18.12
N THR A 908 40.41 -1.26 -17.59
CA THR A 908 39.47 -1.59 -16.54
C THR A 908 38.03 -1.42 -17.02
N ALA A 909 37.10 -2.06 -16.31
CA ALA A 909 35.69 -1.96 -16.65
C ALA A 909 34.81 -1.83 -15.42
N THR A 910 35.36 -1.36 -14.29
CA THR A 910 34.60 -1.22 -13.05
C THR A 910 34.49 0.21 -12.55
N ALA A 911 35.25 1.15 -13.12
CA ALA A 911 35.18 2.54 -12.66
C ALA A 911 33.80 3.14 -12.93
N LEU A 912 33.26 2.91 -14.13
CA LEU A 912 31.95 3.41 -14.50
C LEU A 912 30.90 2.38 -14.07
N GLY A 913 30.59 2.40 -12.78
CA GLY A 913 29.67 1.43 -12.23
C GLY A 913 28.33 1.99 -11.82
N LYS A 914 28.31 3.23 -11.31
CA LYS A 914 27.07 3.80 -10.80
C LYS A 914 26.06 4.02 -11.91
N LEU A 915 26.50 4.51 -13.07
CA LEU A 915 25.58 4.72 -14.18
C LEU A 915 24.98 3.42 -14.67
N GLN A 916 25.81 2.38 -14.81
CA GLN A 916 25.29 1.07 -15.19
C GLN A 916 24.31 0.54 -14.15
N ASP A 917 24.62 0.75 -12.86
CA ASP A 917 23.74 0.27 -11.80
C ASP A 917 22.37 0.95 -11.87
N VAL A 918 22.35 2.27 -12.05
CA VAL A 918 21.07 2.97 -12.07
C VAL A 918 20.27 2.61 -13.33
N ILE A 919 20.96 2.45 -14.47
CA ILE A 919 20.27 2.05 -15.69
C ILE A 919 19.65 0.66 -15.51
N ASN A 920 20.42 -0.27 -14.94
CA ASN A 920 19.91 -1.61 -14.71
C ASN A 920 18.76 -1.61 -13.72
N GLN A 921 18.83 -0.77 -12.68
CA GLN A 921 17.74 -0.69 -11.72
C GLN A 921 16.45 -0.20 -12.38
N ASN A 922 16.56 0.85 -13.21
CA ASN A 922 15.37 1.35 -13.90
C ASN A 922 14.80 0.30 -14.85
N ALA A 923 15.67 -0.38 -15.61
CA ALA A 923 15.19 -1.40 -16.53
C ALA A 923 14.52 -2.55 -15.79
N ILE A 924 15.11 -2.99 -14.67
CA ILE A 924 14.54 -4.08 -13.90
C ILE A 924 13.20 -3.68 -13.32
N ALA A 925 13.09 -2.46 -12.82
CA ALA A 925 11.81 -1.99 -12.28
C ALA A 925 10.74 -1.99 -13.36
N LEU A 926 11.06 -1.46 -14.55
CA LEU A 926 10.08 -1.44 -15.63
C LEU A 926 9.68 -2.85 -16.04
N ASN A 927 10.65 -3.76 -16.17
CA ASN A 927 10.35 -5.13 -16.59
C ASN A 927 9.49 -5.84 -15.54
N THR A 928 9.80 -5.64 -14.26
CA THR A 928 9.00 -6.26 -13.21
C THR A 928 7.57 -5.72 -13.21
N LEU A 929 7.42 -4.40 -13.42
CA LEU A 929 6.08 -3.82 -13.50
C LEU A 929 5.31 -4.40 -14.67
N VAL A 930 5.99 -4.59 -15.82
CA VAL A 930 5.32 -5.17 -16.98
C VAL A 930 4.91 -6.61 -16.72
N LYS A 931 5.81 -7.40 -16.14
CA LYS A 931 5.55 -8.83 -15.93
C LYS A 931 4.67 -9.11 -14.73
N GLN A 932 4.35 -8.10 -13.91
CA GLN A 932 3.49 -8.34 -12.74
C GLN A 932 2.05 -8.65 -13.14
N LEU A 933 1.66 -8.36 -14.38
CA LEU A 933 0.28 -8.59 -14.81
C LEU A 933 -0.07 -10.07 -14.93
N SER A 934 0.92 -10.96 -14.94
CA SER A 934 0.63 -12.38 -15.09
C SER A 934 -0.10 -12.94 -13.88
N SER A 935 0.10 -12.35 -12.70
CA SER A 935 -0.55 -12.84 -11.50
C SER A 935 -2.03 -12.51 -11.50
N ASN A 936 -2.84 -13.48 -11.09
CA ASN A 936 -4.30 -13.31 -11.03
C ASN A 936 -4.80 -12.98 -9.64
N PHE A 937 -3.92 -12.88 -8.65
CA PHE A 937 -4.27 -12.56 -7.26
C PHE A 937 -5.26 -13.63 -6.78
N GLY A 938 -6.40 -13.25 -6.21
CA GLY A 938 -7.38 -14.21 -5.75
C GLY A 938 -8.49 -14.51 -6.73
N ALA A 939 -8.38 -14.07 -7.98
CA ALA A 939 -9.40 -14.31 -8.98
C ALA A 939 -9.20 -15.68 -9.61
N ILE A 940 -9.99 -15.98 -10.64
CA ILE A 940 -9.89 -17.28 -11.31
C ILE A 940 -8.95 -17.27 -12.50
N SER A 941 -8.67 -16.12 -13.08
CA SER A 941 -7.77 -16.05 -14.23
C SER A 941 -7.20 -14.64 -14.33
N SER A 942 -5.95 -14.57 -14.80
CA SER A 942 -5.32 -13.26 -15.01
C SER A 942 -5.97 -12.53 -16.19
N VAL A 943 -6.35 -13.26 -17.23
CA VAL A 943 -6.98 -12.66 -18.39
C VAL A 943 -8.36 -12.13 -17.99
N LEU A 944 -8.71 -10.95 -18.51
CA LEU A 944 -10.00 -10.35 -18.22
C LEU A 944 -11.06 -10.69 -19.26
N ASN A 945 -10.64 -11.07 -20.48
CA ASN A 945 -11.61 -11.39 -21.52
C ASN A 945 -12.43 -12.62 -21.19
N ASP A 946 -11.77 -13.67 -20.68
CA ASP A 946 -12.48 -14.92 -20.40
C ASP A 946 -13.43 -14.79 -19.21
N ILE A 947 -13.09 -13.94 -18.24
CA ILE A 947 -13.96 -13.74 -17.09
C ILE A 947 -15.30 -13.17 -17.52
N LEU A 948 -15.28 -12.17 -18.40
CA LEU A 948 -16.52 -11.62 -18.94
C LEU A 948 -17.17 -12.53 -19.97
N SER A 949 -16.47 -13.57 -20.42
CA SER A 949 -17.00 -14.50 -21.41
C SER A 949 -17.73 -15.68 -20.79
N ARG A 950 -17.68 -15.84 -19.46
CA ARG A 950 -18.33 -16.97 -18.82
C ARG A 950 -19.13 -16.61 -17.57
N LEU A 951 -19.06 -15.37 -17.07
CA LEU A 951 -19.74 -14.99 -15.84
C LEU A 951 -20.59 -13.76 -16.06
N ASP A 952 -21.69 -13.66 -15.32
CA ASP A 952 -22.54 -12.49 -15.36
C ASP A 952 -21.84 -11.30 -14.69
N PRO A 953 -22.20 -10.08 -15.07
CA PRO A 953 -21.59 -8.89 -14.46
C PRO A 953 -21.73 -8.87 -12.94
N PRO A 954 -22.88 -9.26 -12.36
CA PRO A 954 -22.95 -9.30 -10.90
C PRO A 954 -21.90 -10.20 -10.25
N GLU A 955 -21.51 -11.29 -10.92
CA GLU A 955 -20.45 -12.14 -10.42
C GLU A 955 -19.07 -11.71 -10.91
N ALA A 956 -19.01 -11.07 -12.07
CA ALA A 956 -17.72 -10.64 -12.62
C ALA A 956 -17.16 -9.41 -11.90
N GLU A 957 -18.02 -8.61 -11.26
CA GLU A 957 -17.52 -7.43 -10.57
C GLU A 957 -16.59 -7.80 -9.43
N VAL A 958 -16.95 -8.86 -8.68
CA VAL A 958 -16.09 -9.31 -7.58
C VAL A 958 -14.73 -9.75 -8.10
N GLN A 959 -14.71 -10.48 -9.22
CA GLN A 959 -13.44 -10.91 -9.79
C GLN A 959 -12.61 -9.72 -10.27
N ILE A 960 -13.26 -8.72 -10.87
CA ILE A 960 -12.53 -7.57 -11.40
C ILE A 960 -11.97 -6.70 -10.27
N ASP A 961 -12.69 -6.62 -9.15
CA ASP A 961 -12.29 -5.71 -8.07
C ASP A 961 -10.91 -6.06 -7.51
N ARG A 962 -10.66 -7.34 -7.26
CA ARG A 962 -9.38 -7.74 -6.68
C ARG A 962 -8.23 -7.48 -7.64
N LEU A 963 -8.44 -7.73 -8.94
CA LEU A 963 -7.42 -7.42 -9.93
C LEU A 963 -7.12 -5.93 -9.96
N ILE A 964 -8.17 -5.09 -9.90
CA ILE A 964 -7.97 -3.66 -9.90
C ILE A 964 -7.16 -3.22 -8.69
N THR A 965 -7.52 -3.76 -7.51
CA THR A 965 -6.81 -3.39 -6.29
C THR A 965 -5.34 -3.81 -6.35
N GLY A 966 -5.07 -5.02 -6.84
CA GLY A 966 -3.69 -5.47 -6.93
C GLY A 966 -2.86 -4.64 -7.89
N ARG A 967 -3.42 -4.33 -9.06
CA ARG A 967 -2.70 -3.51 -10.02
C ARG A 967 -2.44 -2.11 -9.48
N LEU A 968 -3.42 -1.53 -8.79
CA LEU A 968 -3.21 -0.22 -8.18
C LEU A 968 -2.14 -0.27 -7.11
N GLN A 969 -2.11 -1.34 -6.32
CA GLN A 969 -1.07 -1.48 -5.30
C GLN A 969 0.31 -1.57 -5.95
N SER A 970 0.43 -2.34 -7.04
CA SER A 970 1.71 -2.42 -7.72
C SER A 970 2.15 -1.07 -8.27
N LEU A 971 1.20 -0.32 -8.86
CA LEU A 971 1.53 1.01 -9.37
C LEU A 971 1.98 1.94 -8.25
N GLN A 972 1.30 1.88 -7.09
CA GLN A 972 1.69 2.72 -5.97
C GLN A 972 3.09 2.37 -5.48
N THR A 973 3.41 1.08 -5.39
CA THR A 973 4.74 0.68 -4.97
C THR A 973 5.80 1.19 -5.95
N TYR A 974 5.54 1.05 -7.25
CA TYR A 974 6.49 1.53 -8.24
C TYR A 974 6.69 3.04 -8.13
N VAL A 975 5.61 3.79 -7.93
CA VAL A 975 5.72 5.24 -7.83
C VAL A 975 6.53 5.63 -6.59
N THR A 976 6.29 4.96 -5.46
CA THR A 976 7.04 5.26 -4.25
C THR A 976 8.52 4.99 -4.43
N GLN A 977 8.87 3.85 -5.03
CA GLN A 977 10.27 3.55 -5.27
C GLN A 977 10.91 4.57 -6.21
N GLN A 978 10.17 4.98 -7.25
CA GLN A 978 10.69 5.99 -8.16
C GLN A 978 10.92 7.32 -7.45
N LEU A 979 10.02 7.70 -6.54
CA LEU A 979 10.20 8.93 -5.79
C LEU A 979 11.44 8.87 -4.92
N ILE A 980 11.66 7.75 -4.24
CA ILE A 980 12.86 7.61 -3.39
C ILE A 980 14.12 7.71 -4.24
N ARG A 981 14.14 7.00 -5.37
CA ARG A 981 15.31 7.07 -6.26
C ARG A 981 15.52 8.47 -6.79
N ALA A 982 14.44 9.19 -7.08
CA ALA A 982 14.55 10.57 -7.55
C ALA A 982 15.16 11.47 -6.47
N ALA A 983 14.76 11.26 -5.21
CA ALA A 983 15.36 12.05 -4.13
C ALA A 983 16.86 11.77 -4.01
N GLU A 984 17.25 10.49 -4.11
CA GLU A 984 18.67 10.16 -4.03
C GLU A 984 19.45 10.79 -5.18
N ILE A 985 18.88 10.73 -6.39
CA ILE A 985 19.55 11.33 -7.55
C ILE A 985 19.63 12.84 -7.40
N ARG A 986 18.61 13.45 -6.80
CA ARG A 986 18.65 14.89 -6.54
C ARG A 986 19.80 15.24 -5.61
N ALA A 987 19.98 14.47 -4.53
CA ALA A 987 21.09 14.73 -3.62
C ALA A 987 22.43 14.57 -4.34
N SER A 988 22.57 13.51 -5.14
CA SER A 988 23.82 13.30 -5.87
C SER A 988 24.09 14.43 -6.85
N ALA A 989 23.06 14.90 -7.55
CA ALA A 989 23.22 15.98 -8.50
C ALA A 989 23.59 17.29 -7.81
N ASN A 990 23.00 17.55 -6.63
CA ASN A 990 23.39 18.73 -5.88
C ASN A 990 24.86 18.67 -5.48
N LEU A 991 25.32 17.51 -5.01
CA LEU A 991 26.73 17.37 -4.66
C LEU A 991 27.62 17.57 -5.88
N ALA A 992 27.23 17.00 -7.02
CA ALA A 992 28.04 17.15 -8.24
C ALA A 992 28.10 18.60 -8.69
N ALA A 993 26.96 19.32 -8.62
CA ALA A 993 26.94 20.72 -9.01
C ALA A 993 27.82 21.56 -8.08
N THR A 994 27.76 21.30 -6.77
CA THR A 994 28.61 22.03 -5.84
C THR A 994 30.09 21.77 -6.13
N LYS A 995 30.44 20.51 -6.39
CA LYS A 995 31.83 20.19 -6.71
C LYS A 995 32.28 20.87 -8.00
N MET A 996 31.42 20.87 -9.02
CA MET A 996 31.75 21.55 -10.26
C MET A 996 31.97 23.04 -10.04
N SER A 997 31.11 23.67 -9.25
CA SER A 997 31.23 25.11 -9.01
C SER A 997 32.50 25.43 -8.22
N GLU A 998 32.83 24.61 -7.22
CA GLU A 998 33.94 24.94 -6.33
C GLU A 998 35.28 24.36 -6.75
N CYS A 999 35.32 23.53 -7.79
CA CYS A 999 36.56 22.88 -8.19
C CYS A 999 37.00 23.21 -9.62
N VAL A 1000 36.08 23.56 -10.51
CA VAL A 1000 36.42 23.88 -11.89
C VAL A 1000 36.54 25.39 -12.10
N LEU A 1001 35.62 26.16 -11.54
CA LEU A 1001 35.65 27.61 -11.65
C LEU A 1001 36.47 28.28 -10.56
N GLY A 1002 37.39 27.54 -9.94
CA GLY A 1002 38.22 28.10 -8.89
C GLY A 1002 39.15 27.05 -8.32
N GLN A 1003 39.91 27.45 -7.31
CA GLN A 1003 40.84 26.58 -6.62
C GLN A 1003 40.38 26.41 -5.18
N SER A 1004 40.33 25.16 -4.73
CA SER A 1004 39.81 24.83 -3.41
C SER A 1004 40.93 24.29 -2.54
N LYS A 1005 40.99 24.77 -1.30
CA LYS A 1005 41.96 24.31 -0.32
C LYS A 1005 41.40 23.26 0.62
N ARG A 1006 40.16 22.80 0.39
CA ARG A 1006 39.57 21.78 1.24
C ARG A 1006 40.28 20.44 1.04
N VAL A 1007 40.49 19.74 2.14
CA VAL A 1007 41.28 18.50 2.11
C VAL A 1007 40.43 17.39 1.51
N ASP A 1008 40.99 16.68 0.53
CA ASP A 1008 40.37 15.52 -0.11
C ASP A 1008 39.01 15.86 -0.74
N PHE A 1009 38.87 17.11 -1.20
CA PHE A 1009 37.67 17.52 -1.90
C PHE A 1009 37.82 17.48 -3.41
N CYS A 1010 39.04 17.63 -3.92
CA CYS A 1010 39.32 17.58 -5.36
C CYS A 1010 40.45 16.60 -5.64
N GLY A 1011 40.42 15.45 -4.99
CA GLY A 1011 41.42 14.43 -5.19
C GLY A 1011 42.30 14.22 -3.98
N LYS A 1012 43.49 13.68 -4.23
CA LYS A 1012 44.48 13.41 -3.19
C LYS A 1012 45.67 14.34 -3.38
N GLY A 1013 46.02 15.08 -2.33
CA GLY A 1013 47.12 16.02 -2.39
C GLY A 1013 46.65 17.46 -2.42
N TYR A 1014 47.42 18.34 -3.06
CA TYR A 1014 47.09 19.75 -3.17
C TYR A 1014 46.45 20.01 -4.53
N HIS A 1015 45.20 20.46 -4.53
CA HIS A 1015 44.46 20.66 -5.77
C HIS A 1015 45.04 21.82 -6.57
N LEU A 1016 45.14 21.63 -7.89
CA LEU A 1016 45.59 22.66 -8.81
C LEU A 1016 44.50 23.10 -9.77
N MET A 1017 43.92 22.16 -10.50
CA MET A 1017 42.86 22.48 -11.46
C MET A 1017 42.07 21.20 -11.76
N SER A 1018 40.89 21.40 -12.33
CA SER A 1018 40.01 20.29 -12.66
C SER A 1018 39.45 20.47 -14.06
N PHE A 1019 39.13 19.35 -14.71
CA PHE A 1019 38.59 19.35 -16.06
C PHE A 1019 37.29 18.55 -16.08
N PRO A 1020 36.18 19.15 -16.50
CA PRO A 1020 34.91 18.39 -16.58
C PRO A 1020 34.77 17.61 -17.88
N GLN A 1021 34.22 16.41 -17.76
CA GLN A 1021 33.98 15.54 -18.91
C GLN A 1021 32.56 14.98 -18.81
N ALA A 1022 31.85 14.99 -19.93
CA ALA A 1022 30.47 14.54 -19.96
C ALA A 1022 30.39 13.01 -19.99
N ALA A 1023 29.42 12.46 -19.27
CA ALA A 1023 29.18 11.04 -19.20
C ALA A 1023 27.68 10.80 -19.31
N PRO A 1024 27.27 9.62 -19.78
CA PRO A 1024 25.84 9.32 -19.88
C PRO A 1024 25.20 9.28 -18.49
N HIS A 1025 24.24 10.17 -18.26
CA HIS A 1025 23.55 10.30 -16.98
C HIS A 1025 24.54 10.54 -15.84
N GLY A 1026 25.56 11.35 -16.12
CA GLY A 1026 26.57 11.63 -15.11
C GLY A 1026 27.60 12.61 -15.62
N VAL A 1027 28.67 12.75 -14.84
CA VAL A 1027 29.77 13.65 -15.18
C VAL A 1027 31.05 13.06 -14.61
N VAL A 1028 32.16 13.30 -15.30
CA VAL A 1028 33.47 12.80 -14.90
C VAL A 1028 34.40 13.99 -14.69
N PHE A 1029 35.10 14.00 -13.55
CA PHE A 1029 36.02 15.06 -13.19
C PHE A 1029 37.45 14.52 -13.26
N LEU A 1030 38.34 15.29 -13.88
CA LEU A 1030 39.77 14.98 -13.93
C LEU A 1030 40.50 15.97 -13.02
N HIS A 1031 41.04 15.47 -11.92
CA HIS A 1031 41.68 16.30 -10.91
C HIS A 1031 43.19 16.24 -11.07
N VAL A 1032 43.83 17.40 -11.16
CA VAL A 1032 45.28 17.52 -11.22
C VAL A 1032 45.75 18.03 -9.87
N THR A 1033 46.65 17.28 -9.24
CA THR A 1033 47.08 17.58 -7.87
C THR A 1033 48.60 17.62 -7.80
N TYR A 1034 49.09 18.07 -6.64
CA TYR A 1034 50.51 18.20 -6.36
C TYR A 1034 50.85 17.27 -5.21
N VAL A 1035 51.77 16.33 -5.45
CA VAL A 1035 52.14 15.34 -4.44
C VAL A 1035 53.64 15.37 -4.21
N PRO A 1036 54.09 15.77 -3.02
CA PRO A 1036 55.53 15.73 -2.73
C PRO A 1036 56.01 14.31 -2.52
N SER A 1037 57.31 14.12 -2.72
CA SER A 1037 57.94 12.81 -2.57
C SER A 1037 59.44 13.01 -2.36
N GLN A 1038 60.16 11.90 -2.23
CA GLN A 1038 61.61 11.88 -2.07
C GLN A 1038 62.03 12.69 -0.84
N GLU A 1039 61.61 12.21 0.32
CA GLU A 1039 61.90 12.86 1.59
C GLU A 1039 63.38 12.79 1.92
N GLN A 1040 63.83 13.72 2.76
CA GLN A 1040 65.19 13.75 3.24
C GLN A 1040 65.21 14.01 4.73
N ASN A 1041 66.31 13.60 5.37
CA ASN A 1041 66.45 13.63 6.82
C ASN A 1041 67.19 14.89 7.24
N PHE A 1042 66.63 15.60 8.22
CA PHE A 1042 67.23 16.83 8.72
C PHE A 1042 66.89 17.02 10.19
N THR A 1043 67.64 17.91 10.84
CA THR A 1043 67.41 18.28 12.22
C THR A 1043 67.00 19.75 12.29
N THR A 1044 66.28 20.10 13.35
CA THR A 1044 65.70 21.43 13.47
C THR A 1044 65.74 21.90 14.92
N ALA A 1045 65.62 23.21 15.10
CA ALA A 1045 65.56 23.86 16.40
C ALA A 1045 64.41 24.84 16.43
N PRO A 1046 63.83 25.09 17.61
CA PRO A 1046 62.68 26.01 17.70
C PRO A 1046 63.01 27.43 17.32
N ALA A 1047 64.01 28.03 17.96
CA ALA A 1047 64.34 29.43 17.75
C ALA A 1047 65.86 29.60 17.72
N ILE A 1048 66.30 30.83 17.47
CA ILE A 1048 67.70 31.16 17.37
C ILE A 1048 67.99 32.36 18.28
N CYS A 1049 69.05 32.26 19.07
CA CYS A 1049 69.48 33.32 19.98
C CYS A 1049 70.72 33.98 19.41
N HIS A 1050 70.62 35.27 19.08
CA HIS A 1050 71.74 36.02 18.54
C HIS A 1050 72.51 36.77 19.62
N LYS A 1051 71.84 37.68 20.33
CA LYS A 1051 72.45 38.36 21.47
C LYS A 1051 71.34 38.67 22.48
N GLY A 1052 71.12 37.75 23.40
CA GLY A 1052 70.13 37.93 24.45
C GLY A 1052 68.71 38.05 23.95
N LYS A 1053 68.49 37.84 22.65
CA LYS A 1053 67.18 37.97 22.03
C LYS A 1053 66.90 36.74 21.18
N ALA A 1054 65.62 36.39 21.09
CA ALA A 1054 65.18 35.23 20.34
C ALA A 1054 64.59 35.64 19.00
N HIS A 1055 64.92 34.88 17.96
CA HIS A 1055 64.44 35.12 16.61
C HIS A 1055 63.59 33.93 16.16
N PHE A 1056 62.41 34.23 15.60
CA PHE A 1056 61.51 33.20 15.13
C PHE A 1056 61.34 33.30 13.62
N PRO A 1057 61.26 32.16 12.93
CA PRO A 1057 61.13 32.20 11.47
C PRO A 1057 59.76 32.73 11.05
N ARG A 1058 59.73 33.32 9.85
CA ARG A 1058 58.49 33.85 9.30
C ARG A 1058 57.79 32.84 8.40
N GLU A 1059 58.53 32.24 7.46
CA GLU A 1059 57.98 31.25 6.52
C GLU A 1059 58.95 30.08 6.44
N GLY A 1060 58.74 29.08 7.29
CA GLY A 1060 59.52 27.87 7.28
C GLY A 1060 60.13 27.59 8.64
N VAL A 1061 61.10 26.67 8.66
CA VAL A 1061 61.79 26.26 9.87
C VAL A 1061 63.29 26.31 9.60
N PHE A 1062 64.07 25.95 10.62
CA PHE A 1062 65.53 25.95 10.53
C PHE A 1062 66.03 24.54 10.27
N VAL A 1063 66.94 24.43 9.31
CA VAL A 1063 67.58 23.15 8.97
C VAL A 1063 69.08 23.29 9.23
N THR A 1064 69.77 22.15 9.19
CA THR A 1064 71.17 22.12 9.57
C THR A 1064 71.93 21.06 8.79
N ASN A 1065 73.02 21.46 8.15
CA ASN A 1065 74.06 20.52 7.72
C ASN A 1065 75.36 20.89 8.41
N GLY A 1066 76.15 19.87 8.76
CA GLY A 1066 77.53 20.03 9.14
C GLY A 1066 77.90 21.28 9.92
N THR A 1067 77.18 21.54 11.02
CA THR A 1067 77.34 22.75 11.82
C THR A 1067 77.09 24.01 10.97
N HIS A 1068 75.87 24.09 10.44
CA HIS A 1068 75.39 25.26 9.73
C HIS A 1068 73.89 25.39 9.96
N TRP A 1069 73.34 26.53 9.55
CA TRP A 1069 71.92 26.78 9.75
C TRP A 1069 71.35 27.53 8.55
N PHE A 1070 70.13 27.15 8.16
CA PHE A 1070 69.46 27.76 7.01
C PHE A 1070 67.97 27.79 7.26
N VAL A 1071 67.27 28.59 6.46
CA VAL A 1071 65.81 28.69 6.50
C VAL A 1071 65.26 28.27 5.14
N THR A 1072 64.33 27.31 5.16
CA THR A 1072 63.78 26.76 3.94
C THR A 1072 62.28 26.60 4.10
N GLN A 1073 61.61 26.19 3.01
CA GLN A 1073 60.18 25.96 3.01
C GLN A 1073 59.88 24.58 3.61
N ARG A 1074 58.64 24.13 3.47
CA ARG A 1074 58.23 22.80 3.91
C ARG A 1074 57.84 21.89 2.76
N ASN A 1075 57.08 22.39 1.79
CA ASN A 1075 56.70 21.59 0.63
C ASN A 1075 57.85 21.38 -0.34
N PHE A 1076 58.93 22.16 -0.22
CA PHE A 1076 60.09 22.02 -1.09
C PHE A 1076 61.33 22.41 -0.30
N TYR A 1077 62.48 21.91 -0.74
CA TYR A 1077 63.75 22.15 -0.07
C TYR A 1077 64.52 23.23 -0.81
N GLN A 1078 64.82 24.32 -0.12
CA GLN A 1078 65.56 25.44 -0.69
C GLN A 1078 66.21 26.24 0.42
N PRO A 1079 67.42 25.86 0.87
CA PRO A 1079 68.05 26.57 1.98
C PRO A 1079 68.42 28.00 1.61
N GLU A 1080 68.36 28.88 2.61
CA GLU A 1080 68.76 30.26 2.47
C GLU A 1080 69.43 30.72 3.75
N VAL A 1081 70.28 31.75 3.63
CA VAL A 1081 70.98 32.27 4.79
C VAL A 1081 70.00 33.00 5.70
N ILE A 1082 70.27 32.95 7.01
CA ILE A 1082 69.40 33.59 7.99
C ILE A 1082 69.74 35.08 8.02
N THR A 1083 68.73 35.91 7.78
CA THR A 1083 68.89 37.36 7.76
C THR A 1083 67.85 37.99 8.68
N THR A 1084 67.95 39.32 8.84
CA THR A 1084 67.03 40.03 9.71
C THR A 1084 65.66 40.22 9.09
N GLU A 1085 65.54 40.10 7.77
CA GLU A 1085 64.24 40.22 7.11
C GLU A 1085 63.51 38.90 6.97
N ASN A 1086 64.15 37.78 7.33
CA ASN A 1086 63.51 36.48 7.32
C ASN A 1086 62.98 36.07 8.68
N THR A 1087 63.43 36.72 9.75
CA THR A 1087 63.03 36.37 11.12
C THR A 1087 62.68 37.65 11.88
N PHE A 1088 61.57 37.62 12.60
CA PHE A 1088 61.21 38.71 13.51
C PHE A 1088 61.76 38.43 14.89
N GLU A 1089 62.13 39.49 15.60
CA GLU A 1089 62.76 39.39 16.91
C GLU A 1089 61.77 39.70 18.01
N SER A 1090 61.67 38.80 18.99
CA SER A 1090 60.74 38.94 20.09
C SER A 1090 61.19 38.07 21.26
N GLY A 1091 61.16 38.63 22.46
CA GLY A 1091 61.44 37.88 23.65
C GLY A 1091 62.92 37.69 23.91
N ASN A 1092 63.20 36.92 24.95
CA ASN A 1092 64.55 36.60 25.40
C ASN A 1092 64.87 35.15 25.06
N CYS A 1093 66.05 34.70 25.49
CA CYS A 1093 66.53 33.36 25.19
C CYS A 1093 66.39 32.40 26.36
N ASP A 1094 65.68 32.80 27.43
CA ASP A 1094 65.54 31.97 28.62
C ASP A 1094 64.24 31.18 28.65
N VAL A 1095 63.12 31.80 28.30
CA VAL A 1095 61.84 31.10 28.35
C VAL A 1095 61.76 30.01 27.29
N VAL A 1096 62.33 30.26 26.11
CA VAL A 1096 62.25 29.31 25.02
C VAL A 1096 63.18 28.13 25.30
N ILE A 1097 62.66 26.92 25.13
CA ILE A 1097 63.42 25.69 25.33
C ILE A 1097 63.91 25.17 24.00
N GLY A 1098 65.16 24.72 23.96
CA GLY A 1098 65.77 24.22 22.75
C GLY A 1098 66.51 25.24 21.92
N ILE A 1099 66.51 26.51 22.33
CA ILE A 1099 67.23 27.54 21.58
C ILE A 1099 68.73 27.32 21.73
N VAL A 1100 69.48 27.66 20.67
CA VAL A 1100 70.90 27.37 20.60
C VAL A 1100 71.64 28.61 20.13
N ASN A 1101 72.96 28.61 20.38
CA ASN A 1101 73.82 29.66 19.86
C ASN A 1101 73.83 29.65 18.33
N ASN A 1102 73.75 30.83 17.74
CA ASN A 1102 73.89 31.00 16.29
C ASN A 1102 74.01 32.48 15.98
N THR A 1103 74.67 32.78 14.87
CA THR A 1103 74.84 34.14 14.39
C THR A 1103 73.81 34.46 13.32
N VAL A 1104 73.53 35.76 13.17
CA VAL A 1104 72.58 36.26 12.18
C VAL A 1104 73.32 37.21 11.26
N TYR A 1105 73.08 37.06 9.95
CA TYR A 1105 73.76 37.89 8.97
C TYR A 1105 73.43 39.36 9.18
N ASP A 1106 74.47 40.20 9.16
CA ASP A 1106 74.30 41.64 9.33
C ASP A 1106 74.15 42.29 7.96
N PRO A 1107 73.04 42.98 7.68
CA PRO A 1107 72.90 43.64 6.37
C PRO A 1107 73.94 44.70 6.12
N LEU A 1108 74.50 45.31 7.16
CA LEU A 1108 75.48 46.39 6.99
C LEU A 1108 76.91 45.86 6.94
N GLN A 1109 77.16 44.92 6.04
CA GLN A 1109 78.50 44.41 5.82
C GLN A 1109 79.33 45.32 4.91
N PRO A 1110 78.84 45.72 3.72
CA PRO A 1110 79.68 46.55 2.84
C PRO A 1110 79.89 47.97 3.34
N GLU A 1111 79.24 48.38 4.43
CA GLU A 1111 79.38 49.72 4.96
C GLU A 1111 80.61 49.87 5.86
N LEU A 1112 81.56 48.95 5.78
CA LEU A 1112 82.78 49.03 6.58
C LEU A 1112 84.02 48.86 5.70
N ASP B 1 -44.93 -24.76 50.77
CA ASP B 1 -45.39 -25.04 52.13
C ASP B 1 -46.03 -23.82 52.76
N GLY B 2 -46.85 -23.12 51.98
CA GLY B 2 -47.48 -21.91 52.46
C GLY B 2 -46.51 -20.74 52.51
N CYS B 3 -46.96 -19.69 53.19
CA CYS B 3 -46.13 -18.51 53.39
C CYS B 3 -46.59 -17.76 54.62
N GLY B 4 -45.65 -17.12 55.30
CA GLY B 4 -45.96 -16.30 56.45
C GLY B 4 -46.48 -14.93 56.07
N ARG B 5 -46.81 -14.15 57.10
CA ARG B 5 -47.36 -12.82 56.92
C ARG B 5 -46.55 -11.81 57.73
N LEU B 6 -46.47 -10.58 57.21
CA LEU B 6 -45.78 -9.48 57.89
C LEU B 6 -46.67 -8.24 57.76
N SER B 7 -47.53 -8.03 58.75
CA SER B 7 -48.39 -6.86 58.73
C SER B 7 -47.59 -5.57 58.91
N GLN B 8 -46.52 -5.61 59.69
CA GLN B 8 -45.68 -4.43 59.87
C GLN B 8 -44.96 -4.10 58.56
N LYS B 9 -44.97 -2.83 58.20
CA LYS B 9 -44.36 -2.36 56.94
C LYS B 9 -43.56 -1.09 57.23
N THR B 10 -42.28 -1.26 57.52
CA THR B 10 -41.37 -0.13 57.69
C THR B 10 -40.96 0.41 56.32
N GLN B 11 -40.99 1.73 56.19
CA GLN B 11 -40.66 2.35 54.91
C GLN B 11 -39.19 2.09 54.58
N PRO B 12 -38.88 1.68 53.35
CA PRO B 12 -37.48 1.43 52.99
C PRO B 12 -36.66 2.71 53.00
N LYS B 13 -35.38 2.58 53.33
CA LYS B 13 -34.45 3.68 53.34
C LYS B 13 -33.43 3.51 52.23
N LEU B 14 -33.11 4.59 51.53
CA LEU B 14 -32.21 4.56 50.39
C LEU B 14 -31.00 5.44 50.67
N GLU B 15 -29.81 4.89 50.50
CA GLU B 15 -28.56 5.61 50.66
C GLU B 15 -27.69 5.37 49.43
N GLN B 16 -26.73 6.27 49.22
CA GLN B 16 -25.89 6.26 48.02
C GLN B 16 -24.43 6.15 48.43
N PHE B 17 -23.87 4.95 48.26
CA PHE B 17 -22.44 4.73 48.34
C PHE B 17 -21.86 4.71 46.93
N ASN B 18 -20.60 4.31 46.80
CA ASN B 18 -19.95 4.17 45.51
C ASN B 18 -19.29 2.80 45.40
N SER B 19 -19.05 2.37 44.17
CA SER B 19 -18.48 1.06 43.89
C SER B 19 -16.96 1.08 43.78
N SER B 20 -16.33 2.25 43.91
CA SER B 20 -14.88 2.40 43.80
C SER B 20 -14.36 1.85 42.49
N ARG B 21 -13.61 0.75 42.55
CA ARG B 21 -13.01 0.10 41.38
C ARG B 21 -13.29 -1.39 41.40
N ARG B 22 -14.53 -1.76 41.67
CA ARG B 22 -14.95 -3.15 41.74
C ARG B 22 -16.00 -3.43 40.65
N GLY B 23 -16.22 -4.72 40.42
CA GLY B 23 -17.20 -5.14 39.43
C GLY B 23 -16.60 -5.54 38.09
N LEU B 24 -15.54 -6.35 38.13
CA LEU B 24 -14.89 -6.83 36.92
C LEU B 24 -14.91 -8.35 36.90
N TYR B 25 -15.03 -8.91 35.70
CA TYR B 25 -15.17 -10.35 35.54
C TYR B 25 -14.55 -10.77 34.22
N TYR B 26 -14.26 -12.06 34.11
CA TYR B 26 -13.74 -12.63 32.86
C TYR B 26 -14.87 -12.67 31.83
N PHE B 27 -14.76 -11.81 30.82
CA PHE B 27 -15.81 -11.67 29.82
C PHE B 27 -15.72 -12.71 28.70
N ASP B 28 -14.68 -13.55 28.69
CA ASP B 28 -14.53 -14.55 27.64
C ASP B 28 -13.66 -15.68 28.17
N ASP B 29 -13.70 -16.80 27.46
CA ASP B 29 -12.89 -17.97 27.79
C ASP B 29 -11.53 -17.97 27.13
N ILE B 30 -11.26 -16.99 26.26
CA ILE B 30 -9.96 -16.92 25.59
C ILE B 30 -8.88 -16.65 26.62
N PHE B 31 -7.90 -17.55 26.71
CA PHE B 31 -6.83 -17.42 27.69
C PHE B 31 -5.77 -16.47 27.16
N ARG B 32 -5.66 -15.30 27.78
CA ARG B 32 -4.68 -14.29 27.40
C ARG B 32 -3.62 -14.19 28.49
N SER B 33 -2.35 -14.21 28.08
CA SER B 33 -1.23 -14.19 29.01
C SER B 33 -0.23 -13.13 28.57
N SER B 34 0.07 -12.20 29.47
CA SER B 34 1.13 -11.19 29.29
C SER B 34 0.89 -10.33 28.05
N LEU B 35 -0.26 -9.66 28.05
CA LEU B 35 -0.58 -8.69 27.00
C LEU B 35 -1.73 -7.82 27.49
N ARG B 36 -2.01 -6.77 26.72
CA ARG B 36 -3.09 -5.83 27.02
C ARG B 36 -4.03 -5.77 25.83
N VAL B 37 -5.32 -5.89 26.10
CA VAL B 37 -6.35 -5.87 25.07
C VAL B 37 -7.44 -4.88 25.47
N LEU B 38 -7.93 -4.13 24.49
CA LEU B 38 -9.00 -3.16 24.71
C LEU B 38 -10.32 -3.78 24.25
N THR B 39 -11.27 -3.88 25.18
CA THR B 39 -12.54 -4.54 24.91
C THR B 39 -13.69 -3.65 25.37
N SER B 40 -14.76 -3.62 24.58
CA SER B 40 -15.96 -2.88 24.91
C SER B 40 -17.09 -3.85 25.26
N GLY B 41 -17.99 -3.40 26.13
CA GLY B 41 -19.09 -4.24 26.54
C GLY B 41 -19.88 -3.58 27.66
N TYR B 42 -20.55 -4.42 28.45
CA TYR B 42 -21.38 -3.97 29.56
C TYR B 42 -20.63 -4.28 30.86
N PHE B 43 -20.03 -3.24 31.45
CA PHE B 43 -19.29 -3.37 32.70
C PHE B 43 -19.82 -2.36 33.71
N LEU B 44 -19.30 -2.44 34.94
CA LEU B 44 -19.69 -1.52 35.99
C LEU B 44 -18.73 -0.33 36.00
N PRO B 45 -19.19 0.89 35.74
CA PRO B 45 -18.28 2.04 35.74
C PRO B 45 -17.72 2.29 37.13
N PHE B 46 -16.49 2.81 37.16
CA PHE B 46 -15.83 3.11 38.42
C PHE B 46 -16.52 4.27 39.13
N GLY B 47 -16.76 4.12 40.42
CA GLY B 47 -17.46 5.13 41.20
C GLY B 47 -18.91 5.29 40.73
N SER B 48 -19.71 4.25 40.92
CA SER B 48 -21.08 4.22 40.43
C SER B 48 -22.05 4.60 41.54
N ASN B 49 -23.34 4.56 41.22
CA ASN B 49 -24.40 4.90 42.16
C ASN B 49 -24.96 3.62 42.81
N VAL B 50 -24.10 2.96 43.58
CA VAL B 50 -24.53 1.73 44.24
C VAL B 50 -25.52 2.06 45.36
N THR B 51 -26.45 1.14 45.59
CA THR B 51 -27.52 1.34 46.56
C THR B 51 -27.46 0.24 47.61
N ARG B 52 -27.79 0.60 48.84
CA ARG B 52 -27.66 -0.28 50.00
C ARG B 52 -29.03 -0.55 50.61
N TYR B 53 -29.26 -1.80 51.00
CA TYR B 53 -30.47 -2.20 51.69
C TYR B 53 -30.11 -2.97 52.96
N GLU B 54 -30.98 -2.88 53.96
CA GLU B 54 -30.75 -3.51 55.25
C GLU B 54 -31.90 -4.45 55.59
N VAL B 55 -31.72 -5.21 56.66
CA VAL B 55 -32.76 -6.11 57.17
C VAL B 55 -32.78 -6.07 58.68
N ILE B 63 -40.68 -3.49 61.13
CA ILE B 63 -39.50 -4.33 61.01
C ILE B 63 -38.75 -3.98 59.73
N TYR B 64 -37.42 -3.95 59.82
CA TYR B 64 -36.57 -3.64 58.67
C TYR B 64 -36.54 -4.85 57.74
N TYR B 65 -37.29 -4.77 56.64
CA TYR B 65 -37.32 -5.85 55.65
C TYR B 65 -37.57 -5.21 54.29
N ASP B 66 -36.51 -4.97 53.54
CA ASP B 66 -36.57 -4.30 52.24
C ASP B 66 -36.21 -5.31 51.15
N ASN B 67 -37.18 -5.65 50.32
CA ASN B 67 -36.97 -6.50 49.15
C ASN B 67 -37.67 -5.87 47.95
N PRO B 68 -37.17 -4.73 47.47
CA PRO B 68 -37.83 -4.06 46.34
C PRO B 68 -37.59 -4.80 45.03
N LEU B 69 -38.47 -4.53 44.08
CA LEU B 69 -38.35 -5.11 42.74
C LEU B 69 -37.33 -4.30 41.94
N VAL B 70 -36.14 -4.87 41.76
CA VAL B 70 -35.05 -4.18 41.08
C VAL B 70 -35.13 -4.52 39.59
N PRO B 71 -35.21 -3.54 38.70
CA PRO B 71 -35.18 -3.84 37.27
C PRO B 71 -33.85 -4.47 36.88
N PHE B 72 -33.91 -5.46 35.99
CA PHE B 72 -32.70 -6.17 35.59
C PHE B 72 -31.83 -5.31 34.68
N GLY B 73 -32.43 -4.64 33.70
CA GLY B 73 -31.65 -3.86 32.76
C GLY B 73 -30.72 -4.74 31.95
N HIS B 74 -29.48 -4.27 31.80
CA HIS B 74 -28.46 -5.01 31.08
C HIS B 74 -27.61 -5.91 31.97
N GLY B 75 -27.84 -5.89 33.27
CA GLY B 75 -27.08 -6.68 34.22
C GLY B 75 -27.10 -6.03 35.59
N VAL B 76 -27.01 -6.87 36.61
CA VAL B 76 -27.07 -6.41 38.00
C VAL B 76 -25.83 -6.91 38.73
N TYR B 77 -25.15 -6.00 39.43
CA TYR B 77 -24.01 -6.35 40.27
C TYR B 77 -24.49 -6.47 41.71
N PHE B 78 -24.28 -7.65 42.30
CA PHE B 78 -24.77 -7.96 43.64
C PHE B 78 -23.59 -8.32 44.54
N ALA B 79 -23.47 -7.63 45.66
CA ALA B 79 -22.44 -7.89 46.65
C ALA B 79 -23.06 -7.89 48.04
N VAL B 80 -22.69 -8.87 48.85
CA VAL B 80 -23.25 -9.06 50.18
C VAL B 80 -22.12 -9.05 51.21
N THR B 81 -22.34 -8.34 52.31
CA THR B 81 -21.45 -8.37 53.46
C THR B 81 -22.25 -8.84 54.67
N GLU B 82 -21.80 -9.92 55.28
CA GLU B 82 -22.57 -10.54 56.36
C GLU B 82 -21.63 -11.33 57.25
N LYS B 83 -22.13 -11.63 58.45
CA LYS B 83 -21.42 -12.48 59.41
C LYS B 83 -21.98 -13.89 59.47
N SER B 84 -23.14 -14.14 58.86
CA SER B 84 -23.74 -15.46 58.85
C SER B 84 -24.58 -15.61 57.59
N ASN B 85 -24.86 -16.85 57.23
CA ASN B 85 -25.61 -17.17 56.01
C ASN B 85 -27.08 -16.80 56.22
N VAL B 86 -27.49 -15.64 55.68
CA VAL B 86 -28.87 -15.18 55.80
C VAL B 86 -29.43 -14.91 54.42
N VAL B 87 -28.56 -14.60 53.45
CA VAL B 87 -28.96 -14.36 52.07
C VAL B 87 -28.47 -15.54 51.24
N ARG B 88 -29.42 -16.28 50.65
CA ARG B 88 -29.07 -17.51 49.96
C ARG B 88 -29.86 -17.74 48.67
N GLY B 89 -30.52 -16.71 48.13
CA GLY B 89 -31.30 -16.94 46.93
C GLY B 89 -31.75 -15.65 46.29
N TRP B 90 -32.27 -15.79 45.07
CA TRP B 90 -32.79 -14.68 44.30
C TRP B 90 -33.99 -15.16 43.48
N ILE B 91 -34.80 -14.21 43.03
CA ILE B 91 -35.98 -14.49 42.23
C ILE B 91 -35.85 -13.77 40.90
N PHE B 92 -36.01 -14.51 39.81
CA PHE B 92 -35.94 -13.95 38.47
C PHE B 92 -37.29 -14.12 37.78
N GLY B 93 -37.79 -13.05 37.18
CA GLY B 93 -39.07 -13.11 36.51
C GLY B 93 -39.39 -11.78 35.86
N SER B 94 -40.56 -11.74 35.22
CA SER B 94 -41.04 -10.54 34.53
C SER B 94 -42.26 -9.94 35.20
N THR B 95 -43.25 -10.76 35.57
CA THR B 95 -44.45 -10.28 36.22
C THR B 95 -44.67 -10.87 37.60
N MET B 96 -43.85 -11.84 38.02
CA MET B 96 -43.90 -12.42 39.37
C MET B 96 -45.28 -12.99 39.70
N ASP B 97 -45.91 -13.62 38.71
CA ASP B 97 -47.19 -14.28 38.89
C ASP B 97 -47.15 -15.63 38.19
N ASN B 98 -48.29 -16.32 38.16
CA ASN B 98 -48.38 -17.63 37.52
C ASN B 98 -48.69 -17.55 36.03
N THR B 99 -48.99 -16.36 35.51
CA THR B 99 -49.26 -16.22 34.08
C THR B 99 -48.01 -16.49 33.25
N THR B 100 -46.86 -16.00 33.70
CA THR B 100 -45.59 -16.17 33.01
C THR B 100 -44.63 -16.98 33.87
N GLN B 101 -43.70 -17.66 33.21
CA GLN B 101 -42.73 -18.48 33.91
C GLN B 101 -41.71 -17.62 34.65
N SER B 102 -41.13 -18.19 35.70
CA SER B 102 -40.14 -17.51 36.51
C SER B 102 -39.11 -18.52 36.99
N ALA B 103 -37.96 -18.01 37.42
CA ALA B 103 -36.85 -18.84 37.85
C ALA B 103 -36.53 -18.58 39.32
N VAL B 104 -36.25 -19.65 40.06
CA VAL B 104 -35.90 -19.57 41.47
C VAL B 104 -34.58 -20.31 41.67
N LEU B 105 -33.63 -19.65 42.32
CA LEU B 105 -32.31 -20.22 42.61
C LEU B 105 -32.06 -20.09 44.10
N VAL B 106 -31.95 -21.22 44.80
CA VAL B 106 -31.71 -21.25 46.23
C VAL B 106 -30.64 -22.29 46.53
N ASN B 107 -30.09 -22.23 47.74
CA ASN B 107 -29.04 -23.15 48.19
C ASN B 107 -29.59 -23.99 49.34
N ASN B 108 -29.79 -25.28 49.08
CA ASN B 108 -30.25 -26.21 50.11
C ASN B 108 -29.26 -27.32 50.40
N GLY B 109 -28.81 -28.03 49.36
CA GLY B 109 -28.05 -29.25 49.57
C GLY B 109 -26.78 -29.40 48.77
N THR B 110 -26.70 -30.47 47.96
CA THR B 110 -25.43 -30.92 47.40
C THR B 110 -24.76 -29.88 46.51
N HIS B 111 -25.34 -29.58 45.34
CA HIS B 111 -24.70 -28.60 44.46
C HIS B 111 -25.34 -27.22 44.58
N ILE B 112 -26.59 -27.10 44.09
CA ILE B 112 -27.38 -25.88 44.05
C ILE B 112 -28.81 -26.28 43.69
N VAL B 113 -29.79 -25.60 44.26
CA VAL B 113 -31.20 -25.82 43.91
C VAL B 113 -31.65 -24.69 43.00
N VAL B 114 -31.94 -25.01 41.75
CA VAL B 114 -32.43 -24.05 40.77
C VAL B 114 -33.68 -24.61 40.13
N ASN B 115 -34.71 -23.77 40.00
CA ASN B 115 -35.99 -24.20 39.45
C ASN B 115 -36.56 -23.10 38.56
N VAL B 116 -37.08 -23.51 37.41
CA VAL B 116 -37.83 -22.63 36.52
C VAL B 116 -39.24 -23.18 36.42
N CYS B 117 -40.22 -22.37 36.82
CA CYS B 117 -41.60 -22.85 36.93
C CYS B 117 -42.54 -21.66 36.97
N ASN B 118 -43.84 -21.96 36.99
CA ASN B 118 -44.89 -20.97 37.16
C ASN B 118 -45.25 -20.94 38.64
N PHE B 119 -44.77 -19.93 39.34
CA PHE B 119 -44.94 -19.82 40.78
C PHE B 119 -46.03 -18.82 41.12
N ASN B 120 -46.57 -18.95 42.33
CA ASN B 120 -47.48 -17.97 42.94
C ASN B 120 -46.80 -17.48 44.20
N PHE B 121 -45.94 -16.47 44.05
CA PHE B 121 -45.21 -15.94 45.19
C PHE B 121 -46.14 -15.20 46.13
N CYS B 122 -45.85 -15.29 47.43
CA CYS B 122 -46.60 -14.54 48.43
C CYS B 122 -46.07 -13.10 48.49
N ALA B 123 -46.65 -12.32 49.40
CA ALA B 123 -46.29 -10.90 49.48
C ALA B 123 -44.83 -10.71 49.87
N ASP B 124 -44.36 -11.48 50.85
CA ASP B 124 -42.98 -11.36 51.36
C ASP B 124 -42.33 -12.73 51.39
N PRO B 125 -41.76 -13.18 50.27
CA PRO B 125 -41.04 -14.46 50.28
C PRO B 125 -39.87 -14.43 51.24
N MET B 126 -39.66 -15.55 51.94
CA MET B 126 -38.60 -15.64 52.93
C MET B 126 -38.37 -17.11 53.27
N PHE B 127 -37.22 -17.38 53.88
CA PHE B 127 -36.94 -18.71 54.42
C PHE B 127 -37.41 -18.78 55.87
N ALA B 128 -37.04 -19.86 56.56
CA ALA B 128 -37.42 -20.03 57.96
C ALA B 128 -36.39 -20.93 58.63
N VAL B 129 -35.84 -20.44 59.75
CA VAL B 129 -34.92 -21.22 60.57
C VAL B 129 -35.37 -21.08 62.02
N SER B 130 -35.67 -22.20 62.66
CA SER B 130 -36.12 -22.22 64.04
C SER B 130 -35.26 -23.19 64.85
N ALA B 131 -34.90 -22.76 66.06
CA ALA B 131 -34.07 -23.56 66.97
C ALA B 131 -32.73 -23.95 66.34
N GLY B 132 -32.20 -23.08 65.48
CA GLY B 132 -30.92 -23.35 64.84
C GLY B 132 -30.95 -24.46 63.83
N GLN B 133 -32.12 -24.85 63.34
CA GLN B 133 -32.27 -25.92 62.37
C GLN B 133 -33.15 -25.47 61.22
N SER B 134 -33.18 -26.28 60.16
CA SER B 134 -33.95 -25.95 58.98
C SER B 134 -35.45 -25.97 59.27
N TYR B 135 -36.19 -25.18 58.51
CA TYR B 135 -37.64 -25.06 58.68
C TYR B 135 -38.24 -24.79 57.30
N LYS B 136 -39.47 -24.28 57.29
CA LYS B 136 -40.24 -24.12 56.06
C LYS B 136 -39.51 -23.24 55.05
N SER B 137 -40.03 -23.27 53.82
CA SER B 137 -39.39 -22.67 52.65
C SER B 137 -40.36 -21.70 51.97
N TRP B 138 -40.92 -20.79 52.76
CA TRP B 138 -42.06 -19.98 52.35
C TRP B 138 -41.65 -19.01 51.24
N ILE B 139 -41.50 -19.57 50.03
CA ILE B 139 -41.21 -18.80 48.83
C ILE B 139 -42.39 -18.78 47.87
N TYR B 140 -42.90 -19.96 47.51
CA TYR B 140 -44.04 -20.10 46.64
C TYR B 140 -45.00 -21.14 47.22
N THR B 141 -46.19 -21.23 46.61
CA THR B 141 -47.23 -22.13 47.10
C THR B 141 -47.79 -23.05 46.03
N SER B 142 -47.35 -22.93 44.77
CA SER B 142 -47.88 -23.77 43.70
C SER B 142 -46.86 -23.87 42.59
N SER B 143 -46.75 -25.08 42.01
CA SER B 143 -45.86 -25.34 40.89
C SER B 143 -46.68 -25.90 39.73
N THR B 144 -46.71 -25.19 38.62
CA THR B 144 -47.52 -25.56 37.47
C THR B 144 -46.67 -26.39 36.50
N ASN B 145 -47.15 -26.58 35.28
CA ASN B 145 -46.45 -27.32 34.23
C ASN B 145 -45.08 -26.71 33.92
N CYS B 146 -44.02 -27.44 34.26
CA CYS B 146 -42.67 -26.88 34.15
C CYS B 146 -41.69 -27.98 33.76
N THR B 147 -40.52 -27.57 33.27
CA THR B 147 -39.56 -28.48 32.68
C THR B 147 -38.24 -28.54 33.43
N TYR B 148 -37.58 -27.39 33.65
CA TYR B 148 -36.20 -27.39 34.11
C TYR B 148 -36.08 -27.75 35.59
N PHE B 149 -35.05 -28.54 35.91
CA PHE B 149 -34.73 -28.90 37.28
C PHE B 149 -33.26 -29.30 37.33
N GLN B 150 -32.58 -28.89 38.40
CA GLN B 150 -31.18 -29.24 38.58
C GLN B 150 -30.84 -29.17 40.07
N ALA B 151 -30.07 -30.13 40.55
CA ALA B 151 -29.67 -30.17 41.95
C ALA B 151 -28.18 -30.48 42.08
N PHE B 166 -18.95 -9.21 60.12
CA PHE B 166 -18.94 -8.90 58.70
C PHE B 166 -17.65 -9.41 58.05
N THR B 167 -17.19 -10.59 58.48
CA THR B 167 -15.97 -11.16 57.95
C THR B 167 -16.17 -11.84 56.60
N HIS B 168 -17.40 -11.98 56.13
CA HIS B 168 -17.70 -12.64 54.86
C HIS B 168 -18.19 -11.61 53.85
N LEU B 169 -17.60 -11.64 52.65
CA LEU B 169 -17.99 -10.74 51.57
C LEU B 169 -18.06 -11.54 50.29
N ARG B 170 -19.26 -11.64 49.72
CA ARG B 170 -19.49 -12.37 48.47
C ARG B 170 -20.04 -11.42 47.41
N GLU B 171 -19.49 -11.51 46.21
CA GLU B 171 -19.90 -10.68 45.09
C GLU B 171 -20.42 -11.56 43.96
N HIS B 172 -21.56 -11.18 43.39
CA HIS B 172 -22.18 -11.92 42.30
C HIS B 172 -22.59 -10.98 41.19
N VAL B 173 -22.32 -11.39 39.95
CA VAL B 173 -22.71 -10.64 38.76
C VAL B 173 -23.62 -11.53 37.92
N PHE B 174 -24.80 -11.01 37.58
CA PHE B 174 -25.79 -11.75 36.82
C PHE B 174 -25.97 -11.10 35.45
N ARG B 175 -25.84 -11.92 34.40
CA ARG B 175 -26.01 -11.46 33.03
C ARG B 175 -26.83 -12.49 32.27
N ASN B 176 -27.75 -12.01 31.43
CA ASN B 176 -28.63 -12.87 30.65
C ASN B 176 -28.57 -12.46 29.18
N VAL B 177 -27.93 -13.30 28.37
CA VAL B 177 -27.80 -13.04 26.94
C VAL B 177 -28.02 -14.35 26.18
N ASP B 178 -28.79 -14.28 25.10
CA ASP B 178 -29.07 -15.43 24.24
C ASP B 178 -29.65 -16.60 25.01
N GLY B 179 -30.49 -16.31 26.00
CA GLY B 179 -31.11 -17.35 26.78
C GLY B 179 -30.20 -18.05 27.77
N PHE B 180 -29.01 -17.50 28.02
CA PHE B 180 -28.06 -18.09 28.96
C PHE B 180 -27.89 -17.16 30.16
N LEU B 181 -28.00 -17.72 31.36
CA LEU B 181 -27.85 -16.98 32.60
C LEU B 181 -26.45 -17.24 33.15
N HIS B 182 -25.59 -16.23 33.09
CA HIS B 182 -24.23 -16.36 33.58
C HIS B 182 -24.14 -15.87 35.02
N VAL B 183 -23.41 -16.63 35.84
CA VAL B 183 -23.25 -16.33 37.26
C VAL B 183 -21.76 -16.25 37.56
N TYR B 184 -21.35 -15.19 38.25
CA TYR B 184 -19.96 -15.00 38.65
C TYR B 184 -19.89 -14.93 40.18
N HIS B 185 -18.79 -15.45 40.73
CA HIS B 185 -18.64 -15.55 42.17
C HIS B 185 -17.27 -15.04 42.59
N ASN B 186 -17.21 -14.45 43.78
CA ASN B 186 -15.96 -13.96 44.36
C ASN B 186 -16.12 -13.91 45.87
N TYR B 187 -15.03 -14.23 46.58
CA TYR B 187 -15.04 -14.24 48.04
C TYR B 187 -13.89 -13.39 48.55
N GLU B 188 -14.16 -12.59 49.58
CA GLU B 188 -13.16 -11.74 50.19
C GLU B 188 -13.45 -11.61 51.68
N VAL B 189 -12.40 -11.37 52.45
CA VAL B 189 -12.49 -11.22 53.90
C VAL B 189 -12.19 -9.77 54.25
N ILE B 190 -13.14 -9.12 54.93
CA ILE B 190 -13.00 -7.73 55.34
C ILE B 190 -13.55 -7.58 56.75
N ASN B 191 -13.14 -6.50 57.41
CA ASN B 191 -13.61 -6.15 58.76
C ASN B 191 -13.97 -4.66 58.75
N VAL B 192 -15.21 -4.36 58.36
CA VAL B 192 -15.70 -2.99 58.30
C VAL B 192 -17.08 -2.95 58.93
N GLN B 193 -17.29 -2.00 59.85
CA GLN B 193 -18.59 -1.89 60.51
C GLN B 193 -19.66 -1.36 59.56
N ASN B 194 -19.32 -0.37 58.75
CA ASN B 194 -20.28 0.22 57.82
C ASN B 194 -19.52 0.84 56.65
N GLY B 195 -20.08 0.70 55.46
CA GLY B 195 -19.48 1.26 54.26
C GLY B 195 -18.90 0.16 53.38
N LEU B 196 -19.10 0.30 52.07
CA LEU B 196 -18.58 -0.66 51.12
C LEU B 196 -17.07 -0.49 50.98
N PRO B 197 -16.27 -1.51 51.27
CA PRO B 197 -14.82 -1.35 51.17
C PRO B 197 -14.36 -1.13 49.74
N SER B 198 -13.30 -0.34 49.59
CA SER B 198 -12.73 -0.06 48.29
C SER B 198 -11.62 -1.05 47.97
N GLY B 199 -11.24 -1.10 46.70
CA GLY B 199 -10.18 -1.98 46.25
C GLY B 199 -10.45 -2.46 44.84
N PHE B 200 -9.78 -3.55 44.48
CA PHE B 200 -9.88 -4.15 43.16
C PHE B 200 -10.34 -5.59 43.31
N SER B 201 -11.36 -5.98 42.54
CA SER B 201 -11.92 -7.32 42.62
C SER B 201 -12.13 -7.87 41.21
N VAL B 202 -12.01 -9.19 41.09
CA VAL B 202 -12.25 -9.89 39.84
C VAL B 202 -13.11 -11.11 40.13
N LEU B 203 -14.06 -11.39 39.24
CA LEU B 203 -14.99 -12.49 39.41
C LEU B 203 -14.78 -13.54 38.32
N ARG B 204 -15.01 -14.80 38.70
CA ARG B 204 -14.84 -15.93 37.82
C ARG B 204 -16.18 -16.62 37.57
N PRO B 205 -16.51 -16.92 36.32
CA PRO B 205 -17.81 -17.57 36.04
C PRO B 205 -17.88 -18.96 36.65
N ILE B 206 -19.09 -19.32 37.11
CA ILE B 206 -19.35 -20.62 37.69
C ILE B 206 -20.47 -21.36 36.96
N PHE B 207 -21.56 -20.66 36.63
CA PHE B 207 -22.74 -21.27 36.06
C PHE B 207 -23.02 -20.70 34.67
N LYS B 208 -23.51 -21.56 33.78
CA LYS B 208 -23.95 -21.18 32.44
C LYS B 208 -25.29 -21.85 32.13
N LEU B 209 -26.23 -21.71 33.06
CA LEU B 209 -27.50 -22.42 32.98
C LEU B 209 -28.29 -21.97 31.75
N PRO B 210 -28.66 -22.90 30.86
CA PRO B 210 -29.48 -22.51 29.69
C PRO B 210 -30.96 -22.52 29.98
N LEU B 211 -31.61 -21.36 29.85
CA LEU B 211 -33.05 -21.27 30.05
C LEU B 211 -33.57 -20.04 29.32
N GLY B 212 -34.56 -20.25 28.46
CA GLY B 212 -35.12 -19.15 27.68
C GLY B 212 -36.26 -18.46 28.38
N LEU B 213 -35.97 -17.30 29.00
CA LEU B 213 -36.97 -16.54 29.73
C LEU B 213 -36.86 -15.07 29.34
N ASN B 214 -37.77 -14.26 29.88
CA ASN B 214 -37.78 -12.82 29.69
C ASN B 214 -37.62 -12.19 31.07
N ILE B 215 -36.36 -11.93 31.45
CA ILE B 215 -36.04 -11.40 32.77
C ILE B 215 -36.08 -9.89 32.70
N THR B 216 -36.90 -9.28 33.56
CA THR B 216 -37.01 -7.82 33.62
C THR B 216 -36.81 -7.33 35.05
N TYR B 217 -37.21 -8.14 36.03
CA TYR B 217 -37.10 -7.80 37.43
C TYR B 217 -36.37 -8.90 38.18
N ILE B 218 -35.66 -8.51 39.24
CA ILE B 218 -34.93 -9.43 40.10
C ILE B 218 -35.27 -9.12 41.54
N LYS B 219 -35.49 -10.17 42.33
CA LYS B 219 -35.81 -10.04 43.75
C LYS B 219 -34.84 -10.88 44.57
N ALA B 220 -34.90 -10.70 45.89
CA ALA B 220 -34.02 -11.41 46.81
C ALA B 220 -34.84 -12.02 47.93
N VAL B 221 -34.39 -13.18 48.41
CA VAL B 221 -35.03 -13.89 49.50
C VAL B 221 -34.00 -14.11 50.61
N MET B 222 -34.40 -13.84 51.84
CA MET B 222 -33.51 -13.92 52.99
C MET B 222 -34.23 -14.58 54.15
N THR B 223 -33.45 -15.18 55.05
CA THR B 223 -34.00 -15.96 56.14
C THR B 223 -34.42 -15.08 57.32
N LEU B 224 -35.33 -15.61 58.13
CA LEU B 224 -35.76 -14.98 59.37
C LEU B 224 -35.70 -16.01 60.49
N PHE B 225 -35.49 -15.53 61.72
CA PHE B 225 -35.32 -16.39 62.88
C PHE B 225 -36.45 -16.14 63.88
N SER B 226 -36.82 -17.21 64.59
CA SER B 226 -37.84 -17.14 65.63
C SER B 226 -37.34 -17.93 66.84
N SER B 227 -38.22 -18.13 67.82
CA SER B 227 -37.83 -18.86 69.04
C SER B 227 -38.17 -20.34 68.90
N THR B 228 -39.44 -20.67 68.75
CA THR B 228 -39.86 -22.05 68.54
C THR B 228 -40.57 -22.26 67.22
N THR B 229 -41.72 -21.59 67.00
CA THR B 229 -42.49 -21.77 65.78
C THR B 229 -43.01 -20.48 65.16
N SER B 230 -43.18 -19.40 65.93
CA SER B 230 -43.81 -18.19 65.42
C SER B 230 -43.05 -16.98 65.95
N ASN B 231 -43.60 -15.79 65.70
CA ASN B 231 -43.00 -14.52 66.09
C ASN B 231 -41.58 -14.38 65.52
N PHE B 232 -41.51 -14.40 64.20
CA PHE B 232 -40.23 -14.27 63.51
C PHE B 232 -39.74 -12.83 63.61
N ILE B 233 -38.47 -12.67 63.96
CA ILE B 233 -37.86 -11.35 64.09
C ILE B 233 -36.51 -11.37 63.38
N ALA B 234 -36.09 -10.21 62.88
CA ALA B 234 -34.81 -10.07 62.18
C ALA B 234 -33.71 -9.86 63.21
N ALA B 235 -33.33 -10.98 63.84
CA ALA B 235 -32.28 -10.93 64.86
C ALA B 235 -30.94 -10.56 64.26
N VAL B 236 -30.62 -11.10 63.08
CA VAL B 236 -29.34 -10.87 62.42
C VAL B 236 -29.57 -9.95 61.24
N ALA B 237 -28.74 -8.90 61.15
CA ALA B 237 -28.82 -7.93 60.07
C ALA B 237 -27.66 -8.13 59.10
N SER B 238 -27.94 -7.93 57.82
CA SER B 238 -26.94 -8.09 56.77
C SER B 238 -27.02 -6.91 55.81
N LEU B 239 -25.91 -6.66 55.11
CA LEU B 239 -25.79 -5.55 54.18
C LEU B 239 -25.52 -6.10 52.78
N HIS B 240 -26.35 -5.71 51.82
CA HIS B 240 -26.18 -6.11 50.44
C HIS B 240 -26.34 -4.89 49.53
N TYR B 241 -25.62 -4.89 48.42
CA TYR B 241 -25.56 -3.76 47.52
C TYR B 241 -25.94 -4.19 46.10
N VAL B 242 -26.54 -3.26 45.36
CA VAL B 242 -26.99 -3.52 43.99
C VAL B 242 -26.37 -2.49 43.06
N GLY B 243 -25.92 -2.94 41.90
CA GLY B 243 -25.32 -2.06 40.92
C GLY B 243 -25.84 -2.35 39.54
N TYR B 244 -25.92 -1.29 38.73
CA TYR B 244 -26.44 -1.39 37.37
C TYR B 244 -25.29 -1.34 36.38
N LEU B 245 -25.23 -2.34 35.49
CA LEU B 245 -24.22 -2.37 34.45
C LEU B 245 -24.56 -1.38 33.34
N GLN B 246 -23.54 -0.74 32.80
CA GLN B 246 -23.69 0.25 31.74
C GLN B 246 -22.71 -0.03 30.62
N PRO B 247 -23.05 0.36 29.38
CA PRO B 247 -22.11 0.16 28.27
C PRO B 247 -20.90 1.09 28.36
N ARG B 248 -19.74 0.52 28.67
CA ARG B 248 -18.51 1.28 28.85
C ARG B 248 -17.37 0.59 28.13
N THR B 249 -16.33 1.37 27.83
CA THR B 249 -15.14 0.87 27.16
C THR B 249 -13.98 0.88 28.16
N MET B 250 -13.31 -0.27 28.30
CA MET B 250 -12.25 -0.42 29.28
C MET B 250 -11.07 -1.13 28.66
N LEU B 251 -9.89 -0.91 29.26
CA LEU B 251 -8.66 -1.56 28.87
C LEU B 251 -8.21 -2.50 29.99
N PHE B 252 -7.77 -3.70 29.62
CA PHE B 252 -7.45 -4.74 30.58
C PHE B 252 -5.99 -5.16 30.45
N HIS B 253 -5.44 -5.64 31.56
CA HIS B 253 -4.07 -6.15 31.63
C HIS B 253 -4.10 -7.57 32.16
N PHE B 254 -3.34 -8.45 31.52
CA PHE B 254 -3.27 -9.86 31.89
C PHE B 254 -1.85 -10.21 32.30
N ASP B 255 -1.71 -10.91 33.42
CA ASP B 255 -0.41 -11.34 33.90
C ASP B 255 0.00 -12.62 33.17
N GLN B 256 1.13 -13.21 33.58
CA GLN B 256 1.57 -14.46 32.98
C GLN B 256 0.56 -15.58 33.23
N ASN B 257 0.04 -15.65 34.47
CA ASN B 257 -1.00 -16.62 34.78
C ASN B 257 -2.31 -16.32 34.05
N GLY B 258 -2.51 -15.06 33.64
CA GLY B 258 -3.76 -14.65 33.02
C GLY B 258 -4.72 -13.92 33.92
N THR B 259 -4.39 -13.77 35.20
CA THR B 259 -5.27 -13.05 36.12
C THR B 259 -5.23 -11.56 35.86
N ILE B 260 -6.39 -10.92 35.93
CA ILE B 260 -6.50 -9.49 35.71
C ILE B 260 -5.99 -8.77 36.97
N VAL B 261 -5.06 -7.83 36.77
CA VAL B 261 -4.46 -7.11 37.88
C VAL B 261 -4.82 -5.62 37.88
N ASP B 262 -5.14 -5.04 36.74
CA ASP B 262 -5.47 -3.62 36.67
C ASP B 262 -6.30 -3.36 35.42
N ALA B 263 -7.08 -2.29 35.48
CA ALA B 263 -7.90 -1.88 34.34
C ALA B 263 -8.21 -0.41 34.46
N ILE B 264 -8.56 0.20 33.32
CA ILE B 264 -8.91 1.62 33.25
C ILE B 264 -10.22 1.75 32.51
N ASP B 265 -11.17 2.46 33.12
CA ASP B 265 -12.41 2.83 32.44
C ASP B 265 -12.16 4.09 31.63
N CYS B 266 -12.26 3.98 30.30
CA CYS B 266 -11.84 5.08 29.43
C CYS B 266 -12.93 6.13 29.30
N SER B 267 -13.52 6.54 30.43
CA SER B 267 -14.46 7.66 30.42
C SER B 267 -14.40 8.53 31.65
N GLN B 268 -13.49 8.28 32.59
CA GLN B 268 -13.57 8.93 33.90
C GLN B 268 -12.94 10.32 33.88
N ASN B 269 -11.65 10.39 33.57
CA ASN B 269 -10.89 11.63 33.61
C ASN B 269 -10.10 11.79 32.31
N PRO B 270 -9.65 13.00 31.99
CA PRO B 270 -8.94 13.20 30.71
C PRO B 270 -7.70 12.34 30.57
N LEU B 271 -7.07 11.94 31.67
CA LEU B 271 -5.92 11.05 31.58
C LEU B 271 -6.32 9.66 31.11
N SER B 272 -7.56 9.25 31.40
CA SER B 272 -7.99 7.88 31.12
C SER B 272 -7.99 7.60 29.62
N GLU B 273 -8.60 8.49 28.83
CA GLU B 273 -8.68 8.22 27.39
C GLU B 273 -7.32 8.34 26.73
N LEU B 274 -6.44 9.22 27.22
CA LEU B 274 -5.09 9.28 26.70
C LEU B 274 -4.33 8.00 26.99
N LYS B 275 -4.49 7.46 28.20
CA LYS B 275 -3.83 6.19 28.53
C LYS B 275 -4.40 5.05 27.69
N CYS B 276 -5.71 5.06 27.44
CA CYS B 276 -6.32 4.00 26.64
C CYS B 276 -5.88 4.08 25.19
N THR B 277 -5.75 5.28 24.64
CA THR B 277 -5.34 5.44 23.24
C THR B 277 -3.93 4.90 23.02
N THR B 278 -3.01 5.21 23.94
CA THR B 278 -1.64 4.73 23.82
C THR B 278 -1.54 3.21 24.05
N LYS B 279 -2.52 2.62 24.73
CA LYS B 279 -2.52 1.20 25.08
C LYS B 279 -1.29 0.87 25.94
N SER B 280 -1.22 1.52 27.09
CA SER B 280 -0.12 1.32 28.03
C SER B 280 -0.65 1.63 29.42
N PHE B 281 0.22 1.48 30.42
CA PHE B 281 -0.11 1.78 31.81
C PHE B 281 0.78 2.84 32.42
N SER B 282 1.81 3.30 31.71
CA SER B 282 2.67 4.38 32.16
C SER B 282 2.86 5.37 31.02
N LEU B 283 3.08 6.63 31.37
CA LEU B 283 3.19 7.70 30.39
C LEU B 283 4.47 8.49 30.64
N GLU B 284 4.97 9.10 29.56
CA GLU B 284 6.16 9.93 29.61
C GLU B 284 5.77 11.41 29.58
N LYS B 285 6.72 12.26 29.96
CA LYS B 285 6.48 13.70 29.97
C LYS B 285 6.34 14.22 28.55
N GLY B 286 5.30 14.99 28.31
CA GLY B 286 5.07 15.55 26.99
C GLY B 286 3.60 15.90 26.81
N ILE B 287 3.27 16.21 25.56
CA ILE B 287 1.91 16.58 25.17
C ILE B 287 1.46 15.62 24.07
N TYR B 288 0.23 15.09 24.22
CA TYR B 288 -0.29 14.09 23.30
C TYR B 288 -1.67 14.51 22.82
N GLN B 289 -2.08 13.92 21.70
CA GLN B 289 -3.40 14.13 21.13
C GLN B 289 -4.33 13.00 21.56
N THR B 290 -5.58 13.35 21.86
CA THR B 290 -6.57 12.41 22.37
C THR B 290 -7.74 12.30 21.40
N SER B 291 -8.57 11.28 21.63
CA SER B 291 -9.77 11.02 20.86
C SER B 291 -11.00 11.34 21.71
N ASN B 292 -12.17 11.05 21.15
CA ASN B 292 -13.44 11.35 21.81
C ASN B 292 -13.88 10.13 22.62
N PHE B 293 -13.90 10.27 23.94
CA PHE B 293 -14.37 9.23 24.84
C PHE B 293 -15.19 9.80 25.99
N ARG B 294 -15.90 10.90 25.75
CA ARG B 294 -16.56 11.63 26.82
C ARG B 294 -18.07 11.78 26.65
N VAL B 295 -18.57 11.90 25.42
CA VAL B 295 -19.98 12.17 25.17
C VAL B 295 -20.57 11.03 24.36
N THR B 296 -21.70 10.51 24.82
CA THR B 296 -22.43 9.46 24.13
C THR B 296 -23.90 9.84 24.06
N PRO B 297 -24.52 9.82 22.88
CA PRO B 297 -25.94 10.16 22.79
C PRO B 297 -26.82 9.15 23.51
N THR B 298 -27.94 9.64 24.03
CA THR B 298 -28.88 8.80 24.76
C THR B 298 -30.31 8.99 24.26
N THR B 299 -30.59 10.15 23.70
CA THR B 299 -31.93 10.49 23.23
C THR B 299 -32.07 10.15 21.75
N GLU B 300 -33.29 9.81 21.35
CA GLU B 300 -33.59 9.48 19.97
C GLU B 300 -34.66 10.42 19.43
N VAL B 301 -34.54 10.76 18.14
CA VAL B 301 -35.48 11.64 17.45
C VAL B 301 -35.92 10.90 16.19
N ILE B 302 -37.15 10.37 16.21
CA ILE B 302 -37.72 9.67 15.08
C ILE B 302 -38.79 10.56 14.45
N ARG B 303 -38.74 10.71 13.13
CA ARG B 303 -39.68 11.56 12.42
C ARG B 303 -40.12 10.85 11.14
N PHE B 304 -41.43 10.70 10.98
CA PHE B 304 -42.05 10.15 9.78
C PHE B 304 -43.21 11.05 9.36
N PRO B 305 -43.49 11.15 8.06
CA PRO B 305 -44.69 11.88 7.64
C PRO B 305 -45.94 11.20 8.15
N ASN B 306 -46.88 11.98 8.65
CA ASN B 306 -48.03 11.42 9.35
C ASN B 306 -49.15 11.14 8.35
N VAL B 307 -49.36 9.85 8.07
CA VAL B 307 -50.45 9.35 7.25
C VAL B 307 -50.88 8.02 7.85
N THR B 308 -52.14 7.64 7.63
CA THR B 308 -52.68 6.43 8.24
C THR B 308 -53.64 5.78 7.26
N GLN B 309 -53.14 4.80 6.49
CA GLN B 309 -53.96 3.96 5.64
C GLN B 309 -53.17 2.76 5.14
N LEU B 310 -53.73 1.56 5.30
CA LEU B 310 -53.06 0.35 4.86
C LEU B 310 -53.15 0.20 3.34
N CYS B 311 -52.20 -0.55 2.78
CA CYS B 311 -52.23 -0.86 1.37
C CYS B 311 -53.40 -1.81 1.06
N PRO B 312 -53.89 -1.79 -0.18
CA PRO B 312 -54.91 -2.76 -0.57
C PRO B 312 -54.33 -4.17 -0.72
N PHE B 313 -53.97 -4.79 0.40
CA PHE B 313 -53.43 -6.14 0.36
C PHE B 313 -54.45 -7.13 -0.17
N SER B 314 -55.73 -6.94 0.19
CA SER B 314 -56.78 -7.83 -0.30
C SER B 314 -56.94 -7.73 -1.81
N ASP B 315 -56.82 -6.52 -2.37
CA ASP B 315 -57.01 -6.33 -3.80
C ASP B 315 -55.92 -7.00 -4.62
N VAL B 316 -54.76 -7.29 -4.04
CA VAL B 316 -53.67 -7.91 -4.77
C VAL B 316 -53.44 -9.36 -4.35
N PHE B 317 -53.72 -9.72 -3.10
CA PHE B 317 -53.55 -11.08 -2.64
C PHE B 317 -54.85 -11.89 -2.61
N ASN B 318 -55.99 -11.24 -2.82
CA ASN B 318 -57.27 -11.91 -2.97
C ASN B 318 -58.03 -11.35 -4.16
N ARG B 319 -57.34 -11.27 -5.30
CA ARG B 319 -57.97 -10.93 -6.57
C ARG B 319 -58.45 -12.23 -7.22
N THR B 320 -59.73 -12.26 -7.60
CA THR B 320 -60.34 -13.49 -8.08
C THR B 320 -59.86 -13.90 -9.47
N LYS B 321 -59.11 -13.07 -10.16
CA LYS B 321 -58.68 -13.36 -11.52
C LYS B 321 -57.25 -12.87 -11.73
N PHE B 322 -56.34 -13.79 -12.03
CA PHE B 322 -54.98 -13.48 -12.46
C PHE B 322 -54.81 -13.88 -13.92
N PRO B 323 -54.16 -13.06 -14.73
CA PRO B 323 -53.94 -13.41 -16.14
C PRO B 323 -52.77 -14.38 -16.28
N SER B 324 -52.45 -14.72 -17.52
CA SER B 324 -51.32 -15.58 -17.81
C SER B 324 -50.02 -14.80 -17.73
N VAL B 325 -48.90 -15.54 -17.79
CA VAL B 325 -47.60 -14.91 -17.66
C VAL B 325 -47.31 -14.03 -18.87
N TYR B 326 -47.77 -14.43 -20.05
CA TYR B 326 -47.54 -13.64 -21.26
C TYR B 326 -48.38 -12.37 -21.29
N ALA B 327 -49.34 -12.22 -20.39
CA ALA B 327 -50.20 -11.04 -20.32
C ALA B 327 -50.25 -10.51 -18.89
N TRP B 328 -49.07 -10.42 -18.27
CA TRP B 328 -48.98 -9.90 -16.91
C TRP B 328 -49.35 -8.42 -16.86
N GLU B 329 -49.93 -8.01 -15.74
CA GLU B 329 -50.41 -6.65 -15.55
C GLU B 329 -49.67 -5.99 -14.40
N ARG B 330 -49.55 -4.67 -14.48
CA ARG B 330 -48.82 -3.88 -13.50
C ARG B 330 -49.79 -3.02 -12.69
N MET B 331 -49.52 -2.90 -11.39
CA MET B 331 -50.35 -2.11 -10.48
C MET B 331 -49.47 -1.15 -9.71
N SER B 332 -49.96 0.06 -9.50
CA SER B 332 -49.24 1.10 -8.78
C SER B 332 -49.77 1.24 -7.37
N ILE B 333 -48.85 1.40 -6.41
CA ILE B 333 -49.19 1.51 -4.99
C ILE B 333 -48.59 2.80 -4.45
N ARG B 334 -49.40 3.58 -3.74
CA ARG B 334 -48.94 4.84 -3.17
C ARG B 334 -49.82 5.20 -1.99
N ASP B 335 -49.30 6.07 -1.13
CA ASP B 335 -50.02 6.60 0.03
C ASP B 335 -50.49 5.46 0.95
N CYS B 336 -49.52 4.75 1.50
CA CYS B 336 -49.76 3.60 2.36
C CYS B 336 -49.09 3.77 3.72
N VAL B 337 -49.40 2.84 4.61
CA VAL B 337 -48.60 2.56 5.80
C VAL B 337 -48.35 1.05 5.76
N ALA B 338 -47.25 0.64 5.12
CA ALA B 338 -47.02 -0.77 4.85
C ALA B 338 -46.89 -1.57 6.15
N ASP B 339 -47.53 -2.74 6.18
CA ASP B 339 -47.53 -3.58 7.37
C ASP B 339 -47.68 -5.03 6.90
N TYR B 340 -46.55 -5.74 6.83
CA TYR B 340 -46.58 -7.14 6.39
C TYR B 340 -47.15 -8.06 7.45
N ALA B 341 -47.27 -7.60 8.70
CA ALA B 341 -47.76 -8.46 9.77
C ALA B 341 -49.24 -8.80 9.63
N VAL B 342 -50.00 -7.99 8.88
CA VAL B 342 -51.41 -8.27 8.70
C VAL B 342 -51.63 -9.51 7.85
N LEU B 343 -50.65 -9.89 7.03
CA LEU B 343 -50.78 -11.07 6.18
C LEU B 343 -50.82 -12.37 6.99
N TYR B 344 -50.35 -12.35 8.23
CA TYR B 344 -50.39 -13.55 9.06
C TYR B 344 -51.83 -13.95 9.37
N ASN B 345 -52.69 -12.97 9.62
CA ASN B 345 -54.08 -13.26 9.97
C ASN B 345 -54.81 -13.93 8.80
N SER B 346 -54.41 -13.66 7.58
CA SER B 346 -55.06 -14.26 6.41
C SER B 346 -54.73 -15.75 6.31
N SER B 347 -55.41 -16.41 5.39
CA SER B 347 -55.25 -17.86 5.18
C SER B 347 -54.36 -18.16 3.98
N ILE B 348 -53.33 -17.35 3.76
CA ILE B 348 -52.41 -17.54 2.64
C ILE B 348 -51.09 -18.06 3.19
N SER B 349 -50.57 -19.11 2.56
CA SER B 349 -49.31 -19.73 2.95
C SER B 349 -48.33 -19.65 1.79
N PHE B 350 -47.36 -18.76 1.89
CA PHE B 350 -46.38 -18.58 0.82
C PHE B 350 -45.39 -19.74 0.82
N SER B 351 -45.17 -20.32 -0.36
CA SER B 351 -44.19 -21.38 -0.54
C SER B 351 -42.85 -20.87 -1.03
N THR B 352 -42.72 -19.57 -1.26
CA THR B 352 -41.46 -18.99 -1.73
C THR B 352 -41.45 -17.51 -1.35
N PHE B 353 -40.42 -17.08 -0.63
CA PHE B 353 -40.31 -15.69 -0.20
C PHE B 353 -38.82 -15.33 -0.17
N GLU B 354 -38.36 -14.66 -1.22
CA GLU B 354 -36.98 -14.21 -1.33
C GLU B 354 -36.95 -12.72 -1.59
N CYS B 355 -35.93 -12.05 -1.05
CA CYS B 355 -35.76 -10.62 -1.18
C CYS B 355 -34.35 -10.32 -1.67
N TYR B 356 -34.24 -9.33 -2.56
CA TYR B 356 -32.97 -8.92 -3.13
C TYR B 356 -32.72 -7.45 -2.82
N GLY B 357 -31.48 -7.15 -2.43
CA GLY B 357 -31.09 -5.78 -2.12
C GLY B 357 -31.35 -5.33 -0.70
N VAL B 358 -32.58 -5.53 -0.22
CA VAL B 358 -32.97 -5.13 1.13
C VAL B 358 -33.17 -6.39 1.96
N SER B 359 -32.81 -6.31 3.25
CA SER B 359 -32.95 -7.45 4.14
C SER B 359 -34.40 -7.59 4.61
N PRO B 360 -34.93 -8.80 4.64
CA PRO B 360 -36.31 -8.99 5.12
C PRO B 360 -36.51 -8.56 6.57
N THR B 361 -35.47 -8.61 7.39
CA THR B 361 -35.62 -8.28 8.81
C THR B 361 -35.99 -6.82 9.01
N LYS B 362 -35.39 -5.92 8.22
CA LYS B 362 -35.59 -4.48 8.38
C LYS B 362 -36.54 -3.90 7.35
N LEU B 363 -37.57 -4.65 6.98
CA LEU B 363 -38.54 -4.17 6.00
C LEU B 363 -39.56 -3.19 6.59
N ASN B 364 -39.67 -3.12 7.91
CA ASN B 364 -40.65 -2.27 8.57
C ASN B 364 -40.06 -0.95 9.06
N ASP B 365 -38.81 -0.65 8.72
CA ASP B 365 -38.15 0.56 9.17
C ASP B 365 -37.62 1.38 8.00
N LEU B 366 -38.28 1.30 6.86
CA LEU B 366 -37.86 2.00 5.65
C LEU B 366 -39.01 2.83 5.10
N CYS B 367 -38.71 3.60 4.06
CA CYS B 367 -39.69 4.42 3.36
C CYS B 367 -39.50 4.21 1.87
N PHE B 368 -40.46 3.56 1.23
CA PHE B 368 -40.37 3.26 -0.19
C PHE B 368 -40.83 4.46 -1.01
N SER B 369 -40.23 4.63 -2.19
CA SER B 369 -40.49 5.78 -3.04
C SER B 369 -41.36 5.46 -4.24
N SER B 370 -41.22 4.29 -4.86
CA SER B 370 -42.00 3.95 -6.05
C SER B 370 -42.25 2.44 -6.02
N VAL B 371 -43.45 2.06 -5.57
CA VAL B 371 -43.81 0.65 -5.40
C VAL B 371 -44.69 0.23 -6.57
N TYR B 372 -44.32 -0.87 -7.22
CA TYR B 372 -45.11 -1.46 -8.29
C TYR B 372 -45.24 -2.96 -8.06
N ALA B 373 -46.35 -3.52 -8.53
CA ALA B 373 -46.64 -4.93 -8.32
C ALA B 373 -47.07 -5.58 -9.64
N ASP B 374 -46.54 -6.77 -9.90
CA ASP B 374 -46.90 -7.55 -11.07
C ASP B 374 -47.40 -8.92 -10.63
N TYR B 375 -48.48 -9.38 -11.24
CA TYR B 375 -49.08 -10.66 -10.90
C TYR B 375 -49.44 -11.44 -12.15
N PHE B 376 -49.25 -12.76 -12.09
CA PHE B 376 -49.57 -13.65 -13.19
C PHE B 376 -49.63 -15.07 -12.65
N VAL B 377 -49.78 -16.05 -13.54
CA VAL B 377 -49.89 -17.46 -13.17
C VAL B 377 -48.87 -18.24 -13.99
N VAL B 378 -48.08 -19.08 -13.31
CA VAL B 378 -47.10 -19.94 -13.94
C VAL B 378 -47.24 -21.35 -13.38
N ARG B 379 -46.47 -22.27 -13.95
CA ARG B 379 -46.48 -23.66 -13.51
C ARG B 379 -45.73 -23.79 -12.19
N GLY B 380 -45.92 -24.95 -11.54
CA GLY B 380 -45.25 -25.19 -10.26
C GLY B 380 -43.75 -25.30 -10.37
N ASP B 381 -43.24 -25.85 -11.47
CA ASP B 381 -41.82 -26.03 -11.67
C ASP B 381 -41.15 -24.79 -12.24
N ASP B 382 -41.91 -23.75 -12.58
CA ASP B 382 -41.36 -22.54 -13.17
C ASP B 382 -41.25 -21.39 -12.17
N VAL B 383 -41.47 -21.66 -10.88
CA VAL B 383 -41.34 -20.61 -9.87
C VAL B 383 -39.90 -20.15 -9.75
N LYS B 384 -38.95 -21.08 -9.90
CA LYS B 384 -37.54 -20.75 -9.76
C LYS B 384 -37.04 -19.82 -10.86
N GLN B 385 -37.74 -19.75 -11.99
CA GLN B 385 -37.30 -18.94 -13.12
C GLN B 385 -37.74 -17.49 -13.02
N ILE B 386 -38.19 -17.04 -11.85
CA ILE B 386 -38.64 -15.67 -11.67
C ILE B 386 -37.59 -14.95 -10.83
N ALA B 387 -36.34 -15.42 -10.91
CA ALA B 387 -35.22 -14.79 -10.24
C ALA B 387 -34.27 -14.19 -11.26
N PRO B 388 -33.61 -13.07 -10.93
CA PRO B 388 -32.71 -12.44 -11.90
C PRO B 388 -31.52 -13.33 -12.24
N GLY B 389 -31.07 -13.20 -13.50
CA GLY B 389 -29.89 -13.94 -13.93
C GLY B 389 -30.11 -15.42 -14.17
N LYS B 390 -31.33 -15.85 -14.41
CA LYS B 390 -31.64 -17.24 -14.67
C LYS B 390 -32.17 -17.41 -16.08
N THR B 391 -32.27 -18.67 -16.51
CA THR B 391 -32.68 -19.01 -17.86
C THR B 391 -33.92 -19.90 -17.83
N GLY B 392 -34.64 -19.90 -18.94
CA GLY B 392 -35.87 -20.66 -19.06
C GLY B 392 -36.79 -20.02 -20.07
N VAL B 393 -37.83 -20.76 -20.44
CA VAL B 393 -38.76 -20.26 -21.46
C VAL B 393 -39.52 -19.06 -20.94
N ILE B 394 -39.89 -19.04 -19.66
CA ILE B 394 -40.52 -17.87 -19.08
C ILE B 394 -39.54 -16.70 -19.03
N ALA B 395 -38.30 -16.97 -18.60
CA ALA B 395 -37.30 -15.91 -18.52
C ALA B 395 -36.87 -15.40 -19.89
N ASP B 396 -37.12 -16.16 -20.95
CA ASP B 396 -36.70 -15.78 -22.30
C ASP B 396 -37.81 -15.10 -23.09
N TYR B 397 -39.03 -15.65 -23.06
CA TYR B 397 -40.11 -15.16 -23.90
C TYR B 397 -41.30 -14.62 -23.14
N ASN B 398 -41.36 -14.79 -21.81
CA ASN B 398 -42.55 -14.40 -21.05
C ASN B 398 -42.26 -13.26 -20.08
N TYR B 399 -41.28 -13.40 -19.19
CA TYR B 399 -41.07 -12.42 -18.13
C TYR B 399 -39.62 -12.50 -17.67
N LYS B 400 -38.90 -11.38 -17.77
CA LYS B 400 -37.50 -11.31 -17.36
C LYS B 400 -37.31 -10.15 -16.40
N LEU B 401 -36.43 -10.35 -15.39
CA LEU B 401 -36.10 -9.34 -14.40
C LEU B 401 -34.74 -8.72 -14.69
N PRO B 402 -34.56 -7.43 -14.38
CA PRO B 402 -33.25 -6.80 -14.55
C PRO B 402 -32.22 -7.38 -13.60
N ASP B 403 -30.95 -7.29 -14.00
CA ASP B 403 -29.86 -7.80 -13.18
C ASP B 403 -29.71 -7.04 -11.87
N ASP B 404 -30.16 -5.79 -11.81
CA ASP B 404 -30.10 -4.97 -10.59
C ASP B 404 -31.45 -4.88 -9.91
N PHE B 405 -32.21 -5.97 -9.92
CA PHE B 405 -33.53 -5.97 -9.31
C PHE B 405 -33.45 -5.76 -7.81
N VAL B 406 -34.31 -4.89 -7.28
CA VAL B 406 -34.40 -4.64 -5.84
C VAL B 406 -35.86 -4.82 -5.44
N GLY B 407 -36.10 -5.78 -4.56
CA GLY B 407 -37.47 -6.06 -4.12
C GLY B 407 -37.56 -7.46 -3.53
N CYS B 408 -38.79 -7.95 -3.48
CA CYS B 408 -39.08 -9.27 -2.93
C CYS B 408 -40.02 -10.01 -3.87
N VAL B 409 -39.95 -11.34 -3.82
CA VAL B 409 -40.76 -12.21 -4.66
C VAL B 409 -41.60 -13.11 -3.76
N LEU B 410 -42.90 -13.18 -4.04
CA LEU B 410 -43.83 -13.98 -3.27
C LEU B 410 -44.61 -14.90 -4.20
N ALA B 411 -44.90 -16.11 -3.73
CA ALA B 411 -45.65 -17.08 -4.53
C ALA B 411 -46.39 -18.03 -3.60
N TRP B 412 -47.53 -18.52 -4.07
CA TRP B 412 -48.34 -19.45 -3.31
C TRP B 412 -49.15 -20.32 -4.27
N ASN B 413 -49.61 -21.46 -3.75
CA ASN B 413 -50.39 -22.39 -4.56
C ASN B 413 -51.86 -21.99 -4.57
N SER B 414 -52.51 -22.19 -5.72
CA SER B 414 -53.92 -21.88 -5.91
C SER B 414 -54.63 -23.00 -6.66
N ARG B 415 -54.41 -24.23 -6.21
CA ARG B 415 -55.02 -25.39 -6.85
C ARG B 415 -56.54 -25.40 -6.69
N HIS B 416 -57.09 -24.66 -5.73
CA HIS B 416 -58.52 -24.67 -5.46
C HIS B 416 -59.27 -23.51 -6.11
N VAL B 417 -58.59 -22.58 -6.76
CA VAL B 417 -59.26 -21.49 -7.46
C VAL B 417 -58.89 -21.50 -8.93
N ASP B 418 -57.69 -21.98 -9.25
CA ASP B 418 -57.15 -21.91 -10.59
C ASP B 418 -57.10 -23.28 -11.27
N SER B 419 -58.05 -24.15 -10.97
CA SER B 419 -58.15 -25.45 -11.63
C SER B 419 -59.13 -25.37 -12.80
N LYS B 420 -58.77 -24.56 -13.79
CA LYS B 420 -59.60 -24.32 -14.95
C LYS B 420 -58.73 -24.37 -16.19
N GLN B 421 -59.30 -23.94 -17.32
CA GLN B 421 -58.59 -23.93 -18.60
C GLN B 421 -58.66 -22.54 -19.20
N GLY B 422 -57.62 -22.18 -19.94
CA GLY B 422 -57.57 -20.88 -20.59
C GLY B 422 -56.25 -20.16 -20.41
N PHE B 423 -55.32 -20.78 -19.69
CA PHE B 423 -54.02 -20.20 -19.44
C PHE B 423 -53.03 -20.65 -20.51
N TYR B 424 -52.17 -19.73 -20.94
CA TYR B 424 -51.23 -20.00 -22.01
C TYR B 424 -49.88 -19.35 -21.71
N TYR B 425 -48.85 -19.85 -22.38
CA TYR B 425 -47.51 -19.26 -22.34
C TYR B 425 -46.92 -19.26 -23.74
N ARG B 426 -46.01 -18.32 -23.98
CA ARG B 426 -45.38 -18.20 -25.28
C ARG B 426 -44.25 -19.22 -25.39
N LEU B 427 -44.30 -20.06 -26.41
CA LEU B 427 -43.32 -21.11 -26.61
C LEU B 427 -42.30 -20.79 -27.69
N PHE B 428 -42.70 -20.12 -28.77
CA PHE B 428 -41.84 -19.86 -29.91
C PHE B 428 -41.69 -18.35 -30.10
N ARG B 429 -40.43 -17.91 -30.24
CA ARG B 429 -40.12 -16.51 -30.49
C ARG B 429 -38.68 -16.44 -30.99
N HIS B 430 -38.45 -15.55 -31.97
CA HIS B 430 -37.12 -15.47 -32.57
C HIS B 430 -36.10 -14.90 -31.59
N GLY B 431 -36.34 -13.68 -31.10
CA GLY B 431 -35.42 -13.05 -30.19
C GLY B 431 -35.79 -13.27 -28.73
N LYS B 432 -34.96 -12.70 -27.85
CA LYS B 432 -35.19 -12.75 -26.41
C LYS B 432 -35.72 -11.40 -25.94
N ILE B 433 -36.75 -11.44 -25.11
CA ILE B 433 -37.40 -10.21 -24.65
C ILE B 433 -36.49 -9.48 -23.67
N LYS B 434 -36.64 -8.16 -23.62
CA LYS B 434 -35.94 -7.34 -22.66
C LYS B 434 -36.62 -7.43 -21.30
N PRO B 435 -35.91 -7.09 -20.21
CA PRO B 435 -36.55 -7.09 -18.90
C PRO B 435 -37.72 -6.11 -18.85
N TYR B 436 -38.78 -6.52 -18.16
CA TYR B 436 -40.02 -5.74 -18.03
C TYR B 436 -40.60 -5.41 -19.40
N GLN B 437 -40.91 -6.47 -20.15
CA GLN B 437 -41.47 -6.35 -21.49
C GLN B 437 -42.69 -7.25 -21.63
N ARG B 438 -43.70 -6.76 -22.34
CA ARG B 438 -44.93 -7.51 -22.58
C ARG B 438 -45.05 -7.77 -24.07
N ASP B 439 -45.39 -9.01 -24.43
CA ASP B 439 -45.39 -9.47 -25.81
C ASP B 439 -46.70 -10.18 -26.15
N MET B 440 -47.82 -9.54 -25.83
CA MET B 440 -49.12 -10.11 -26.12
C MET B 440 -49.38 -10.13 -27.62
N SER B 441 -49.08 -11.26 -28.26
CA SER B 441 -49.22 -11.40 -29.70
C SER B 441 -49.80 -12.77 -30.03
N ARG B 442 -50.34 -12.88 -31.25
CA ARG B 442 -51.00 -14.10 -31.69
C ARG B 442 -50.60 -14.52 -33.10
N GLU B 443 -49.74 -13.77 -33.78
CA GLU B 443 -49.38 -14.09 -35.16
C GLU B 443 -48.63 -15.41 -35.24
N LEU B 444 -48.72 -16.04 -36.41
CA LEU B 444 -48.12 -17.35 -36.61
C LEU B 444 -46.60 -17.26 -36.61
N TYR B 445 -45.96 -18.39 -36.31
CA TYR B 445 -44.51 -18.48 -36.21
C TYR B 445 -43.99 -19.48 -37.24
N SER B 446 -42.88 -19.13 -37.88
CA SER B 446 -42.21 -20.01 -38.83
C SER B 446 -40.72 -20.04 -38.51
N PRO B 447 -40.13 -21.22 -38.32
CA PRO B 447 -38.70 -21.28 -38.00
C PRO B 447 -37.80 -20.66 -39.05
N SER B 448 -38.18 -20.75 -40.33
CA SER B 448 -37.35 -20.19 -41.40
C SER B 448 -37.57 -18.70 -41.61
N GLY B 449 -38.52 -18.10 -40.91
CA GLY B 449 -38.81 -16.68 -41.08
C GLY B 449 -39.71 -16.34 -42.24
N THR B 450 -40.12 -17.32 -43.04
CA THR B 450 -41.02 -17.05 -44.14
C THR B 450 -42.41 -16.73 -43.62
N PRO B 451 -43.06 -15.67 -44.10
CA PRO B 451 -44.41 -15.35 -43.61
C PRO B 451 -45.39 -16.48 -43.92
N CYS B 452 -46.30 -16.71 -42.98
CA CYS B 452 -47.29 -17.78 -43.08
C CYS B 452 -48.62 -17.23 -43.58
N THR B 453 -49.51 -18.15 -43.94
CA THR B 453 -50.85 -17.79 -44.39
C THR B 453 -51.91 -18.54 -43.60
N THR B 454 -51.55 -19.71 -43.07
CA THR B 454 -52.46 -20.52 -42.27
C THR B 454 -51.66 -21.48 -41.42
N GLU B 455 -52.29 -22.00 -40.37
CA GLU B 455 -51.64 -22.96 -39.50
C GLU B 455 -51.53 -24.31 -40.20
N GLY B 456 -50.34 -24.91 -40.10
CA GLY B 456 -50.09 -26.18 -40.76
C GLY B 456 -48.62 -26.52 -40.83
N PHE B 457 -48.16 -26.89 -42.02
CA PHE B 457 -46.75 -27.21 -42.21
C PHE B 457 -45.92 -25.92 -42.17
N ASN B 458 -44.83 -25.96 -41.42
CA ASN B 458 -43.91 -24.83 -41.24
C ASN B 458 -44.58 -23.62 -40.60
N CYS B 459 -45.74 -23.81 -39.99
CA CYS B 459 -46.45 -22.73 -39.29
C CYS B 459 -47.07 -23.32 -38.04
N TYR B 460 -46.74 -22.75 -36.88
CA TYR B 460 -47.17 -23.29 -35.60
C TYR B 460 -47.68 -22.18 -34.70
N ASP B 461 -48.54 -22.55 -33.77
CA ASP B 461 -49.11 -21.59 -32.83
C ASP B 461 -48.07 -21.20 -31.80
N PRO B 462 -47.76 -19.91 -31.63
CA PRO B 462 -46.75 -19.51 -30.64
C PRO B 462 -47.11 -19.88 -29.21
N LEU B 463 -48.39 -19.87 -28.85
CA LEU B 463 -48.81 -20.13 -27.49
C LEU B 463 -49.11 -21.62 -27.28
N ALA B 464 -49.01 -22.05 -26.03
CA ALA B 464 -49.27 -23.43 -25.64
C ALA B 464 -50.04 -23.45 -24.34
N HIS B 465 -50.74 -24.56 -24.12
CA HIS B 465 -51.66 -24.69 -22.98
C HIS B 465 -50.94 -25.22 -21.75
N TYR B 466 -51.44 -24.83 -20.58
CA TYR B 466 -50.94 -25.29 -19.29
C TYR B 466 -51.59 -26.58 -18.82
N ALA B 467 -52.50 -27.15 -19.59
CA ALA B 467 -53.34 -28.26 -19.14
C ALA B 467 -54.13 -27.84 -17.90
N PHE B 468 -53.59 -28.14 -16.71
CA PHE B 468 -54.19 -27.80 -15.43
C PHE B 468 -55.55 -28.44 -15.20
N ALA B 469 -55.98 -29.34 -16.09
CA ALA B 469 -57.28 -29.98 -15.97
C ALA B 469 -57.20 -31.49 -15.78
N SER B 470 -56.05 -32.10 -16.04
CA SER B 470 -55.91 -33.54 -15.87
C SER B 470 -56.02 -33.90 -14.39
N PRO B 471 -56.81 -34.91 -14.03
CA PRO B 471 -56.91 -35.29 -12.62
C PRO B 471 -55.62 -35.93 -12.13
N GLY B 472 -55.33 -35.71 -10.85
CA GLY B 472 -54.17 -36.34 -10.22
C GLY B 472 -52.84 -35.92 -10.79
N ILE B 473 -52.67 -34.63 -11.06
CA ILE B 473 -51.38 -34.14 -11.56
C ILE B 473 -50.41 -33.97 -10.40
N GLY B 474 -49.11 -33.94 -10.74
CA GLY B 474 -48.09 -33.80 -9.73
C GLY B 474 -47.99 -32.38 -9.20
N THR B 475 -47.15 -32.22 -8.18
CA THR B 475 -46.96 -30.91 -7.56
C THR B 475 -46.32 -29.92 -8.53
N GLY B 476 -45.43 -30.39 -9.40
CA GLY B 476 -44.77 -29.51 -10.35
C GLY B 476 -45.67 -28.99 -11.44
N TYR B 477 -46.78 -29.66 -11.72
CA TYR B 477 -47.71 -29.26 -12.77
C TYR B 477 -48.91 -28.50 -12.22
N GLN B 478 -48.92 -28.18 -10.92
CA GLN B 478 -50.03 -27.45 -10.35
C GLN B 478 -49.91 -25.95 -10.60
N PRO B 479 -51.03 -25.25 -10.72
CA PRO B 479 -50.98 -23.79 -10.92
C PRO B 479 -50.44 -23.08 -9.68
N PHE B 480 -49.79 -21.95 -9.93
CA PHE B 480 -49.24 -21.11 -8.87
C PHE B 480 -49.49 -19.66 -9.19
N ARG B 481 -49.57 -18.84 -8.15
CA ARG B 481 -49.80 -17.40 -8.28
C ARG B 481 -48.58 -16.65 -7.78
N VAL B 482 -48.03 -15.78 -8.63
CA VAL B 482 -46.76 -15.11 -8.36
C VAL B 482 -47.00 -13.61 -8.34
N VAL B 483 -46.49 -12.94 -7.30
CA VAL B 483 -46.56 -11.49 -7.18
C VAL B 483 -45.14 -10.98 -6.95
N VAL B 484 -44.75 -9.97 -7.74
CA VAL B 484 -43.40 -9.40 -7.69
C VAL B 484 -43.51 -7.95 -7.26
N LEU B 485 -42.74 -7.56 -6.26
CA LEU B 485 -42.74 -6.21 -5.72
C LEU B 485 -41.39 -5.55 -6.01
N SER B 486 -41.44 -4.34 -6.58
CA SER B 486 -40.24 -3.57 -6.89
C SER B 486 -40.36 -2.18 -6.30
N PHE B 487 -39.28 -1.69 -5.71
CA PHE B 487 -39.27 -0.36 -5.12
C PHE B 487 -37.87 0.23 -5.16
N GLN B 488 -37.80 1.55 -5.03
CA GLN B 488 -36.54 2.28 -5.00
C GLN B 488 -36.38 2.97 -3.65
N LEU B 489 -35.13 3.13 -3.22
CA LEU B 489 -34.83 3.62 -1.88
C LEU B 489 -33.94 4.86 -1.96
N LEU B 490 -34.33 5.91 -1.23
CA LEU B 490 -33.49 7.08 -0.96
C LEU B 490 -33.04 7.77 -2.24
N ASN B 491 -33.98 8.00 -3.15
CA ASN B 491 -33.68 8.78 -4.34
C ASN B 491 -34.71 9.88 -4.56
N ALA B 492 -35.93 9.64 -4.15
CA ALA B 492 -37.05 10.54 -4.36
C ALA B 492 -37.89 10.60 -3.09
N PRO B 493 -38.73 11.62 -2.94
CA PRO B 493 -39.62 11.67 -1.77
C PRO B 493 -40.51 10.43 -1.71
N ALA B 494 -40.71 9.94 -0.49
CA ALA B 494 -41.37 8.66 -0.28
C ALA B 494 -42.87 8.84 -0.07
N THR B 495 -43.62 7.80 -0.41
CA THR B 495 -45.06 7.76 -0.20
C THR B 495 -45.51 6.59 0.66
N VAL B 496 -44.74 5.50 0.72
CA VAL B 496 -45.07 4.32 1.52
C VAL B 496 -43.97 4.15 2.56
N CYS B 497 -44.38 4.08 3.84
CA CYS B 497 -43.43 3.96 4.93
C CYS B 497 -43.93 2.90 5.91
N GLY B 498 -43.03 2.45 6.78
CA GLY B 498 -43.35 1.43 7.76
C GLY B 498 -44.16 1.98 8.91
N PRO B 499 -44.67 1.07 9.74
CA PRO B 499 -45.51 1.45 10.89
C PRO B 499 -44.69 1.95 12.08
N LYS B 500 -44.32 3.22 12.03
CA LYS B 500 -43.51 3.83 13.07
C LYS B 500 -44.13 5.16 13.48
N GLN B 501 -43.94 5.51 14.75
CA GLN B 501 -44.49 6.73 15.33
C GLN B 501 -43.37 7.71 15.68
N SER B 502 -43.67 9.00 15.53
CA SER B 502 -42.68 10.04 15.77
C SER B 502 -42.57 10.35 17.26
N THR B 503 -41.41 10.88 17.64
CA THR B 503 -41.10 11.24 19.02
C THR B 503 -40.59 12.67 19.09
N ASP B 504 -41.32 13.58 18.44
CA ASP B 504 -41.09 15.02 18.38
C ASP B 504 -39.65 15.38 18.02
N LEU B 505 -39.22 16.60 18.35
CA LEU B 505 -37.93 17.11 17.93
C LEU B 505 -37.15 17.61 19.15
N VAL B 506 -35.88 17.22 19.24
CA VAL B 506 -35.00 17.64 20.32
C VAL B 506 -33.91 18.54 19.74
N LYS B 507 -33.60 19.61 20.43
CA LYS B 507 -32.66 20.62 19.95
C LYS B 507 -31.47 20.74 20.89
N ASN B 508 -30.37 21.24 20.34
CA ASN B 508 -29.13 21.54 21.07
C ASN B 508 -28.52 20.30 21.73
N LYS B 509 -28.81 19.11 21.21
CA LYS B 509 -28.23 17.88 21.73
C LYS B 509 -27.80 17.01 20.55
N CYS B 510 -26.65 16.34 20.70
CA CYS B 510 -26.21 15.37 19.71
C CYS B 510 -26.89 14.05 20.04
N VAL B 511 -27.78 13.61 19.15
CA VAL B 511 -28.67 12.48 19.39
C VAL B 511 -28.67 11.59 18.15
N ASN B 512 -29.45 10.51 18.20
CA ASN B 512 -29.61 9.58 17.10
C ASN B 512 -30.97 9.82 16.46
N PHE B 513 -30.97 10.36 15.25
CA PHE B 513 -32.19 10.68 14.54
C PHE B 513 -32.48 9.64 13.45
N ASN B 514 -33.73 9.64 12.99
CA ASN B 514 -34.17 8.71 11.95
C ASN B 514 -35.25 9.43 11.14
N PHE B 515 -34.87 9.95 9.97
CA PHE B 515 -35.76 10.70 9.11
C PHE B 515 -36.01 9.90 7.84
N ASN B 516 -37.17 9.26 7.77
CA ASN B 516 -37.57 8.45 6.62
C ASN B 516 -36.55 7.36 6.31
N GLY B 517 -35.95 6.79 7.36
CA GLY B 517 -34.96 5.74 7.21
C GLY B 517 -33.56 6.26 6.94
N LEU B 518 -33.15 7.27 7.70
CA LEU B 518 -31.81 7.86 7.57
C LEU B 518 -31.22 7.98 8.97
N THR B 519 -30.52 6.93 9.41
CA THR B 519 -29.89 6.95 10.71
C THR B 519 -28.68 7.86 10.71
N GLY B 520 -28.50 8.61 11.80
CA GLY B 520 -27.38 9.51 11.91
C GLY B 520 -27.17 9.94 13.35
N THR B 521 -26.16 10.79 13.54
CA THR B 521 -25.83 11.27 14.88
C THR B 521 -25.24 12.67 14.77
N GLY B 522 -25.70 13.57 15.62
CA GLY B 522 -25.18 14.92 15.64
C GLY B 522 -26.16 15.88 16.27
N VAL B 523 -25.69 17.12 16.41
CA VAL B 523 -26.50 18.20 16.99
C VAL B 523 -27.38 18.81 15.90
N LEU B 524 -28.56 19.26 16.31
CA LEU B 524 -29.49 19.94 15.41
C LEU B 524 -30.09 21.11 16.18
N THR B 525 -29.80 22.33 15.75
CA THR B 525 -30.32 23.52 16.41
C THR B 525 -31.26 24.32 15.51
N ASP B 526 -30.79 24.74 14.34
CA ASP B 526 -31.59 25.53 13.41
C ASP B 526 -30.87 25.56 12.06
N SER B 527 -31.63 25.88 11.01
CA SER B 527 -31.08 25.95 9.67
C SER B 527 -31.66 27.16 8.95
N VAL B 528 -30.82 27.82 8.15
CA VAL B 528 -31.23 28.94 7.32
C VAL B 528 -30.92 28.70 5.85
N LYS B 529 -30.50 27.49 5.50
CA LYS B 529 -30.15 27.18 4.12
C LYS B 529 -31.40 27.16 3.25
N LYS B 530 -31.26 27.69 2.04
CA LYS B 530 -32.34 27.72 1.05
C LYS B 530 -32.00 26.75 -0.08
N PHE B 531 -32.96 25.92 -0.46
CA PHE B 531 -32.75 24.92 -1.49
C PHE B 531 -34.00 24.84 -2.36
N GLN B 532 -34.05 23.81 -3.20
CA GLN B 532 -35.11 23.60 -4.17
C GLN B 532 -36.05 22.50 -3.71
N PRO B 533 -37.29 22.48 -4.21
CA PRO B 533 -38.23 21.41 -3.83
C PRO B 533 -37.79 20.05 -4.34
N PHE B 534 -38.58 19.01 -4.03
CA PHE B 534 -38.26 17.62 -4.38
C PHE B 534 -36.90 17.21 -3.82
N GLN B 535 -36.60 17.70 -2.61
CA GLN B 535 -35.34 17.40 -1.93
C GLN B 535 -35.64 16.92 -0.52
N GLN B 536 -34.94 15.87 -0.11
CA GLN B 536 -35.10 15.30 1.22
C GLN B 536 -33.82 15.23 2.03
N PHE B 537 -32.65 15.34 1.39
CA PHE B 537 -31.38 15.19 2.08
C PHE B 537 -30.41 16.25 1.59
N GLY B 538 -29.45 16.60 2.46
CA GLY B 538 -28.40 17.52 2.10
C GLY B 538 -27.06 16.84 1.98
N ARG B 539 -26.51 16.78 0.77
CA ARG B 539 -25.27 16.08 0.52
C ARG B 539 -24.09 17.02 0.72
N ASP B 540 -22.89 16.56 0.36
CA ASP B 540 -21.67 17.33 0.53
C ASP B 540 -20.63 16.79 -0.45
N SER B 541 -19.53 17.53 -0.59
CA SER B 541 -18.46 17.09 -1.48
C SER B 541 -17.83 15.79 -1.00
N SER B 542 -17.92 15.50 0.30
CA SER B 542 -17.40 14.27 0.87
C SER B 542 -18.48 13.24 1.16
N ASP B 543 -19.69 13.45 0.61
CA ASP B 543 -20.83 12.54 0.81
C ASP B 543 -21.15 12.38 2.30
N PHE B 544 -21.08 13.49 3.03
CA PHE B 544 -21.43 13.52 4.45
C PHE B 544 -22.65 14.40 4.64
N THR B 545 -23.69 13.86 5.26
CA THR B 545 -24.93 14.60 5.43
C THR B 545 -24.74 15.79 6.37
N ASP B 546 -25.35 16.91 6.00
CA ASP B 546 -25.31 18.12 6.81
C ASP B 546 -26.65 18.80 6.99
N SER B 547 -27.61 18.59 6.08
CA SER B 547 -28.93 19.19 6.18
C SER B 547 -29.98 18.16 5.80
N VAL B 548 -31.19 18.36 6.30
CA VAL B 548 -32.29 17.44 6.04
C VAL B 548 -33.59 18.21 6.21
N LYS B 549 -34.62 17.77 5.49
CA LYS B 549 -35.94 18.40 5.56
C LYS B 549 -36.85 17.57 6.45
N ASP B 550 -37.44 18.21 7.44
CA ASP B 550 -38.38 17.53 8.32
C ASP B 550 -39.69 17.29 7.57
N PRO B 551 -40.14 16.05 7.42
CA PRO B 551 -41.39 15.79 6.68
C PRO B 551 -42.64 16.25 7.42
N LYS B 552 -42.55 16.54 8.71
CA LYS B 552 -43.71 16.93 9.51
C LYS B 552 -43.85 18.43 9.65
N THR B 553 -42.75 19.16 9.81
CA THR B 553 -42.80 20.61 9.91
C THR B 553 -42.40 21.32 8.62
N LEU B 554 -41.95 20.58 7.61
CA LEU B 554 -41.62 21.13 6.29
C LEU B 554 -40.59 22.24 6.38
N GLU B 555 -39.54 22.03 7.18
CA GLU B 555 -38.47 23.00 7.33
C GLU B 555 -37.14 22.28 7.41
N ILE B 556 -36.10 22.93 6.88
CA ILE B 556 -34.77 22.34 6.78
C ILE B 556 -34.09 22.38 8.15
N LEU B 557 -33.32 21.34 8.46
CA LEU B 557 -32.52 21.27 9.68
C LEU B 557 -31.04 21.22 9.30
N ASP B 558 -30.20 21.10 10.33
CA ASP B 558 -28.75 21.03 10.16
C ASP B 558 -28.19 19.89 10.99
N ILE B 559 -27.13 19.26 10.48
CA ILE B 559 -26.45 18.16 11.16
C ILE B 559 -24.98 18.54 11.33
N THR B 560 -24.48 18.40 12.55
CA THR B 560 -23.09 18.70 12.86
C THR B 560 -22.61 17.64 13.85
N PRO B 561 -21.44 17.04 13.63
CA PRO B 561 -20.97 15.97 14.52
C PRO B 561 -20.82 16.45 15.96
N CYS B 562 -21.04 15.51 16.90
CA CYS B 562 -20.98 15.86 18.32
C CYS B 562 -19.58 16.30 18.72
N SER B 563 -18.54 15.84 18.02
CA SER B 563 -17.17 16.22 18.31
C SER B 563 -16.60 16.95 17.09
N TYR B 564 -16.12 18.17 17.30
CA TYR B 564 -15.59 18.99 16.22
C TYR B 564 -14.13 19.39 16.44
N GLY B 565 -13.80 19.91 17.64
CA GLY B 565 -12.46 20.41 17.88
C GLY B 565 -11.48 19.34 18.33
N GLY B 566 -10.23 19.75 18.43
CA GLY B 566 -9.16 18.88 18.89
C GLY B 566 -8.79 19.16 20.34
N VAL B 567 -8.42 18.10 21.06
CA VAL B 567 -8.11 18.18 22.48
C VAL B 567 -6.71 17.60 22.70
N SER B 568 -5.88 18.34 23.43
CA SER B 568 -4.54 17.91 23.79
C SER B 568 -4.38 17.97 25.29
N VAL B 569 -3.67 16.99 25.85
CA VAL B 569 -3.47 16.86 27.29
C VAL B 569 -1.98 16.86 27.59
N ILE B 570 -1.57 17.71 28.53
CA ILE B 570 -0.18 17.82 28.95
C ILE B 570 0.00 17.11 30.28
N THR B 571 0.96 16.21 30.36
CA THR B 571 1.23 15.44 31.56
C THR B 571 2.71 15.53 31.93
N PRO B 572 3.02 15.53 33.22
CA PRO B 572 4.43 15.58 33.64
C PRO B 572 5.10 14.23 33.85
N GLY B 573 4.44 13.14 33.52
CA GLY B 573 5.02 11.83 33.74
C GLY B 573 4.28 11.04 34.81
N THR B 574 4.35 9.71 34.70
CA THR B 574 3.64 8.85 35.63
C THR B 574 4.25 8.91 37.03
N ASN B 575 5.57 8.79 37.12
CA ASN B 575 6.23 8.92 38.42
C ASN B 575 6.05 10.30 39.02
N THR B 576 6.10 11.34 38.18
CA THR B 576 6.07 12.70 38.70
C THR B 576 4.78 12.98 39.49
N SER B 577 3.65 12.92 38.80
CA SER B 577 2.36 13.19 39.43
C SER B 577 1.27 12.61 38.55
N ASP B 578 0.01 12.93 38.88
CA ASP B 578 -1.12 12.52 38.08
C ASP B 578 -1.95 13.70 37.56
N ALA B 579 -1.68 14.91 38.03
CA ALA B 579 -2.40 16.08 37.54
C ALA B 579 -2.04 16.36 36.08
N VAL B 580 -3.04 16.71 35.28
CA VAL B 580 -2.86 16.97 33.86
C VAL B 580 -3.50 18.30 33.51
N ALA B 581 -3.05 18.88 32.40
CA ALA B 581 -3.60 20.12 31.87
C ALA B 581 -4.17 19.85 30.49
N VAL B 582 -5.42 20.23 30.28
CA VAL B 582 -6.12 19.99 29.03
C VAL B 582 -6.15 21.28 28.23
N LEU B 583 -5.66 21.22 27.00
CA LEU B 583 -5.65 22.37 26.09
C LEU B 583 -6.70 22.12 25.02
N TYR B 584 -7.76 22.94 25.02
CA TYR B 584 -8.82 22.85 24.02
C TYR B 584 -8.40 23.71 22.83
N GLN B 585 -7.79 23.08 21.84
CA GLN B 585 -7.29 23.80 20.68
C GLN B 585 -8.45 24.31 19.83
N ASP B 586 -8.25 25.50 19.24
CA ASP B 586 -9.17 26.07 18.25
C ASP B 586 -10.55 26.32 18.84
N VAL B 587 -10.58 27.01 19.98
CA VAL B 587 -11.83 27.42 20.62
C VAL B 587 -11.53 28.54 21.59
N ASN B 588 -12.50 29.42 21.79
CA ASN B 588 -12.42 30.48 22.79
C ASN B 588 -13.00 29.95 24.09
N CYS B 589 -12.21 29.99 25.17
CA CYS B 589 -12.73 29.36 26.38
C CYS B 589 -13.80 30.19 27.08
N THR B 590 -14.25 31.29 26.48
CA THR B 590 -15.51 31.89 26.92
C THR B 590 -16.70 31.01 26.53
N ASP B 591 -16.52 30.17 25.50
CA ASP B 591 -17.58 29.32 24.98
C ASP B 591 -17.30 27.83 25.22
N VAL B 592 -16.61 27.50 26.30
CA VAL B 592 -16.42 26.09 26.67
C VAL B 592 -17.75 25.38 26.95
N PRO B 593 -18.69 25.94 27.73
CA PRO B 593 -19.92 25.19 28.03
C PRO B 593 -20.72 24.79 26.80
N THR B 594 -20.71 25.60 25.74
CA THR B 594 -21.41 25.25 24.52
C THR B 594 -20.59 24.37 23.58
N MET B 595 -19.38 24.00 23.99
CA MET B 595 -18.50 23.16 23.18
C MET B 595 -18.19 21.82 23.85
N LEU B 596 -17.94 21.81 25.16
CA LEU B 596 -17.56 20.59 25.85
C LEU B 596 -18.74 19.71 26.22
N HIS B 597 -19.97 20.21 26.10
CA HIS B 597 -21.18 19.47 26.49
C HIS B 597 -21.11 19.06 27.96
N ILE B 598 -21.14 20.09 28.81
CA ILE B 598 -20.99 19.90 30.26
C ILE B 598 -22.08 18.97 30.79
N ASP B 599 -23.30 19.12 30.30
CA ASP B 599 -24.43 18.35 30.81
C ASP B 599 -24.34 16.87 30.47
N GLN B 600 -23.43 16.45 29.58
CA GLN B 600 -23.33 15.06 29.16
C GLN B 600 -21.93 14.50 29.41
N VAL B 601 -21.23 15.00 30.44
CA VAL B 601 -19.91 14.50 30.81
C VAL B 601 -19.87 14.29 32.31
N SER B 602 -18.87 13.55 32.76
CA SER B 602 -18.71 13.27 34.17
C SER B 602 -18.26 14.53 34.93
N SER B 603 -18.43 14.48 36.26
CA SER B 603 -18.11 15.63 37.09
C SER B 603 -16.63 15.99 37.03
N ASP B 604 -15.77 15.01 36.71
CA ASP B 604 -14.35 15.31 36.58
C ASP B 604 -14.10 16.33 35.47
N TRP B 605 -14.82 16.20 34.35
CA TRP B 605 -14.74 17.20 33.29
C TRP B 605 -15.49 18.48 33.65
N ARG B 606 -16.53 18.37 34.49
CA ARG B 606 -17.18 19.57 35.02
C ARG B 606 -16.19 20.42 35.81
N VAL B 607 -15.24 19.76 36.48
CA VAL B 607 -14.15 20.48 37.14
C VAL B 607 -13.31 21.23 36.12
N TYR B 608 -13.00 20.58 34.99
CA TYR B 608 -12.20 21.19 33.94
C TYR B 608 -13.04 21.96 32.93
N ALA B 609 -14.27 22.32 33.30
CA ALA B 609 -15.12 23.11 32.41
C ALA B 609 -15.59 24.41 33.05
N ALA B 610 -15.13 24.74 34.24
CA ALA B 610 -15.55 25.94 34.95
C ALA B 610 -14.38 26.87 35.17
N ASN B 611 -14.62 28.18 35.04
CA ASN B 611 -13.62 29.21 35.25
C ASN B 611 -13.67 29.64 36.71
N THR B 612 -12.90 28.97 37.55
CA THR B 612 -12.83 29.31 38.98
C THR B 612 -11.37 29.39 39.39
N GLY B 613 -11.01 30.47 40.07
CA GLY B 613 -9.66 30.65 40.56
C GLY B 613 -8.61 30.78 39.49
N GLY B 614 -8.94 31.39 38.36
CA GLY B 614 -7.96 31.63 37.30
C GLY B 614 -7.38 30.37 36.71
N ASN B 615 -8.20 29.35 36.47
CA ASN B 615 -7.75 28.11 35.87
C ASN B 615 -7.88 28.10 34.35
N MET B 616 -8.37 29.18 33.76
CA MET B 616 -8.56 29.27 32.32
C MET B 616 -8.03 30.61 31.83
N PHE B 617 -7.05 30.57 30.92
CA PHE B 617 -6.47 31.77 30.36
C PHE B 617 -6.24 31.55 28.86
N GLN B 618 -6.61 32.55 28.07
CA GLN B 618 -6.56 32.42 26.63
C GLN B 618 -5.14 32.56 26.11
N THR B 619 -4.72 31.62 25.27
CA THR B 619 -3.43 31.66 24.58
C THR B 619 -3.66 31.88 23.09
N GLN B 620 -2.55 31.92 22.34
CA GLN B 620 -2.65 32.15 20.90
C GLN B 620 -3.13 30.91 20.16
N ALA B 621 -2.79 29.72 20.65
CA ALA B 621 -3.22 28.48 20.00
C ALA B 621 -4.58 28.00 20.51
N GLY B 622 -4.85 28.18 21.78
CA GLY B 622 -6.12 27.79 22.35
C GLY B 622 -6.29 28.44 23.71
N CYS B 623 -6.95 27.73 24.62
CA CYS B 623 -7.09 28.18 26.00
C CYS B 623 -6.81 27.01 26.92
N LEU B 624 -5.75 27.12 27.73
CA LEU B 624 -5.34 26.03 28.60
C LEU B 624 -6.21 25.99 29.85
N VAL B 625 -6.54 24.77 30.29
CA VAL B 625 -7.37 24.55 31.46
C VAL B 625 -6.61 23.63 32.41
N GLY B 626 -6.56 24.00 33.68
CA GLY B 626 -5.92 23.19 34.69
C GLY B 626 -4.50 23.61 35.06
N ALA B 627 -4.04 24.76 34.59
CA ALA B 627 -2.70 25.23 34.89
C ALA B 627 -2.75 26.70 35.26
N THR B 628 -1.70 27.15 35.96
CA THR B 628 -1.59 28.53 36.41
C THR B 628 -0.56 29.26 35.55
N TYR B 629 -0.87 30.52 35.24
CA TYR B 629 0.02 31.35 34.43
C TYR B 629 1.05 32.03 35.32
N ASP B 630 2.23 32.29 34.75
CA ASP B 630 3.33 32.90 35.48
C ASP B 630 3.95 34.01 34.63
N ASN B 631 4.55 34.98 35.30
CA ASN B 631 5.24 36.07 34.64
C ASN B 631 6.67 35.64 34.30
N THR B 632 7.51 36.61 33.93
CA THR B 632 8.90 36.38 33.57
C THR B 632 9.02 35.39 32.42
N SER B 633 10.18 34.74 32.29
CA SER B 633 10.41 33.81 31.21
C SER B 633 11.50 32.83 31.63
N TYR B 634 11.35 31.58 31.19
CA TYR B 634 12.32 30.52 31.47
C TYR B 634 12.57 29.74 30.19
N GLU B 635 13.55 28.85 30.25
CA GLU B 635 13.83 27.96 29.13
C GLU B 635 12.67 26.97 28.95
N CYS B 636 12.40 26.63 27.69
CA CYS B 636 11.27 25.78 27.38
C CYS B 636 11.59 24.33 27.72
N ASP B 637 10.67 23.68 28.42
CA ASP B 637 10.79 22.27 28.77
C ASP B 637 9.76 21.39 28.08
N ILE B 638 8.48 21.73 28.21
CA ILE B 638 7.42 21.01 27.51
C ILE B 638 6.83 21.93 26.45
N PRO B 639 7.13 21.72 25.18
CA PRO B 639 6.58 22.59 24.14
C PRO B 639 5.06 22.50 24.08
N VAL B 640 4.42 23.64 23.82
CA VAL B 640 2.97 23.73 23.68
C VAL B 640 2.57 24.34 22.34
N GLY B 641 3.11 25.50 22.02
CA GLY B 641 2.84 26.16 20.76
C GLY B 641 2.70 27.66 20.93
N ALA B 642 3.02 28.40 19.86
CA ALA B 642 2.89 29.86 19.81
C ALA B 642 3.67 30.52 20.94
N GLY B 643 4.87 30.01 21.21
CA GLY B 643 5.73 30.63 22.20
C GLY B 643 5.42 30.30 23.64
N VAL B 644 4.48 29.41 23.91
CA VAL B 644 4.08 29.03 25.25
C VAL B 644 4.64 27.65 25.56
N CYS B 645 5.17 27.48 26.77
CA CYS B 645 5.70 26.21 27.23
C CYS B 645 5.18 25.93 28.63
N ALA B 646 5.38 24.70 29.09
CA ALA B 646 4.85 24.25 30.37
C ALA B 646 5.92 23.51 31.16
N LYS B 647 5.76 23.52 32.48
CA LYS B 647 6.67 22.82 33.37
C LYS B 647 5.93 22.49 34.66
N PHE B 648 6.46 21.52 35.39
CA PHE B 648 5.89 21.08 36.66
C PHE B 648 6.76 21.55 37.80
N GLN B 649 6.14 22.15 38.82
CA GLN B 649 6.83 22.63 40.00
C GLN B 649 6.56 21.71 41.18
N ILE B 650 7.61 21.46 41.97
CA ILE B 650 7.48 20.69 43.21
C ILE B 650 7.80 21.60 44.38
N ASN B 651 6.77 22.19 44.97
CA ASN B 651 6.91 23.16 46.05
C ASN B 651 6.37 22.58 47.34
N THR B 652 7.16 22.69 48.41
CA THR B 652 6.76 22.22 49.74
C THR B 652 6.28 23.34 50.64
N GLY B 653 6.98 24.49 50.63
CA GLY B 653 6.55 25.60 51.46
C GLY B 653 5.22 26.19 51.02
N ALA B 654 5.02 26.34 49.71
CA ALA B 654 3.76 26.85 49.19
C ALA B 654 2.77 25.76 48.85
N SER B 655 3.16 24.48 48.96
CA SER B 655 2.28 23.35 48.68
C SER B 655 1.68 23.43 47.28
N GLN B 656 2.52 23.78 46.31
CA GLN B 656 2.09 23.89 44.92
C GLN B 656 2.58 22.69 44.13
N SER B 657 1.65 22.00 43.47
CA SER B 657 1.96 20.83 42.67
C SER B 657 1.18 20.86 41.36
N SER B 658 1.13 22.03 40.72
CA SER B 658 0.39 22.23 39.50
C SER B 658 1.35 22.50 38.34
N ILE B 659 0.77 22.79 37.17
CA ILE B 659 1.52 23.07 35.96
C ILE B 659 1.56 24.57 35.74
N LEU B 660 2.69 25.07 35.23
CA LEU B 660 2.87 26.48 34.95
C LEU B 660 2.87 26.72 33.44
N ALA B 661 2.39 27.89 33.04
CA ALA B 661 2.42 28.33 31.65
C ALA B 661 3.15 29.66 31.57
N TYR B 662 4.04 29.78 30.58
CA TYR B 662 4.86 30.98 30.47
C TYR B 662 5.32 31.11 29.02
N THR B 663 5.87 32.28 28.70
CA THR B 663 6.44 32.54 27.39
C THR B 663 7.94 32.27 27.44
N MET B 664 8.44 31.55 26.45
CA MET B 664 9.85 31.19 26.43
C MET B 664 10.71 32.44 26.25
N SER B 665 11.94 32.37 26.76
CA SER B 665 12.87 33.48 26.73
C SER B 665 13.79 33.35 25.51
N LEU B 666 13.90 34.41 24.73
CA LEU B 666 14.79 34.39 23.57
C LEU B 666 16.24 34.27 23.98
N GLY B 667 16.64 34.97 25.02
CA GLY B 667 18.01 34.92 25.49
C GLY B 667 18.32 36.15 26.32
N GLU B 668 19.55 36.19 26.82
CA GLU B 668 20.00 37.32 27.61
C GLU B 668 20.23 38.54 26.72
N ASP B 669 20.16 39.71 27.34
CA ASP B 669 20.29 40.98 26.62
C ASP B 669 21.68 41.56 26.84
N SER B 670 22.22 42.14 25.77
CA SER B 670 23.54 42.76 25.79
C SER B 670 23.39 44.27 25.65
N ASN B 671 24.45 44.99 26.00
CA ASN B 671 24.46 46.45 26.00
C ASN B 671 25.70 46.98 25.28
N VAL B 672 26.01 46.41 24.12
CA VAL B 672 27.13 46.87 23.32
C VAL B 672 26.71 48.11 22.55
N ALA B 673 27.52 49.16 22.65
CA ALA B 673 27.24 50.44 22.00
C ALA B 673 28.20 50.65 20.84
N TYR B 674 27.82 51.55 19.94
CA TYR B 674 28.60 51.85 18.75
C TYR B 674 29.51 53.05 19.00
N SER B 675 30.70 53.01 18.41
CA SER B 675 31.67 54.09 18.52
C SER B 675 32.53 54.11 17.26
N ASN B 676 32.94 55.31 16.86
CA ASN B 676 33.72 55.50 15.64
C ASN B 676 35.20 55.64 15.89
N ASN B 677 35.65 55.56 17.15
CA ASN B 677 37.06 55.76 17.46
C ASN B 677 37.63 54.79 18.47
N SER B 678 36.87 53.80 18.92
CA SER B 678 37.35 52.83 19.90
C SER B 678 37.48 51.46 19.25
N ILE B 679 38.24 50.59 19.92
CA ILE B 679 38.49 49.23 19.44
C ILE B 679 38.79 48.35 20.64
N ALA B 680 38.32 47.11 20.59
CA ALA B 680 38.53 46.14 21.65
C ALA B 680 39.45 45.03 21.16
N ILE B 681 40.50 44.75 21.92
CA ILE B 681 41.49 43.74 21.56
C ILE B 681 41.62 42.76 22.72
N PRO B 682 41.40 41.47 22.51
CA PRO B 682 41.61 40.51 23.60
C PRO B 682 43.07 40.41 23.99
N THR B 683 43.30 40.08 25.27
CA THR B 683 44.65 39.94 25.80
C THR B 683 44.95 38.56 26.36
N ASN B 684 43.97 37.68 26.44
CA ASN B 684 44.17 36.33 26.96
C ASN B 684 43.38 35.35 26.10
N PHE B 685 43.79 34.08 26.17
CA PHE B 685 43.16 33.03 25.40
C PHE B 685 42.93 31.81 26.28
N SER B 686 42.00 30.96 25.84
CA SER B 686 41.68 29.73 26.54
C SER B 686 41.51 28.61 25.54
N ILE B 687 41.75 27.38 25.98
CA ILE B 687 41.62 26.19 25.15
C ILE B 687 40.39 25.44 25.61
N SER B 688 39.48 25.17 24.68
CA SER B 688 38.22 24.49 24.98
C SER B 688 38.08 23.27 24.09
N VAL B 689 37.54 22.19 24.65
CA VAL B 689 37.33 20.94 23.93
C VAL B 689 35.84 20.63 23.96
N THR B 690 35.25 20.39 22.78
CA THR B 690 33.85 20.07 22.64
C THR B 690 33.68 18.72 21.96
N THR B 691 32.49 18.16 22.09
CA THR B 691 32.17 16.84 21.54
C THR B 691 31.02 16.94 20.56
N GLU B 692 30.95 15.96 19.65
CA GLU B 692 29.90 15.91 18.64
C GLU B 692 29.71 14.46 18.22
N VAL B 693 28.45 14.05 18.07
CA VAL B 693 28.08 12.67 17.78
C VAL B 693 27.28 12.65 16.49
N LEU B 694 27.65 11.74 15.58
CA LEU B 694 26.94 11.57 14.32
C LEU B 694 26.70 10.08 14.08
N PRO B 695 25.47 9.66 13.81
CA PRO B 695 25.23 8.26 13.47
C PRO B 695 25.86 7.91 12.13
N VAL B 696 26.30 6.66 12.01
CA VAL B 696 27.01 6.21 10.81
C VAL B 696 26.27 5.06 10.14
N SER B 697 25.58 4.25 10.93
CA SER B 697 24.95 3.05 10.38
C SER B 697 23.86 2.57 11.33
N MET B 698 23.04 1.64 10.83
CA MET B 698 21.98 1.01 11.61
C MET B 698 22.06 -0.50 11.41
N THR B 699 21.11 -1.22 12.00
CA THR B 699 21.12 -2.67 11.96
C THR B 699 20.67 -3.17 10.58
N LYS B 700 21.10 -4.39 10.26
CA LYS B 700 20.74 -5.05 9.01
C LYS B 700 19.81 -6.22 9.30
N THR B 701 18.74 -6.34 8.51
CA THR B 701 17.72 -7.34 8.75
C THR B 701 17.33 -8.02 7.44
N SER B 702 16.70 -9.19 7.58
CA SER B 702 16.20 -9.95 6.45
C SER B 702 14.84 -10.53 6.80
N VAL B 703 14.02 -10.74 5.78
CA VAL B 703 12.65 -11.20 5.94
C VAL B 703 12.39 -12.36 4.99
N ASP B 704 11.77 -13.42 5.50
CA ASP B 704 11.36 -14.57 4.71
C ASP B 704 9.84 -14.58 4.61
N CYS B 705 9.31 -14.54 3.39
CA CYS B 705 7.87 -14.50 3.20
C CYS B 705 7.23 -15.84 3.55
N ASN B 706 7.83 -16.94 3.11
CA ASN B 706 7.22 -18.26 3.30
C ASN B 706 7.09 -18.63 4.77
N MET B 707 7.85 -17.97 5.65
CA MET B 707 7.76 -18.22 7.08
C MET B 707 6.91 -17.19 7.81
N TYR B 708 7.07 -15.91 7.49
CA TYR B 708 6.23 -14.88 8.10
C TYR B 708 4.77 -15.05 7.66
N ILE B 709 4.55 -15.35 6.38
CA ILE B 709 3.22 -15.61 5.85
C ILE B 709 3.10 -17.10 5.56
N CYS B 710 1.96 -17.69 5.94
CA CYS B 710 1.69 -19.11 5.74
C CYS B 710 2.72 -19.98 6.46
N GLY B 711 2.79 -19.80 7.78
CA GLY B 711 3.72 -20.54 8.59
C GLY B 711 3.39 -22.01 8.70
N ASP B 712 4.20 -22.86 8.08
CA ASP B 712 4.04 -24.32 8.11
C ASP B 712 2.66 -24.72 7.58
N SER B 713 2.42 -24.38 6.32
CA SER B 713 1.16 -24.71 5.64
C SER B 713 1.43 -24.85 4.16
N THR B 714 1.26 -26.07 3.64
CA THR B 714 1.51 -26.32 2.22
C THR B 714 0.45 -25.65 1.35
N GLU B 715 -0.82 -25.72 1.75
CA GLU B 715 -1.88 -25.10 0.98
C GLU B 715 -1.70 -23.59 0.90
N CYS B 716 -1.38 -22.97 2.03
CA CYS B 716 -1.14 -21.53 2.03
C CYS B 716 0.09 -21.16 1.23
N SER B 717 1.13 -22.01 1.26
CA SER B 717 2.31 -21.77 0.44
C SER B 717 1.95 -21.81 -1.05
N SER B 718 1.13 -22.79 -1.45
CA SER B 718 0.69 -22.86 -2.84
C SER B 718 -0.14 -21.64 -3.22
N LEU B 719 -1.03 -21.20 -2.32
CA LEU B 719 -1.82 -20.00 -2.59
C LEU B 719 -0.95 -18.77 -2.73
N LEU B 720 0.07 -18.64 -1.87
CA LEU B 720 0.99 -17.50 -1.96
C LEU B 720 1.78 -17.54 -3.27
N LEU B 721 2.20 -18.74 -3.69
CA LEU B 721 2.86 -18.87 -4.98
C LEU B 721 1.94 -18.46 -6.11
N GLN B 722 0.67 -18.84 -6.03
CA GLN B 722 -0.30 -18.44 -7.03
C GLN B 722 -0.56 -16.93 -7.01
N TYR B 723 -0.35 -16.29 -5.85
CA TYR B 723 -0.65 -14.87 -5.74
C TYR B 723 0.22 -14.04 -6.67
N GLY B 724 1.50 -14.36 -6.78
CA GLY B 724 2.40 -13.67 -7.68
C GLY B 724 3.74 -13.44 -7.03
N SER B 725 4.58 -12.67 -7.71
CA SER B 725 5.94 -12.36 -7.25
C SER B 725 5.92 -10.99 -6.58
N PHE B 726 5.64 -10.98 -5.28
CA PHE B 726 5.62 -9.76 -4.49
C PHE B 726 6.65 -9.76 -3.38
N CYS B 727 7.61 -10.68 -3.40
CA CYS B 727 8.58 -10.81 -2.31
C CYS B 727 10.02 -10.66 -2.73
N GLN B 728 10.34 -10.82 -4.01
CA GLN B 728 11.73 -10.63 -4.45
C GLN B 728 12.16 -9.17 -4.28
N GLN B 729 11.23 -8.24 -4.48
CA GLN B 729 11.55 -6.83 -4.31
C GLN B 729 11.96 -6.51 -2.88
N LEU B 730 11.26 -7.10 -1.90
CA LEU B 730 11.59 -6.86 -0.50
C LEU B 730 12.99 -7.36 -0.18
N ASN B 731 13.33 -8.56 -0.65
CA ASN B 731 14.66 -9.11 -0.39
C ASN B 731 15.74 -8.27 -1.07
N ARG B 732 15.49 -7.84 -2.30
CA ARG B 732 16.46 -6.99 -2.99
C ARG B 732 16.67 -5.68 -2.25
N ALA B 733 15.58 -5.06 -1.78
CA ALA B 733 15.70 -3.81 -1.04
C ALA B 733 16.47 -4.00 0.26
N LEU B 734 16.19 -5.08 0.99
CA LEU B 734 16.90 -5.32 2.25
C LEU B 734 18.38 -5.58 2.01
N ALA B 735 18.71 -6.35 0.97
CA ALA B 735 20.11 -6.59 0.64
C ALA B 735 20.81 -5.30 0.26
N GLY B 736 20.14 -4.44 -0.53
CA GLY B 736 20.72 -3.15 -0.86
C GLY B 736 20.95 -2.29 0.36
N VAL B 737 20.00 -2.30 1.30
CA VAL B 737 20.16 -1.53 2.53
C VAL B 737 21.36 -2.03 3.33
N SER B 738 21.51 -3.36 3.45
CA SER B 738 22.64 -3.91 4.19
C SER B 738 23.96 -3.54 3.54
N VAL B 739 24.05 -3.66 2.21
CA VAL B 739 25.28 -3.29 1.51
C VAL B 739 25.57 -1.80 1.68
N GLU B 740 24.52 -0.98 1.65
CA GLU B 740 24.71 0.46 1.85
C GLU B 740 25.23 0.76 3.25
N GLN B 741 24.72 0.07 4.27
CA GLN B 741 25.21 0.28 5.62
C GLN B 741 26.68 -0.11 5.75
N ASP B 742 27.06 -1.26 5.17
CA ASP B 742 28.45 -1.68 5.20
C ASP B 742 29.35 -0.66 4.49
N LYS B 743 28.90 -0.18 3.33
CA LYS B 743 29.68 0.80 2.59
C LYS B 743 29.81 2.11 3.36
N ASN B 744 28.74 2.53 4.05
CA ASN B 744 28.80 3.74 4.85
C ASN B 744 29.81 3.61 5.97
N THR B 745 29.79 2.47 6.67
CA THR B 745 30.76 2.26 7.74
C THR B 745 32.18 2.27 7.21
N GLN B 746 32.42 1.58 6.09
CA GLN B 746 33.76 1.53 5.52
C GLN B 746 34.22 2.92 5.07
N ASP B 747 33.34 3.69 4.44
CA ASP B 747 33.71 5.03 3.98
C ASP B 747 34.00 5.95 5.15
N VAL B 748 33.21 5.87 6.22
CA VAL B 748 33.39 6.77 7.35
C VAL B 748 34.69 6.44 8.09
N PHE B 749 34.94 5.15 8.34
CA PHE B 749 36.09 4.82 9.18
C PHE B 749 37.35 4.52 8.38
N ALA B 750 37.26 3.68 7.36
CA ALA B 750 38.45 3.28 6.59
C ALA B 750 38.72 4.34 5.52
N GLN B 751 39.71 5.18 5.77
CA GLN B 751 40.12 6.21 4.81
C GLN B 751 41.60 6.18 4.48
N VAL B 752 42.46 5.83 5.43
CA VAL B 752 43.90 5.75 5.23
C VAL B 752 44.33 4.30 5.39
N LYS B 753 45.07 3.81 4.39
CA LYS B 753 45.55 2.42 4.39
C LYS B 753 46.96 2.34 4.94
N SER B 754 47.12 2.77 6.19
CA SER B 754 48.42 2.74 6.85
C SER B 754 48.20 2.64 8.35
N ILE B 755 48.68 1.57 8.96
CA ILE B 755 48.55 1.36 10.39
C ILE B 755 49.85 1.85 11.06
N TYR B 756 49.71 2.83 11.94
CA TYR B 756 50.85 3.40 12.64
C TYR B 756 50.90 2.87 14.06
N LYS B 757 52.08 2.39 14.47
CA LYS B 757 52.24 1.82 15.80
C LYS B 757 52.11 2.90 16.87
N VAL B 758 51.42 2.56 17.95
CA VAL B 758 51.25 3.50 19.06
C VAL B 758 52.59 3.74 19.73
N PRO B 759 53.01 4.99 19.94
CA PRO B 759 54.30 5.24 20.58
C PRO B 759 54.32 4.75 22.02
N ALA B 760 55.51 4.34 22.47
CA ALA B 760 55.66 3.83 23.83
C ALA B 760 55.37 4.93 24.86
N ILE B 761 55.84 6.14 24.60
CA ILE B 761 55.63 7.26 25.50
C ILE B 761 54.40 8.04 25.04
N LYS B 762 53.64 8.57 26.00
CA LYS B 762 52.41 9.28 25.73
C LYS B 762 52.45 10.67 26.36
N ASP B 763 53.57 11.37 26.15
CA ASP B 763 53.73 12.74 26.67
C ASP B 763 54.59 13.50 25.66
N PHE B 764 53.94 14.30 24.82
CA PHE B 764 54.62 15.03 23.75
C PHE B 764 54.68 16.51 24.13
N GLY B 765 55.78 16.90 24.75
CA GLY B 765 55.99 18.29 25.12
C GLY B 765 54.98 18.83 26.11
N GLY B 766 54.59 18.02 27.09
CA GLY B 766 53.62 18.43 28.08
C GLY B 766 52.19 18.07 27.76
N PHE B 767 51.89 17.69 26.52
CA PHE B 767 50.54 17.29 26.15
C PHE B 767 50.35 15.82 26.46
N ASN B 768 49.29 15.52 27.22
CA ASN B 768 49.05 14.17 27.72
C ASN B 768 48.09 13.45 26.77
N PHE B 769 48.64 12.56 25.95
CA PHE B 769 47.84 11.70 25.08
C PHE B 769 47.64 10.33 25.73
N SER B 770 46.96 10.33 26.88
CA SER B 770 46.75 9.11 27.65
C SER B 770 45.32 8.59 27.59
N HIS B 771 44.32 9.48 27.53
CA HIS B 771 42.92 9.08 27.48
C HIS B 771 42.41 8.90 26.06
N ILE B 772 43.26 9.06 25.05
CA ILE B 772 42.86 8.89 23.67
C ILE B 772 43.47 7.65 23.03
N LEU B 773 44.65 7.21 23.48
CA LEU B 773 45.32 6.03 22.97
C LEU B 773 45.04 4.83 23.87
N PRO B 774 45.02 3.62 23.31
CA PRO B 774 44.77 2.43 24.13
C PRO B 774 45.88 2.21 25.15
N ASP B 775 45.49 1.64 26.29
CA ASP B 775 46.43 1.38 27.37
C ASP B 775 47.06 0.01 27.17
N PRO B 776 48.39 -0.09 27.06
CA PRO B 776 49.01 -1.41 26.88
C PRO B 776 48.94 -2.30 28.11
N ALA B 777 48.43 -1.81 29.24
CA ALA B 777 48.33 -2.64 30.43
C ALA B 777 47.39 -3.82 30.21
N LYS B 778 46.27 -3.59 29.53
CA LYS B 778 45.31 -4.64 29.21
C LYS B 778 45.03 -4.58 27.71
N PRO B 779 45.06 -5.72 27.01
CA PRO B 779 44.80 -5.72 25.56
C PRO B 779 43.33 -5.58 25.22
N SER B 780 42.75 -4.43 25.57
CA SER B 780 41.37 -4.14 25.27
C SER B 780 41.18 -3.49 23.90
N LYS B 781 42.26 -3.02 23.28
CA LYS B 781 42.25 -2.40 21.95
C LYS B 781 41.34 -1.17 21.89
N ARG B 782 41.01 -0.59 23.04
CA ARG B 782 40.17 0.60 23.09
C ARG B 782 40.74 1.58 24.12
N SER B 783 40.47 2.86 23.91
CA SER B 783 40.93 3.89 24.83
C SER B 783 39.99 3.98 26.03
N PHE B 784 40.35 4.83 26.99
CA PHE B 784 39.54 4.98 28.20
C PHE B 784 38.18 5.59 27.88
N ILE B 785 38.15 6.59 26.99
CA ILE B 785 36.90 7.26 26.67
C ILE B 785 35.97 6.33 25.89
N GLU B 786 36.54 5.54 24.97
CA GLU B 786 35.71 4.65 24.15
C GLU B 786 34.99 3.60 25.00
N ASP B 787 35.63 3.11 26.06
CA ASP B 787 34.95 2.16 26.95
C ASP B 787 33.74 2.80 27.61
N LEU B 788 33.89 4.05 28.08
CA LEU B 788 32.76 4.75 28.67
C LEU B 788 31.65 4.98 27.64
N LEU B 789 32.04 5.34 26.41
CA LEU B 789 31.04 5.54 25.36
C LEU B 789 30.28 4.26 25.06
N TYR B 790 30.99 3.12 24.99
CA TYR B 790 30.33 1.85 24.73
C TYR B 790 29.43 1.44 25.88
N ASN B 791 29.86 1.66 27.12
CA ASN B 791 29.05 1.27 28.28
C ASN B 791 27.89 2.22 28.53
N LYS B 792 27.94 3.44 27.99
CA LYS B 792 26.86 4.40 28.26
C LYS B 792 25.60 4.03 27.49
N VAL B 793 25.73 3.63 26.24
CA VAL B 793 24.59 3.28 25.39
C VAL B 793 24.50 1.76 25.29
N THR B 794 23.30 1.22 25.44
CA THR B 794 23.05 -0.21 25.43
C THR B 794 22.56 -0.66 24.06
N LEU B 795 22.51 -1.98 23.88
CA LEU B 795 22.05 -2.59 22.64
C LEU B 795 20.92 -3.57 22.95
N ALA B 796 20.09 -3.81 21.94
CA ALA B 796 18.94 -4.70 22.10
C ALA B 796 19.38 -6.11 22.42
N ASP B 797 20.08 -6.75 21.48
CA ASP B 797 20.53 -8.14 21.65
C ASP B 797 21.82 -8.33 20.86
N PRO B 798 22.96 -8.31 21.52
CA PRO B 798 24.23 -8.53 20.83
C PRO B 798 24.54 -10.02 20.71
N GLY B 799 25.60 -10.32 19.98
CA GLY B 799 26.07 -11.69 19.81
C GLY B 799 25.56 -12.46 18.62
N PHE B 800 24.23 -12.52 18.47
CA PHE B 800 23.58 -13.26 17.39
C PHE B 800 24.01 -14.73 17.40
N MET B 801 24.11 -15.31 18.60
CA MET B 801 24.54 -16.69 18.79
C MET B 801 23.57 -17.43 19.69
N LYS B 802 22.28 -17.31 19.39
CA LYS B 802 21.22 -17.89 20.20
C LYS B 802 20.78 -19.21 19.59
N GLN B 803 20.86 -20.28 20.36
CA GLN B 803 20.58 -21.64 19.89
C GLN B 803 19.36 -22.20 20.61
N TYR B 804 19.07 -23.47 20.34
CA TYR B 804 18.05 -24.19 21.09
C TYR B 804 18.50 -24.34 22.55
N GLY B 805 17.53 -24.30 23.45
CA GLY B 805 17.78 -24.11 24.85
C GLY B 805 17.82 -22.66 25.25
N ASP B 806 18.28 -21.78 24.36
CA ASP B 806 18.16 -20.34 24.53
C ASP B 806 16.88 -19.79 23.91
N CYS B 807 16.13 -20.62 23.18
CA CYS B 807 14.80 -20.28 22.70
C CYS B 807 13.80 -21.31 23.22
N LEU B 808 12.57 -21.25 22.68
CA LEU B 808 11.47 -22.06 23.18
C LEU B 808 11.71 -23.56 22.99
N GLY B 809 12.68 -23.96 22.16
CA GLY B 809 13.09 -25.35 22.15
C GLY B 809 13.57 -25.82 23.51
N GLY B 810 14.15 -24.92 24.29
CA GLY B 810 14.47 -25.19 25.69
C GLY B 810 13.49 -24.52 26.63
N VAL B 811 13.95 -23.51 27.37
CA VAL B 811 13.11 -22.79 28.32
C VAL B 811 13.39 -21.30 28.21
N ASN B 812 12.34 -20.50 28.06
CA ASN B 812 12.42 -19.05 28.15
C ASN B 812 11.09 -18.50 28.66
N ALA B 813 11.06 -17.18 28.87
CA ALA B 813 9.85 -16.44 29.14
C ALA B 813 9.26 -15.80 27.89
N ARG B 814 9.46 -16.43 26.73
CA ARG B 814 9.02 -15.91 25.44
C ARG B 814 9.67 -14.55 25.14
N ASP B 815 10.99 -14.57 25.01
CA ASP B 815 11.73 -13.37 24.67
C ASP B 815 11.38 -12.91 23.27
N LEU B 816 11.53 -11.61 23.03
CA LEU B 816 11.19 -11.03 21.74
C LEU B 816 12.07 -11.60 20.63
N ILE B 817 13.35 -11.82 20.91
CA ILE B 817 14.28 -12.24 19.87
C ILE B 817 13.90 -13.61 19.33
N CYS B 818 13.52 -14.55 20.21
CA CYS B 818 13.13 -15.87 19.73
C CYS B 818 11.79 -15.82 19.00
N ALA B 819 10.90 -14.90 19.38
CA ALA B 819 9.64 -14.74 18.67
C ALA B 819 9.88 -14.22 17.25
N GLN B 820 10.85 -13.33 17.09
CA GLN B 820 11.17 -12.81 15.75
C GLN B 820 11.69 -13.92 14.85
N LYS B 821 12.55 -14.80 15.37
CA LYS B 821 13.11 -15.88 14.57
C LYS B 821 12.08 -16.94 14.24
N PHE B 822 10.98 -17.02 15.00
CA PHE B 822 9.92 -17.97 14.69
C PHE B 822 9.07 -17.55 13.50
N ASN B 823 9.25 -16.32 13.01
CA ASN B 823 8.48 -15.81 11.88
C ASN B 823 9.37 -15.37 10.72
N GLY B 824 10.60 -15.88 10.65
CA GLY B 824 11.48 -15.57 9.55
C GLY B 824 12.21 -14.25 9.65
N LEU B 825 12.13 -13.56 10.78
CA LEU B 825 12.82 -12.29 10.97
C LEU B 825 14.18 -12.53 11.60
N THR B 826 15.24 -12.11 10.91
CA THR B 826 16.61 -12.31 11.36
C THR B 826 17.38 -11.01 11.25
N VAL B 827 18.44 -10.91 12.07
CA VAL B 827 19.32 -9.75 12.10
C VAL B 827 20.73 -10.22 11.77
N LEU B 828 21.35 -9.58 10.79
CA LEU B 828 22.69 -9.98 10.36
C LEU B 828 23.76 -9.16 11.05
N PRO B 829 24.89 -9.78 11.40
CA PRO B 829 25.96 -9.04 12.07
C PRO B 829 26.69 -8.15 11.07
N PRO B 830 27.28 -7.05 11.54
CA PRO B 830 28.06 -6.19 10.64
C PRO B 830 29.35 -6.86 10.19
N LEU B 831 29.83 -6.42 9.03
CA LEU B 831 31.06 -6.98 8.47
C LEU B 831 32.27 -6.68 9.35
N LEU B 832 32.36 -5.46 9.87
CA LEU B 832 33.48 -5.04 10.69
C LEU B 832 33.13 -5.19 12.16
N THR B 833 34.03 -5.83 12.92
CA THR B 833 33.82 -6.01 14.35
C THR B 833 34.21 -4.75 15.11
N ASP B 834 33.89 -4.73 16.40
CA ASP B 834 34.19 -3.57 17.23
C ASP B 834 35.70 -3.38 17.37
N ASP B 835 36.45 -4.48 17.51
CA ASP B 835 37.89 -4.37 17.67
C ASP B 835 38.55 -3.79 16.42
N MET B 836 38.09 -4.22 15.24
CA MET B 836 38.67 -3.72 14.00
C MET B 836 38.39 -2.23 13.81
N ILE B 837 37.20 -1.77 14.19
CA ILE B 837 36.87 -0.36 14.06
C ILE B 837 37.77 0.50 14.95
N ALA B 838 38.01 0.05 16.18
CA ALA B 838 38.86 0.81 17.09
C ALA B 838 40.29 0.89 16.59
N ALA B 839 40.72 -0.08 15.78
CA ALA B 839 42.07 -0.03 15.21
C ALA B 839 42.23 1.18 14.30
N TYR B 840 41.21 1.50 13.51
CA TYR B 840 41.27 2.67 12.65
C TYR B 840 41.41 3.94 13.47
N THR B 841 40.65 4.05 14.56
CA THR B 841 40.76 5.24 15.42
C THR B 841 42.14 5.33 16.07
N SER B 842 42.67 4.19 16.52
CA SER B 842 44.01 4.18 17.11
C SER B 842 45.06 4.61 16.10
N ALA B 843 44.95 4.14 14.86
CA ALA B 843 45.89 4.54 13.82
C ALA B 843 45.75 6.02 13.49
N LEU B 844 44.52 6.53 13.45
CA LEU B 844 44.30 7.93 13.11
C LEU B 844 44.86 8.86 14.19
N VAL B 845 44.60 8.53 15.46
CA VAL B 845 45.07 9.38 16.55
C VAL B 845 46.60 9.34 16.63
N SER B 846 47.19 8.16 16.49
CA SER B 846 48.64 8.04 16.55
C SER B 846 49.31 8.77 15.40
N GLY B 847 48.70 8.73 14.21
CA GLY B 847 49.29 9.42 13.07
C GLY B 847 49.32 10.92 13.24
N THR B 848 48.30 11.47 13.90
CA THR B 848 48.27 12.92 14.12
C THR B 848 49.41 13.37 15.03
N ALA B 849 49.70 12.60 16.08
CA ALA B 849 50.76 12.96 17.01
C ALA B 849 52.16 12.82 16.43
N LEU B 850 52.30 12.13 15.29
CA LEU B 850 53.60 11.90 14.68
C LEU B 850 53.84 12.71 13.41
N SER B 851 52.78 13.07 12.68
CA SER B 851 52.93 13.81 11.44
C SER B 851 51.98 14.98 11.28
N GLY B 852 50.95 15.09 12.11
CA GLY B 852 49.99 16.17 11.97
C GLY B 852 48.90 15.85 10.96
N TYR B 853 49.02 16.40 9.75
CA TYR B 853 48.11 16.10 8.66
C TYR B 853 48.83 15.84 7.35
N THR B 854 50.16 15.71 7.37
CA THR B 854 50.90 15.45 6.15
C THR B 854 50.65 14.04 5.63
N PHE B 855 50.38 13.08 6.53
CA PHE B 855 50.13 11.71 6.11
C PHE B 855 48.80 11.55 5.37
N GLY B 856 47.88 12.50 5.54
CA GLY B 856 46.63 12.42 4.81
C GLY B 856 46.77 12.73 3.33
N ALA B 857 47.73 13.57 2.97
CA ALA B 857 47.98 13.94 1.59
C ALA B 857 49.09 13.13 0.94
N GLY B 858 49.68 12.18 1.67
CA GLY B 858 50.75 11.37 1.13
C GLY B 858 51.47 10.55 2.18
N ALA B 859 52.80 10.56 2.17
CA ALA B 859 53.58 9.82 3.15
C ALA B 859 53.71 10.62 4.44
N ALA B 860 54.04 9.90 5.51
CA ALA B 860 54.19 10.53 6.82
C ALA B 860 55.47 11.36 6.88
N LEU B 861 55.41 12.46 7.63
CA LEU B 861 56.54 13.35 7.82
C LEU B 861 56.71 13.59 9.31
N GLN B 862 57.84 13.12 9.87
CA GLN B 862 58.09 13.28 11.29
C GLN B 862 58.31 14.75 11.63
N ILE B 863 57.81 15.16 12.79
CA ILE B 863 57.92 16.54 13.26
C ILE B 863 57.69 16.57 14.76
N PRO B 864 58.46 17.36 15.52
CA PRO B 864 58.17 17.51 16.95
C PRO B 864 56.78 18.11 17.17
N PHE B 865 56.13 17.66 18.23
CA PHE B 865 54.78 18.12 18.52
C PHE B 865 54.75 19.60 18.88
N ALA B 866 55.77 20.07 19.58
CA ALA B 866 55.82 21.50 19.95
C ALA B 866 55.88 22.38 18.71
N MET B 867 56.68 22.00 17.72
CA MET B 867 56.73 22.76 16.47
C MET B 867 55.47 22.54 15.65
N GLN B 868 54.89 21.34 15.70
CA GLN B 868 53.64 21.09 14.98
C GLN B 868 52.51 21.95 15.51
N MET B 869 52.40 22.07 16.84
CA MET B 869 51.38 22.92 17.43
C MET B 869 51.61 24.40 17.17
N ALA B 870 52.86 24.79 16.93
CA ALA B 870 53.17 26.19 16.68
C ALA B 870 52.51 26.68 15.40
N TYR B 871 52.56 25.88 14.33
CA TYR B 871 51.97 26.30 13.07
C TYR B 871 50.45 26.20 13.07
N ARG B 872 49.86 25.41 13.96
CA ARG B 872 48.42 25.45 14.15
C ARG B 872 47.99 26.82 14.66
N PHE B 873 48.77 27.40 15.57
CA PHE B 873 48.52 28.77 16.01
C PHE B 873 48.80 29.78 14.91
N ASN B 874 49.67 29.42 13.95
CA ASN B 874 49.97 30.34 12.86
C ASN B 874 48.84 30.41 11.84
N GLY B 875 48.09 29.32 11.68
CA GLY B 875 47.00 29.31 10.72
C GLY B 875 45.80 30.13 11.13
N ILE B 876 45.68 30.45 12.42
CA ILE B 876 44.55 31.23 12.92
C ILE B 876 44.92 32.71 13.07
N GLY B 877 46.01 33.15 12.45
CA GLY B 877 46.39 34.55 12.47
C GLY B 877 47.18 34.98 13.68
N VAL B 878 47.60 34.07 14.54
CA VAL B 878 48.37 34.40 15.74
C VAL B 878 49.84 34.06 15.49
N THR B 879 50.72 34.92 15.98
CA THR B 879 52.15 34.75 15.74
C THR B 879 52.67 33.51 16.45
N GLN B 880 53.80 33.01 15.96
CA GLN B 880 54.36 31.76 16.47
C GLN B 880 54.99 31.93 17.85
N ASN B 881 55.46 33.14 18.18
CA ASN B 881 56.19 33.35 19.42
C ASN B 881 55.33 33.16 20.66
N VAL B 882 54.01 33.33 20.55
CA VAL B 882 53.15 33.29 21.73
C VAL B 882 53.09 31.87 22.31
N LEU B 883 53.19 30.84 21.46
CA LEU B 883 53.10 29.48 21.95
C LEU B 883 54.30 29.11 22.82
N TYR B 884 55.50 29.51 22.41
CA TYR B 884 56.69 29.17 23.18
C TYR B 884 56.74 29.93 24.51
N GLU B 885 56.09 31.10 24.57
CA GLU B 885 56.10 31.88 25.80
C GLU B 885 55.19 31.28 26.86
N ASN B 886 54.10 30.62 26.44
CA ASN B 886 53.10 30.08 27.36
C ASN B 886 52.77 28.64 27.01
N GLN B 887 53.79 27.83 26.73
CA GLN B 887 53.56 26.43 26.38
C GLN B 887 52.99 25.65 27.57
N LYS B 888 53.50 25.91 28.77
CA LYS B 888 53.04 25.18 29.94
C LYS B 888 51.58 25.44 30.23
N GLN B 889 51.14 26.71 30.11
CA GLN B 889 49.74 27.03 30.35
C GLN B 889 48.84 26.36 29.32
N ILE B 890 49.25 26.35 28.05
CA ILE B 890 48.46 25.70 27.01
C ILE B 890 48.35 24.21 27.27
N ALA B 891 49.46 23.57 27.64
CA ALA B 891 49.42 22.14 27.93
C ALA B 891 48.53 21.84 29.13
N ASN B 892 48.62 22.66 30.17
CA ASN B 892 47.79 22.45 31.36
C ASN B 892 46.32 22.61 31.02
N GLN B 893 45.97 23.63 30.23
CA GLN B 893 44.57 23.82 29.84
C GLN B 893 44.08 22.66 28.99
N PHE B 894 44.90 22.17 28.06
CA PHE B 894 44.51 21.04 27.23
C PHE B 894 44.26 19.80 28.08
N ASN B 895 45.17 19.52 29.02
CA ASN B 895 45.00 18.35 29.89
C ASN B 895 43.76 18.50 30.76
N LYS B 896 43.52 19.70 31.29
CA LYS B 896 42.36 19.93 32.13
C LYS B 896 41.07 19.72 31.33
N ALA B 897 41.02 20.23 30.10
CA ALA B 897 39.83 20.04 29.28
C ALA B 897 39.61 18.56 28.95
N ILE B 898 40.69 17.85 28.63
CA ILE B 898 40.57 16.42 28.33
C ILE B 898 40.05 15.66 29.55
N SER B 899 40.58 15.98 30.73
CA SER B 899 40.10 15.32 31.95
C SER B 899 38.65 15.67 32.24
N GLN B 900 38.26 16.93 32.04
CA GLN B 900 36.89 17.35 32.32
C GLN B 900 35.90 16.76 31.32
N ILE B 901 36.36 16.37 30.14
CA ILE B 901 35.47 15.73 29.17
C ILE B 901 34.89 14.44 29.77
N GLN B 902 35.73 13.64 30.44
CA GLN B 902 35.26 12.40 31.05
C GLN B 902 34.24 12.68 32.15
N GLU B 903 34.50 13.68 32.99
CA GLU B 903 33.55 14.02 34.05
C GLU B 903 32.22 14.50 33.48
N SER B 904 32.27 15.32 32.43
CA SER B 904 31.04 15.79 31.81
C SER B 904 30.26 14.64 31.20
N LEU B 905 30.96 13.70 30.55
CA LEU B 905 30.28 12.53 30.00
C LEU B 905 29.64 11.69 31.10
N THR B 906 30.34 11.51 32.22
CA THR B 906 29.81 10.71 33.30
C THR B 906 28.59 11.36 33.94
N THR B 907 28.63 12.69 34.12
CA THR B 907 27.57 13.38 34.85
C THR B 907 26.29 13.52 34.05
N THR B 908 26.35 13.39 32.72
CA THR B 908 25.18 13.56 31.87
C THR B 908 24.83 12.25 31.19
N ALA B 909 23.58 12.17 30.71
CA ALA B 909 23.10 10.98 30.01
C ALA B 909 22.25 11.33 28.81
N THR B 910 22.38 12.53 28.26
CA THR B 910 21.58 12.97 27.12
C THR B 910 22.39 13.30 25.88
N ALA B 911 23.72 13.37 25.98
CA ALA B 911 24.53 13.69 24.80
C ALA B 911 24.44 12.58 23.77
N LEU B 912 24.52 11.32 24.19
CA LEU B 912 24.42 10.18 23.29
C LEU B 912 22.95 9.80 23.15
N GLY B 913 22.24 10.57 22.33
CA GLY B 913 20.82 10.37 22.15
C GLY B 913 20.42 9.79 20.82
N LYS B 914 21.13 10.18 19.75
CA LYS B 914 20.74 9.75 18.41
C LYS B 914 20.89 8.25 18.23
N LEU B 915 21.99 7.67 18.75
CA LEU B 915 22.19 6.23 18.62
C LEU B 915 21.12 5.46 19.37
N GLN B 916 20.80 5.89 20.59
CA GLN B 916 19.72 5.25 21.34
C GLN B 916 18.39 5.39 20.60
N ASP B 917 18.14 6.56 20.01
CA ASP B 917 16.89 6.77 19.29
C ASP B 917 16.76 5.83 18.10
N VAL B 918 17.83 5.68 17.32
CA VAL B 918 17.75 4.82 16.13
C VAL B 918 17.65 3.36 16.54
N ILE B 919 18.35 2.95 17.59
CA ILE B 919 18.24 1.57 18.08
C ILE B 919 16.81 1.29 18.54
N ASN B 920 16.23 2.23 19.29
CA ASN B 920 14.86 2.05 19.76
C ASN B 920 13.87 2.02 18.61
N GLN B 921 14.09 2.86 17.59
CA GLN B 921 13.20 2.86 16.44
C GLN B 921 13.24 1.52 15.70
N ASN B 922 14.44 0.98 15.49
CA ASN B 922 14.55 -0.31 14.83
C ASN B 922 13.89 -1.42 15.65
N ALA B 923 14.13 -1.42 16.97
CA ALA B 923 13.53 -2.44 17.82
C ALA B 923 12.01 -2.34 17.82
N ILE B 924 11.48 -1.12 17.89
CA ILE B 924 10.04 -0.91 17.90
C ILE B 924 9.43 -1.36 16.58
N ALA B 925 10.09 -1.04 15.46
CA ALA B 925 9.58 -1.48 14.16
C ALA B 925 9.53 -3.00 14.07
N LEU B 926 10.60 -3.67 14.51
CA LEU B 926 10.62 -5.13 14.47
C LEU B 926 9.54 -5.72 15.37
N ASN B 927 9.38 -5.19 16.57
CA ASN B 927 8.38 -5.71 17.50
C ASN B 927 6.97 -5.49 16.97
N THR B 928 6.70 -4.32 16.37
CA THR B 928 5.39 -4.08 15.79
C THR B 928 5.11 -5.01 14.62
N LEU B 929 6.12 -5.25 13.78
CA LEU B 929 5.94 -6.18 12.68
C LEU B 929 5.65 -7.59 13.19
N VAL B 930 6.32 -8.00 14.26
CA VAL B 930 6.07 -9.32 14.83
C VAL B 930 4.67 -9.41 15.41
N LYS B 931 4.25 -8.39 16.15
CA LYS B 931 2.95 -8.42 16.83
C LYS B 931 1.79 -8.10 15.91
N GLN B 932 2.04 -7.68 14.67
CA GLN B 932 0.94 -7.37 13.75
C GLN B 932 0.17 -8.62 13.33
N LEU B 933 0.74 -9.81 13.52
CA LEU B 933 0.08 -11.04 13.10
C LEU B 933 -1.16 -11.38 13.92
N SER B 934 -1.35 -10.75 15.08
CA SER B 934 -2.50 -11.06 15.92
C SER B 934 -3.80 -10.64 15.26
N SER B 935 -3.78 -9.62 14.41
CA SER B 935 -4.99 -9.15 13.76
C SER B 935 -5.45 -10.13 12.70
N ASN B 936 -6.76 -10.36 12.65
CA ASN B 936 -7.36 -11.27 11.69
C ASN B 936 -7.97 -10.55 10.49
N PHE B 937 -7.88 -9.22 10.44
CA PHE B 937 -8.43 -8.40 9.35
C PHE B 937 -9.92 -8.71 9.24
N GLY B 938 -10.45 -9.02 8.06
CA GLY B 938 -11.85 -9.34 7.89
C GLY B 938 -12.19 -10.81 7.94
N ALA B 939 -11.25 -11.66 8.33
CA ALA B 939 -11.49 -13.10 8.39
C ALA B 939 -12.17 -13.45 9.71
N ILE B 940 -12.32 -14.76 9.97
CA ILE B 940 -12.97 -15.21 11.19
C ILE B 940 -11.99 -15.47 12.33
N SER B 941 -10.71 -15.72 12.03
CA SER B 941 -9.73 -15.99 13.06
C SER B 941 -8.34 -15.68 12.53
N SER B 942 -7.47 -15.21 13.42
CA SER B 942 -6.09 -14.94 13.04
C SER B 942 -5.34 -16.24 12.77
N VAL B 943 -5.62 -17.28 13.55
CA VAL B 943 -4.96 -18.57 13.35
C VAL B 943 -5.41 -19.16 12.03
N LEU B 944 -4.46 -19.78 11.32
CA LEU B 944 -4.75 -20.41 10.04
C LEU B 944 -5.08 -21.89 10.16
N ASN B 945 -4.63 -22.53 11.25
CA ASN B 945 -4.89 -23.96 11.41
C ASN B 945 -6.37 -24.26 11.60
N ASP B 946 -7.07 -23.45 12.40
CA ASP B 946 -8.48 -23.72 12.67
C ASP B 946 -9.35 -23.45 11.46
N ILE B 947 -8.97 -22.49 10.62
CA ILE B 947 -9.74 -22.20 9.42
C ILE B 947 -9.77 -23.40 8.48
N LEU B 948 -8.62 -24.04 8.28
CA LEU B 948 -8.57 -25.26 7.48
C LEU B 948 -9.13 -26.47 8.21
N SER B 949 -9.38 -26.35 9.52
CA SER B 949 -9.91 -27.46 10.30
C SER B 949 -11.43 -27.48 10.35
N ARG B 950 -12.10 -26.45 9.82
CA ARG B 950 -13.56 -26.40 9.87
C ARG B 950 -14.22 -25.99 8.57
N LEU B 951 -13.47 -25.57 7.55
CA LEU B 951 -14.04 -25.09 6.30
C LEU B 951 -13.43 -25.80 5.11
N ASP B 952 -14.21 -25.96 4.06
CA ASP B 952 -13.71 -26.55 2.82
C ASP B 952 -12.77 -25.57 2.12
N PRO B 953 -11.85 -26.08 1.30
CA PRO B 953 -10.92 -25.20 0.58
C PRO B 953 -11.63 -24.15 -0.27
N PRO B 954 -12.74 -24.48 -0.95
CA PRO B 954 -13.44 -23.42 -1.70
C PRO B 954 -13.90 -22.26 -0.83
N GLU B 955 -14.24 -22.52 0.43
CA GLU B 955 -14.59 -21.44 1.34
C GLU B 955 -13.38 -20.90 2.10
N ALA B 956 -12.35 -21.72 2.30
CA ALA B 956 -11.16 -21.28 3.02
C ALA B 956 -10.29 -20.36 2.19
N GLU B 957 -10.36 -20.44 0.86
CA GLU B 957 -9.54 -19.58 0.02
C GLU B 957 -9.87 -18.11 0.24
N VAL B 958 -11.16 -17.79 0.37
CA VAL B 958 -11.57 -16.41 0.60
C VAL B 958 -11.01 -15.90 1.92
N GLN B 959 -11.07 -16.74 2.96
CA GLN B 959 -10.53 -16.33 4.26
C GLN B 959 -9.02 -16.14 4.20
N ILE B 960 -8.32 -17.02 3.47
CA ILE B 960 -6.85 -16.92 3.40
C ILE B 960 -6.42 -15.69 2.59
N ASP B 961 -7.19 -15.32 1.56
CA ASP B 961 -6.77 -14.24 0.68
C ASP B 961 -6.62 -12.91 1.41
N ARG B 962 -7.58 -12.57 2.27
CA ARG B 962 -7.50 -11.29 2.98
C ARG B 962 -6.33 -11.26 3.95
N LEU B 963 -6.06 -12.38 4.63
CA LEU B 963 -4.90 -12.44 5.50
C LEU B 963 -3.61 -12.25 4.72
N ILE B 964 -3.51 -12.89 3.55
CA ILE B 964 -2.31 -12.75 2.72
C ILE B 964 -2.13 -11.29 2.29
N THR B 965 -3.23 -10.66 1.85
CA THR B 965 -3.14 -9.26 1.43
C THR B 965 -2.72 -8.35 2.57
N GLY B 966 -3.28 -8.55 3.75
CA GLY B 966 -2.92 -7.70 4.89
C GLY B 966 -1.47 -7.88 5.30
N ARG B 967 -0.99 -9.12 5.34
CA ARG B 967 0.41 -9.36 5.71
C ARG B 967 1.35 -8.77 4.67
N LEU B 968 1.01 -8.89 3.39
CA LEU B 968 1.84 -8.29 2.35
C LEU B 968 1.86 -6.77 2.47
N GLN B 969 0.71 -6.16 2.80
CA GLN B 969 0.66 -4.72 2.99
C GLN B 969 1.55 -4.28 4.15
N SER B 970 1.51 -5.03 5.26
CA SER B 970 2.36 -4.72 6.40
C SER B 970 3.84 -4.83 6.03
N LEU B 971 4.20 -5.88 5.29
CA LEU B 971 5.59 -6.03 4.86
C LEU B 971 6.02 -4.89 3.96
N GLN B 972 5.16 -4.47 3.03
CA GLN B 972 5.48 -3.36 2.15
C GLN B 972 5.69 -2.07 2.94
N THR B 973 4.82 -1.81 3.93
CA THR B 973 4.99 -0.61 4.75
C THR B 973 6.31 -0.64 5.51
N TYR B 974 6.65 -1.80 6.09
CA TYR B 974 7.91 -1.92 6.82
C TYR B 974 9.10 -1.68 5.89
N VAL B 975 9.06 -2.24 4.67
CA VAL B 975 10.16 -2.07 3.73
C VAL B 975 10.31 -0.61 3.34
N THR B 976 9.19 0.08 3.09
CA THR B 976 9.26 1.49 2.71
C THR B 976 9.86 2.33 3.84
N GLN B 977 9.42 2.08 5.08
CA GLN B 977 9.98 2.83 6.20
C GLN B 977 11.47 2.56 6.36
N GLN B 978 11.88 1.30 6.19
CA GLN B 978 13.30 0.97 6.28
C GLN B 978 14.10 1.66 5.19
N LEU B 979 13.55 1.75 3.97
CA LEU B 979 14.25 2.45 2.89
C LEU B 979 14.43 3.93 3.22
N ILE B 980 13.38 4.57 3.75
CA ILE B 980 13.49 5.99 4.09
C ILE B 980 14.54 6.19 5.18
N ARG B 981 14.52 5.34 6.21
CA ARG B 981 15.52 5.45 7.28
C ARG B 981 16.92 5.21 6.74
N ALA B 982 17.07 4.28 5.80
CA ALA B 982 18.36 4.01 5.20
C ALA B 982 18.88 5.23 4.43
N ALA B 983 17.99 5.92 3.71
CA ALA B 983 18.39 7.13 3.01
C ALA B 983 18.85 8.20 3.99
N GLU B 984 18.12 8.38 5.09
CA GLU B 984 18.52 9.37 6.09
C GLU B 984 19.88 9.02 6.70
N ILE B 985 20.09 7.74 7.01
CA ILE B 985 21.37 7.31 7.57
C ILE B 985 22.49 7.49 6.56
N ARG B 986 22.20 7.27 5.27
CA ARG B 986 23.19 7.51 4.23
C ARG B 986 23.61 8.98 4.20
N ALA B 987 22.64 9.89 4.27
CA ALA B 987 22.98 11.31 4.30
C ALA B 987 23.83 11.65 5.52
N SER B 988 23.44 11.14 6.69
CA SER B 988 24.21 11.41 7.91
C SER B 988 25.62 10.87 7.81
N ALA B 989 25.78 9.66 7.25
CA ALA B 989 27.10 9.05 7.11
C ALA B 989 27.97 9.84 6.13
N ASN B 990 27.36 10.33 5.04
CA ASN B 990 28.12 11.17 4.12
C ASN B 990 28.61 12.44 4.81
N LEU B 991 27.75 13.09 5.59
CA LEU B 991 28.17 14.28 6.32
C LEU B 991 29.31 13.95 7.29
N ALA B 992 29.17 12.83 8.02
CA ALA B 992 30.21 12.45 8.98
C ALA B 992 31.54 12.16 8.29
N ALA B 993 31.49 11.48 7.14
CA ALA B 993 32.72 11.19 6.41
C ALA B 993 33.37 12.46 5.90
N THR B 994 32.58 13.41 5.39
CA THR B 994 33.14 14.68 4.94
C THR B 994 33.78 15.42 6.10
N LYS B 995 33.12 15.45 7.26
CA LYS B 995 33.68 16.13 8.42
C LYS B 995 34.98 15.46 8.88
N MET B 996 35.01 14.13 8.88
CA MET B 996 36.23 13.41 9.25
C MET B 996 37.37 13.74 8.29
N SER B 997 37.08 13.78 6.99
CA SER B 997 38.12 14.05 6.01
C SER B 997 38.64 15.48 6.13
N GLU B 998 37.75 16.45 6.37
CA GLU B 998 38.14 17.85 6.34
C GLU B 998 38.54 18.41 7.70
N CYS B 999 38.37 17.65 8.78
CA CYS B 999 38.67 18.15 10.11
C CYS B 999 39.75 17.38 10.85
N VAL B 1000 39.96 16.10 10.54
CA VAL B 1000 40.97 15.29 11.21
C VAL B 1000 42.26 15.23 10.40
N LEU B 1001 42.16 15.06 9.09
CA LEU B 1001 43.32 15.00 8.21
C LEU B 1001 43.74 16.38 7.71
N GLY B 1002 43.36 17.44 8.41
CA GLY B 1002 43.73 18.78 8.01
C GLY B 1002 43.14 19.80 8.94
N GLN B 1003 43.39 21.07 8.62
CA GLN B 1003 42.87 22.19 9.38
C GLN B 1003 41.89 22.97 8.51
N SER B 1004 40.72 23.26 9.07
CA SER B 1004 39.64 23.91 8.34
C SER B 1004 39.40 25.30 8.90
N LYS B 1005 39.25 26.28 8.01
CA LYS B 1005 38.95 27.65 8.38
C LYS B 1005 37.46 27.97 8.29
N ARG B 1006 36.62 26.99 7.98
CA ARG B 1006 35.19 27.22 7.90
C ARG B 1006 34.61 27.53 9.27
N VAL B 1007 33.69 28.49 9.32
CA VAL B 1007 33.14 28.96 10.58
C VAL B 1007 32.15 27.94 11.12
N ASP B 1008 32.32 27.58 12.39
CA ASP B 1008 31.41 26.67 13.09
C ASP B 1008 31.30 25.31 12.42
N PHE B 1009 32.37 24.88 11.75
CA PHE B 1009 32.40 23.56 11.14
C PHE B 1009 33.10 22.52 11.99
N CYS B 1010 34.03 22.94 12.85
CA CYS B 1010 34.76 22.05 13.75
C CYS B 1010 34.69 22.58 15.18
N GLY B 1011 33.52 23.03 15.59
CA GLY B 1011 33.31 23.53 16.94
C GLY B 1011 33.06 25.03 16.98
N LYS B 1012 33.34 25.62 18.13
CA LYS B 1012 33.17 27.04 18.36
C LYS B 1012 34.53 27.69 18.54
N GLY B 1013 34.79 28.72 17.73
CA GLY B 1013 36.07 29.40 17.78
C GLY B 1013 36.95 29.09 16.58
N TYR B 1014 38.26 29.12 16.78
CA TYR B 1014 39.22 28.84 15.71
C TYR B 1014 39.70 27.40 15.85
N HIS B 1015 39.44 26.58 14.84
CA HIS B 1015 39.77 25.16 14.90
C HIS B 1015 41.27 24.96 14.87
N LEU B 1016 41.75 24.03 15.70
CA LEU B 1016 43.16 23.66 15.74
C LEU B 1016 43.38 22.21 15.31
N MET B 1017 42.70 21.26 15.94
CA MET B 1017 42.85 19.85 15.60
C MET B 1017 41.64 19.09 16.13
N SER B 1018 41.45 17.88 15.61
CA SER B 1018 40.32 17.05 15.99
C SER B 1018 40.80 15.62 16.24
N PHE B 1019 40.08 14.91 17.11
CA PHE B 1019 40.41 13.54 17.48
C PHE B 1019 39.18 12.67 17.25
N PRO B 1020 39.28 11.61 16.44
CA PRO B 1020 38.13 10.71 16.24
C PRO B 1020 38.04 9.64 17.32
N GLN B 1021 36.80 9.36 17.73
CA GLN B 1021 36.52 8.33 18.71
C GLN B 1021 35.37 7.46 18.22
N ALA B 1022 35.52 6.14 18.36
CA ALA B 1022 34.52 5.21 17.88
C ALA B 1022 33.34 5.13 18.85
N ALA B 1023 32.14 5.01 18.29
CA ALA B 1023 30.91 4.89 19.05
C ALA B 1023 30.05 3.82 18.40
N PRO B 1024 29.16 3.19 19.17
CA PRO B 1024 28.27 2.16 18.58
C PRO B 1024 27.33 2.78 17.56
N HIS B 1025 27.44 2.33 16.31
CA HIS B 1025 26.64 2.85 15.20
C HIS B 1025 26.82 4.36 15.05
N GLY B 1026 28.04 4.83 15.25
CA GLY B 1026 28.30 6.26 15.14
C GLY B 1026 29.77 6.57 15.35
N VAL B 1027 30.06 7.85 15.48
CA VAL B 1027 31.42 8.34 15.70
C VAL B 1027 31.35 9.61 16.53
N VAL B 1028 32.37 9.82 17.35
CA VAL B 1028 32.46 10.97 18.24
C VAL B 1028 33.71 11.76 17.89
N PHE B 1029 33.56 13.07 17.72
CA PHE B 1029 34.66 13.96 17.38
C PHE B 1029 34.98 14.85 18.58
N LEU B 1030 36.26 14.99 18.90
CA LEU B 1030 36.75 15.87 19.94
C LEU B 1030 37.46 17.04 19.28
N HIS B 1031 36.86 18.23 19.37
CA HIS B 1031 37.36 19.41 18.69
C HIS B 1031 38.11 20.29 19.68
N VAL B 1032 39.34 20.66 19.33
CA VAL B 1032 40.16 21.57 20.11
C VAL B 1032 40.20 22.90 19.38
N THR B 1033 39.79 23.97 20.07
CA THR B 1033 39.62 25.28 19.46
C THR B 1033 40.36 26.34 20.26
N TYR B 1034 40.44 27.53 19.67
CA TYR B 1034 41.10 28.68 20.27
C TYR B 1034 40.06 29.77 20.50
N VAL B 1035 39.90 30.18 21.76
CA VAL B 1035 38.88 31.16 22.13
C VAL B 1035 39.54 32.33 22.85
N PRO B 1036 39.55 33.53 22.26
CA PRO B 1036 40.08 34.70 22.97
C PRO B 1036 39.16 35.16 24.07
N SER B 1037 39.73 35.86 25.04
CA SER B 1037 38.97 36.38 26.18
C SER B 1037 39.77 37.52 26.79
N GLN B 1038 39.22 38.08 27.88
CA GLN B 1038 39.84 39.16 28.64
C GLN B 1038 40.12 40.38 27.74
N GLU B 1039 39.03 40.96 27.25
CA GLU B 1039 39.12 42.11 26.35
C GLU B 1039 39.65 43.34 27.10
N GLN B 1040 40.19 44.27 26.32
CA GLN B 1040 40.68 45.53 26.86
C GLN B 1040 40.22 46.67 25.96
N ASN B 1041 40.18 47.87 26.53
CA ASN B 1041 39.63 49.05 25.89
C ASN B 1041 40.77 49.87 25.27
N PHE B 1042 40.61 50.25 24.00
CA PHE B 1042 41.62 51.03 23.31
C PHE B 1042 40.95 51.92 22.27
N THR B 1043 41.71 52.90 21.79
CA THR B 1043 41.28 53.80 20.72
C THR B 1043 42.16 53.59 19.50
N THR B 1044 41.61 53.91 18.32
CA THR B 1044 42.28 53.64 17.07
C THR B 1044 42.02 54.76 16.08
N ALA B 1045 42.88 54.82 15.06
CA ALA B 1045 42.78 55.77 13.96
C ALA B 1045 42.95 55.05 12.63
N PRO B 1046 42.34 55.55 11.57
CA PRO B 1046 42.44 54.87 10.26
C PRO B 1046 43.85 54.81 9.71
N ALA B 1047 44.50 55.96 9.57
CA ALA B 1047 45.82 56.04 8.95
C ALA B 1047 46.70 57.02 9.72
N ILE B 1048 47.95 57.13 9.30
CA ILE B 1048 48.94 57.99 9.94
C ILE B 1048 49.58 58.87 8.87
N CYS B 1049 49.68 60.17 9.15
CA CYS B 1049 50.29 61.13 8.26
C CYS B 1049 51.65 61.54 8.82
N HIS B 1050 52.71 61.23 8.08
CA HIS B 1050 54.07 61.57 8.51
C HIS B 1050 54.53 62.90 7.93
N LYS B 1051 54.59 63.00 6.59
CA LYS B 1051 54.91 64.27 5.94
C LYS B 1051 54.16 64.28 4.60
N GLY B 1052 52.96 64.84 4.62
CA GLY B 1052 52.15 64.98 3.41
C GLY B 1052 51.77 63.66 2.76
N LYS B 1053 52.07 62.55 3.43
CA LYS B 1053 51.80 61.22 2.89
C LYS B 1053 51.11 60.37 3.95
N ALA B 1054 50.26 59.46 3.49
CA ALA B 1054 49.48 58.60 4.37
C ALA B 1054 50.11 57.20 4.43
N HIS B 1055 50.13 56.63 5.62
CA HIS B 1055 50.68 55.30 5.86
C HIS B 1055 49.56 54.39 6.36
N PHE B 1056 49.45 53.21 5.78
CA PHE B 1056 48.44 52.24 6.16
C PHE B 1056 49.09 50.99 6.74
N PRO B 1057 48.50 50.41 7.79
CA PRO B 1057 49.10 49.23 8.41
C PRO B 1057 49.02 48.02 7.49
N ARG B 1058 49.97 47.10 7.67
CA ARG B 1058 50.01 45.87 6.89
C ARG B 1058 49.30 44.72 7.60
N GLU B 1059 49.61 44.49 8.87
CA GLU B 1059 49.02 43.42 9.66
C GLU B 1059 48.62 43.99 11.03
N GLY B 1060 47.40 44.48 11.14
CA GLY B 1060 46.85 44.98 12.39
C GLY B 1060 46.35 46.39 12.24
N VAL B 1061 46.12 47.04 13.38
CA VAL B 1061 45.62 48.40 13.45
C VAL B 1061 46.49 49.19 14.42
N PHE B 1062 46.16 50.46 14.59
CA PHE B 1062 46.91 51.36 15.47
C PHE B 1062 46.20 51.47 16.81
N VAL B 1063 46.97 51.36 17.90
CA VAL B 1063 46.46 51.52 19.25
C VAL B 1063 47.18 52.70 19.89
N THR B 1064 46.67 53.12 21.05
CA THR B 1064 47.17 54.32 21.69
C THR B 1064 47.07 54.22 23.21
N ASN B 1065 48.18 54.46 23.89
CA ASN B 1065 48.17 54.81 25.31
C ASN B 1065 48.77 56.20 25.46
N GLY B 1066 48.23 56.97 26.41
CA GLY B 1066 48.87 58.18 26.92
C GLY B 1066 49.64 59.01 25.93
N THR B 1067 49.01 59.36 24.80
CA THR B 1067 49.67 60.08 23.71
C THR B 1067 50.86 59.29 23.15
N HIS B 1068 50.56 58.09 22.66
CA HIS B 1068 51.53 57.25 21.98
C HIS B 1068 50.79 56.44 20.92
N TRP B 1069 51.57 55.78 20.07
CA TRP B 1069 50.99 54.99 18.99
C TRP B 1069 51.80 53.72 18.77
N PHE B 1070 51.10 52.62 18.51
CA PHE B 1070 51.72 51.32 18.30
C PHE B 1070 50.91 50.52 17.30
N VAL B 1071 51.53 49.47 16.76
CA VAL B 1071 50.88 48.55 15.84
C VAL B 1071 50.88 47.16 16.48
N THR B 1072 49.70 46.54 16.56
CA THR B 1072 49.55 45.25 17.21
C THR B 1072 48.62 44.38 16.37
N GLN B 1073 48.47 43.13 16.79
CA GLN B 1073 47.59 42.19 16.11
C GLN B 1073 46.14 42.42 16.55
N ARG B 1074 45.26 41.49 16.20
CA ARG B 1074 43.86 41.54 16.62
C ARG B 1074 43.48 40.40 17.56
N ASN B 1075 43.91 39.18 17.27
CA ASN B 1075 43.63 38.06 18.16
C ASN B 1075 44.45 38.09 19.43
N PHE B 1076 45.52 38.89 19.48
CA PHE B 1076 46.35 39.01 20.66
C PHE B 1076 46.91 40.42 20.73
N TYR B 1077 47.28 40.83 21.93
CA TYR B 1077 47.78 42.18 22.18
C TYR B 1077 49.30 42.13 22.27
N GLN B 1078 49.97 42.87 21.40
CA GLN B 1078 51.42 42.94 21.38
C GLN B 1078 51.87 44.22 20.68
N PRO B 1079 51.96 45.34 21.39
CA PRO B 1079 52.33 46.60 20.74
C PRO B 1079 53.76 46.58 20.21
N GLU B 1080 53.95 47.30 19.11
CA GLU B 1080 55.27 47.47 18.51
C GLU B 1080 55.37 48.89 17.95
N VAL B 1081 56.61 49.35 17.83
CA VAL B 1081 56.85 50.70 17.32
C VAL B 1081 56.53 50.74 15.82
N ILE B 1082 56.05 51.89 15.37
CA ILE B 1082 55.69 52.08 13.97
C ILE B 1082 56.96 52.34 13.17
N THR B 1083 57.21 51.50 12.17
CA THR B 1083 58.39 51.60 11.33
C THR B 1083 57.96 51.61 9.86
N THR B 1084 58.94 51.81 8.98
CA THR B 1084 58.67 51.87 7.55
C THR B 1084 58.41 50.50 6.95
N GLU B 1085 58.83 49.43 7.61
CA GLU B 1085 58.59 48.08 7.12
C GLU B 1085 57.29 47.49 7.62
N ASN B 1086 56.60 48.16 8.55
CA ASN B 1086 55.30 47.71 9.03
C ASN B 1086 54.13 48.39 8.32
N THR B 1087 54.38 49.50 7.63
CA THR B 1087 53.33 50.25 6.94
C THR B 1087 53.80 50.62 5.55
N PHE B 1088 52.92 50.42 4.56
CA PHE B 1088 53.18 50.88 3.20
C PHE B 1088 52.63 52.28 3.02
N GLU B 1089 53.31 53.07 2.18
CA GLU B 1089 52.96 54.47 1.96
C GLU B 1089 52.23 54.64 0.64
N SER B 1090 51.09 55.31 0.69
CA SER B 1090 50.25 55.52 -0.49
C SER B 1090 49.30 56.67 -0.23
N GLY B 1091 49.19 57.57 -1.20
CA GLY B 1091 48.24 58.66 -1.15
C GLY B 1091 48.70 59.82 -0.30
N ASN B 1092 47.80 60.78 -0.15
CA ASN B 1092 48.02 61.99 0.61
C ASN B 1092 47.21 61.95 1.91
N CYS B 1093 47.27 63.03 2.66
CA CYS B 1093 46.62 63.11 3.96
C CYS B 1093 45.31 63.90 3.93
N ASP B 1094 44.80 64.23 2.74
CA ASP B 1094 43.59 65.02 2.61
C ASP B 1094 42.35 64.19 2.36
N VAL B 1095 42.42 63.18 1.48
CA VAL B 1095 41.24 62.37 1.19
C VAL B 1095 40.85 61.52 2.37
N VAL B 1096 41.83 61.01 3.11
CA VAL B 1096 41.54 60.12 4.24
C VAL B 1096 40.98 60.94 5.40
N ILE B 1097 39.89 60.45 5.98
CA ILE B 1097 39.24 61.10 7.11
C ILE B 1097 39.67 60.41 8.39
N GLY B 1098 39.94 61.20 9.43
CA GLY B 1098 40.39 60.68 10.70
C GLY B 1098 41.88 60.56 10.87
N ILE B 1099 42.66 60.88 9.84
CA ILE B 1099 44.12 60.80 9.95
C ILE B 1099 44.62 61.91 10.88
N VAL B 1100 45.69 61.61 11.61
CA VAL B 1100 46.21 62.49 12.66
C VAL B 1100 47.71 62.64 12.51
N ASN B 1101 48.24 63.69 13.14
CA ASN B 1101 49.68 63.88 13.19
C ASN B 1101 50.34 62.74 13.97
N ASN B 1102 51.46 62.24 13.43
CA ASN B 1102 52.28 61.26 14.12
C ASN B 1102 53.60 61.11 13.39
N THR B 1103 54.63 60.72 14.13
CA THR B 1103 55.95 60.48 13.56
C THR B 1103 56.16 59.00 13.29
N VAL B 1104 57.07 58.71 12.37
CA VAL B 1104 57.42 57.36 11.98
C VAL B 1104 58.91 57.15 12.24
N TYR B 1105 59.25 56.02 12.84
CA TYR B 1105 60.64 55.72 13.18
C TYR B 1105 61.50 55.69 11.92
N ASP B 1106 62.65 56.36 11.99
CA ASP B 1106 63.58 56.39 10.87
C ASP B 1106 64.60 55.27 11.03
N PRO B 1107 64.70 54.34 10.08
CA PRO B 1107 65.70 53.26 10.21
C PRO B 1107 67.13 53.77 10.25
N LEU B 1108 67.41 54.93 9.66
CA LEU B 1108 68.76 55.46 9.59
C LEU B 1108 69.08 56.36 10.79
N GLN B 1109 68.89 55.84 11.99
CA GLN B 1109 69.25 56.56 13.20
C GLN B 1109 70.74 56.43 13.53
N PRO B 1110 71.32 55.22 13.58
CA PRO B 1110 72.74 55.12 13.96
C PRO B 1110 73.70 55.63 12.90
N GLU B 1111 73.22 56.02 11.72
CA GLU B 1111 74.08 56.54 10.67
C GLU B 1111 74.39 58.02 10.82
N LEU B 1112 74.20 58.58 12.02
CA LEU B 1112 74.50 59.99 12.27
C LEU B 1112 75.36 60.14 13.52
N ASP C 1 -62.68 8.28 -34.84
CA ASP C 1 -63.71 8.98 -35.59
C ASP C 1 -63.37 9.04 -37.08
N GLY C 2 -62.89 7.93 -37.62
CA GLY C 2 -62.49 7.87 -39.00
C GLY C 2 -61.16 8.56 -39.23
N CYS C 3 -60.86 8.79 -40.52
CA CYS C 3 -59.65 9.50 -40.90
C CYS C 3 -59.84 10.12 -42.28
N GLY C 4 -59.20 11.26 -42.49
CA GLY C 4 -59.23 11.94 -43.77
C GLY C 4 -58.28 11.31 -44.77
N ARG C 5 -58.29 11.87 -45.98
CA ARG C 5 -57.47 11.38 -47.07
C ARG C 5 -56.68 12.53 -47.67
N LEU C 6 -55.47 12.21 -48.16
CA LEU C 6 -54.59 13.18 -48.83
C LEU C 6 -54.03 12.50 -50.08
N SER C 7 -54.71 12.69 -51.20
CA SER C 7 -54.24 12.12 -52.45
C SER C 7 -52.96 12.78 -52.92
N GLN C 8 -52.80 14.08 -52.67
CA GLN C 8 -51.58 14.78 -53.03
C GLN C 8 -50.42 14.28 -52.19
N LYS C 9 -49.29 14.00 -52.85
CA LYS C 9 -48.10 13.47 -52.18
C LYS C 9 -46.87 14.23 -52.69
N THR C 10 -46.50 15.29 -51.99
CA THR C 10 -45.28 16.01 -52.30
C THR C 10 -44.08 15.27 -51.73
N GLN C 11 -43.03 15.16 -52.55
CA GLN C 11 -41.85 14.43 -52.12
C GLN C 11 -41.19 15.14 -50.95
N PRO C 12 -40.82 14.43 -49.88
CA PRO C 12 -40.16 15.08 -48.74
C PRO C 12 -38.79 15.64 -49.12
N LYS C 13 -38.43 16.73 -48.47
CA LYS C 13 -37.13 17.36 -48.66
C LYS C 13 -36.29 17.20 -47.39
N LEU C 14 -35.01 16.89 -47.57
CA LEU C 14 -34.10 16.63 -46.47
C LEU C 14 -32.97 17.64 -46.49
N GLU C 15 -32.74 18.30 -45.36
CA GLU C 15 -31.65 19.25 -45.19
C GLU C 15 -30.88 18.91 -43.93
N GLN C 16 -29.64 19.39 -43.87
CA GLN C 16 -28.72 19.04 -42.78
C GLN C 16 -28.28 20.32 -42.06
N PHE C 17 -28.84 20.55 -40.88
CA PHE C 17 -28.34 21.55 -39.96
C PHE C 17 -27.46 20.87 -38.91
N ASN C 18 -27.10 21.61 -37.87
CA ASN C 18 -26.33 21.05 -36.76
C ASN C 18 -27.00 21.41 -35.44
N SER C 19 -26.68 20.63 -34.41
CA SER C 19 -27.26 20.79 -33.09
C SER C 19 -26.46 21.71 -32.18
N SER C 20 -25.33 22.23 -32.64
CA SER C 20 -24.47 23.12 -31.86
C SER C 20 -24.07 22.46 -30.53
N ARG C 21 -24.57 23.00 -29.43
CA ARG C 21 -24.25 22.50 -28.09
C ARG C 21 -25.53 22.33 -27.27
N ARG C 22 -26.53 21.70 -27.89
CA ARG C 22 -27.82 21.46 -27.25
C ARG C 22 -28.07 19.96 -27.12
N GLY C 23 -29.05 19.62 -26.30
CA GLY C 23 -29.41 18.22 -26.10
C GLY C 23 -28.84 17.62 -24.83
N LEU C 24 -28.95 18.34 -23.72
CA LEU C 24 -28.48 17.87 -22.42
C LEU C 24 -29.64 17.82 -21.44
N TYR C 25 -29.59 16.82 -20.54
CA TYR C 25 -30.68 16.60 -19.60
C TYR C 25 -30.12 16.02 -18.31
N TYR C 26 -30.92 16.12 -17.26
CA TYR C 26 -30.57 15.52 -15.97
C TYR C 26 -30.68 14.00 -16.08
N PHE C 27 -29.54 13.31 -16.08
CA PHE C 27 -29.51 11.87 -16.27
C PHE C 27 -29.77 11.09 -14.98
N ASP C 28 -29.89 11.75 -13.84
CA ASP C 28 -30.12 11.06 -12.59
C ASP C 28 -30.78 12.02 -11.60
N ASP C 29 -31.35 11.44 -10.54
CA ASP C 29 -31.99 12.22 -9.50
C ASP C 29 -31.04 12.62 -8.38
N ILE C 30 -29.79 12.16 -8.43
CA ILE C 30 -28.81 12.52 -7.40
C ILE C 30 -28.53 14.00 -7.48
N PHE C 31 -28.78 14.71 -6.37
CA PHE C 31 -28.59 16.16 -6.32
C PHE C 31 -27.12 16.46 -6.07
N ARG C 32 -26.45 17.01 -7.07
CA ARG C 32 -25.05 17.39 -6.99
C ARG C 32 -24.93 18.90 -6.99
N SER C 33 -24.15 19.43 -6.04
CA SER C 33 -23.99 20.87 -5.87
C SER C 33 -22.51 21.21 -5.77
N SER C 34 -22.06 22.10 -6.65
CA SER C 34 -20.70 22.66 -6.61
C SER C 34 -19.62 21.58 -6.70
N LEU C 35 -19.67 20.83 -7.79
CA LEU C 35 -18.63 19.84 -8.09
C LEU C 35 -18.74 19.46 -9.56
N ARG C 36 -17.75 18.70 -10.02
CA ARG C 36 -17.69 18.22 -11.39
C ARG C 36 -17.58 16.70 -11.39
N VAL C 37 -18.42 16.05 -12.18
CA VAL C 37 -18.46 14.60 -12.27
C VAL C 37 -18.41 14.19 -13.74
N LEU C 38 -17.64 13.14 -14.02
CA LEU C 38 -17.52 12.61 -15.37
C LEU C 38 -18.43 11.39 -15.50
N THR C 39 -19.38 11.45 -16.44
CA THR C 39 -20.38 10.41 -16.61
C THR C 39 -20.45 10.00 -18.07
N SER C 40 -20.62 8.71 -18.31
CA SER C 40 -20.78 8.17 -19.65
C SER C 40 -22.21 7.67 -19.84
N GLY C 41 -22.68 7.73 -21.08
CA GLY C 41 -24.04 7.32 -21.37
C GLY C 41 -24.41 7.64 -22.81
N TYR C 42 -25.71 7.77 -23.04
CA TYR C 42 -26.26 8.08 -24.36
C TYR C 42 -26.69 9.54 -24.37
N PHE C 43 -25.87 10.39 -25.00
CA PHE C 43 -26.15 11.81 -25.11
C PHE C 43 -26.09 12.23 -26.57
N LEU C 44 -26.42 13.49 -26.83
CA LEU C 44 -26.36 14.03 -28.17
C LEU C 44 -25.01 14.68 -28.40
N PRO C 45 -24.20 14.20 -29.34
CA PRO C 45 -22.88 14.81 -29.57
C PRO C 45 -23.02 16.23 -30.10
N PHE C 46 -22.05 17.06 -29.75
CA PHE C 46 -22.06 18.45 -30.19
C PHE C 46 -21.81 18.53 -31.70
N GLY C 47 -22.61 19.35 -32.37
CA GLY C 47 -22.52 19.47 -33.81
C GLY C 47 -22.90 18.17 -34.52
N SER C 48 -24.16 17.76 -34.39
CA SER C 48 -24.63 16.50 -34.91
C SER C 48 -25.29 16.69 -36.27
N ASN C 49 -25.80 15.60 -36.82
CA ASN C 49 -26.48 15.61 -38.13
C ASN C 49 -27.99 15.72 -37.93
N VAL C 50 -28.42 16.86 -37.39
CA VAL C 50 -29.85 17.06 -37.16
C VAL C 50 -30.56 17.25 -38.50
N THR C 51 -31.81 16.79 -38.56
CA THR C 51 -32.60 16.83 -39.78
C THR C 51 -33.87 17.65 -39.55
N ARG C 52 -34.29 18.36 -40.59
CA ARG C 52 -35.40 19.31 -40.51
C ARG C 52 -36.53 18.85 -41.42
N TYR C 53 -37.76 18.98 -40.93
CA TYR C 53 -38.97 18.70 -41.71
C TYR C 53 -39.91 19.89 -41.63
N GLU C 54 -40.70 20.07 -42.68
CA GLU C 54 -41.63 21.18 -42.79
C GLU C 54 -43.05 20.65 -43.01
N VAL C 55 -44.01 21.58 -42.93
CA VAL C 55 -45.40 21.27 -43.19
C VAL C 55 -46.05 22.40 -43.99
N ILE C 63 -48.99 19.03 -51.42
CA ILE C 63 -49.01 19.71 -50.13
C ILE C 63 -47.82 19.26 -49.29
N TYR C 64 -47.19 20.21 -48.59
CA TYR C 64 -46.04 19.90 -47.73
C TYR C 64 -46.54 19.21 -46.47
N TYR C 65 -46.37 17.89 -46.40
CA TYR C 65 -46.77 17.12 -45.23
C TYR C 65 -45.81 15.93 -45.11
N ASP C 66 -44.78 16.08 -44.29
CA ASP C 66 -43.75 15.07 -44.12
C ASP C 66 -43.86 14.48 -42.71
N ASN C 67 -44.23 13.20 -42.64
CA ASN C 67 -44.26 12.47 -41.37
C ASN C 67 -43.60 11.11 -41.59
N PRO C 68 -42.29 11.09 -41.81
CA PRO C 68 -41.60 9.81 -42.06
C PRO C 68 -41.47 8.98 -40.79
N LEU C 69 -41.28 7.68 -41.00
CA LEU C 69 -41.08 6.76 -39.88
C LEU C 69 -39.63 6.83 -39.44
N VAL C 70 -39.40 7.48 -38.30
CA VAL C 70 -38.05 7.69 -37.78
C VAL C 70 -37.71 6.52 -36.87
N PRO C 71 -36.61 5.79 -37.11
CA PRO C 71 -36.20 4.75 -36.18
C PRO C 71 -35.86 5.33 -34.81
N PHE C 72 -36.27 4.61 -33.76
CA PHE C 72 -36.04 5.10 -32.41
C PHE C 72 -34.57 5.01 -32.01
N GLY C 73 -33.93 3.87 -32.31
CA GLY C 73 -32.55 3.68 -31.90
C GLY C 73 -32.41 3.69 -30.39
N HIS C 74 -31.39 4.40 -29.92
CA HIS C 74 -31.14 4.53 -28.49
C HIS C 74 -31.80 5.74 -27.86
N GLY C 75 -32.45 6.57 -28.66
CA GLY C 75 -33.10 7.77 -28.17
C GLY C 75 -33.21 8.79 -29.29
N VAL C 76 -34.25 9.63 -29.21
CA VAL C 76 -34.54 10.63 -30.23
C VAL C 76 -34.63 11.99 -29.55
N TYR C 77 -33.93 12.97 -30.09
CA TYR C 77 -34.00 14.35 -29.64
C TYR C 77 -34.95 15.11 -30.54
N PHE C 78 -36.00 15.68 -29.95
CA PHE C 78 -37.05 16.37 -30.69
C PHE C 78 -37.16 17.82 -30.23
N ALA C 79 -37.05 18.75 -31.17
CA ALA C 79 -37.17 20.17 -30.89
C ALA C 79 -38.08 20.80 -31.94
N VAL C 80 -39.01 21.65 -31.48
CA VAL C 80 -39.99 22.28 -32.35
C VAL C 80 -39.89 23.79 -32.22
N THR C 81 -39.94 24.48 -33.36
CA THR C 81 -40.02 25.93 -33.41
C THR C 81 -41.29 26.30 -34.14
N GLU C 82 -42.17 27.05 -33.49
CA GLU C 82 -43.47 27.35 -34.07
C GLU C 82 -44.01 28.64 -33.46
N LYS C 83 -45.01 29.21 -34.15
CA LYS C 83 -45.72 30.38 -33.66
C LYS C 83 -47.10 30.05 -33.09
N SER C 84 -47.58 28.82 -33.29
CA SER C 84 -48.87 28.40 -32.77
C SER C 84 -48.83 26.90 -32.53
N ASN C 85 -49.76 26.43 -31.69
CA ASN C 85 -49.82 25.02 -31.32
C ASN C 85 -50.34 24.21 -32.51
N VAL C 86 -49.44 23.55 -33.22
CA VAL C 86 -49.81 22.74 -34.37
C VAL C 86 -49.28 21.32 -34.18
N VAL C 87 -48.21 21.17 -33.41
CA VAL C 87 -47.60 19.88 -33.11
C VAL C 87 -47.91 19.56 -31.65
N ARG C 88 -48.67 18.49 -31.42
CA ARG C 88 -49.13 18.19 -30.07
C ARG C 88 -49.13 16.70 -29.74
N GLY C 89 -48.43 15.87 -30.51
CA GLY C 89 -48.47 14.45 -30.22
C GLY C 89 -47.42 13.69 -31.00
N TRP C 90 -47.25 12.42 -30.59
CA TRP C 90 -46.33 11.51 -31.25
C TRP C 90 -46.91 10.11 -31.20
N ILE C 91 -46.40 9.23 -32.07
CA ILE C 91 -46.84 7.85 -32.17
C ILE C 91 -45.64 6.94 -31.90
N PHE C 92 -45.80 6.02 -30.97
CA PHE C 92 -44.76 5.05 -30.62
C PHE C 92 -45.25 3.65 -30.95
N GLY C 93 -44.41 2.88 -31.64
CA GLY C 93 -44.79 1.53 -32.00
C GLY C 93 -43.66 0.84 -32.73
N SER C 94 -43.91 -0.41 -33.10
CA SER C 94 -42.94 -1.24 -33.82
C SER C 94 -43.36 -1.54 -35.24
N THR C 95 -44.63 -1.93 -35.45
CA THR C 95 -45.14 -2.22 -36.78
C THR C 95 -46.29 -1.33 -37.21
N MET C 96 -46.81 -0.48 -36.31
CA MET C 96 -47.86 0.49 -36.64
C MET C 96 -49.10 -0.18 -37.21
N ASP C 97 -49.45 -1.34 -36.67
CA ASP C 97 -50.66 -2.05 -37.08
C ASP C 97 -51.35 -2.57 -35.82
N ASN C 98 -52.41 -3.35 -36.00
CA ASN C 98 -53.17 -3.91 -34.90
C ASN C 98 -52.61 -5.22 -34.38
N THR C 99 -51.63 -5.80 -35.07
CA THR C 99 -51.04 -7.06 -34.61
C THR C 99 -50.27 -6.86 -33.30
N THR C 100 -49.55 -5.75 -33.18
CA THR C 100 -48.75 -5.44 -32.00
C THR C 100 -49.27 -4.16 -31.35
N GLN C 101 -49.04 -4.05 -30.05
CA GLN C 101 -49.51 -2.89 -29.31
C GLN C 101 -48.68 -1.65 -29.65
N SER C 102 -49.30 -0.49 -29.46
CA SER C 102 -48.65 0.78 -29.75
C SER C 102 -49.13 1.81 -28.73
N ALA C 103 -48.37 2.90 -28.62
CA ALA C 103 -48.65 3.96 -27.65
C ALA C 103 -48.93 5.27 -28.37
N VAL C 104 -49.93 6.00 -27.88
CA VAL C 104 -50.31 7.29 -28.43
C VAL C 104 -50.32 8.30 -27.29
N LEU C 105 -49.64 9.43 -27.50
CA LEU C 105 -49.57 10.51 -26.51
C LEU C 105 -49.98 11.81 -27.20
N VAL C 106 -51.10 12.38 -26.75
CA VAL C 106 -51.63 13.62 -27.30
C VAL C 106 -52.03 14.54 -26.15
N ASN C 107 -52.24 15.80 -26.48
CA ASN C 107 -52.63 16.82 -25.51
C ASN C 107 -54.02 17.32 -25.84
N ASN C 108 -55.00 16.98 -24.99
CA ASN C 108 -56.37 17.45 -25.16
C ASN C 108 -56.85 18.30 -24.01
N GLY C 109 -56.73 17.82 -22.77
CA GLY C 109 -57.38 18.46 -21.64
C GLY C 109 -56.52 18.70 -20.42
N THR C 110 -56.94 18.15 -19.28
CA THR C 110 -56.41 18.55 -17.98
C THR C 110 -54.92 18.34 -17.83
N HIS C 111 -54.47 17.08 -17.77
CA HIS C 111 -53.03 16.85 -17.62
C HIS C 111 -52.35 16.52 -18.93
N ILE C 112 -52.66 15.35 -19.49
CA ILE C 112 -52.09 14.79 -20.72
C ILE C 112 -52.92 13.58 -21.10
N VAL C 113 -53.14 13.36 -22.39
CA VAL C 113 -53.84 12.17 -22.87
C VAL C 113 -52.80 11.21 -23.42
N VAL C 114 -52.64 10.06 -22.75
CA VAL C 114 -51.72 9.02 -23.18
C VAL C 114 -52.47 7.69 -23.20
N ASN C 115 -52.28 6.93 -24.28
CA ASN C 115 -52.98 5.67 -24.46
C ASN C 115 -52.04 4.63 -25.06
N VAL C 116 -52.11 3.41 -24.53
CA VAL C 116 -51.41 2.26 -25.08
C VAL C 116 -52.47 1.26 -25.50
N CYS C 117 -52.51 0.92 -26.79
CA CYS C 117 -53.59 0.09 -27.30
C CYS C 117 -53.16 -0.50 -28.65
N ASN C 118 -54.03 -1.35 -29.20
CA ASN C 118 -53.86 -1.90 -30.54
C ASN C 118 -54.66 -1.02 -31.49
N PHE C 119 -53.97 -0.16 -32.23
CA PHE C 119 -54.60 0.80 -33.11
C PHE C 119 -54.51 0.34 -34.57
N ASN C 120 -55.39 0.89 -35.38
CA ASN C 120 -55.35 0.75 -36.84
C ASN C 120 -55.20 2.16 -37.41
N PHE C 121 -53.95 2.63 -37.50
CA PHE C 121 -53.69 3.98 -37.98
C PHE C 121 -54.00 4.07 -39.47
N CYS C 122 -54.49 5.23 -39.89
CA CYS C 122 -54.72 5.49 -41.30
C CYS C 122 -53.41 5.90 -41.96
N ALA C 123 -53.47 6.21 -43.26
CA ALA C 123 -52.26 6.52 -44.01
C ALA C 123 -51.58 7.78 -43.50
N ASP C 124 -52.36 8.83 -43.21
CA ASP C 124 -51.82 10.11 -42.76
C ASP C 124 -52.57 10.55 -41.51
N PRO C 125 -52.14 10.09 -40.32
CA PRO C 125 -52.77 10.55 -39.09
C PRO C 125 -52.59 12.06 -38.91
N MET C 126 -53.64 12.70 -38.41
CA MET C 126 -53.63 14.15 -38.22
C MET C 126 -54.78 14.54 -37.31
N PHE C 127 -54.70 15.76 -36.78
CA PHE C 127 -55.79 16.33 -36.02
C PHE C 127 -56.71 17.10 -36.96
N ALA C 128 -57.65 17.87 -36.39
CA ALA C 128 -58.57 18.66 -37.18
C ALA C 128 -59.05 19.84 -36.35
N VAL C 129 -58.91 21.04 -36.90
CA VAL C 129 -59.40 22.26 -36.28
C VAL C 129 -60.14 23.06 -37.35
N SER C 130 -61.43 23.33 -37.11
CA SER C 130 -62.25 24.07 -38.04
C SER C 130 -62.92 25.24 -37.32
N ALA C 131 -62.95 26.39 -37.98
CA ALA C 131 -63.55 27.61 -37.44
C ALA C 131 -62.93 28.01 -36.11
N GLY C 132 -61.63 27.73 -35.95
CA GLY C 132 -60.95 28.09 -34.73
C GLY C 132 -61.36 27.30 -33.50
N GLN C 133 -62.01 26.16 -33.69
CA GLN C 133 -62.47 25.33 -32.59
C GLN C 133 -62.05 23.88 -32.82
N SER C 134 -62.23 23.06 -31.79
CA SER C 134 -61.82 21.67 -31.85
C SER C 134 -62.70 20.90 -32.84
N TYR C 135 -62.12 19.84 -33.40
CA TYR C 135 -62.81 19.02 -34.40
C TYR C 135 -62.31 17.58 -34.24
N LYS C 136 -62.51 16.76 -35.27
CA LYS C 136 -62.23 15.34 -35.20
C LYS C 136 -60.76 15.07 -34.85
N SER C 137 -60.50 13.81 -34.52
CA SER C 137 -59.22 13.35 -33.96
C SER C 137 -58.67 12.21 -34.81
N TRP C 138 -58.58 12.45 -36.12
CA TRP C 138 -58.34 11.38 -37.10
C TRP C 138 -56.93 10.83 -36.94
N ILE C 139 -56.76 10.02 -35.89
CA ILE C 139 -55.51 9.32 -35.63
C ILE C 139 -55.66 7.82 -35.85
N TYR C 140 -56.64 7.21 -35.19
CA TYR C 140 -56.92 5.79 -35.32
C TYR C 140 -58.41 5.58 -35.48
N THR C 141 -58.80 4.34 -35.81
CA THR C 141 -60.20 4.02 -36.04
C THR C 141 -60.71 2.83 -35.24
N SER C 142 -59.86 2.17 -34.45
CA SER C 142 -60.29 1.02 -33.68
C SER C 142 -59.39 0.86 -32.46
N SER C 143 -59.98 0.48 -31.34
CA SER C 143 -59.27 0.22 -30.09
C SER C 143 -59.59 -1.19 -29.63
N THR C 144 -58.58 -2.04 -29.56
CA THR C 144 -58.74 -3.44 -29.21
C THR C 144 -58.55 -3.61 -27.70
N ASN C 145 -58.39 -4.86 -27.24
CA ASN C 145 -58.15 -5.18 -25.84
C ASN C 145 -56.91 -4.50 -25.30
N CYS C 146 -57.08 -3.56 -24.37
CA CYS C 146 -55.96 -2.75 -23.91
C CYS C 146 -56.15 -2.40 -22.44
N THR C 147 -55.05 -1.99 -21.80
CA THR C 147 -55.02 -1.81 -20.36
C THR C 147 -54.75 -0.37 -19.94
N TYR C 148 -53.66 0.24 -20.42
CA TYR C 148 -53.19 1.50 -19.85
C TYR C 148 -54.04 2.68 -20.28
N PHE C 149 -54.28 3.59 -19.34
CA PHE C 149 -55.00 4.83 -19.60
C PHE C 149 -54.61 5.83 -18.52
N GLN C 150 -54.44 7.10 -18.93
CA GLN C 150 -54.11 8.16 -17.99
C GLN C 150 -54.53 9.49 -18.58
N ALA C 151 -55.10 10.35 -17.75
CA ALA C 151 -55.55 11.67 -18.19
C ALA C 151 -55.11 12.75 -17.21
N PHE C 166 -42.35 32.58 -34.73
CA PHE C 166 -41.49 31.53 -34.22
C PHE C 166 -40.97 31.87 -32.83
N THR C 167 -41.83 32.49 -32.01
CA THR C 167 -41.44 32.89 -30.66
C THR C 167 -41.47 31.75 -29.66
N HIS C 168 -41.96 30.57 -30.05
CA HIS C 168 -42.05 29.42 -29.16
C HIS C 168 -41.08 28.35 -29.61
N LEU C 169 -40.29 27.84 -28.66
CA LEU C 169 -39.33 26.78 -28.93
C LEU C 169 -39.41 25.75 -27.81
N ARG C 170 -39.81 24.53 -28.15
CA ARG C 170 -39.94 23.45 -27.19
C ARG C 170 -39.03 22.30 -27.60
N GLU C 171 -38.31 21.75 -26.62
CA GLU C 171 -37.38 20.65 -26.85
C GLU C 171 -37.81 19.46 -26.01
N HIS C 172 -37.82 18.28 -26.63
CA HIS C 172 -38.22 17.04 -25.96
C HIS C 172 -37.22 15.94 -26.26
N VAL C 173 -36.87 15.18 -25.23
CA VAL C 173 -35.97 14.04 -25.34
C VAL C 173 -36.71 12.80 -24.87
N PHE C 174 -36.74 11.78 -25.71
CA PHE C 174 -37.45 10.54 -25.42
C PHE C 174 -36.46 9.40 -25.26
N ARG C 175 -36.55 8.69 -24.14
CA ARG C 175 -35.69 7.55 -23.86
C ARG C 175 -36.54 6.42 -23.28
N ASN C 176 -36.25 5.19 -23.69
CA ASN C 176 -37.00 4.02 -23.26
C ASN C 176 -36.02 2.97 -22.75
N VAL C 177 -35.99 2.76 -21.44
CA VAL C 177 -35.11 1.78 -20.82
C VAL C 177 -35.88 1.06 -19.72
N ASP C 178 -35.73 -0.27 -19.67
CA ASP C 178 -36.36 -1.11 -18.65
C ASP C 178 -37.87 -0.92 -18.60
N GLY C 179 -38.48 -0.73 -19.77
CA GLY C 179 -39.92 -0.55 -19.84
C GLY C 179 -40.43 0.78 -19.34
N PHE C 180 -39.56 1.76 -19.15
CA PHE C 180 -39.94 3.09 -18.69
C PHE C 180 -39.68 4.10 -19.79
N LEU C 181 -40.68 4.92 -20.08
CA LEU C 181 -40.58 5.95 -21.10
C LEU C 181 -40.35 7.30 -20.41
N HIS C 182 -39.14 7.83 -20.54
CA HIS C 182 -38.78 9.10 -19.91
C HIS C 182 -38.99 10.25 -20.89
N VAL C 183 -39.58 11.33 -20.39
CA VAL C 183 -39.89 12.51 -21.20
C VAL C 183 -39.24 13.72 -20.53
N TYR C 184 -38.54 14.51 -21.34
CA TYR C 184 -37.89 15.74 -20.88
C TYR C 184 -38.46 16.93 -21.63
N HIS C 185 -38.58 18.07 -20.94
CA HIS C 185 -39.20 19.25 -21.50
C HIS C 185 -38.33 20.47 -21.25
N ASN C 186 -38.37 21.41 -22.20
CA ASN C 186 -37.65 22.66 -22.08
C ASN C 186 -38.34 23.70 -22.97
N TYR C 187 -38.37 24.95 -22.49
CA TYR C 187 -39.01 26.04 -23.20
C TYR C 187 -38.03 27.20 -23.35
N GLU C 188 -38.01 27.79 -24.55
CA GLU C 188 -37.14 28.91 -24.83
C GLU C 188 -37.84 29.85 -25.81
N VAL C 189 -37.47 31.13 -25.75
CA VAL C 189 -38.05 32.15 -26.62
C VAL C 189 -36.95 32.62 -27.57
N ILE C 190 -37.21 32.51 -28.87
CA ILE C 190 -36.26 32.93 -29.91
C ILE C 190 -37.03 33.64 -31.01
N ASN C 191 -36.29 34.41 -31.81
CA ASN C 191 -36.85 35.11 -32.98
C ASN C 191 -35.90 34.88 -34.15
N VAL C 192 -36.09 33.77 -34.86
CA VAL C 192 -35.26 33.41 -36.01
C VAL C 192 -36.19 32.97 -37.15
N GLN C 193 -35.96 33.53 -38.34
CA GLN C 193 -36.80 33.17 -39.48
C GLN C 193 -36.50 31.76 -39.97
N ASN C 194 -35.22 31.38 -40.02
CA ASN C 194 -34.84 30.05 -40.49
C ASN C 194 -33.49 29.68 -39.88
N GLY C 195 -33.35 28.42 -39.51
CA GLY C 195 -32.11 27.92 -38.94
C GLY C 195 -32.29 27.62 -37.46
N LEU C 196 -31.71 26.51 -37.02
CA LEU C 196 -31.78 26.13 -35.61
C LEU C 196 -30.85 27.03 -34.80
N PRO C 197 -31.36 27.76 -33.81
CA PRO C 197 -30.49 28.65 -33.03
C PRO C 197 -29.48 27.87 -32.20
N SER C 198 -28.31 28.47 -32.04
CA SER C 198 -27.25 27.88 -31.24
C SER C 198 -27.33 28.36 -29.80
N GLY C 199 -26.62 27.66 -28.92
CA GLY C 199 -26.58 28.01 -27.52
C GLY C 199 -26.46 26.77 -26.66
N PHE C 200 -26.80 26.94 -25.39
CA PHE C 200 -26.74 25.87 -24.40
C PHE C 200 -28.12 25.67 -23.79
N SER C 201 -28.57 24.42 -23.75
CA SER C 201 -29.88 24.10 -23.23
C SER C 201 -29.80 22.89 -22.31
N VAL C 202 -30.69 22.86 -21.31
CA VAL C 202 -30.79 21.76 -20.37
C VAL C 202 -32.27 21.40 -20.21
N LEU C 203 -32.55 20.10 -20.12
CA LEU C 203 -33.91 19.60 -20.03
C LEU C 203 -34.13 18.92 -18.70
N ARG C 204 -35.36 19.04 -18.19
CA ARG C 204 -35.76 18.49 -16.91
C ARG C 204 -36.81 17.41 -17.11
N PRO C 205 -36.66 16.24 -16.48
CA PRO C 205 -37.66 15.18 -16.67
C PRO C 205 -39.01 15.56 -16.10
N ILE C 206 -40.07 15.13 -16.79
CA ILE C 206 -41.45 15.37 -16.37
C ILE C 206 -42.22 14.08 -16.18
N PHE C 207 -42.07 13.11 -17.09
CA PHE C 207 -42.87 11.89 -17.09
C PHE C 207 -41.97 10.68 -16.94
N LYS C 208 -42.47 9.68 -16.22
CA LYS C 208 -41.81 8.38 -16.04
C LYS C 208 -42.83 7.26 -16.22
N LEU C 209 -43.59 7.34 -17.31
CA LEU C 209 -44.70 6.43 -17.54
C LEU C 209 -44.22 4.99 -17.67
N PRO C 210 -44.71 4.06 -16.84
CA PRO C 210 -44.30 2.66 -16.98
C PRO C 210 -45.15 1.89 -17.97
N LEU C 211 -44.54 1.38 -19.03
CA LEU C 211 -45.25 0.58 -20.02
C LEU C 211 -44.25 -0.30 -20.76
N GLY C 212 -44.51 -1.61 -20.76
CA GLY C 212 -43.61 -2.54 -21.41
C GLY C 212 -43.94 -2.77 -22.86
N LEU C 213 -43.20 -2.11 -23.76
CA LEU C 213 -43.42 -2.21 -25.19
C LEU C 213 -42.09 -2.42 -25.90
N ASN C 214 -42.15 -2.60 -27.20
CA ASN C 214 -40.98 -2.74 -28.06
C ASN C 214 -41.02 -1.59 -29.06
N ILE C 215 -40.38 -0.47 -28.70
CA ILE C 215 -40.40 0.73 -29.52
C ILE C 215 -39.23 0.68 -30.49
N THR C 216 -39.54 0.78 -31.79
CA THR C 216 -38.52 0.77 -32.82
C THR C 216 -38.68 1.97 -33.74
N TYR C 217 -39.91 2.44 -33.92
CA TYR C 217 -40.21 3.56 -34.78
C TYR C 217 -41.01 4.61 -34.01
N ILE C 218 -40.84 5.86 -34.40
CA ILE C 218 -41.56 6.98 -33.80
C ILE C 218 -42.12 7.85 -34.92
N LYS C 219 -43.36 8.29 -34.75
CA LYS C 219 -44.04 9.14 -35.72
C LYS C 219 -44.54 10.39 -35.03
N ALA C 220 -45.02 11.34 -35.83
CA ALA C 220 -45.53 12.61 -35.33
C ALA C 220 -46.88 12.90 -35.95
N VAL C 221 -47.75 13.55 -35.18
CA VAL C 221 -49.08 13.95 -35.62
C VAL C 221 -49.22 15.45 -35.43
N MET C 222 -49.75 16.12 -36.46
CA MET C 222 -49.88 17.57 -36.45
C MET C 222 -51.24 17.96 -37.03
N THR C 223 -51.70 19.14 -36.63
CA THR C 223 -53.05 19.59 -36.97
C THR C 223 -53.09 20.21 -38.38
N LEU C 224 -54.28 20.21 -38.95
CA LEU C 224 -54.55 20.87 -40.22
C LEU C 224 -55.79 21.74 -40.08
N PHE C 225 -55.86 22.80 -40.89
CA PHE C 225 -56.94 23.77 -40.81
C PHE C 225 -57.73 23.79 -42.11
N SER C 226 -59.03 24.07 -41.98
CA SER C 226 -59.93 24.18 -43.13
C SER C 226 -60.81 25.40 -42.93
N SER C 227 -61.81 25.56 -43.78
CA SER C 227 -62.71 26.72 -43.70
C SER C 227 -63.94 26.39 -42.85
N THR C 228 -64.74 25.42 -43.29
CA THR C 228 -65.90 24.97 -42.52
C THR C 228 -65.83 23.51 -42.15
N THR C 229 -65.78 22.60 -43.13
CA THR C 229 -65.77 21.17 -42.85
C THR C 229 -64.76 20.38 -43.68
N SER C 230 -64.37 20.85 -44.86
CA SER C 230 -63.53 20.06 -45.76
C SER C 230 -62.48 20.98 -46.38
N ASN C 231 -61.72 20.43 -47.34
CA ASN C 231 -60.64 21.13 -48.02
C ASN C 231 -59.61 21.64 -47.03
N PHE C 232 -59.02 20.70 -46.30
CA PHE C 232 -57.99 21.02 -45.31
C PHE C 232 -56.70 21.43 -46.02
N ILE C 233 -56.12 22.55 -45.57
CA ILE C 233 -54.88 23.06 -46.14
C ILE C 233 -53.93 23.41 -45.00
N ALA C 234 -52.62 23.32 -45.28
CA ALA C 234 -51.59 23.63 -44.29
C ALA C 234 -51.36 25.14 -44.29
N ALA C 235 -52.29 25.86 -43.67
CA ALA C 235 -52.18 27.32 -43.61
C ALA C 235 -50.99 27.76 -42.77
N VAL C 236 -50.73 27.08 -41.66
CA VAL C 236 -49.65 27.43 -40.75
C VAL C 236 -48.54 26.40 -40.89
N ALA C 237 -47.31 26.88 -41.05
CA ALA C 237 -46.14 26.02 -41.20
C ALA C 237 -45.31 26.07 -39.93
N SER C 238 -44.73 24.92 -39.56
CA SER C 238 -43.91 24.79 -38.37
C SER C 238 -42.64 24.03 -38.71
N LEU C 239 -41.62 24.24 -37.88
CA LEU C 239 -40.31 23.62 -38.08
C LEU C 239 -39.99 22.75 -36.89
N HIS C 240 -39.68 21.49 -37.13
CA HIS C 240 -39.29 20.56 -36.08
C HIS C 240 -38.05 19.79 -36.52
N TYR C 241 -37.21 19.43 -35.55
CA TYR C 241 -35.93 18.79 -35.81
C TYR C 241 -35.84 17.48 -35.05
N VAL C 242 -35.10 16.53 -35.61
CA VAL C 242 -34.92 15.21 -35.03
C VAL C 242 -33.43 14.94 -34.89
N GLY C 243 -33.04 14.35 -33.76
CA GLY C 243 -31.66 14.03 -33.50
C GLY C 243 -31.53 12.63 -32.92
N TYR C 244 -30.42 11.98 -33.25
CA TYR C 244 -30.15 10.61 -32.82
C TYR C 244 -29.12 10.63 -31.69
N LEU C 245 -29.47 9.99 -30.58
CA LEU C 245 -28.54 9.89 -29.46
C LEU C 245 -27.48 8.83 -29.75
N GLN C 246 -26.26 9.10 -29.31
CA GLN C 246 -25.13 8.21 -29.51
C GLN C 246 -24.38 8.02 -28.21
N PRO C 247 -23.70 6.88 -28.05
CA PRO C 247 -22.92 6.66 -26.82
C PRO C 247 -21.67 7.53 -26.79
N ARG C 248 -21.67 8.53 -25.90
CA ARG C 248 -20.57 9.47 -25.79
C ARG C 248 -20.23 9.69 -24.31
N THR C 249 -19.01 10.15 -24.08
CA THR C 249 -18.51 10.44 -22.74
C THR C 249 -18.37 11.94 -22.57
N MET C 250 -18.99 12.48 -21.51
CA MET C 250 -19.02 13.93 -21.30
C MET C 250 -18.71 14.23 -19.84
N LEU C 251 -18.23 15.45 -19.62
CA LEU C 251 -17.96 15.97 -18.28
C LEU C 251 -18.94 17.10 -17.97
N PHE C 252 -19.47 17.10 -16.76
CA PHE C 252 -20.53 18.02 -16.38
C PHE C 252 -20.09 18.89 -15.20
N HIS C 253 -20.67 20.08 -15.13
CA HIS C 253 -20.42 21.03 -14.04
C HIS C 253 -21.74 21.40 -13.39
N PHE C 254 -21.75 21.41 -12.07
CA PHE C 254 -22.95 21.72 -11.29
C PHE C 254 -22.71 22.96 -10.45
N ASP C 255 -23.66 23.89 -10.48
CA ASP C 255 -23.57 25.11 -9.69
C ASP C 255 -24.01 24.82 -8.26
N GLN C 256 -24.09 25.86 -7.43
CA GLN C 256 -24.57 25.69 -6.05
C GLN C 256 -26.02 25.22 -6.03
N ASN C 257 -26.86 25.79 -6.89
CA ASN C 257 -28.24 25.33 -7.02
C ASN C 257 -28.32 23.92 -7.61
N GLY C 258 -27.30 23.49 -8.34
CA GLY C 258 -27.31 22.20 -9.00
C GLY C 258 -27.62 22.26 -10.48
N THR C 259 -27.90 23.43 -11.03
CA THR C 259 -28.19 23.55 -12.46
C THR C 259 -26.91 23.39 -13.27
N ILE C 260 -27.03 22.68 -14.39
CA ILE C 260 -25.89 22.48 -15.28
C ILE C 260 -25.65 23.75 -16.07
N VAL C 261 -24.40 24.21 -16.07
CA VAL C 261 -24.05 25.45 -16.74
C VAL C 261 -23.10 25.24 -17.92
N ASP C 262 -22.31 24.18 -17.91
CA ASP C 262 -21.37 23.93 -19.00
C ASP C 262 -21.02 22.44 -19.02
N ALA C 263 -20.62 21.96 -20.19
CA ALA C 263 -20.22 20.58 -20.35
C ALA C 263 -19.30 20.47 -21.57
N ILE C 264 -18.52 19.40 -21.59
CA ILE C 264 -17.58 19.12 -22.68
C ILE C 264 -17.79 17.70 -23.16
N ASP C 265 -17.98 17.54 -24.46
CA ASP C 265 -18.00 16.21 -25.07
C ASP C 265 -16.57 15.78 -25.35
N CYS C 266 -16.12 14.71 -24.67
CA CYS C 266 -14.72 14.35 -24.72
C CYS C 266 -14.38 13.54 -25.96
N SER C 267 -14.84 14.01 -27.13
CA SER C 267 -14.45 13.38 -28.39
C SER C 267 -14.30 14.36 -29.55
N GLN C 268 -14.46 15.66 -29.33
CA GLN C 268 -14.58 16.60 -30.44
C GLN C 268 -13.21 17.01 -30.97
N ASN C 269 -12.39 17.63 -30.13
CA ASN C 269 -11.09 18.16 -30.52
C ASN C 269 -10.03 17.72 -29.52
N PRO C 270 -8.75 17.78 -29.89
CA PRO C 270 -7.70 17.29 -28.98
C PRO C 270 -7.69 18.00 -27.64
N LEU C 271 -8.17 19.24 -27.57
CA LEU C 271 -8.24 19.93 -26.28
C LEU C 271 -9.30 19.30 -25.38
N SER C 272 -10.34 18.69 -25.96
CA SER C 272 -11.45 18.18 -25.16
C SER C 272 -11.00 17.05 -24.24
N GLU C 273 -10.29 16.06 -24.78
CA GLU C 273 -9.91 14.93 -23.94
C GLU C 273 -8.86 15.33 -22.91
N LEU C 274 -7.98 16.29 -23.23
CA LEU C 274 -7.05 16.79 -22.22
C LEU C 274 -7.79 17.49 -21.10
N LYS C 275 -8.81 18.30 -21.44
CA LYS C 275 -9.59 18.97 -20.40
C LYS C 275 -10.36 17.96 -19.57
N CYS C 276 -10.88 16.90 -20.20
CA CYS C 276 -11.63 15.88 -19.47
C CYS C 276 -10.73 15.09 -18.53
N THR C 277 -9.51 14.78 -18.98
CA THR C 277 -8.59 14.00 -18.15
C THR C 277 -8.22 14.76 -16.89
N THR C 278 -7.94 16.06 -17.01
CA THR C 278 -7.59 16.88 -15.85
C THR C 278 -8.79 17.09 -14.92
N LYS C 279 -10.00 16.95 -15.45
CA LYS C 279 -11.24 17.20 -14.69
C LYS C 279 -11.26 18.65 -14.19
N SER C 280 -11.23 19.57 -15.14
CA SER C 280 -11.27 21.00 -14.86
C SER C 280 -11.89 21.71 -16.05
N PHE C 281 -12.02 23.03 -15.94
CA PHE C 281 -12.56 23.84 -17.03
C PHE C 281 -11.59 24.91 -17.50
N SER C 282 -10.43 25.05 -16.87
CA SER C 282 -9.39 25.97 -17.30
C SER C 282 -8.05 25.25 -17.26
N LEU C 283 -7.14 25.67 -18.14
CA LEU C 283 -5.85 25.02 -18.28
C LEU C 283 -4.73 26.05 -18.19
N GLU C 284 -3.57 25.59 -17.76
CA GLU C 284 -2.37 26.42 -17.65
C GLU C 284 -1.43 26.15 -18.82
N LYS C 285 -0.49 27.06 -19.01
CA LYS C 285 0.47 26.93 -20.09
C LYS C 285 1.42 25.77 -19.81
N GLY C 286 1.61 24.91 -20.79
CA GLY C 286 2.49 23.77 -20.63
C GLY C 286 2.13 22.67 -21.61
N ILE C 287 2.75 21.51 -21.39
CA ILE C 287 2.54 20.33 -22.21
C ILE C 287 2.07 19.20 -21.30
N TYR C 288 1.01 18.50 -21.72
CA TYR C 288 0.39 17.45 -20.92
C TYR C 288 0.26 16.18 -21.75
N GLN C 289 0.08 15.07 -21.04
CA GLN C 289 -0.14 13.77 -21.66
C GLN C 289 -1.63 13.46 -21.67
N THR C 290 -2.10 12.86 -22.76
CA THR C 290 -3.52 12.59 -22.96
C THR C 290 -3.75 11.09 -23.09
N SER C 291 -5.02 10.71 -23.00
CA SER C 291 -5.47 9.33 -23.15
C SER C 291 -6.19 9.16 -24.48
N ASN C 292 -6.73 7.97 -24.69
CA ASN C 292 -7.41 7.63 -25.93
C ASN C 292 -8.90 7.94 -25.80
N PHE C 293 -9.38 8.92 -26.56
CA PHE C 293 -10.79 9.27 -26.59
C PHE C 293 -11.25 9.60 -28.01
N ARG C 294 -10.66 8.96 -29.01
CA ARG C 294 -10.89 9.32 -30.40
C ARG C 294 -11.44 8.20 -31.28
N VAL C 295 -11.05 6.95 -31.04
CA VAL C 295 -11.42 5.84 -31.89
C VAL C 295 -12.22 4.83 -31.08
N THR C 296 -13.37 4.42 -31.62
CA THR C 296 -14.22 3.41 -31.01
C THR C 296 -14.60 2.39 -32.07
N PRO C 297 -14.41 1.10 -31.82
CA PRO C 297 -14.80 0.09 -32.81
C PRO C 297 -16.31 0.05 -33.02
N THR C 298 -16.71 -0.29 -34.24
CA THR C 298 -18.12 -0.37 -34.60
C THR C 298 -18.45 -1.69 -35.29
N THR C 299 -17.45 -2.30 -35.93
CA THR C 299 -17.65 -3.52 -36.69
C THR C 299 -17.33 -4.73 -35.81
N GLU C 300 -18.00 -5.84 -36.08
CA GLU C 300 -17.80 -7.09 -35.35
C GLU C 300 -17.37 -8.19 -36.31
N VAL C 301 -16.49 -9.07 -35.83
CA VAL C 301 -15.98 -10.20 -36.60
C VAL C 301 -16.20 -11.45 -35.75
N ILE C 302 -17.21 -12.24 -36.12
CA ILE C 302 -17.53 -13.48 -35.43
C ILE C 302 -17.11 -14.65 -36.30
N ARG C 303 -16.39 -15.60 -35.72
CA ARG C 303 -15.90 -16.76 -36.45
C ARG C 303 -16.09 -18.01 -35.61
N PHE C 304 -16.76 -19.00 -36.18
CA PHE C 304 -16.96 -20.31 -35.59
C PHE C 304 -16.66 -21.38 -36.63
N PRO C 305 -16.15 -22.54 -36.21
CA PRO C 305 -15.99 -23.65 -37.16
C PRO C 305 -17.35 -24.09 -37.69
N ASN C 306 -17.42 -24.33 -38.99
CA ASN C 306 -18.72 -24.57 -39.63
C ASN C 306 -19.03 -26.07 -39.59
N VAL C 307 -19.98 -26.42 -38.73
CA VAL C 307 -20.54 -27.77 -38.62
C VAL C 307 -22.02 -27.61 -38.29
N THR C 308 -22.82 -28.60 -38.67
CA THR C 308 -24.26 -28.52 -38.49
C THR C 308 -24.81 -29.90 -38.13
N GLN C 309 -24.96 -30.14 -36.83
CA GLN C 309 -25.63 -31.34 -36.33
C GLN C 309 -25.94 -31.21 -34.85
N LEU C 310 -27.19 -31.46 -34.46
CA LEU C 310 -27.60 -31.36 -33.07
C LEU C 310 -27.08 -32.56 -32.27
N CYS C 311 -26.95 -32.36 -30.96
CA CYS C 311 -26.60 -33.45 -30.07
C CYS C 311 -27.74 -34.45 -29.97
N PRO C 312 -27.43 -35.72 -29.65
CA PRO C 312 -28.49 -36.69 -29.41
C PRO C 312 -29.20 -36.44 -28.09
N PHE C 313 -29.99 -35.35 -28.03
CA PHE C 313 -30.74 -35.04 -26.81
C PHE C 313 -31.75 -36.13 -26.50
N SER C 314 -32.38 -36.69 -27.53
CA SER C 314 -33.35 -37.76 -27.31
C SER C 314 -32.70 -39.00 -26.72
N ASP C 315 -31.48 -39.33 -27.17
CA ASP C 315 -30.81 -40.53 -26.68
C ASP C 315 -30.43 -40.44 -25.22
N VAL C 316 -30.33 -39.23 -24.65
CA VAL C 316 -29.96 -39.08 -23.26
C VAL C 316 -31.13 -38.62 -22.39
N PHE C 317 -32.09 -37.86 -22.93
CA PHE C 317 -33.24 -37.42 -22.18
C PHE C 317 -34.48 -38.26 -22.40
N ASN C 318 -34.46 -39.16 -23.39
CA ASN C 318 -35.53 -40.13 -23.62
C ASN C 318 -34.94 -41.51 -23.81
N ARG C 319 -34.07 -41.91 -22.91
CA ARG C 319 -33.57 -43.28 -22.85
C ARG C 319 -34.49 -44.11 -21.96
N THR C 320 -34.97 -45.23 -22.49
CA THR C 320 -36.00 -46.01 -21.81
C THR C 320 -35.47 -46.74 -20.57
N LYS C 321 -34.16 -46.75 -20.34
CA LYS C 321 -33.57 -47.50 -19.22
C LYS C 321 -32.43 -46.70 -18.63
N PHE C 322 -32.56 -46.33 -17.35
CA PHE C 322 -31.47 -45.75 -16.57
C PHE C 322 -31.06 -46.75 -15.48
N PRO C 323 -29.77 -46.92 -15.23
CA PRO C 323 -29.32 -47.83 -14.18
C PRO C 323 -29.44 -47.17 -12.81
N SER C 324 -28.98 -47.90 -11.79
CA SER C 324 -28.97 -47.38 -10.44
C SER C 324 -27.78 -46.45 -10.23
N VAL C 325 -27.77 -45.76 -9.09
CA VAL C 325 -26.71 -44.80 -8.81
C VAL C 325 -25.37 -45.51 -8.62
N TYR C 326 -25.39 -46.70 -8.04
CA TYR C 326 -24.16 -47.46 -7.83
C TYR C 326 -23.58 -48.02 -9.11
N ALA C 327 -24.34 -47.98 -10.21
CA ALA C 327 -23.90 -48.48 -11.51
C ALA C 327 -24.12 -47.43 -12.59
N TRP C 328 -23.75 -46.19 -12.28
CA TRP C 328 -23.92 -45.10 -13.25
C TRP C 328 -23.00 -45.29 -14.44
N GLU C 329 -23.45 -44.84 -15.60
CA GLU C 329 -22.73 -45.00 -16.85
C GLU C 329 -22.38 -43.64 -17.43
N ARG C 330 -21.27 -43.60 -18.18
CA ARG C 330 -20.76 -42.38 -18.77
C ARG C 330 -20.92 -42.41 -20.28
N MET C 331 -21.27 -41.26 -20.85
CA MET C 331 -21.46 -41.11 -22.29
C MET C 331 -20.64 -39.94 -22.80
N SER C 332 -20.05 -40.10 -23.98
CA SER C 332 -19.22 -39.07 -24.60
C SER C 332 -20.00 -38.36 -25.70
N ILE C 333 -19.85 -37.04 -25.75
CA ILE C 333 -20.55 -36.20 -26.71
C ILE C 333 -19.52 -35.38 -27.47
N ARG C 334 -19.63 -35.38 -28.81
CA ARG C 334 -18.70 -34.62 -29.64
C ARG C 334 -19.37 -34.33 -30.97
N ASP C 335 -18.81 -33.33 -31.67
CA ASP C 335 -19.27 -32.92 -33.00
C ASP C 335 -20.76 -32.56 -32.99
N CYS C 336 -21.08 -31.51 -32.23
CA CYS C 336 -22.44 -31.03 -32.06
C CYS C 336 -22.57 -29.57 -32.46
N VAL C 337 -23.83 -29.11 -32.46
CA VAL C 337 -24.16 -27.70 -32.41
C VAL C 337 -25.17 -27.57 -31.27
N ALA C 338 -24.66 -27.32 -30.06
CA ALA C 338 -25.51 -27.38 -28.87
C ALA C 338 -26.62 -26.33 -28.92
N ASP C 339 -27.82 -26.75 -28.55
CA ASP C 339 -28.98 -25.86 -28.58
C ASP C 339 -29.94 -26.32 -27.50
N TYR C 340 -29.92 -25.63 -26.35
CA TYR C 340 -30.79 -25.99 -25.24
C TYR C 340 -32.24 -25.59 -25.49
N ALA C 341 -32.49 -24.72 -26.48
CA ALA C 341 -33.84 -24.25 -26.73
C ALA C 341 -34.75 -25.34 -27.28
N VAL C 342 -34.18 -26.40 -27.87
CA VAL C 342 -35.02 -27.47 -28.41
C VAL C 342 -35.68 -28.26 -27.31
N LEU C 343 -35.14 -28.22 -26.09
CA LEU C 343 -35.73 -28.97 -24.98
C LEU C 343 -37.08 -28.40 -24.56
N TYR C 344 -37.38 -27.15 -24.91
CA TYR C 344 -38.67 -26.57 -24.57
C TYR C 344 -39.81 -27.28 -25.29
N ASN C 345 -39.59 -27.66 -26.55
CA ASN C 345 -40.63 -28.32 -27.32
C ASN C 345 -41.00 -29.68 -26.74
N SER C 346 -40.06 -30.33 -26.06
CA SER C 346 -40.32 -31.64 -25.48
C SER C 346 -41.24 -31.51 -24.26
N SER C 347 -41.67 -32.66 -23.75
CA SER C 347 -42.60 -32.73 -22.62
C SER C 347 -41.88 -33.04 -21.31
N ILE C 348 -40.67 -32.53 -21.14
CA ILE C 348 -39.87 -32.75 -19.94
C ILE C 348 -39.87 -31.48 -19.11
N SER C 349 -40.14 -31.61 -17.82
CA SER C 349 -40.18 -30.49 -16.89
C SER C 349 -39.13 -30.73 -15.80
N PHE C 350 -38.02 -29.99 -15.88
CA PHE C 350 -36.95 -30.15 -14.90
C PHE C 350 -37.34 -29.51 -13.58
N SER C 351 -37.17 -30.26 -12.49
CA SER C 351 -37.43 -29.76 -11.15
C SER C 351 -36.17 -29.23 -10.46
N THR C 352 -35.02 -29.31 -11.13
CA THR C 352 -33.76 -28.82 -10.55
C THR C 352 -32.81 -28.52 -11.69
N PHE C 353 -32.30 -27.29 -11.73
CA PHE C 353 -31.37 -26.88 -12.79
C PHE C 353 -30.40 -25.88 -12.19
N GLU C 354 -29.20 -26.36 -11.84
CA GLU C 354 -28.15 -25.52 -11.29
C GLU C 354 -26.87 -25.69 -12.11
N CYS C 355 -26.12 -24.59 -12.23
CA CYS C 355 -24.88 -24.57 -13.00
C CYS C 355 -23.76 -24.00 -12.15
N TYR C 356 -22.58 -24.59 -12.29
CA TYR C 356 -21.40 -24.18 -11.54
C TYR C 356 -20.30 -23.76 -12.51
N GLY C 357 -19.64 -22.66 -12.19
CA GLY C 357 -18.55 -22.16 -13.02
C GLY C 357 -18.96 -21.26 -14.17
N VAL C 358 -19.90 -21.70 -14.98
CA VAL C 358 -20.38 -20.94 -16.13
C VAL C 358 -21.80 -20.45 -15.84
N SER C 359 -22.11 -19.25 -16.32
CA SER C 359 -23.44 -18.70 -16.10
C SER C 359 -24.45 -19.30 -17.07
N PRO C 360 -25.65 -19.65 -16.61
CA PRO C 360 -26.66 -20.19 -17.52
C PRO C 360 -27.07 -19.23 -18.63
N THR C 361 -26.96 -17.92 -18.40
CA THR C 361 -27.40 -16.95 -19.40
C THR C 361 -26.55 -17.04 -20.67
N LYS C 362 -25.24 -17.22 -20.53
CA LYS C 362 -24.32 -17.21 -21.65
C LYS C 362 -23.88 -18.62 -22.05
N LEU C 363 -24.80 -19.59 -21.98
CA LEU C 363 -24.47 -20.96 -22.37
C LEU C 363 -24.49 -21.17 -23.88
N ASN C 364 -25.05 -20.26 -24.65
CA ASN C 364 -25.17 -20.41 -26.09
C ASN C 364 -24.10 -19.63 -26.86
N ASP C 365 -23.12 -19.05 -26.17
CA ASP C 365 -22.07 -18.27 -26.80
C ASP C 365 -20.69 -18.79 -26.44
N LEU C 366 -20.57 -20.10 -26.21
CA LEU C 366 -19.31 -20.72 -25.82
C LEU C 366 -19.00 -21.88 -26.75
N CYS C 367 -17.82 -22.45 -26.56
CA CYS C 367 -17.36 -23.62 -27.31
C CYS C 367 -16.78 -24.62 -26.33
N PHE C 368 -17.47 -25.74 -26.14
CA PHE C 368 -17.03 -26.75 -25.19
C PHE C 368 -15.98 -27.66 -25.83
N SER C 369 -15.06 -28.14 -25.00
CA SER C 369 -13.94 -28.94 -25.47
C SER C 369 -14.07 -30.43 -25.18
N SER C 370 -14.63 -30.80 -24.02
CA SER C 370 -14.74 -32.22 -23.65
C SER C 370 -16.03 -32.37 -22.84
N VAL C 371 -17.09 -32.83 -23.48
CA VAL C 371 -18.40 -32.96 -22.87
C VAL C 371 -18.64 -34.42 -22.51
N TYR C 372 -19.03 -34.68 -21.26
CA TYR C 372 -19.39 -36.00 -20.80
C TYR C 372 -20.68 -35.93 -20.01
N ALA C 373 -21.45 -37.02 -20.05
CA ALA C 373 -22.75 -37.07 -19.40
C ALA C 373 -22.87 -38.34 -18.58
N ASP C 374 -23.41 -38.21 -17.37
CA ASP C 374 -23.67 -39.33 -16.48
C ASP C 374 -25.14 -39.34 -16.10
N TYR C 375 -25.75 -40.52 -16.10
CA TYR C 375 -27.16 -40.66 -15.78
C TYR C 375 -27.38 -41.85 -14.87
N PHE C 376 -28.30 -41.69 -13.93
CA PHE C 376 -28.66 -42.74 -12.98
C PHE C 376 -30.01 -42.38 -12.36
N VAL C 377 -30.43 -43.16 -11.36
CA VAL C 377 -31.71 -42.97 -10.69
C VAL C 377 -31.46 -42.92 -9.20
N VAL C 378 -32.01 -41.89 -8.54
CA VAL C 378 -31.91 -41.72 -7.10
C VAL C 378 -33.29 -41.40 -6.54
N ARG C 379 -33.36 -41.34 -5.21
CA ARG C 379 -34.61 -41.02 -4.54
C ARG C 379 -34.93 -39.53 -4.67
N GLY C 380 -36.17 -39.18 -4.34
CA GLY C 380 -36.59 -37.79 -4.45
C GLY C 380 -35.90 -36.87 -3.46
N ASP C 381 -35.60 -37.38 -2.26
CA ASP C 381 -34.95 -36.58 -1.23
C ASP C 381 -33.43 -36.55 -1.37
N ASP C 382 -32.87 -37.30 -2.31
CA ASP C 382 -31.43 -37.37 -2.49
C ASP C 382 -30.95 -36.54 -3.67
N VAL C 383 -31.81 -35.72 -4.27
CA VAL C 383 -31.40 -34.87 -5.38
C VAL C 383 -30.40 -33.82 -4.90
N LYS C 384 -30.58 -33.32 -3.68
CA LYS C 384 -29.70 -32.28 -3.16
C LYS C 384 -28.28 -32.76 -2.94
N GLN C 385 -28.07 -34.07 -2.82
CA GLN C 385 -26.76 -34.63 -2.53
C GLN C 385 -25.91 -34.83 -3.79
N ILE C 386 -26.30 -34.24 -4.91
CA ILE C 386 -25.55 -34.39 -6.16
C ILE C 386 -24.85 -33.06 -6.43
N ALA C 387 -24.58 -32.31 -5.37
CA ALA C 387 -23.86 -31.06 -5.48
C ALA C 387 -22.49 -31.19 -4.81
N PRO C 388 -21.47 -30.50 -5.33
CA PRO C 388 -20.13 -30.62 -4.75
C PRO C 388 -20.08 -30.11 -3.31
N GLY C 389 -19.22 -30.74 -2.51
CA GLY C 389 -19.02 -30.30 -1.15
C GLY C 389 -20.13 -30.63 -0.19
N LYS C 390 -20.95 -31.63 -0.49
CA LYS C 390 -22.05 -32.04 0.37
C LYS C 390 -21.81 -33.45 0.89
N THR C 391 -22.63 -33.85 1.85
CA THR C 391 -22.50 -35.14 2.51
C THR C 391 -23.79 -35.94 2.37
N GLY C 392 -23.65 -37.24 2.49
CA GLY C 392 -24.78 -38.16 2.36
C GLY C 392 -24.30 -39.52 1.91
N VAL C 393 -25.21 -40.49 1.98
CA VAL C 393 -24.84 -41.86 1.64
C VAL C 393 -24.51 -41.98 0.15
N ILE C 394 -25.24 -41.24 -0.70
CA ILE C 394 -24.91 -41.21 -2.13
C ILE C 394 -23.57 -40.52 -2.35
N ALA C 395 -23.35 -39.38 -1.67
CA ALA C 395 -22.10 -38.65 -1.84
C ALA C 395 -20.91 -39.39 -1.24
N ASP C 396 -21.15 -40.36 -0.35
CA ASP C 396 -20.07 -41.09 0.30
C ASP C 396 -19.76 -42.42 -0.38
N TYR C 397 -20.77 -43.20 -0.73
CA TYR C 397 -20.56 -44.54 -1.25
C TYR C 397 -21.05 -44.75 -2.68
N ASN C 398 -21.79 -43.80 -3.25
CA ASN C 398 -22.39 -44.01 -4.56
C ASN C 398 -21.83 -43.08 -5.63
N TYR C 399 -21.85 -41.77 -5.41
CA TYR C 399 -21.46 -40.82 -6.46
C TYR C 399 -21.01 -39.53 -5.81
N LYS C 400 -19.78 -39.11 -6.07
CA LYS C 400 -19.21 -37.89 -5.52
C LYS C 400 -18.66 -37.02 -6.64
N LEU C 401 -18.83 -35.68 -6.50
CA LEU C 401 -18.34 -34.72 -7.47
C LEU C 401 -17.08 -34.02 -6.95
N PRO C 402 -16.16 -33.66 -7.85
CA PRO C 402 -14.96 -32.92 -7.42
C PRO C 402 -15.31 -31.53 -6.92
N ASP C 403 -14.46 -31.00 -6.05
CA ASP C 403 -14.67 -29.66 -5.50
C ASP C 403 -14.59 -28.57 -6.56
N ASP C 404 -13.89 -28.82 -7.67
CA ASP C 404 -13.77 -27.86 -8.76
C ASP C 404 -14.65 -28.23 -9.94
N PHE C 405 -15.84 -28.74 -9.66
CA PHE C 405 -16.74 -29.17 -10.73
C PHE C 405 -17.20 -27.97 -11.55
N VAL C 406 -17.19 -28.14 -12.87
CA VAL C 406 -17.67 -27.12 -13.81
C VAL C 406 -18.68 -27.78 -14.73
N GLY C 407 -19.92 -27.30 -14.67
CA GLY C 407 -20.98 -27.86 -15.49
C GLY C 407 -22.34 -27.50 -14.93
N CYS C 408 -23.34 -28.27 -15.34
CA CYS C 408 -24.71 -28.08 -14.91
C CYS C 408 -25.33 -29.40 -14.50
N VAL C 409 -26.33 -29.33 -13.63
CA VAL C 409 -27.02 -30.50 -13.11
C VAL C 409 -28.49 -30.39 -13.45
N LEU C 410 -29.06 -31.46 -14.01
CA LEU C 410 -30.46 -31.49 -14.41
C LEU C 410 -31.12 -32.73 -13.80
N ALA C 411 -32.38 -32.57 -13.41
CA ALA C 411 -33.13 -33.66 -12.80
C ALA C 411 -34.61 -33.46 -13.07
N TRP C 412 -35.33 -34.58 -13.17
CA TRP C 412 -36.77 -34.55 -13.41
C TRP C 412 -37.40 -35.81 -12.83
N ASN C 413 -38.70 -35.75 -12.60
CA ASN C 413 -39.45 -36.87 -12.04
C ASN C 413 -39.84 -37.85 -13.15
N SER C 414 -39.83 -39.14 -12.81
CA SER C 414 -40.17 -40.21 -13.73
C SER C 414 -41.06 -41.25 -13.04
N ARG C 415 -42.08 -40.77 -12.33
CA ARG C 415 -42.97 -41.68 -11.61
C ARG C 415 -43.79 -42.56 -12.55
N HIS C 416 -43.90 -42.19 -13.83
CA HIS C 416 -44.72 -42.93 -14.77
C HIS C 416 -43.93 -43.91 -15.65
N VAL C 417 -42.61 -43.93 -15.53
CA VAL C 417 -41.81 -44.90 -16.28
C VAL C 417 -40.99 -45.76 -15.33
N ASP C 418 -40.63 -45.21 -14.18
CA ASP C 418 -39.73 -45.87 -13.24
C ASP C 418 -40.45 -46.35 -11.98
N SER C 419 -41.71 -46.76 -12.11
CA SER C 419 -42.46 -47.32 -10.99
C SER C 419 -42.37 -48.85 -11.03
N LYS C 420 -41.14 -49.36 -10.85
CA LYS C 420 -40.86 -50.78 -10.91
C LYS C 420 -39.93 -51.13 -9.76
N GLN C 421 -39.38 -52.35 -9.81
CA GLN C 421 -38.48 -52.84 -8.78
C GLN C 421 -37.20 -53.33 -9.42
N GLY C 422 -36.10 -53.20 -8.69
CA GLY C 422 -34.81 -53.64 -9.19
C GLY C 422 -33.70 -52.63 -8.99
N PHE C 423 -34.04 -51.47 -8.41
CA PHE C 423 -33.06 -50.42 -8.16
C PHE C 423 -32.47 -50.57 -6.77
N TYR C 424 -31.17 -50.32 -6.66
CA TYR C 424 -30.44 -50.51 -5.41
C TYR C 424 -29.43 -49.39 -5.22
N TYR C 425 -29.02 -49.21 -3.96
CA TYR C 425 -27.94 -48.29 -3.61
C TYR C 425 -27.04 -48.95 -2.58
N ARG C 426 -25.78 -48.53 -2.55
CA ARG C 426 -24.82 -49.08 -1.61
C ARG C 426 -24.99 -48.42 -0.25
N LEU C 427 -25.21 -49.24 0.78
CA LEU C 427 -25.44 -48.75 2.13
C LEU C 427 -24.24 -48.89 3.04
N PHE C 428 -23.46 -49.95 2.91
CA PHE C 428 -22.34 -50.24 3.80
C PHE C 428 -21.05 -50.26 3.00
N ARG C 429 -20.04 -49.54 3.50
CA ARG C 429 -18.72 -49.51 2.89
C ARG C 429 -17.75 -48.94 3.91
N HIS C 430 -16.54 -49.51 3.96
CA HIS C 430 -15.57 -49.09 4.95
C HIS C 430 -15.08 -47.67 4.70
N GLY C 431 -14.47 -47.45 3.52
CA GLY C 431 -13.95 -46.14 3.18
C GLY C 431 -14.93 -45.30 2.39
N LYS C 432 -14.48 -44.08 2.05
CA LYS C 432 -15.25 -43.16 1.24
C LYS C 432 -14.69 -43.14 -0.18
N ILE C 433 -15.59 -43.20 -1.15
CA ILE C 433 -15.16 -43.28 -2.55
C ILE C 433 -14.59 -41.93 -3.00
N LYS C 434 -13.68 -41.99 -3.97
CA LYS C 434 -13.14 -40.79 -4.58
C LYS C 434 -14.13 -40.21 -5.58
N PRO C 435 -14.00 -38.94 -5.94
CA PRO C 435 -14.88 -38.37 -6.96
C PRO C 435 -14.73 -39.10 -8.29
N TYR C 436 -15.86 -39.28 -8.98
CA TYR C 436 -15.93 -39.99 -10.25
C TYR C 436 -15.36 -41.41 -10.12
N GLN C 437 -15.99 -42.18 -9.24
CA GLN C 437 -15.57 -43.56 -8.97
C GLN C 437 -16.79 -44.47 -9.01
N ARG C 438 -16.62 -45.67 -9.56
CA ARG C 438 -17.66 -46.67 -9.66
C ARG C 438 -17.28 -47.87 -8.81
N ASP C 439 -18.22 -48.37 -8.03
CA ASP C 439 -17.97 -49.41 -7.04
C ASP C 439 -18.99 -50.54 -7.16
N MET C 440 -19.19 -51.03 -8.39
CA MET C 440 -20.13 -52.12 -8.61
C MET C 440 -19.62 -53.41 -7.99
N SER C 441 -20.06 -53.71 -6.78
CA SER C 441 -19.60 -54.88 -6.05
C SER C 441 -20.78 -55.53 -5.32
N ARG C 442 -20.59 -56.80 -4.96
CA ARG C 442 -21.65 -57.57 -4.32
C ARG C 442 -21.16 -58.37 -3.11
N GLU C 443 -19.88 -58.32 -2.78
CA GLU C 443 -19.34 -59.11 -1.69
C GLU C 443 -19.94 -58.68 -0.35
N LEU C 444 -19.96 -59.63 0.59
CA LEU C 444 -20.57 -59.40 1.89
C LEU C 444 -19.76 -58.39 2.70
N TYR C 445 -20.45 -57.75 3.65
CA TYR C 445 -19.86 -56.73 4.50
C TYR C 445 -19.91 -57.16 5.96
N SER C 446 -18.83 -56.90 6.68
CA SER C 446 -18.76 -57.19 8.11
C SER C 446 -18.20 -55.96 8.82
N PRO C 447 -18.89 -55.44 9.85
CA PRO C 447 -18.38 -54.25 10.54
C PRO C 447 -17.01 -54.44 11.18
N SER C 448 -16.71 -55.65 11.65
CA SER C 448 -15.42 -55.91 12.29
C SER C 448 -14.30 -56.20 11.30
N GLY C 449 -14.60 -56.30 10.02
CA GLY C 449 -13.61 -56.60 9.01
C GLY C 449 -13.28 -58.07 8.85
N THR C 450 -13.87 -58.94 9.65
CA THR C 450 -13.63 -60.37 9.51
C THR C 450 -14.29 -60.88 8.23
N PRO C 451 -13.58 -61.66 7.41
CA PRO C 451 -14.21 -62.19 6.19
C PRO C 451 -15.40 -63.07 6.51
N CYS C 452 -16.43 -62.97 5.68
CA CYS C 452 -17.67 -63.71 5.86
C CYS C 452 -17.69 -64.96 4.98
N THR C 453 -18.66 -65.82 5.25
CA THR C 453 -18.84 -67.04 4.47
C THR C 453 -20.27 -67.15 3.96
N THR C 454 -21.22 -66.54 4.67
CA THR C 454 -22.62 -66.54 4.28
C THR C 454 -23.33 -65.38 4.94
N GLU C 455 -24.49 -65.02 4.39
CA GLU C 455 -25.28 -63.94 4.96
C GLU C 455 -25.94 -64.40 6.25
N GLY C 456 -25.87 -63.55 7.27
CA GLY C 456 -26.43 -63.89 8.57
C GLY C 456 -25.94 -62.98 9.67
N PHE C 457 -25.47 -63.57 10.78
CA PHE C 457 -24.94 -62.79 11.88
C PHE C 457 -23.59 -62.20 11.50
N ASN C 458 -23.42 -60.90 11.77
CA ASN C 458 -22.19 -60.16 11.48
C ASN C 458 -21.87 -60.11 9.99
N CYS C 459 -22.85 -60.42 9.14
CA CYS C 459 -22.67 -60.35 7.69
C CYS C 459 -23.97 -59.83 7.09
N TYR C 460 -23.88 -58.73 6.34
CA TYR C 460 -25.06 -58.06 5.81
C TYR C 460 -24.85 -57.72 4.34
N ASP C 461 -25.95 -57.59 3.62
CA ASP C 461 -25.91 -57.25 2.21
C ASP C 461 -25.56 -55.78 2.03
N PRO C 462 -24.51 -55.44 1.30
CA PRO C 462 -24.15 -54.03 1.12
C PRO C 462 -25.23 -53.19 0.45
N LEU C 463 -25.99 -53.77 -0.47
CA LEU C 463 -26.99 -53.02 -1.23
C LEU C 463 -28.35 -53.08 -0.54
N ALA C 464 -29.18 -52.08 -0.82
CA ALA C 464 -30.51 -51.98 -0.26
C ALA C 464 -31.47 -51.51 -1.34
N HIS C 465 -32.75 -51.81 -1.13
CA HIS C 465 -33.79 -51.56 -2.12
C HIS C 465 -34.37 -50.16 -1.98
N TYR C 466 -34.83 -49.61 -3.11
CA TYR C 466 -35.50 -48.32 -3.16
C TYR C 466 -37.00 -48.40 -2.92
N ALA C 467 -37.54 -49.60 -2.69
CA ALA C 467 -38.99 -49.82 -2.67
C ALA C 467 -39.59 -49.40 -4.01
N PHE C 468 -40.08 -48.17 -4.09
CA PHE C 468 -40.66 -47.58 -5.30
C PHE C 468 -41.90 -48.33 -5.78
N ALA C 469 -42.41 -49.28 -5.00
CA ALA C 469 -43.57 -50.05 -5.39
C ALA C 469 -44.76 -49.86 -4.45
N SER C 470 -44.56 -49.32 -3.26
CA SER C 470 -45.66 -49.11 -2.33
C SER C 470 -46.63 -48.07 -2.89
N PRO C 471 -47.93 -48.34 -2.87
CA PRO C 471 -48.88 -47.34 -3.37
C PRO C 471 -48.96 -46.13 -2.46
N GLY C 472 -49.22 -44.97 -3.08
CA GLY C 472 -49.40 -43.74 -2.31
C GLY C 472 -48.19 -43.29 -1.53
N ILE C 473 -47.00 -43.36 -2.14
CA ILE C 473 -45.80 -42.88 -1.48
C ILE C 473 -45.69 -41.37 -1.61
N GLY C 474 -44.90 -40.77 -0.72
CA GLY C 474 -44.73 -39.33 -0.73
C GLY C 474 -43.83 -38.85 -1.86
N THR C 475 -43.75 -37.53 -1.99
CA THR C 475 -42.93 -36.93 -3.04
C THR C 475 -41.46 -37.24 -2.84
N GLY C 476 -41.01 -37.30 -1.58
CA GLY C 476 -39.60 -37.57 -1.31
C GLY C 476 -39.16 -38.98 -1.62
N TYR C 477 -40.10 -39.93 -1.68
CA TYR C 477 -39.78 -41.32 -1.96
C TYR C 477 -40.04 -41.70 -3.42
N GLN C 478 -40.35 -40.73 -4.27
CA GLN C 478 -40.60 -41.03 -5.67
C GLN C 478 -39.29 -41.13 -6.45
N PRO C 479 -39.25 -41.95 -7.49
CA PRO C 479 -38.03 -42.05 -8.31
C PRO C 479 -37.77 -40.77 -9.08
N PHE C 480 -36.48 -40.50 -9.32
CA PHE C 480 -36.05 -39.34 -10.08
C PHE C 480 -34.91 -39.73 -11.01
N ARG C 481 -34.80 -38.99 -12.11
CA ARG C 481 -33.77 -39.23 -13.12
C ARG C 481 -32.81 -38.04 -13.14
N VAL C 482 -31.52 -38.31 -12.97
CA VAL C 482 -30.52 -37.26 -12.82
C VAL C 482 -29.49 -37.40 -13.95
N VAL C 483 -29.19 -36.27 -14.60
CA VAL C 483 -28.18 -36.21 -15.65
C VAL C 483 -27.19 -35.11 -15.28
N VAL C 484 -25.90 -35.43 -15.32
CA VAL C 484 -24.85 -34.49 -14.94
C VAL C 484 -23.98 -34.23 -16.17
N LEU C 485 -23.75 -32.96 -16.48
CA LEU C 485 -22.95 -32.55 -17.62
C LEU C 485 -21.68 -31.87 -17.14
N SER C 486 -20.53 -32.31 -17.67
CA SER C 486 -19.23 -31.75 -17.33
C SER C 486 -18.50 -31.38 -18.61
N PHE C 487 -17.85 -30.21 -18.60
CA PHE C 487 -17.09 -29.76 -19.75
C PHE C 487 -15.96 -28.86 -19.31
N GLN C 488 -14.98 -28.70 -20.18
CA GLN C 488 -13.82 -27.84 -19.96
C GLN C 488 -13.81 -26.73 -20.99
N LEU C 489 -13.27 -25.58 -20.59
CA LEU C 489 -13.32 -24.36 -21.41
C LEU C 489 -11.93 -23.82 -21.67
N LEU C 490 -11.65 -23.52 -22.93
CA LEU C 490 -10.47 -22.75 -23.34
C LEU C 490 -9.16 -23.40 -22.90
N ASN C 491 -9.05 -24.71 -23.14
CA ASN C 491 -7.79 -25.40 -22.88
C ASN C 491 -7.36 -26.24 -24.07
N ALA C 492 -8.33 -26.74 -24.84
CA ALA C 492 -8.08 -27.63 -25.96
C ALA C 492 -9.01 -27.23 -27.10
N PRO C 493 -8.69 -27.65 -28.33
CA PRO C 493 -9.60 -27.37 -29.45
C PRO C 493 -11.00 -27.92 -29.18
N ALA C 494 -12.00 -27.14 -29.58
CA ALA C 494 -13.38 -27.43 -29.23
C ALA C 494 -14.07 -28.26 -30.32
N THR C 495 -15.07 -29.03 -29.89
CA THR C 495 -15.89 -29.81 -30.80
C THR C 495 -17.38 -29.48 -30.72
N VAL C 496 -17.85 -28.94 -29.60
CA VAL C 496 -19.24 -28.56 -29.42
C VAL C 496 -19.30 -27.05 -29.20
N CYS C 497 -20.10 -26.36 -30.02
CA CYS C 497 -20.22 -24.92 -29.94
C CYS C 497 -21.68 -24.52 -30.02
N GLY C 498 -21.96 -23.28 -29.64
CA GLY C 498 -23.32 -22.77 -29.64
C GLY C 498 -23.80 -22.43 -31.04
N PRO C 499 -25.10 -22.15 -31.15
CA PRO C 499 -25.72 -21.83 -32.46
C PRO C 499 -25.47 -20.39 -32.90
N LYS C 500 -24.29 -20.18 -33.49
CA LYS C 500 -23.89 -18.86 -33.94
C LYS C 500 -23.36 -18.94 -35.36
N GLN C 501 -23.56 -17.86 -36.12
CA GLN C 501 -23.15 -17.79 -37.51
C GLN C 501 -22.02 -16.78 -37.68
N SER C 502 -21.12 -17.07 -38.62
CA SER C 502 -19.96 -16.23 -38.85
C SER C 502 -20.31 -15.04 -39.72
N THR C 503 -19.51 -13.98 -39.61
CA THR C 503 -19.69 -12.74 -40.34
C THR C 503 -18.39 -12.33 -41.02
N ASP C 504 -17.78 -13.30 -41.71
CA ASP C 504 -16.53 -13.18 -42.48
C ASP C 504 -15.42 -12.50 -41.71
N LEU C 505 -14.43 -11.95 -42.42
CA LEU C 505 -13.23 -11.40 -41.81
C LEU C 505 -13.00 -9.98 -42.29
N VAL C 506 -12.72 -9.08 -41.36
CA VAL C 506 -12.45 -7.67 -41.65
C VAL C 506 -10.98 -7.39 -41.33
N LYS C 507 -10.32 -6.65 -42.20
CA LYS C 507 -8.89 -6.39 -42.08
C LYS C 507 -8.63 -4.89 -41.94
N ASN C 508 -7.48 -4.57 -41.36
CA ASN C 508 -6.97 -3.20 -41.21
C ASN C 508 -7.90 -2.31 -40.38
N LYS C 509 -8.72 -2.91 -39.51
CA LYS C 509 -9.59 -2.16 -38.63
C LYS C 509 -9.53 -2.75 -37.24
N CYS C 510 -9.54 -1.90 -36.22
CA CYS C 510 -9.64 -2.35 -34.84
C CYS C 510 -11.12 -2.56 -34.53
N VAL C 511 -11.50 -3.82 -34.31
CA VAL C 511 -12.89 -4.23 -34.21
C VAL C 511 -13.02 -5.18 -33.01
N ASN C 512 -14.24 -5.66 -32.79
CA ASN C 512 -14.55 -6.60 -31.72
C ASN C 512 -14.74 -7.98 -32.35
N PHE C 513 -13.81 -8.89 -32.08
CA PHE C 513 -13.86 -10.23 -32.64
C PHE C 513 -14.30 -11.24 -31.59
N ASN C 514 -14.71 -12.42 -32.07
CA ASN C 514 -15.17 -13.49 -31.21
C ASN C 514 -14.80 -14.81 -31.89
N PHE C 515 -13.72 -15.43 -31.43
CA PHE C 515 -13.20 -16.66 -32.01
C PHE C 515 -13.38 -17.78 -31.00
N ASN C 516 -14.39 -18.61 -31.21
CA ASN C 516 -14.70 -19.75 -30.33
C ASN C 516 -14.90 -19.30 -28.89
N GLY C 517 -15.49 -18.13 -28.71
CA GLY C 517 -15.75 -17.61 -27.37
C GLY C 517 -14.57 -16.88 -26.78
N LEU C 518 -13.92 -16.02 -27.57
CA LEU C 518 -12.77 -15.23 -27.12
C LEU C 518 -12.99 -13.79 -27.55
N THR C 519 -13.65 -13.01 -26.69
CA THR C 519 -13.90 -11.61 -27.00
C THR C 519 -12.61 -10.80 -26.89
N GLY C 520 -12.44 -9.87 -27.82
CA GLY C 520 -11.25 -9.03 -27.82
C GLY C 520 -11.46 -7.81 -28.70
N THR C 521 -10.42 -6.98 -28.76
CA THR C 521 -10.46 -5.76 -29.54
C THR C 521 -9.07 -5.44 -30.07
N GLY C 522 -8.98 -5.09 -31.34
CA GLY C 522 -7.71 -4.72 -31.92
C GLY C 522 -7.73 -4.89 -33.43
N VAL C 523 -6.62 -4.48 -34.05
CA VAL C 523 -6.45 -4.55 -35.49
C VAL C 523 -5.94 -5.95 -35.86
N LEU C 524 -6.35 -6.43 -37.03
CA LEU C 524 -5.89 -7.70 -37.56
C LEU C 524 -5.64 -7.51 -39.05
N THR C 525 -4.37 -7.63 -39.47
CA THR C 525 -4.01 -7.47 -40.87
C THR C 525 -3.47 -8.76 -41.47
N ASP C 526 -2.41 -9.33 -40.91
CA ASP C 526 -1.80 -10.55 -41.41
C ASP C 526 -0.85 -11.08 -40.35
N SER C 527 -0.51 -12.36 -40.47
CA SER C 527 0.40 -13.01 -39.54
C SER C 527 1.34 -13.92 -40.30
N VAL C 528 2.60 -13.96 -39.86
CA VAL C 528 3.62 -14.85 -40.41
C VAL C 528 4.21 -15.76 -39.34
N LYS C 529 3.66 -15.74 -38.14
CA LYS C 529 4.18 -16.56 -37.05
C LYS C 529 3.95 -18.03 -37.31
N LYS C 530 4.95 -18.85 -36.98
CA LYS C 530 4.88 -20.30 -37.13
C LYS C 530 4.81 -20.93 -35.75
N PHE C 531 3.87 -21.86 -35.57
CA PHE C 531 3.65 -22.50 -34.28
C PHE C 531 3.37 -23.98 -34.51
N GLN C 532 2.93 -24.66 -33.46
CA GLN C 532 2.68 -26.09 -33.45
C GLN C 532 1.18 -26.37 -33.50
N PRO C 533 0.79 -27.57 -33.94
CA PRO C 533 -0.64 -27.91 -33.97
C PRO C 533 -1.24 -28.03 -32.58
N PHE C 534 -2.55 -28.31 -32.51
CA PHE C 534 -3.29 -28.38 -31.26
C PHE C 534 -3.19 -27.06 -30.49
N GLN C 535 -3.20 -25.95 -31.23
CA GLN C 535 -3.10 -24.62 -30.65
C GLN C 535 -4.23 -23.75 -31.21
N GLN C 536 -4.87 -22.99 -30.33
CA GLN C 536 -5.96 -22.10 -30.71
C GLN C 536 -5.74 -20.64 -30.33
N PHE C 537 -4.82 -20.36 -29.42
CA PHE C 537 -4.61 -19.00 -28.92
C PHE C 537 -3.12 -18.72 -28.82
N GLY C 538 -2.77 -17.44 -28.94
CA GLY C 538 -1.40 -17.00 -28.76
C GLY C 538 -1.22 -16.21 -27.48
N ARG C 539 -0.48 -16.76 -26.53
CA ARG C 539 -0.29 -16.13 -25.22
C ARG C 539 0.91 -15.19 -25.26
N ASP C 540 1.28 -14.68 -24.09
CA ASP C 540 2.40 -13.74 -23.98
C ASP C 540 2.91 -13.80 -22.55
N SER C 541 4.07 -13.17 -22.33
CA SER C 541 4.65 -13.13 -20.99
C SER C 541 3.76 -12.36 -20.02
N SER C 542 2.93 -11.45 -20.53
CA SER C 542 2.00 -10.68 -19.72
C SER C 542 0.57 -11.20 -19.81
N ASP C 543 0.38 -12.40 -20.35
CA ASP C 543 -0.95 -13.01 -20.52
C ASP C 543 -1.87 -12.11 -21.35
N PHE C 544 -1.32 -11.50 -22.39
CA PHE C 544 -2.07 -10.67 -23.31
C PHE C 544 -2.08 -11.33 -24.69
N THR C 545 -3.27 -11.55 -25.24
CA THR C 545 -3.39 -12.24 -26.51
C THR C 545 -2.80 -11.40 -27.64
N ASP C 546 -2.09 -12.07 -28.54
CA ASP C 546 -1.50 -11.41 -29.71
C ASP C 546 -1.72 -12.17 -31.01
N SER C 547 -1.95 -13.48 -30.97
CA SER C 547 -2.17 -14.27 -32.17
C SER C 547 -3.29 -15.26 -31.90
N VAL C 548 -3.95 -15.69 -32.99
CA VAL C 548 -5.07 -16.60 -32.89
C VAL C 548 -5.19 -17.33 -34.22
N LYS C 549 -5.71 -18.56 -34.17
CA LYS C 549 -5.90 -19.38 -35.36
C LYS C 549 -7.36 -19.32 -35.78
N ASP C 550 -7.59 -18.95 -37.04
CA ASP C 550 -8.95 -18.93 -37.57
C ASP C 550 -9.43 -20.35 -37.79
N PRO C 551 -10.53 -20.77 -37.16
CA PRO C 551 -11.01 -22.15 -37.35
C PRO C 551 -11.60 -22.42 -38.72
N LYS C 552 -11.89 -21.38 -39.51
CA LYS C 552 -12.50 -21.55 -40.81
C LYS C 552 -11.50 -21.52 -41.96
N THR C 553 -10.47 -20.68 -41.87
CA THR C 553 -9.44 -20.61 -42.91
C THR C 553 -8.15 -21.32 -42.49
N LEU C 554 -8.06 -21.78 -41.24
CA LEU C 554 -6.91 -22.55 -40.75
C LEU C 554 -5.60 -21.79 -40.94
N GLU C 555 -5.60 -20.50 -40.60
CA GLU C 555 -4.41 -19.68 -40.69
C GLU C 555 -4.34 -18.74 -39.49
N ILE C 556 -3.12 -18.45 -39.06
CA ILE C 556 -2.88 -17.65 -37.86
C ILE C 556 -3.11 -16.17 -38.18
N LEU C 557 -3.66 -15.45 -37.22
CA LEU C 557 -3.86 -14.00 -37.32
C LEU C 557 -3.02 -13.30 -36.26
N ASP C 558 -3.15 -11.97 -36.20
CA ASP C 558 -2.43 -11.16 -35.23
C ASP C 558 -3.38 -10.16 -34.59
N ILE C 559 -3.11 -9.85 -33.32
CA ILE C 559 -3.92 -8.91 -32.55
C ILE C 559 -2.99 -7.81 -32.03
N THR C 560 -3.39 -6.55 -32.26
CA THR C 560 -2.62 -5.40 -31.82
C THR C 560 -3.63 -4.35 -31.34
N PRO C 561 -3.41 -3.75 -30.17
CA PRO C 561 -4.38 -2.78 -29.65
C PRO C 561 -4.58 -1.59 -30.59
N CYS C 562 -5.80 -1.05 -30.58
CA CYS C 562 -6.13 0.06 -31.46
C CYS C 562 -5.29 1.30 -31.15
N SER C 563 -4.82 1.44 -29.91
CA SER C 563 -3.99 2.57 -29.51
C SER C 563 -2.64 2.05 -29.05
N TYR C 564 -1.57 2.53 -29.68
CA TYR C 564 -0.22 2.08 -29.38
C TYR C 564 0.68 3.21 -28.91
N GLY C 565 0.73 4.32 -29.64
CA GLY C 565 1.65 5.40 -29.33
C GLY C 565 1.12 6.38 -28.30
N GLY C 566 1.99 7.28 -27.89
CA GLY C 566 1.64 8.32 -26.94
C GLY C 566 1.41 9.66 -27.63
N VAL C 567 0.47 10.43 -27.09
CA VAL C 567 0.07 11.70 -27.66
C VAL C 567 0.21 12.78 -26.60
N SER C 568 0.86 13.89 -26.96
CA SER C 568 1.02 15.05 -26.09
C SER C 568 0.48 16.29 -26.79
N VAL C 569 -0.16 17.17 -26.01
CA VAL C 569 -0.79 18.37 -26.53
C VAL C 569 -0.19 19.58 -25.83
N ILE C 570 0.24 20.58 -26.61
CA ILE C 570 0.82 21.80 -26.10
C ILE C 570 -0.21 22.91 -26.19
N THR C 571 -0.46 23.59 -25.08
CA THR C 571 -1.44 24.67 -25.03
C THR C 571 -0.81 25.91 -24.42
N PRO C 572 -1.22 27.09 -24.88
CA PRO C 572 -0.69 28.35 -24.33
C PRO C 572 -1.48 28.94 -23.17
N GLY C 573 -2.48 28.24 -22.65
CA GLY C 573 -3.29 28.78 -21.58
C GLY C 573 -4.71 29.08 -22.02
N THR C 574 -5.63 29.04 -21.07
CA THR C 574 -7.04 29.26 -21.38
C THR C 574 -7.31 30.71 -21.76
N ASN C 575 -6.80 31.66 -20.97
CA ASN C 575 -6.95 33.07 -21.33
C ASN C 575 -6.25 33.40 -22.63
N THR C 576 -5.07 32.82 -22.87
CA THR C 576 -4.28 33.20 -24.03
C THR C 576 -5.02 32.95 -25.32
N SER C 577 -5.33 31.68 -25.60
CA SER C 577 -6.03 31.31 -26.84
C SER C 577 -6.60 29.92 -26.64
N ASP C 578 -7.12 29.34 -27.73
CA ASP C 578 -7.63 27.98 -27.72
C ASP C 578 -6.90 27.06 -28.70
N ALA C 579 -6.05 27.60 -29.57
CA ALA C 579 -5.31 26.77 -30.50
C ALA C 579 -4.29 25.91 -29.74
N VAL C 580 -4.16 24.65 -30.16
CA VAL C 580 -3.26 23.71 -29.52
C VAL C 580 -2.41 23.04 -30.59
N ALA C 581 -1.28 22.51 -30.15
CA ALA C 581 -0.37 21.76 -31.01
C ALA C 581 -0.25 20.33 -30.47
N VAL C 582 -0.47 19.36 -31.34
CA VAL C 582 -0.45 17.95 -30.96
C VAL C 582 0.87 17.34 -31.42
N LEU C 583 1.60 16.74 -30.49
CA LEU C 583 2.87 16.07 -30.77
C LEU C 583 2.63 14.57 -30.69
N TYR C 584 2.73 13.89 -31.82
CA TYR C 584 2.59 12.44 -31.88
C TYR C 584 3.96 11.83 -31.62
N GLN C 585 4.22 11.48 -30.36
CA GLN C 585 5.51 10.94 -29.97
C GLN C 585 5.71 9.54 -30.55
N ASP C 586 6.96 9.24 -30.91
CA ASP C 586 7.37 7.90 -31.31
C ASP C 586 6.64 7.43 -32.56
N VAL C 587 6.66 8.28 -33.60
CA VAL C 587 6.08 7.93 -34.89
C VAL C 587 6.65 8.87 -35.93
N ASN C 588 6.75 8.39 -37.17
CA ASN C 588 7.17 9.19 -38.30
C ASN C 588 5.92 9.79 -38.94
N CYS C 589 5.86 11.11 -39.04
CA CYS C 589 4.61 11.68 -39.53
C CYS C 589 4.41 11.51 -41.03
N THR C 590 5.29 10.78 -41.72
CA THR C 590 4.94 10.28 -43.04
C THR C 590 3.88 9.19 -42.95
N ASP C 591 3.76 8.53 -41.81
CA ASP C 591 2.83 7.43 -41.60
C ASP C 591 1.73 7.78 -40.58
N VAL C 592 1.34 9.05 -40.51
CA VAL C 592 0.21 9.43 -39.67
C VAL C 592 -1.09 8.76 -40.11
N PRO C 593 -1.47 8.74 -41.40
CA PRO C 593 -2.76 8.14 -41.75
C PRO C 593 -2.92 6.68 -41.35
N THR C 594 -1.84 5.91 -41.34
CA THR C 594 -1.91 4.52 -40.91
C THR C 594 -1.77 4.35 -39.40
N MET C 595 -1.64 5.45 -38.67
CA MET C 595 -1.51 5.42 -37.21
C MET C 595 -2.66 6.11 -36.49
N LEU C 596 -3.12 7.26 -37.00
CA LEU C 596 -4.16 8.02 -36.33
C LEU C 596 -5.56 7.51 -36.61
N HIS C 597 -5.72 6.61 -37.59
CA HIS C 597 -7.04 6.09 -37.99
C HIS C 597 -7.96 7.24 -38.42
N ILE C 598 -7.56 7.88 -39.52
CA ILE C 598 -8.26 9.05 -40.03
C ILE C 598 -9.73 8.73 -40.32
N ASP C 599 -9.99 7.55 -40.87
CA ASP C 599 -11.35 7.18 -41.26
C ASP C 599 -12.28 6.97 -40.08
N GLN C 600 -11.77 6.91 -38.85
CA GLN C 600 -12.58 6.66 -37.68
C GLN C 600 -12.44 7.75 -36.63
N VAL C 601 -12.18 8.99 -37.07
CA VAL C 601 -12.08 10.13 -36.17
C VAL C 601 -12.87 11.29 -36.76
N SER C 602 -13.14 12.29 -35.92
CA SER C 602 -13.89 13.46 -36.34
C SER C 602 -13.05 14.32 -37.29
N SER C 603 -13.75 15.21 -38.02
CA SER C 603 -13.08 16.06 -39.00
C SER C 603 -12.07 16.98 -38.35
N ASP C 604 -12.25 17.31 -37.06
CA ASP C 604 -11.28 18.15 -36.37
C ASP C 604 -9.90 17.49 -36.34
N TRP C 605 -9.86 16.18 -36.12
CA TRP C 605 -8.60 15.44 -36.20
C TRP C 605 -8.16 15.23 -37.64
N ARG C 606 -9.10 15.17 -38.57
CA ARG C 606 -8.74 15.14 -39.99
C ARG C 606 -7.97 16.40 -40.37
N VAL C 607 -8.29 17.53 -39.73
CA VAL C 607 -7.50 18.74 -39.91
C VAL C 607 -6.08 18.54 -39.40
N TYR C 608 -5.93 17.90 -38.25
CA TYR C 608 -4.62 17.64 -37.66
C TYR C 608 -4.01 16.34 -38.14
N ALA C 609 -4.48 15.81 -39.26
CA ALA C 609 -3.93 14.58 -39.83
C ALA C 609 -3.43 14.75 -41.26
N ALA C 610 -3.49 15.96 -41.80
CA ALA C 610 -3.09 16.23 -43.18
C ALA C 610 -1.91 17.18 -43.22
N ASN C 611 -0.98 16.92 -44.15
CA ASN C 611 0.19 17.76 -44.35
C ASN C 611 -0.13 18.82 -45.40
N THR C 612 -0.64 19.96 -44.93
CA THR C 612 -0.97 21.08 -45.81
C THR C 612 -0.38 22.35 -45.24
N GLY C 613 0.33 23.10 -46.08
CA GLY C 613 0.90 24.37 -45.65
C GLY C 613 1.99 24.26 -44.61
N GLY C 614 2.77 23.19 -44.64
CA GLY C 614 3.88 23.05 -43.71
C GLY C 614 3.48 22.98 -42.25
N ASN C 615 2.40 22.25 -41.94
CA ASN C 615 1.95 22.09 -40.57
C ASN C 615 2.53 20.86 -39.89
N MET C 616 3.37 20.09 -40.58
CA MET C 616 3.98 18.89 -40.03
C MET C 616 5.46 18.88 -40.36
N PHE C 617 6.30 18.86 -39.33
CA PHE C 617 7.74 18.82 -39.49
C PHE C 617 8.33 17.85 -38.48
N GLN C 618 9.26 17.03 -38.94
CA GLN C 618 9.81 15.96 -38.11
C GLN C 618 10.83 16.52 -37.13
N THR C 619 10.69 16.15 -35.86
CA THR C 619 11.64 16.49 -34.81
C THR C 619 12.35 15.22 -34.33
N GLN C 620 13.25 15.39 -33.37
CA GLN C 620 14.00 14.25 -32.85
C GLN C 620 13.15 13.37 -31.95
N ALA C 621 12.19 13.94 -31.22
CA ALA C 621 11.33 13.17 -30.35
C ALA C 621 10.09 12.64 -31.06
N GLY C 622 9.53 13.42 -31.96
CA GLY C 622 8.37 13.01 -32.72
C GLY C 622 8.19 13.93 -33.91
N CYS C 623 6.94 14.17 -34.28
CA CYS C 623 6.62 15.11 -35.34
C CYS C 623 5.46 15.97 -34.88
N LEU C 624 5.71 17.28 -34.75
CA LEU C 624 4.70 18.20 -34.24
C LEU C 624 3.70 18.57 -35.33
N VAL C 625 2.43 18.66 -34.94
CA VAL C 625 1.34 18.99 -35.85
C VAL C 625 0.60 20.20 -35.29
N GLY C 626 0.35 21.19 -36.13
CA GLY C 626 -0.38 22.37 -35.73
C GLY C 626 0.45 23.58 -35.39
N ALA C 627 1.75 23.55 -35.63
CA ALA C 627 2.64 24.65 -35.32
C ALA C 627 3.56 24.93 -36.49
N THR C 628 4.11 26.14 -36.53
CA THR C 628 5.01 26.56 -37.59
C THR C 628 6.44 26.60 -37.05
N TYR C 629 7.39 26.17 -37.89
CA TYR C 629 8.79 26.17 -37.52
C TYR C 629 9.42 27.53 -37.81
N ASP C 630 10.44 27.87 -37.03
CA ASP C 630 11.13 29.15 -37.15
C ASP C 630 12.63 28.93 -37.09
N ASN C 631 13.36 29.84 -37.72
CA ASN C 631 14.82 29.80 -37.71
C ASN C 631 15.33 30.49 -36.43
N THR C 632 16.63 30.77 -36.40
CA THR C 632 17.29 31.42 -35.28
C THR C 632 17.09 30.63 -33.99
N SER C 633 17.23 31.30 -32.84
CA SER C 633 17.10 30.63 -31.55
C SER C 633 16.70 31.65 -30.50
N TYR C 634 15.87 31.22 -29.56
CA TYR C 634 15.43 32.06 -28.45
C TYR C 634 15.50 31.26 -27.16
N GLU C 635 15.28 31.94 -26.04
CA GLU C 635 15.23 31.27 -24.76
C GLU C 635 14.00 30.36 -24.70
N CYS C 636 14.16 29.24 -24.00
CA CYS C 636 13.10 28.25 -23.93
C CYS C 636 12.00 28.70 -22.98
N ASP C 637 10.75 28.61 -23.42
CA ASP C 637 9.59 28.95 -22.61
C ASP C 637 8.72 27.74 -22.29
N ILE C 638 8.31 26.99 -23.30
CA ILE C 638 7.55 25.76 -23.11
C ILE C 638 8.43 24.58 -23.52
N PRO C 639 8.97 23.82 -22.58
CA PRO C 639 9.81 22.68 -22.95
C PRO C 639 9.03 21.64 -23.72
N VAL C 640 9.70 21.03 -24.70
CA VAL C 640 9.12 19.98 -25.52
C VAL C 640 9.97 18.71 -25.48
N GLY C 641 11.26 18.83 -25.77
CA GLY C 641 12.18 17.71 -25.73
C GLY C 641 13.17 17.75 -26.88
N ALA C 642 14.35 17.18 -26.64
CA ALA C 642 15.41 17.07 -27.64
C ALA C 642 15.81 18.44 -28.19
N GLY C 643 15.88 19.43 -27.31
CA GLY C 643 16.34 20.75 -27.70
C GLY C 643 15.31 21.62 -28.38
N VAL C 644 14.06 21.19 -28.47
CA VAL C 644 13.00 21.93 -29.13
C VAL C 644 12.09 22.52 -28.05
N CYS C 645 11.70 23.77 -28.24
CA CYS C 645 10.78 24.45 -27.34
C CYS C 645 9.71 25.17 -28.15
N ALA C 646 8.67 25.63 -27.46
CA ALA C 646 7.52 26.24 -28.11
C ALA C 646 7.13 27.53 -27.40
N LYS C 647 6.49 28.42 -28.15
CA LYS C 647 6.01 29.68 -27.62
C LYS C 647 4.85 30.16 -28.47
N PHE C 648 4.05 31.06 -27.89
CA PHE C 648 2.89 31.63 -28.56
C PHE C 648 3.17 33.07 -28.94
N GLN C 649 2.87 33.42 -30.19
CA GLN C 649 3.06 34.77 -30.70
C GLN C 649 1.72 35.48 -30.83
N ILE C 650 1.69 36.76 -30.46
CA ILE C 650 0.51 37.59 -30.65
C ILE C 650 0.84 38.69 -31.65
N ASN C 651 0.52 38.46 -32.92
CA ASN C 651 0.87 39.37 -34.00
C ASN C 651 -0.40 39.97 -34.58
N THR C 652 -0.41 41.30 -34.73
CA THR C 652 -1.53 42.02 -35.30
C THR C 652 -1.29 42.41 -36.76
N GLY C 653 -0.09 42.86 -37.10
CA GLY C 653 0.20 43.21 -38.48
C GLY C 653 0.17 42.01 -39.41
N ALA C 654 0.76 40.90 -38.98
CA ALA C 654 0.78 39.68 -39.77
C ALA C 654 -0.39 38.75 -39.46
N SER C 655 -1.21 39.09 -38.47
CA SER C 655 -2.38 38.30 -38.08
C SER C 655 -2.00 36.84 -37.79
N GLN C 656 -0.91 36.66 -37.05
CA GLN C 656 -0.42 35.34 -36.68
C GLN C 656 -0.76 35.06 -35.22
N SER C 657 -1.44 33.95 -34.98
CA SER C 657 -1.84 33.54 -33.63
C SER C 657 -1.61 32.05 -33.45
N SER C 658 -0.48 31.55 -33.93
CA SER C 658 -0.15 30.13 -33.88
C SER C 658 1.03 29.90 -32.93
N ILE C 659 1.47 28.65 -32.87
CA ILE C 659 2.58 28.24 -32.02
C ILE C 659 3.84 28.10 -32.87
N LEU C 660 4.98 28.47 -32.29
CA LEU C 660 6.25 28.38 -32.97
C LEU C 660 7.09 27.26 -32.37
N ALA C 661 7.93 26.65 -33.21
CA ALA C 661 8.88 25.63 -32.79
C ALA C 661 10.27 26.06 -33.20
N TYR C 662 11.23 25.92 -32.29
CA TYR C 662 12.59 26.38 -32.52
C TYR C 662 13.53 25.60 -31.63
N THR C 663 14.83 25.73 -31.93
CA THR C 663 15.87 25.12 -31.12
C THR C 663 16.38 26.15 -30.11
N MET C 664 16.50 25.73 -28.85
CA MET C 664 16.93 26.64 -27.80
C MET C 664 18.37 27.09 -28.03
N SER C 665 18.68 28.28 -27.54
CA SER C 665 20.00 28.88 -27.70
C SER C 665 20.86 28.57 -26.49
N LEU C 666 22.07 28.07 -26.74
CA LEU C 666 22.99 27.77 -25.65
C LEU C 666 23.42 29.05 -24.93
N GLY C 667 23.69 30.11 -25.68
CA GLY C 667 24.12 31.36 -25.10
C GLY C 667 24.84 32.20 -26.13
N GLU C 668 25.24 33.39 -25.69
CA GLU C 668 25.98 34.28 -26.57
C GLU C 668 27.40 33.78 -26.79
N ASP C 669 27.99 34.21 -27.89
CA ASP C 669 29.32 33.77 -28.30
C ASP C 669 30.35 34.85 -27.97
N SER C 670 31.52 34.41 -27.51
CA SER C 670 32.62 35.30 -27.19
C SER C 670 33.75 35.11 -28.18
N ASN C 671 34.65 36.09 -28.22
CA ASN C 671 35.77 36.10 -29.15
C ASN C 671 37.09 36.38 -28.44
N VAL C 672 37.30 35.72 -27.31
CA VAL C 672 38.55 35.87 -26.56
C VAL C 672 39.62 35.02 -27.23
N ALA C 673 40.77 35.63 -27.51
CA ALA C 673 41.89 34.97 -28.17
C ALA C 673 43.02 34.73 -27.19
N TYR C 674 43.90 33.81 -27.55
CA TYR C 674 45.03 33.44 -26.70
C TYR C 674 46.27 34.24 -27.08
N SER C 675 47.08 34.58 -26.08
CA SER C 675 48.32 35.30 -26.29
C SER C 675 49.29 34.93 -25.18
N ASN C 676 50.58 34.92 -25.53
CA ASN C 676 51.63 34.51 -24.60
C ASN C 676 52.35 35.69 -23.96
N ASN C 677 51.96 36.93 -24.28
CA ASN C 677 52.67 38.09 -23.76
C ASN C 677 51.76 39.22 -23.30
N SER C 678 50.44 39.05 -23.31
CA SER C 678 49.52 40.09 -22.89
C SER C 678 48.82 39.68 -21.60
N ILE C 679 48.24 40.67 -20.94
CA ILE C 679 47.54 40.46 -19.67
C ILE C 679 46.49 41.56 -19.51
N ALA C 680 45.34 41.20 -18.96
CA ALA C 680 44.24 42.13 -18.73
C ALA C 680 44.08 42.35 -17.23
N ILE C 681 44.05 43.61 -16.82
CA ILE C 681 43.91 43.99 -15.42
C ILE C 681 42.73 44.93 -15.28
N PRO C 682 41.73 44.62 -14.45
CA PRO C 682 40.63 45.57 -14.26
C PRO C 682 41.09 46.83 -13.55
N THR C 683 40.41 47.93 -13.84
CA THR C 683 40.72 49.23 -13.24
C THR C 683 39.57 49.83 -12.45
N ASN C 684 38.38 49.24 -12.47
CA ASN C 684 37.24 49.75 -11.73
C ASN C 684 36.48 48.58 -11.12
N PHE C 685 35.69 48.89 -10.10
CA PHE C 685 34.93 47.88 -9.39
C PHE C 685 33.50 48.38 -9.16
N SER C 686 32.60 47.43 -8.93
CA SER C 686 31.21 47.73 -8.66
C SER C 686 30.71 46.85 -7.53
N ILE C 687 29.70 47.34 -6.81
CA ILE C 687 29.09 46.62 -5.69
C ILE C 687 27.72 46.14 -6.14
N SER C 688 27.49 44.84 -6.03
CA SER C 688 26.23 44.23 -6.45
C SER C 688 25.63 43.46 -5.29
N VAL C 689 24.30 43.51 -5.18
CA VAL C 689 23.56 42.81 -4.13
C VAL C 689 22.58 41.85 -4.79
N THR C 690 22.64 40.58 -4.39
CA THR C 690 21.77 39.54 -4.92
C THR C 690 20.97 38.91 -3.79
N THR C 691 19.91 38.22 -4.17
CA THR C 691 19.00 37.59 -3.22
C THR C 691 18.93 36.09 -3.46
N GLU C 692 18.56 35.36 -2.42
CA GLU C 692 18.45 33.91 -2.47
C GLU C 692 17.43 33.45 -1.44
N VAL C 693 16.59 32.50 -1.82
CA VAL C 693 15.48 32.03 -0.99
C VAL C 693 15.63 30.53 -0.79
N LEU C 694 15.53 30.08 0.46
CA LEU C 694 15.60 28.66 0.79
C LEU C 694 14.46 28.32 1.75
N PRO C 695 13.66 27.30 1.45
CA PRO C 695 12.63 26.87 2.40
C PRO C 695 13.26 26.27 3.65
N VAL C 696 12.58 26.46 4.78
CA VAL C 696 13.10 26.03 6.07
C VAL C 696 12.16 25.03 6.73
N SER C 697 10.86 25.14 6.47
CA SER C 697 9.88 24.31 7.16
C SER C 697 8.58 24.31 6.37
N MET C 698 7.70 23.38 6.75
CA MET C 698 6.37 23.26 6.18
C MET C 698 5.34 23.15 7.30
N THR C 699 4.08 22.96 6.93
CA THR C 699 3.00 22.91 7.90
C THR C 699 3.01 21.58 8.66
N LYS C 700 2.43 21.61 9.86
CA LYS C 700 2.30 20.44 10.71
C LYS C 700 0.84 20.03 10.78
N THR C 701 0.58 18.73 10.65
CA THR C 701 -0.79 18.23 10.59
C THR C 701 -0.93 16.98 11.46
N SER C 702 -2.17 16.66 11.80
CA SER C 702 -2.50 15.48 12.57
C SER C 702 -3.75 14.83 11.98
N VAL C 703 -3.86 13.52 12.17
CA VAL C 703 -4.96 12.73 11.60
C VAL C 703 -5.55 11.85 12.69
N ASP C 704 -6.88 11.80 12.75
CA ASP C 704 -7.61 10.93 13.66
C ASP C 704 -8.31 9.85 12.84
N CYS C 705 -7.99 8.59 13.13
CA CYS C 705 -8.59 7.49 12.37
C CYS C 705 -10.07 7.32 12.70
N ASN C 706 -10.42 7.38 13.99
CA ASN C 706 -11.80 7.11 14.39
C ASN C 706 -12.78 8.13 13.84
N MET C 707 -12.30 9.30 13.41
CA MET C 707 -13.15 10.31 12.81
C MET C 707 -13.10 10.31 11.28
N TYR C 708 -11.91 10.17 10.70
CA TYR C 708 -11.80 10.07 9.25
C TYR C 708 -12.44 8.79 8.73
N ILE C 709 -12.23 7.68 9.43
CA ILE C 709 -12.83 6.40 9.11
C ILE C 709 -13.89 6.09 10.16
N CYS C 710 -15.06 5.63 9.70
CA CYS C 710 -16.18 5.28 10.57
C CYS C 710 -16.65 6.49 11.37
N GLY C 711 -17.07 7.53 10.63
CA GLY C 711 -17.52 8.75 11.26
C GLY C 711 -18.86 8.60 11.96
N ASP C 712 -18.82 8.67 13.30
CA ASP C 712 -20.03 8.56 14.13
C ASP C 712 -20.77 7.24 13.87
N SER C 713 -20.07 6.15 14.14
CA SER C 713 -20.64 4.82 13.96
C SER C 713 -19.98 3.87 14.95
N THR C 714 -20.76 3.35 15.90
CA THR C 714 -20.21 2.46 16.90
C THR C 714 -19.84 1.11 16.30
N GLU C 715 -20.68 0.57 15.41
CA GLU C 715 -20.39 -0.71 14.79
C GLU C 715 -19.13 -0.63 13.94
N CYS C 716 -18.98 0.44 13.17
CA CYS C 716 -17.77 0.61 12.36
C CYS C 716 -16.55 0.83 13.23
N SER C 717 -16.71 1.53 14.36
CA SER C 717 -15.59 1.68 15.29
C SER C 717 -15.15 0.33 15.85
N SER C 718 -16.11 -0.52 16.21
CA SER C 718 -15.77 -1.86 16.70
C SER C 718 -15.09 -2.67 15.61
N LEU C 719 -15.58 -2.58 14.38
CA LEU C 719 -14.94 -3.30 13.28
C LEU C 719 -13.51 -2.81 13.04
N LEU C 720 -13.30 -1.50 13.11
CA LEU C 720 -11.95 -0.95 12.95
C LEU C 720 -11.03 -1.41 14.07
N LEU C 721 -11.55 -1.46 15.30
CA LEU C 721 -10.76 -1.98 16.41
C LEU C 721 -10.41 -3.45 16.17
N GLN C 722 -11.35 -4.23 15.65
CA GLN C 722 -11.08 -5.63 15.33
C GLN C 722 -10.07 -5.75 14.19
N TYR C 723 -9.99 -4.75 13.31
CA TYR C 723 -9.10 -4.84 12.16
C TYR C 723 -7.65 -4.97 12.57
N GLY C 724 -7.23 -4.20 13.58
CA GLY C 724 -5.88 -4.28 14.09
C GLY C 724 -5.34 -2.90 14.40
N SER C 725 -4.04 -2.86 14.70
CA SER C 725 -3.35 -1.62 15.06
C SER C 725 -2.61 -1.11 13.82
N PHE C 726 -3.30 -0.32 13.01
CA PHE C 726 -2.74 0.27 11.81
C PHE C 726 -2.72 1.79 11.84
N CYS C 727 -2.94 2.41 13.00
CA CYS C 727 -3.04 3.85 13.10
C CYS C 727 -2.04 4.50 14.04
N GLN C 728 -1.45 3.75 14.98
CA GLN C 728 -0.45 4.32 15.86
C GLN C 728 0.79 4.76 15.07
N GLN C 729 1.14 4.00 14.03
CA GLN C 729 2.30 4.35 13.21
C GLN C 729 2.10 5.70 12.53
N LEU C 730 0.90 5.97 12.03
CA LEU C 730 0.62 7.24 11.36
C LEU C 730 0.79 8.40 12.34
N ASN C 731 0.24 8.26 13.54
CA ASN C 731 0.36 9.32 14.54
C ASN C 731 1.81 9.54 14.95
N ARG C 732 2.57 8.46 15.13
CA ARG C 732 3.98 8.59 15.48
C ARG C 732 4.75 9.29 14.37
N ALA C 733 4.49 8.93 13.11
CA ALA C 733 5.17 9.57 12.00
C ALA C 733 4.83 11.06 11.91
N LEU C 734 3.56 11.41 12.10
CA LEU C 734 3.17 12.81 12.04
C LEU C 734 3.79 13.62 13.18
N ALA C 735 3.82 13.04 14.38
CA ALA C 735 4.46 13.72 15.50
C ALA C 735 5.96 13.92 15.25
N GLY C 736 6.61 12.89 14.70
CA GLY C 736 8.02 13.03 14.36
C GLY C 736 8.25 14.11 13.32
N VAL C 737 7.38 14.18 12.32
CA VAL C 737 7.51 15.22 11.30
C VAL C 737 7.36 16.60 11.92
N SER C 738 6.38 16.78 12.80
CA SER C 738 6.18 18.08 13.44
C SER C 738 7.39 18.48 14.29
N VAL C 739 7.91 17.53 15.07
CA VAL C 739 9.10 17.82 15.89
C VAL C 739 10.28 18.15 15.00
N GLU C 740 10.43 17.44 13.87
CA GLU C 740 11.51 17.72 12.94
C GLU C 740 11.40 19.13 12.36
N GLN C 741 10.17 19.54 12.01
CA GLN C 741 9.99 20.90 11.48
C GLN C 741 10.34 21.95 12.52
N ASP C 742 9.90 21.75 13.76
CA ASP C 742 10.26 22.70 14.81
C ASP C 742 11.77 22.76 15.02
N LYS C 743 12.43 21.60 15.03
CA LYS C 743 13.87 21.56 15.21
C LYS C 743 14.59 22.25 14.04
N ASN C 744 14.08 22.05 12.82
CA ASN C 744 14.68 22.70 11.66
C ASN C 744 14.58 24.22 11.78
N THR C 745 13.41 24.73 12.16
CA THR C 745 13.26 26.17 12.32
C THR C 745 14.19 26.70 13.39
N GLN C 746 14.26 26.01 14.53
CA GLN C 746 15.13 26.47 15.62
C GLN C 746 16.60 26.45 15.21
N ASP C 747 17.02 25.40 14.50
CA ASP C 747 18.42 25.32 14.07
C ASP C 747 18.76 26.39 13.05
N VAL C 748 17.84 26.66 12.12
CA VAL C 748 18.13 27.65 11.08
C VAL C 748 18.17 29.05 11.68
N PHE C 749 17.22 29.40 12.54
CA PHE C 749 17.15 30.79 13.00
C PHE C 749 17.89 31.02 14.31
N ALA C 750 17.66 30.18 15.31
CA ALA C 750 18.25 30.38 16.63
C ALA C 750 19.65 29.77 16.64
N GLN C 751 20.68 30.62 16.53
CA GLN C 751 22.06 30.17 16.56
C GLN C 751 22.91 30.90 17.60
N VAL C 752 22.63 32.19 17.84
CA VAL C 752 23.37 32.98 18.82
C VAL C 752 22.42 33.37 19.94
N LYS C 753 22.83 33.12 21.19
CA LYS C 753 22.01 33.41 22.35
C LYS C 753 22.38 34.76 22.96
N SER C 754 22.26 35.80 22.14
CA SER C 754 22.57 37.16 22.58
C SER C 754 21.74 38.14 21.76
N ILE C 755 20.89 38.90 22.44
CA ILE C 755 20.05 39.90 21.78
C ILE C 755 20.75 41.25 21.88
N TYR C 756 21.05 41.84 20.73
CA TYR C 756 21.74 43.12 20.65
C TYR C 756 20.73 44.22 20.33
N LYS C 757 20.76 45.30 21.11
CA LYS C 757 19.83 46.39 20.92
C LYS C 757 20.12 47.12 19.61
N VAL C 758 19.06 47.48 18.90
CA VAL C 758 19.20 48.21 17.64
C VAL C 758 19.75 49.60 17.92
N PRO C 759 20.81 50.04 17.24
CA PRO C 759 21.35 51.38 17.50
C PRO C 759 20.36 52.46 17.12
N ALA C 760 20.42 53.58 17.84
CA ALA C 760 19.52 54.70 17.58
C ALA C 760 19.77 55.29 16.19
N ILE C 761 21.02 55.42 15.80
CA ILE C 761 21.38 55.96 14.49
C ILE C 761 21.57 54.80 13.52
N LYS C 762 21.19 55.04 12.27
CA LYS C 762 21.25 54.03 11.21
C LYS C 762 22.05 54.54 10.03
N ASP C 763 23.21 55.13 10.31
CA ASP C 763 24.10 55.63 9.26
C ASP C 763 25.54 55.45 9.77
N PHE C 764 26.20 54.41 9.28
CA PHE C 764 27.55 54.05 9.73
C PHE C 764 28.53 54.39 8.60
N GLY C 765 29.09 55.59 8.68
CA GLY C 765 30.09 56.01 7.71
C GLY C 765 29.58 56.09 6.28
N GLY C 766 28.34 56.57 6.10
CA GLY C 766 27.75 56.68 4.79
C GLY C 766 26.93 55.49 4.36
N PHE C 767 27.04 54.36 5.06
CA PHE C 767 26.24 53.18 4.72
C PHE C 767 24.89 53.26 5.41
N ASN C 768 23.82 53.14 4.64
CA ASN C 768 22.45 53.35 5.12
C ASN C 768 21.86 52.00 5.51
N PHE C 769 21.81 51.74 6.82
CA PHE C 769 21.15 50.55 7.35
C PHE C 769 19.74 50.89 7.81
N SER C 770 18.91 51.30 6.85
CA SER C 770 17.54 51.73 7.13
C SER C 770 16.48 50.73 6.68
N HIS C 771 16.70 50.04 5.57
CA HIS C 771 15.73 49.08 5.05
C HIS C 771 15.97 47.67 5.58
N ILE C 772 16.95 47.47 6.46
CA ILE C 772 17.22 46.16 7.03
C ILE C 772 16.86 46.08 8.51
N LEU C 773 16.90 47.20 9.25
CA LEU C 773 16.55 47.24 10.65
C LEU C 773 15.11 47.72 10.82
N PRO C 774 14.43 47.28 11.89
CA PRO C 774 13.05 47.72 12.09
C PRO C 774 12.97 49.21 12.38
N ASP C 775 11.85 49.82 11.95
CA ASP C 775 11.64 51.25 12.13
C ASP C 775 11.00 51.50 13.48
N PRO C 776 11.61 52.29 14.37
CA PRO C 776 10.99 52.56 15.67
C PRO C 776 9.74 53.43 15.60
N ALA C 777 9.39 53.94 14.42
CA ALA C 777 8.18 54.76 14.31
C ALA C 777 6.93 53.97 14.66
N LYS C 778 6.86 52.71 14.20
CA LYS C 778 5.73 51.84 14.50
C LYS C 778 6.28 50.52 15.04
N PRO C 779 5.75 50.01 16.15
CA PRO C 779 6.25 48.76 16.73
C PRO C 779 5.79 47.52 15.95
N SER C 780 6.23 47.42 14.70
CA SER C 780 5.92 46.27 13.87
C SER C 780 6.92 45.13 14.03
N LYS C 781 8.07 45.38 14.64
CA LYS C 781 9.11 44.38 14.88
C LYS C 781 9.63 43.75 13.59
N ARG C 782 9.41 44.39 12.45
CA ARG C 782 9.88 43.89 11.17
C ARG C 782 10.45 45.05 10.36
N SER C 783 11.38 44.72 9.46
CA SER C 783 11.98 45.73 8.60
C SER C 783 11.07 46.00 7.40
N PHE C 784 11.48 46.97 6.59
CA PHE C 784 10.67 47.35 5.43
C PHE C 784 10.62 46.22 4.40
N ILE C 785 11.74 45.53 4.18
CA ILE C 785 11.79 44.47 3.17
C ILE C 785 10.98 43.27 3.64
N GLU C 786 11.03 42.95 4.94
CA GLU C 786 10.33 41.78 5.44
C GLU C 786 8.81 41.93 5.30
N ASP C 787 8.29 43.15 5.46
CA ASP C 787 6.86 43.35 5.25
C ASP C 787 6.47 43.06 3.81
N LEU C 788 7.28 43.52 2.85
CA LEU C 788 7.01 43.22 1.45
C LEU C 788 7.09 41.72 1.17
N LEU C 789 8.08 41.05 1.77
CA LEU C 789 8.21 39.62 1.59
C LEU C 789 7.00 38.88 2.14
N TYR C 790 6.51 39.29 3.31
CA TYR C 790 5.35 38.64 3.90
C TYR C 790 4.09 38.90 3.08
N ASN C 791 3.93 40.12 2.56
CA ASN C 791 2.74 40.45 1.79
C ASN C 791 2.78 39.88 0.38
N LYS C 792 3.97 39.53 -0.13
CA LYS C 792 4.06 39.01 -1.49
C LYS C 792 3.49 37.60 -1.60
N VAL C 793 3.80 36.75 -0.64
CA VAL C 793 3.35 35.36 -0.65
C VAL C 793 2.20 35.20 0.34
N THR C 794 1.15 34.51 -0.08
CA THR C 794 -0.05 34.33 0.73
C THR C 794 -0.04 32.97 1.41
N LEU C 795 -0.98 32.80 2.33
CA LEU C 795 -1.13 31.57 3.08
C LEU C 795 -2.56 31.04 2.92
N ALA C 796 -2.70 29.72 3.10
CA ALA C 796 -4.00 29.08 2.94
C ALA C 796 -5.01 29.60 3.96
N ASP C 797 -4.74 29.36 5.24
CA ASP C 797 -5.65 29.76 6.32
C ASP C 797 -4.83 30.02 7.58
N PRO C 798 -4.54 31.28 7.89
CA PRO C 798 -3.79 31.59 9.11
C PRO C 798 -4.73 31.68 10.31
N GLY C 799 -4.11 31.84 11.48
CA GLY C 799 -4.86 32.02 12.73
C GLY C 799 -5.17 30.76 13.51
N PHE C 800 -5.80 29.77 12.87
CA PHE C 800 -6.21 28.53 13.53
C PHE C 800 -7.11 28.81 14.72
N MET C 801 -8.03 29.76 14.56
CA MET C 801 -8.94 30.19 15.61
C MET C 801 -10.37 30.22 15.08
N LYS C 802 -10.77 29.14 14.42
CA LYS C 802 -12.08 29.04 13.79
C LYS C 802 -13.03 28.28 14.70
N GLN C 803 -14.14 28.91 15.06
CA GLN C 803 -15.09 28.36 16.01
C GLN C 803 -16.42 28.08 15.33
N TYR C 804 -17.41 27.68 16.13
CA TYR C 804 -18.78 27.57 15.63
C TYR C 804 -19.31 28.95 15.26
N GLY C 805 -20.14 28.99 14.23
CA GLY C 805 -20.50 30.22 13.56
C GLY C 805 -19.54 30.56 12.43
N ASP C 806 -18.27 30.20 12.57
CA ASP C 806 -17.31 30.25 11.49
C ASP C 806 -17.24 28.95 10.70
N CYS C 807 -17.92 27.91 11.16
CA CYS C 807 -18.10 26.66 10.42
C CYS C 807 -19.59 26.38 10.25
N LEU C 808 -19.90 25.17 9.79
CA LEU C 808 -21.27 24.81 9.45
C LEU C 808 -22.21 24.80 10.64
N GLY C 809 -21.68 24.83 11.87
CA GLY C 809 -22.52 25.07 13.02
C GLY C 809 -23.25 26.40 12.92
N GLY C 810 -22.62 27.39 12.28
CA GLY C 810 -23.28 28.64 11.95
C GLY C 810 -23.66 28.71 10.49
N VAL C 811 -22.99 29.58 9.73
CA VAL C 811 -23.26 29.75 8.30
C VAL C 811 -21.95 29.86 7.55
N ASN C 812 -21.79 29.07 6.50
CA ASN C 812 -20.69 29.20 5.55
C ASN C 812 -21.14 28.71 4.18
N ALA C 813 -20.24 28.85 3.21
CA ALA C 813 -20.39 28.26 1.88
C ALA C 813 -19.64 26.94 1.75
N ARG C 814 -19.51 26.20 2.85
CA ARG C 814 -18.77 24.94 2.90
C ARG C 814 -17.30 25.15 2.53
N ASP C 815 -16.62 25.94 3.37
CA ASP C 815 -15.21 26.18 3.19
C ASP C 815 -14.41 24.90 3.38
N LEU C 816 -13.24 24.83 2.73
CA LEU C 816 -12.41 23.63 2.80
C LEU C 816 -11.93 23.38 4.23
N ILE C 817 -11.60 24.44 4.96
CA ILE C 817 -11.02 24.27 6.29
C ILE C 817 -12.01 23.60 7.24
N CYS C 818 -13.28 24.00 7.19
CA CYS C 818 -14.26 23.37 8.06
C CYS C 818 -14.56 21.94 7.64
N ALA C 819 -14.46 21.65 6.33
CA ALA C 819 -14.64 20.28 5.87
C ALA C 819 -13.52 19.38 6.37
N GLN C 820 -12.28 19.90 6.42
CA GLN C 820 -11.16 19.12 6.93
C GLN C 820 -11.37 18.76 8.40
N LYS C 821 -11.83 19.72 9.20
CA LYS C 821 -12.04 19.48 10.62
C LYS C 821 -13.20 18.54 10.90
N PHE C 822 -14.12 18.39 9.94
CA PHE C 822 -15.23 17.45 10.10
C PHE C 822 -14.80 16.00 9.92
N ASN C 823 -13.56 15.76 9.48
CA ASN C 823 -13.07 14.40 9.26
C ASN C 823 -11.79 14.13 10.06
N GLY C 824 -11.56 14.88 11.13
CA GLY C 824 -10.40 14.63 11.98
C GLY C 824 -9.09 15.21 11.49
N LEU C 825 -9.10 16.01 10.44
CA LEU C 825 -7.89 16.61 9.91
C LEU C 825 -7.69 17.98 10.54
N THR C 826 -6.55 18.17 11.21
CA THR C 826 -6.24 19.41 11.90
C THR C 826 -4.83 19.86 11.55
N VAL C 827 -4.60 21.16 11.68
CA VAL C 827 -3.30 21.78 11.42
C VAL C 827 -2.83 22.46 12.69
N LEU C 828 -1.61 22.14 13.12
CA LEU C 828 -1.09 22.69 14.36
C LEU C 828 -0.24 23.93 14.10
N PRO C 829 -0.32 24.93 14.98
CA PRO C 829 0.47 26.14 14.78
C PRO C 829 1.93 25.89 15.11
N PRO C 830 2.85 26.64 14.51
CA PRO C 830 4.27 26.48 14.84
C PRO C 830 4.58 26.99 16.24
N LEU C 831 5.67 26.44 16.80
CA LEU C 831 6.07 26.83 18.16
C LEU C 831 6.50 28.28 18.21
N LEU C 832 7.25 28.75 17.20
CA LEU C 832 7.76 30.11 17.17
C LEU C 832 6.83 30.99 16.34
N THR C 833 6.45 32.14 16.89
CA THR C 833 5.59 33.07 16.18
C THR C 833 6.41 33.91 15.21
N ASP C 834 5.70 34.67 14.37
CA ASP C 834 6.37 35.51 13.38
C ASP C 834 7.18 36.61 14.04
N ASP C 835 6.66 37.20 15.12
CA ASP C 835 7.37 38.27 15.80
C ASP C 835 8.67 37.77 16.42
N MET C 836 8.64 36.58 17.01
CA MET C 836 9.83 36.04 17.64
C MET C 836 10.91 35.72 16.61
N ILE C 837 10.52 35.24 15.44
CA ILE C 837 11.48 34.92 14.39
C ILE C 837 12.18 36.19 13.91
N ALA C 838 11.42 37.27 13.72
CA ALA C 838 12.02 38.52 13.27
C ALA C 838 12.99 39.10 14.28
N ALA C 839 12.81 38.75 15.56
CA ALA C 839 13.74 39.21 16.59
C ALA C 839 15.14 38.65 16.36
N TYR C 840 15.23 37.38 15.94
CA TYR C 840 16.53 36.80 15.64
C TYR C 840 17.21 37.52 14.48
N THR C 841 16.45 37.84 13.43
CA THR C 841 17.01 38.56 12.30
C THR C 841 17.48 39.95 12.71
N SER C 842 16.68 40.64 13.53
CA SER C 842 17.06 41.96 14.01
C SER C 842 18.33 41.90 14.84
N ALA C 843 18.46 40.89 15.70
CA ALA C 843 19.68 40.73 16.49
C ALA C 843 20.88 40.41 15.61
N LEU C 844 20.68 39.57 14.60
CA LEU C 844 21.80 39.18 13.72
C LEU C 844 22.28 40.38 12.90
N VAL C 845 21.36 41.15 12.33
CA VAL C 845 21.77 42.29 11.51
C VAL C 845 22.44 43.35 12.37
N SER C 846 21.89 43.63 13.55
CA SER C 846 22.47 44.64 14.43
C SER C 846 23.85 44.22 14.91
N GLY C 847 24.05 42.93 15.18
CA GLY C 847 25.34 42.46 15.63
C GLY C 847 26.43 42.63 14.58
N THR C 848 26.08 42.45 13.31
CA THR C 848 27.05 42.61 12.24
C THR C 848 27.55 44.04 12.16
N ALA C 849 26.65 45.02 12.31
CA ALA C 849 27.03 46.43 12.21
C ALA C 849 27.86 46.90 13.39
N LEU C 850 27.91 46.14 14.49
CA LEU C 850 28.63 46.55 15.69
C LEU C 850 29.91 45.76 15.92
N SER C 851 29.99 44.51 15.45
CA SER C 851 31.16 43.68 15.68
C SER C 851 31.65 42.95 14.44
N GLY C 852 30.87 42.88 13.36
CA GLY C 852 31.29 42.16 12.18
C GLY C 852 30.96 40.68 12.28
N TYR C 853 31.97 39.86 12.58
CA TYR C 853 31.76 38.43 12.79
C TYR C 853 32.49 37.93 14.02
N THR C 854 33.03 38.82 14.85
CA THR C 854 33.71 38.38 16.06
C THR C 854 32.75 37.82 17.10
N PHE C 855 31.51 38.30 17.11
CA PHE C 855 30.52 37.81 18.08
C PHE C 855 30.09 36.38 17.79
N GLY C 856 30.29 35.90 16.56
CA GLY C 856 29.93 34.52 16.25
C GLY C 856 30.88 33.51 16.86
N ALA C 857 32.15 33.89 17.05
CA ALA C 857 33.14 33.01 17.63
C ALA C 857 33.34 33.26 19.13
N GLY C 858 32.59 34.19 19.72
CA GLY C 858 32.73 34.48 21.13
C GLY C 858 32.00 35.73 21.55
N ALA C 859 32.67 36.60 22.31
CA ALA C 859 32.05 37.84 22.75
C ALA C 859 32.17 38.92 21.67
N ALA C 860 31.31 39.92 21.80
CA ALA C 860 31.30 41.02 20.82
C ALA C 860 32.52 41.91 20.98
N LEU C 861 33.00 42.43 19.86
CA LEU C 861 34.14 43.35 19.84
C LEU C 861 33.75 44.58 19.04
N GLN C 862 33.70 45.73 19.71
CA GLN C 862 33.32 46.97 19.04
C GLN C 862 34.40 47.39 18.05
N ILE C 863 33.95 47.93 16.92
CA ILE C 863 34.86 48.37 15.84
C ILE C 863 34.12 49.35 14.95
N PRO C 864 34.76 50.43 14.50
CA PRO C 864 34.10 51.31 13.52
C PRO C 864 33.80 50.57 12.24
N PHE C 865 32.67 50.93 11.62
CA PHE C 865 32.23 50.25 10.40
C PHE C 865 33.19 50.52 9.24
N ALA C 866 33.75 51.73 9.17
CA ALA C 866 34.68 52.05 8.10
C ALA C 866 35.93 51.16 8.16
N MET C 867 36.45 50.95 9.37
CA MET C 867 37.59 50.05 9.52
C MET C 867 37.18 48.59 9.34
N GLN C 868 35.97 48.24 9.77
CA GLN C 868 35.48 46.88 9.58
C GLN C 868 35.36 46.54 8.10
N MET C 869 34.83 47.46 7.30
CA MET C 869 34.70 47.23 5.87
C MET C 869 36.06 47.21 5.17
N ALA C 870 37.07 47.86 5.75
CA ALA C 870 38.39 47.88 5.12
C ALA C 870 39.00 46.49 5.07
N TYR C 871 38.88 45.71 6.15
CA TYR C 871 39.46 44.37 6.17
C TYR C 871 38.64 43.37 5.36
N ARG C 872 37.37 43.66 5.10
CA ARG C 872 36.63 42.84 4.15
C ARG C 872 37.24 42.95 2.76
N PHE C 873 37.65 44.16 2.38
CA PHE C 873 38.38 44.34 1.13
C PHE C 873 39.76 43.70 1.18
N ASN C 874 40.33 43.55 2.38
CA ASN C 874 41.64 42.94 2.51
C ASN C 874 41.58 41.43 2.30
N GLY C 875 40.47 40.80 2.67
CA GLY C 875 40.36 39.36 2.52
C GLY C 875 40.22 38.88 1.09
N ILE C 876 39.84 39.77 0.18
CA ILE C 876 39.67 39.41 -1.22
C ILE C 876 40.90 39.77 -2.05
N GLY C 877 42.03 40.04 -1.40
CA GLY C 877 43.26 40.31 -2.10
C GLY C 877 43.46 41.75 -2.54
N VAL C 878 42.59 42.67 -2.12
CA VAL C 878 42.69 44.07 -2.49
C VAL C 878 43.25 44.85 -1.31
N THR C 879 44.12 45.81 -1.61
CA THR C 879 44.79 46.58 -0.57
C THR C 879 43.80 47.45 0.19
N GLN C 880 44.18 47.82 1.41
CA GLN C 880 43.28 48.56 2.30
C GLN C 880 43.11 50.01 1.85
N ASN C 881 44.11 50.58 1.18
CA ASN C 881 44.08 52.00 0.85
C ASN C 881 42.99 52.36 -0.14
N VAL C 882 42.52 51.41 -0.96
CA VAL C 882 41.56 51.73 -2.00
C VAL C 882 40.21 52.11 -1.40
N LEU C 883 39.84 51.52 -0.26
CA LEU C 883 38.54 51.82 0.35
C LEU C 883 38.48 53.27 0.82
N TYR C 884 39.54 53.75 1.47
CA TYR C 884 39.52 55.12 1.98
C TYR C 884 39.55 56.14 0.86
N GLU C 885 40.09 55.78 -0.31
CA GLU C 885 40.15 56.72 -1.43
C GLU C 885 38.79 56.90 -2.08
N ASN C 886 37.95 55.86 -2.07
CA ASN C 886 36.65 55.90 -2.73
C ASN C 886 35.56 55.39 -1.82
N GLN C 887 35.56 55.85 -0.56
CA GLN C 887 34.54 55.43 0.38
C GLN C 887 33.15 55.93 -0.03
N LYS C 888 33.07 57.18 -0.49
CA LYS C 888 31.78 57.76 -0.86
C LYS C 888 31.15 57.00 -2.02
N GLN C 889 31.95 56.64 -3.03
CA GLN C 889 31.42 55.89 -4.17
C GLN C 889 30.91 54.52 -3.73
N ILE C 890 31.65 53.84 -2.86
CA ILE C 890 31.23 52.52 -2.38
C ILE C 890 29.92 52.64 -1.60
N ALA C 891 29.83 53.64 -0.72
CA ALA C 891 28.60 53.83 0.04
C ALA C 891 27.42 54.13 -0.87
N ASN C 892 27.63 54.98 -1.87
CA ASN C 892 26.55 55.32 -2.79
C ASN C 892 26.10 54.09 -3.58
N GLN C 893 27.05 53.28 -4.05
CA GLN C 893 26.69 52.07 -4.78
C GLN C 893 25.94 51.09 -3.89
N PHE C 894 26.37 50.93 -2.64
CA PHE C 894 25.69 50.05 -1.72
C PHE C 894 24.25 50.51 -1.47
N ASN C 895 24.08 51.81 -1.22
CA ASN C 895 22.73 52.34 -1.00
C ASN C 895 21.86 52.18 -2.24
N LYS C 896 22.42 52.44 -3.42
CA LYS C 896 21.66 52.29 -4.66
C LYS C 896 21.23 50.84 -4.87
N ALA C 897 22.13 49.89 -4.61
CA ALA C 897 21.77 48.48 -4.76
C ALA C 897 20.69 48.07 -3.76
N ILE C 898 20.80 48.55 -2.51
CA ILE C 898 19.79 48.22 -1.51
C ILE C 898 18.44 48.79 -1.92
N SER C 899 18.42 50.03 -2.41
CA SER C 899 17.16 50.62 -2.85
C SER C 899 16.59 49.89 -4.06
N GLN C 900 17.44 49.50 -5.00
CA GLN C 900 16.98 48.80 -6.20
C GLN C 900 16.49 47.39 -5.89
N ILE C 901 16.93 46.80 -4.79
CA ILE C 901 16.41 45.48 -4.40
C ILE C 901 14.90 45.54 -4.19
N GLN C 902 14.42 46.58 -3.52
CA GLN C 902 12.99 46.72 -3.29
C GLN C 902 12.23 46.88 -4.60
N GLU C 903 12.74 47.69 -5.52
CA GLU C 903 12.08 47.87 -6.81
C GLU C 903 12.04 46.57 -7.60
N SER C 904 13.15 45.82 -7.59
CA SER C 904 13.18 44.54 -8.29
C SER C 904 12.19 43.56 -7.68
N LEU C 905 12.10 43.52 -6.35
CA LEU C 905 11.12 42.65 -5.70
C LEU C 905 9.70 43.04 -6.06
N THR C 906 9.42 44.35 -6.09
CA THR C 906 8.07 44.81 -6.43
C THR C 906 7.70 44.49 -7.87
N THR C 907 8.65 44.66 -8.80
CA THR C 907 8.34 44.51 -10.21
C THR C 907 8.17 43.06 -10.64
N THR C 908 8.68 42.11 -9.87
CA THR C 908 8.61 40.70 -10.22
C THR C 908 7.74 39.94 -9.23
N ALA C 909 7.29 38.76 -9.66
CA ALA C 909 6.46 37.91 -8.81
C ALA C 909 6.84 36.44 -8.93
N THR C 910 8.05 36.13 -9.37
CA THR C 910 8.49 34.75 -9.55
C THR C 910 9.68 34.36 -8.68
N ALA C 911 10.34 35.31 -8.02
CA ALA C 911 11.47 34.97 -7.18
C ALA C 911 11.04 34.11 -5.99
N LEU C 912 9.94 34.48 -5.33
CA LEU C 912 9.42 33.73 -4.20
C LEU C 912 8.48 32.65 -4.72
N GLY C 913 9.08 31.57 -5.22
CA GLY C 913 8.31 30.50 -5.83
C GLY C 913 8.26 29.23 -5.01
N LYS C 914 9.37 28.89 -4.33
CA LYS C 914 9.43 27.63 -3.61
C LYS C 914 8.45 27.58 -2.45
N LEU C 915 8.32 28.68 -1.71
CA LEU C 915 7.38 28.72 -0.59
C LEU C 915 5.95 28.56 -1.07
N GLN C 916 5.58 29.26 -2.14
CA GLN C 916 4.25 29.11 -2.72
C GLN C 916 4.02 27.68 -3.20
N ASP C 917 5.05 27.08 -3.81
CA ASP C 917 4.92 25.72 -4.31
C ASP C 917 4.66 24.73 -3.18
N VAL C 918 5.42 24.85 -2.08
CA VAL C 918 5.24 23.90 -0.99
C VAL C 918 3.89 24.12 -0.29
N ILE C 919 3.47 25.38 -0.15
CA ILE C 919 2.17 25.65 0.46
C ILE C 919 1.06 25.05 -0.41
N ASN C 920 1.15 25.25 -1.73
CA ASN C 920 0.15 24.70 -2.63
C ASN C 920 0.15 23.18 -2.61
N GLN C 921 1.34 22.56 -2.52
CA GLN C 921 1.41 21.11 -2.46
C GLN C 921 0.73 20.57 -1.21
N ASN C 922 1.00 21.20 -0.05
CA ASN C 922 0.36 20.76 1.18
C ASN C 922 -1.15 20.93 1.11
N ALA C 923 -1.62 22.08 0.60
CA ALA C 923 -3.06 22.31 0.50
C ALA C 923 -3.72 21.31 -0.45
N ILE C 924 -3.07 21.03 -1.58
CA ILE C 924 -3.63 20.08 -2.55
C ILE C 924 -3.68 18.69 -1.94
N ALA C 925 -2.64 18.28 -1.22
CA ALA C 925 -2.65 16.97 -0.58
C ALA C 925 -3.78 16.86 0.43
N LEU C 926 -3.96 17.88 1.26
CA LEU C 926 -5.05 17.85 2.24
C LEU C 926 -6.41 17.80 1.57
N ASN C 927 -6.61 18.62 0.53
CA ASN C 927 -7.89 18.64 -0.17
C ASN C 927 -8.18 17.31 -0.85
N THR C 928 -7.17 16.70 -1.47
CA THR C 928 -7.36 15.40 -2.10
C THR C 928 -7.69 14.33 -1.07
N LEU C 929 -7.02 14.36 0.08
CA LEU C 929 -7.34 13.40 1.14
C LEU C 929 -8.77 13.59 1.63
N VAL C 930 -9.22 14.83 1.74
CA VAL C 930 -10.59 15.09 2.19
C VAL C 930 -11.59 14.59 1.15
N LYS C 931 -11.34 14.88 -0.13
CA LYS C 931 -12.29 14.54 -1.18
C LYS C 931 -12.21 13.08 -1.61
N GLN C 932 -11.24 12.32 -1.12
CA GLN C 932 -11.14 10.91 -1.49
C GLN C 932 -12.27 10.07 -0.91
N LEU C 933 -12.98 10.57 0.09
CA LEU C 933 -14.04 9.81 0.74
C LEU C 933 -15.26 9.61 -0.16
N SER C 934 -15.38 10.37 -1.26
CA SER C 934 -16.53 10.22 -2.13
C SER C 934 -16.56 8.88 -2.83
N SER C 935 -15.41 8.27 -3.06
CA SER C 935 -15.35 6.98 -3.74
C SER C 935 -15.86 5.87 -2.83
N ASN C 936 -16.65 4.97 -3.42
CA ASN C 936 -17.22 3.84 -2.69
C ASN C 936 -16.43 2.54 -2.91
N PHE C 937 -15.38 2.58 -3.70
CA PHE C 937 -14.54 1.40 -4.00
C PHE C 937 -15.45 0.33 -4.60
N GLY C 938 -15.43 -0.90 -4.11
CA GLY C 938 -16.27 -1.95 -4.63
C GLY C 938 -17.57 -2.16 -3.89
N ALA C 939 -17.95 -1.25 -3.00
CA ALA C 939 -19.18 -1.38 -2.22
C ALA C 939 -20.34 -0.83 -3.03
N ILE C 940 -21.52 -0.75 -2.40
CA ILE C 940 -22.70 -0.27 -3.10
C ILE C 940 -22.93 1.23 -2.92
N SER C 941 -22.37 1.84 -1.88
CA SER C 941 -22.54 3.27 -1.65
C SER C 941 -21.40 3.78 -0.79
N SER C 942 -21.01 5.03 -1.04
CA SER C 942 -19.97 5.66 -0.23
C SER C 942 -20.47 5.94 1.17
N VAL C 943 -21.74 6.33 1.31
CA VAL C 943 -22.31 6.61 2.62
C VAL C 943 -22.40 5.31 3.42
N LEU C 944 -22.10 5.41 4.71
CA LEU C 944 -22.16 4.24 5.58
C LEU C 944 -23.50 4.11 6.30
N ASN C 945 -24.25 5.21 6.44
CA ASN C 945 -25.52 5.16 7.14
C ASN C 945 -26.55 4.31 6.39
N ASP C 946 -26.62 4.46 5.07
CA ASP C 946 -27.63 3.73 4.31
C ASP C 946 -27.32 2.25 4.23
N ILE C 947 -26.04 1.87 4.24
CA ILE C 947 -25.67 0.46 4.19
C ILE C 947 -26.20 -0.27 5.42
N LEU C 948 -26.03 0.34 6.61
CA LEU C 948 -26.57 -0.24 7.83
C LEU C 948 -28.08 -0.07 7.93
N SER C 949 -28.69 0.74 7.07
CA SER C 949 -30.13 0.97 7.09
C SER C 949 -30.90 0.01 6.21
N ARG C 950 -30.22 -0.83 5.42
CA ARG C 950 -30.91 -1.76 4.53
C ARG C 950 -30.35 -3.16 4.53
N LEU C 951 -29.22 -3.43 5.18
CA LEU C 951 -28.60 -4.74 5.16
C LEU C 951 -28.31 -5.22 6.57
N ASP C 952 -28.35 -6.54 6.75
CA ASP C 952 -28.02 -7.14 8.03
C ASP C 952 -26.52 -7.04 8.28
N PRO C 953 -26.11 -7.06 9.55
CA PRO C 953 -24.67 -6.98 9.86
C PRO C 953 -23.86 -8.08 9.20
N PRO C 954 -24.34 -9.33 9.11
CA PRO C 954 -23.55 -10.34 8.39
C PRO C 954 -23.28 -9.98 6.94
N GLU C 955 -24.18 -9.26 6.29
CA GLU C 955 -23.94 -8.79 4.93
C GLU C 955 -23.27 -7.43 4.90
N ALA C 956 -23.48 -6.60 5.93
CA ALA C 956 -22.88 -5.27 5.96
C ALA C 956 -21.39 -5.30 6.28
N GLU C 957 -20.91 -6.36 6.95
CA GLU C 957 -19.49 -6.43 7.28
C GLU C 957 -18.64 -6.48 6.02
N VAL C 958 -19.07 -7.23 5.01
CA VAL C 958 -18.32 -7.32 3.76
C VAL C 958 -18.25 -5.95 3.09
N GLN C 959 -19.36 -5.21 3.09
CA GLN C 959 -19.36 -3.87 2.49
C GLN C 959 -18.45 -2.92 3.26
N ILE C 960 -18.45 -3.01 4.59
CA ILE C 960 -17.65 -2.10 5.40
C ILE C 960 -16.15 -2.41 5.25
N ASP C 961 -15.79 -3.69 5.08
CA ASP C 961 -14.39 -4.07 5.05
C ASP C 961 -13.62 -3.40 3.92
N ARG C 962 -14.20 -3.39 2.72
CA ARG C 962 -13.51 -2.80 1.57
C ARG C 962 -13.34 -1.29 1.75
N LEU C 963 -14.35 -0.62 2.28
CA LEU C 963 -14.21 0.81 2.57
C LEU C 963 -13.10 1.07 3.57
N ILE C 964 -13.03 0.25 4.62
CA ILE C 964 -11.98 0.42 5.62
C ILE C 964 -10.61 0.23 4.99
N THR C 965 -10.46 -0.80 4.16
CA THR C 965 -9.17 -1.06 3.53
C THR C 965 -8.77 0.09 2.60
N GLY C 966 -9.72 0.60 1.81
CA GLY C 966 -9.40 1.70 0.92
C GLY C 966 -9.00 2.97 1.65
N ARG C 967 -9.73 3.30 2.72
CA ARG C 967 -9.40 4.50 3.49
C ARG C 967 -8.04 4.35 4.16
N LEU C 968 -7.73 3.16 4.68
CA LEU C 968 -6.43 2.93 5.29
C LEU C 968 -5.31 3.04 4.24
N GLN C 969 -5.55 2.53 3.03
CA GLN C 969 -4.56 2.66 1.96
C GLN C 969 -4.32 4.13 1.62
N SER C 970 -5.39 4.92 1.53
CA SER C 970 -5.22 6.35 1.25
C SER C 970 -4.43 7.04 2.35
N LEU C 971 -4.73 6.72 3.61
CA LEU C 971 -4.00 7.31 4.72
C LEU C 971 -2.51 6.93 4.67
N GLN C 972 -2.23 5.67 4.35
CA GLN C 972 -0.83 5.23 4.25
C GLN C 972 -0.10 5.97 3.15
N THR C 973 -0.74 6.14 1.99
CA THR C 973 -0.12 6.87 0.90
C THR C 973 0.17 8.32 1.30
N TYR C 974 -0.80 8.96 1.96
CA TYR C 974 -0.59 10.34 2.39
C TYR C 974 0.57 10.44 3.39
N VAL C 975 0.65 9.50 4.33
CA VAL C 975 1.72 9.52 5.32
C VAL C 975 3.08 9.33 4.65
N THR C 976 3.16 8.40 3.68
CA THR C 976 4.43 8.19 2.99
C THR C 976 4.87 9.43 2.22
N GLN C 977 3.93 10.08 1.52
CA GLN C 977 4.28 11.30 0.79
C GLN C 977 4.73 12.39 1.75
N GLN C 978 4.04 12.52 2.89
CA GLN C 978 4.44 13.52 3.88
C GLN C 978 5.84 13.24 4.42
N LEU C 979 6.17 11.96 4.65
CA LEU C 979 7.51 11.62 5.13
C LEU C 979 8.56 12.00 4.11
N ILE C 980 8.31 11.71 2.83
CA ILE C 980 9.28 12.06 1.80
C ILE C 980 9.49 13.57 1.73
N ARG C 981 8.38 14.32 1.76
CA ARG C 981 8.48 15.78 1.73
C ARG C 981 9.21 16.30 2.96
N ALA C 982 8.99 15.68 4.11
CA ALA C 982 9.68 16.09 5.33
C ALA C 982 11.18 15.85 5.21
N ALA C 983 11.59 14.73 4.61
CA ALA C 983 13.01 14.49 4.40
C ALA C 983 13.62 15.54 3.48
N GLU C 984 12.92 15.87 2.40
CA GLU C 984 13.43 16.91 1.49
C GLU C 984 13.56 18.25 2.20
N ILE C 985 12.55 18.62 2.99
CA ILE C 985 12.60 19.87 3.73
C ILE C 985 13.72 19.86 4.75
N ARG C 986 13.98 18.70 5.37
CA ARG C 986 15.09 18.57 6.30
C ARG C 986 16.43 18.84 5.60
N ALA C 987 16.61 18.27 4.42
CA ALA C 987 17.85 18.52 3.67
C ALA C 987 17.98 20.01 3.32
N SER C 988 16.90 20.62 2.86
CA SER C 988 16.95 22.04 2.52
C SER C 988 17.26 22.90 3.73
N ALA C 989 16.66 22.57 4.88
CA ALA C 989 16.91 23.34 6.10
C ALA C 989 18.34 23.17 6.58
N ASN C 990 18.91 21.96 6.45
CA ASN C 990 20.32 21.78 6.79
C ASN C 990 21.21 22.63 5.92
N LEU C 991 20.94 22.65 4.61
CA LEU C 991 21.74 23.50 3.71
C LEU C 991 21.60 24.97 4.08
N ALA C 992 20.39 25.42 4.38
CA ALA C 992 20.17 26.81 4.75
C ALA C 992 20.90 27.17 6.04
N ALA C 993 20.86 26.28 7.03
CA ALA C 993 21.55 26.54 8.29
C ALA C 993 23.06 26.60 8.08
N THR C 994 23.61 25.70 7.27
CA THR C 994 25.04 25.74 6.98
C THR C 994 25.42 27.04 6.29
N LYS C 995 24.61 27.47 5.32
CA LYS C 995 24.90 28.73 4.62
C LYS C 995 24.81 29.92 5.57
N MET C 996 23.82 29.93 6.46
CA MET C 996 23.71 31.01 7.44
C MET C 996 24.93 31.04 8.35
N SER C 997 25.38 29.88 8.81
CA SER C 997 26.53 29.83 9.71
C SER C 997 27.81 30.28 9.02
N GLU C 998 28.01 29.86 7.76
CA GLU C 998 29.27 30.11 7.09
C GLU C 998 29.29 31.41 6.28
N CYS C 999 28.17 32.11 6.14
CA CYS C 999 28.11 33.31 5.32
C CYS C 999 27.73 34.56 6.08
N VAL C 1000 27.00 34.46 7.18
CA VAL C 1000 26.58 35.62 7.96
C VAL C 1000 27.51 35.87 9.14
N LEU C 1001 27.90 34.81 9.85
CA LEU C 1001 28.81 34.92 10.98
C LEU C 1001 30.28 34.84 10.58
N GLY C 1002 30.58 35.12 9.32
CA GLY C 1002 31.97 35.07 8.86
C GLY C 1002 32.04 35.39 7.39
N GLN C 1003 33.26 35.32 6.86
CA GLN C 1003 33.54 35.57 5.46
C GLN C 1003 34.03 34.28 4.82
N SER C 1004 33.43 33.92 3.68
CA SER C 1004 33.72 32.66 3.00
C SER C 1004 34.41 32.93 1.68
N LYS C 1005 35.47 32.18 1.40
CA LYS C 1005 36.21 32.27 0.14
C LYS C 1005 35.77 31.23 -0.87
N ARG C 1006 34.74 30.43 -0.55
CA ARG C 1006 34.27 29.42 -1.49
C ARG C 1006 33.63 30.08 -2.70
N VAL C 1007 33.89 29.52 -3.88
CA VAL C 1007 33.43 30.11 -5.13
C VAL C 1007 31.94 29.85 -5.30
N ASP C 1008 31.19 30.90 -5.59
CA ASP C 1008 29.76 30.83 -5.88
C ASP C 1008 28.97 30.24 -4.72
N PHE C 1009 29.44 30.43 -3.49
CA PHE C 1009 28.73 29.99 -2.30
C PHE C 1009 27.91 31.08 -1.66
N CYS C 1010 28.31 32.34 -1.81
CA CYS C 1010 27.60 33.49 -1.28
C CYS C 1010 27.33 34.53 -2.37
N GLY C 1011 26.93 34.07 -3.54
CA GLY C 1011 26.63 34.94 -4.65
C GLY C 1011 27.61 34.81 -5.78
N LYS C 1012 27.69 35.88 -6.58
CA LYS C 1012 28.60 35.95 -7.72
C LYS C 1012 29.68 36.98 -7.45
N GLY C 1013 30.93 36.56 -7.57
CA GLY C 1013 32.05 37.46 -7.31
C GLY C 1013 32.76 37.13 -6.01
N TYR C 1014 33.33 38.14 -5.37
CA TYR C 1014 34.05 37.97 -4.11
C TYR C 1014 33.13 38.38 -2.96
N HIS C 1015 32.82 37.43 -2.08
CA HIS C 1015 31.88 37.69 -0.99
C HIS C 1015 32.47 38.66 0.02
N LEU C 1016 31.63 39.59 0.49
CA LEU C 1016 32.01 40.55 1.51
C LEU C 1016 31.21 40.35 2.80
N MET C 1017 29.89 40.38 2.71
CA MET C 1017 29.03 40.20 3.88
C MET C 1017 27.64 39.79 3.42
N SER C 1018 26.86 39.27 4.35
CA SER C 1018 25.51 38.80 4.07
C SER C 1018 24.56 39.30 5.15
N PHE C 1019 23.29 39.46 4.77
CA PHE C 1019 22.25 39.94 5.66
C PHE C 1019 21.09 38.96 5.64
N PRO C 1020 20.69 38.40 6.79
CA PRO C 1020 19.54 37.48 6.81
C PRO C 1020 18.22 38.22 6.93
N GLN C 1021 17.22 37.72 6.19
CA GLN C 1021 15.87 38.26 6.23
C GLN C 1021 14.87 37.13 6.36
N ALA C 1022 13.88 37.32 7.24
CA ALA C 1022 12.90 36.28 7.51
C ALA C 1022 11.85 36.23 6.41
N ALA C 1023 11.42 35.02 6.07
CA ALA C 1023 10.40 34.77 5.07
C ALA C 1023 9.45 33.71 5.60
N PRO C 1024 8.21 33.69 5.12
CA PRO C 1024 7.25 32.67 5.57
C PRO C 1024 7.71 31.28 5.13
N HIS C 1025 7.97 30.41 6.12
CA HIS C 1025 8.46 29.06 5.86
C HIS C 1025 9.75 29.07 5.06
N GLY C 1026 10.62 30.03 5.35
CA GLY C 1026 11.87 30.13 4.62
C GLY C 1026 12.73 31.26 5.16
N VAL C 1027 13.79 31.56 4.42
CA VAL C 1027 14.72 32.62 4.78
C VAL C 1027 15.29 33.22 3.50
N VAL C 1028 15.59 34.51 3.54
CA VAL C 1028 16.12 35.24 2.40
C VAL C 1028 17.48 35.83 2.78
N PHE C 1029 18.47 35.60 1.93
CA PHE C 1029 19.83 36.08 2.14
C PHE C 1029 20.13 37.20 1.14
N LEU C 1030 20.72 38.29 1.64
CA LEU C 1030 21.17 39.40 0.81
C LEU C 1030 22.69 39.37 0.79
N HIS C 1031 23.27 39.06 -0.36
CA HIS C 1031 24.70 38.90 -0.51
C HIS C 1031 25.31 40.13 -1.15
N VAL C 1032 26.33 40.69 -0.50
CA VAL C 1032 27.08 41.84 -1.01
C VAL C 1032 28.42 41.32 -1.50
N THR C 1033 28.72 41.57 -2.78
CA THR C 1033 29.91 41.01 -3.41
C THR C 1033 30.72 42.11 -4.08
N TYR C 1034 31.92 41.74 -4.53
CA TYR C 1034 32.86 42.63 -5.19
C TYR C 1034 33.07 42.13 -6.61
N VAL C 1035 32.76 42.97 -7.60
CA VAL C 1035 32.86 42.58 -9.00
C VAL C 1035 33.75 43.57 -9.75
N PRO C 1036 34.92 43.14 -10.22
CA PRO C 1036 35.75 44.04 -11.03
C PRO C 1036 35.17 44.26 -12.42
N SER C 1037 35.56 45.37 -13.02
CA SER C 1037 35.09 45.73 -14.35
C SER C 1037 36.08 46.73 -14.95
N GLN C 1038 35.77 47.18 -16.17
CA GLN C 1038 36.56 48.17 -16.90
C GLN C 1038 38.00 47.70 -17.08
N GLU C 1039 38.13 46.62 -17.84
CA GLU C 1039 39.43 46.01 -18.09
C GLU C 1039 40.30 46.93 -18.96
N GLN C 1040 41.61 46.72 -18.87
CA GLN C 1040 42.57 47.45 -19.68
C GLN C 1040 43.60 46.48 -20.24
N ASN C 1041 44.23 46.89 -21.34
CA ASN C 1041 45.16 46.05 -22.09
C ASN C 1041 46.59 46.35 -21.67
N PHE C 1042 47.35 45.30 -21.39
CA PHE C 1042 48.74 45.45 -20.96
C PHE C 1042 49.54 44.23 -21.41
N THR C 1043 50.86 44.38 -21.38
CA THR C 1043 51.80 43.32 -21.68
C THR C 1043 52.61 42.96 -20.43
N THR C 1044 53.10 41.73 -20.37
CA THR C 1044 53.76 41.22 -19.18
C THR C 1044 54.92 40.32 -19.57
N ALA C 1045 55.82 40.12 -18.61
CA ALA C 1045 56.97 39.24 -18.75
C ALA C 1045 57.08 38.35 -17.52
N PRO C 1046 57.63 37.14 -17.67
CA PRO C 1046 57.72 36.22 -16.52
C PRO C 1046 58.61 36.75 -15.39
N ALA C 1047 59.86 37.09 -15.71
CA ALA C 1047 60.82 37.48 -14.69
C ALA C 1047 61.65 38.65 -15.21
N ILE C 1048 62.53 39.16 -14.35
CA ILE C 1048 63.38 40.30 -14.66
C ILE C 1048 64.82 39.94 -14.34
N CYS C 1049 65.73 40.22 -15.27
CA CYS C 1049 67.16 39.96 -15.10
C CYS C 1049 67.87 41.29 -14.87
N HIS C 1050 68.49 41.43 -13.69
CA HIS C 1050 69.21 42.65 -13.34
C HIS C 1050 70.71 42.53 -13.65
N LYS C 1051 71.39 41.57 -13.02
CA LYS C 1051 72.79 41.29 -13.35
C LYS C 1051 73.03 39.80 -13.13
N GLY C 1052 72.85 39.01 -14.18
CA GLY C 1052 73.08 37.59 -14.14
C GLY C 1052 72.18 36.83 -13.17
N LYS C 1053 71.20 37.52 -12.61
CA LYS C 1053 70.30 36.93 -11.62
C LYS C 1053 68.85 37.26 -12.00
N ALA C 1054 67.95 36.35 -11.66
CA ALA C 1054 66.54 36.49 -11.98
C ALA C 1054 65.76 36.93 -10.74
N HIS C 1055 64.82 37.84 -10.95
CA HIS C 1055 63.96 38.37 -9.89
C HIS C 1055 62.52 38.00 -10.18
N PHE C 1056 61.83 37.48 -9.18
CA PHE C 1056 60.43 37.09 -9.32
C PHE C 1056 59.54 37.94 -8.44
N PRO C 1057 58.37 38.33 -8.91
CA PRO C 1057 57.49 39.18 -8.10
C PRO C 1057 56.92 38.42 -6.90
N ARG C 1058 56.62 39.19 -5.85
CA ARG C 1058 56.04 38.62 -4.64
C ARG C 1058 54.52 38.67 -4.66
N GLU C 1059 53.94 39.83 -4.96
CA GLU C 1059 52.49 40.02 -4.99
C GLU C 1059 52.14 40.79 -6.26
N GLY C 1060 51.87 40.06 -7.34
CA GLY C 1060 51.44 40.66 -8.59
C GLY C 1060 52.34 40.22 -9.73
N VAL C 1061 52.21 40.93 -10.86
CA VAL C 1061 52.97 40.67 -12.06
C VAL C 1061 53.58 41.98 -12.56
N PHE C 1062 54.31 41.90 -13.67
CA PHE C 1062 54.96 43.05 -14.25
C PHE C 1062 54.13 43.60 -15.40
N VAL C 1063 53.95 44.92 -15.42
CA VAL C 1063 53.22 45.61 -16.48
C VAL C 1063 54.18 46.58 -17.16
N THR C 1064 53.75 47.12 -18.30
CA THR C 1064 54.63 47.93 -19.12
C THR C 1064 53.84 49.00 -19.86
N ASN C 1065 54.27 50.26 -19.73
CA ASN C 1065 53.92 51.30 -20.67
C ASN C 1065 55.19 51.84 -21.30
N GLY C 1066 55.10 52.20 -22.58
CA GLY C 1066 56.10 53.01 -23.27
C GLY C 1066 57.55 52.78 -22.86
N THR C 1067 57.99 51.53 -22.90
CA THR C 1067 59.33 51.14 -22.45
C THR C 1067 59.55 51.51 -20.97
N HIS C 1068 58.71 50.93 -20.13
CA HIS C 1068 58.84 51.06 -18.67
C HIS C 1068 58.33 49.76 -18.04
N TRP C 1069 58.57 49.63 -16.73
CA TRP C 1069 58.16 48.43 -16.02
C TRP C 1069 57.69 48.78 -14.63
N PHE C 1070 56.63 48.12 -14.19
CA PHE C 1070 56.04 48.37 -12.88
C PHE C 1070 55.48 47.06 -12.32
N VAL C 1071 55.21 47.06 -11.01
CA VAL C 1071 54.60 45.94 -10.33
C VAL C 1071 53.27 46.41 -9.74
N THR C 1072 52.20 45.68 -10.06
CA THR C 1072 50.85 46.05 -9.63
C THR C 1072 50.11 44.80 -9.16
N GLN C 1073 48.90 45.01 -8.66
CA GLN C 1073 48.06 43.91 -8.21
C GLN C 1073 47.34 43.29 -9.40
N ARG C 1074 46.37 42.43 -9.13
CA ARG C 1074 45.54 41.83 -10.17
C ARG C 1074 44.09 42.26 -10.12
N ASN C 1075 43.49 42.33 -8.92
CA ASN C 1075 42.11 42.79 -8.80
C ASN C 1075 41.98 44.29 -8.98
N PHE C 1076 43.08 45.04 -8.91
CA PHE C 1076 43.05 46.48 -9.10
C PHE C 1076 44.37 46.91 -9.73
N TYR C 1077 44.34 48.07 -10.39
CA TYR C 1077 45.50 48.59 -11.10
C TYR C 1077 46.16 49.67 -10.25
N GLN C 1078 47.44 49.46 -9.91
CA GLN C 1078 48.20 50.41 -9.11
C GLN C 1078 49.69 50.18 -9.34
N PRO C 1079 50.27 50.80 -10.38
CA PRO C 1079 51.69 50.56 -10.67
C PRO C 1079 52.59 51.09 -9.57
N GLU C 1080 53.72 50.41 -9.38
CA GLU C 1080 54.75 50.81 -8.43
C GLU C 1080 56.11 50.50 -9.02
N VAL C 1081 57.12 51.23 -8.56
CA VAL C 1081 58.48 51.01 -9.04
C VAL C 1081 59.01 49.68 -8.51
N ILE C 1082 59.84 49.03 -9.32
CA ILE C 1082 60.42 47.74 -8.94
C ILE C 1082 61.58 47.98 -7.98
N THR C 1083 61.50 47.38 -6.79
CA THR C 1083 62.52 47.53 -5.78
C THR C 1083 62.96 46.15 -5.30
N THR C 1084 63.97 46.14 -4.43
CA THR C 1084 64.51 44.89 -3.91
C THR C 1084 63.61 44.25 -2.86
N GLU C 1085 62.70 45.02 -2.25
CA GLU C 1085 61.78 44.47 -1.27
C GLU C 1085 60.47 43.99 -1.89
N ASN C 1086 60.26 44.23 -3.18
CA ASN C 1086 59.07 43.74 -3.87
C ASN C 1086 59.33 42.44 -4.62
N THR C 1087 60.60 42.09 -4.87
CA THR C 1087 60.94 40.89 -5.62
C THR C 1087 62.06 40.15 -4.89
N PHE C 1088 61.91 38.83 -4.78
CA PHE C 1088 62.98 37.98 -4.25
C PHE C 1088 63.87 37.50 -5.39
N GLU C 1089 65.15 37.32 -5.09
CA GLU C 1089 66.13 36.94 -6.10
C GLU C 1089 66.49 35.46 -5.97
N SER C 1090 66.42 34.75 -7.09
CA SER C 1090 66.68 33.32 -7.12
C SER C 1090 66.99 32.90 -8.55
N GLY C 1091 68.04 32.10 -8.71
CA GLY C 1091 68.37 31.53 -9.99
C GLY C 1091 69.12 32.48 -10.91
N ASN C 1092 69.34 32.00 -12.12
CA ASN C 1092 70.04 32.72 -13.17
C ASN C 1092 69.04 33.16 -14.24
N CYS C 1093 69.57 33.78 -15.29
CA CYS C 1093 68.75 34.33 -16.36
C CYS C 1093 68.73 33.44 -17.61
N ASP C 1094 69.25 32.22 -17.52
CA ASP C 1094 69.32 31.32 -18.67
C ASP C 1094 68.18 30.32 -18.72
N VAL C 1095 67.85 29.70 -17.59
CA VAL C 1095 66.80 28.69 -17.59
C VAL C 1095 65.43 29.31 -17.85
N VAL C 1096 65.19 30.52 -17.32
CA VAL C 1096 63.90 31.16 -17.46
C VAL C 1096 63.73 31.66 -18.89
N ILE C 1097 62.59 31.38 -19.49
CA ILE C 1097 62.27 31.80 -20.85
C ILE C 1097 61.40 33.04 -20.79
N GLY C 1098 61.69 34.01 -21.66
CA GLY C 1098 60.95 35.26 -21.70
C GLY C 1098 61.51 36.37 -20.84
N ILE C 1099 62.58 36.12 -20.09
CA ILE C 1099 63.18 37.15 -19.27
C ILE C 1099 63.85 38.20 -20.16
N VAL C 1100 63.83 39.45 -19.71
CA VAL C 1100 64.29 40.57 -20.51
C VAL C 1100 65.20 41.47 -19.67
N ASN C 1101 65.98 42.29 -20.36
CA ASN C 1101 66.80 43.29 -19.68
C ASN C 1101 65.92 44.30 -18.96
N ASN C 1102 66.32 44.64 -17.73
CA ASN C 1102 65.65 45.69 -16.96
C ASN C 1102 66.52 46.00 -15.74
N THR C 1103 66.39 47.22 -15.26
CA THR C 1103 67.10 47.68 -14.07
C THR C 1103 66.20 47.60 -12.84
N VAL C 1104 66.83 47.51 -11.67
CA VAL C 1104 66.14 47.43 -10.39
C VAL C 1104 66.58 48.60 -9.54
N TYR C 1105 65.62 49.27 -8.90
CA TYR C 1105 65.94 50.44 -8.08
C TYR C 1105 66.88 50.07 -6.94
N ASP C 1106 67.91 50.88 -6.75
CA ASP C 1106 68.87 50.66 -5.69
C ASP C 1106 68.44 51.44 -4.45
N PRO C 1107 68.20 50.78 -3.31
CA PRO C 1107 67.82 51.53 -2.11
C PRO C 1107 68.88 52.52 -1.64
N LEU C 1108 70.14 52.26 -1.94
CA LEU C 1108 71.23 53.12 -1.47
C LEU C 1108 71.56 54.22 -2.47
N GLN C 1109 70.54 55.01 -2.84
CA GLN C 1109 70.73 56.16 -3.71
C GLN C 1109 71.21 57.39 -2.92
N PRO C 1110 70.55 57.79 -1.84
CA PRO C 1110 71.00 59.02 -1.14
C PRO C 1110 72.32 58.86 -0.40
N GLU C 1111 72.90 57.66 -0.34
CA GLU C 1111 74.16 57.43 0.33
C GLU C 1111 75.37 57.79 -0.53
N LEU C 1112 75.18 58.55 -1.60
CA LEU C 1112 76.29 58.95 -2.46
C LEU C 1112 76.27 60.46 -2.70
C1 NAG D . 48.37 14.18 -33.19
C2 NAG D . 47.73 13.08 -34.07
C3 NAG D . 48.78 12.03 -34.44
C4 NAG D . 50.03 12.69 -35.02
C5 NAG D . 50.53 13.77 -34.05
C6 NAG D . 51.77 14.50 -34.52
C7 NAG D . 46.59 11.81 -32.24
C8 NAG D . 45.22 11.30 -31.82
N2 NAG D . 46.60 12.48 -33.41
O3 NAG D . 48.19 11.14 -35.35
O4 NAG D . 50.98 11.67 -35.21
O5 NAG D . 49.50 14.71 -33.84
O6 NAG D . 52.07 15.55 -33.62
O7 NAG D . 47.57 11.61 -31.54
C1 BMA D . 51.35 11.59 -36.60
C2 BMA D . 51.93 10.20 -36.86
C3 BMA D . 52.42 10.11 -38.32
C4 BMA D . 51.70 11.07 -39.31
C5 BMA D . 50.33 11.57 -38.83
C6 BMA D . 49.16 10.69 -39.28
O2 BMA D . 50.95 9.25 -36.55
O3 BMA D . 52.29 8.76 -38.70
O4 BMA D . 52.59 12.16 -39.50
O5 BMA D . 50.24 11.82 -37.44
O6 BMA D . 49.33 9.39 -38.75
C1 NAG E . 23.57 -42.69 -11.53
C2 NAG E . 24.55 -41.70 -10.88
C3 NAG E . 25.75 -41.50 -11.82
C4 NAG E . 26.37 -42.84 -12.19
C5 NAG E . 25.28 -43.78 -12.72
C6 NAG E . 25.78 -45.16 -13.07
C7 NAG E . 23.61 -39.98 -9.37
C8 NAG E . 24.00 -40.89 -8.23
N2 NAG E . 23.91 -40.45 -10.61
O3 NAG E . 26.67 -40.66 -11.16
O4 NAG E . 27.35 -42.59 -13.16
O5 NAG E . 24.25 -43.91 -11.76
O6 NAG E . 26.37 -45.76 -11.94
O7 NAG E . 23.06 -38.91 -9.18
C1 NAG E . 28.65 -42.83 -12.59
C2 NAG E . 29.63 -43.08 -13.74
C3 NAG E . 31.06 -43.21 -13.20
C4 NAG E . 31.40 -42.04 -12.29
C5 NAG E . 30.32 -41.91 -11.21
C6 NAG E . 30.56 -40.78 -10.23
C7 NAG E . 28.55 -44.25 -15.62
C8 NAG E . 28.27 -45.61 -16.22
N2 NAG E . 29.26 -44.25 -14.48
O3 NAG E . 31.93 -43.30 -14.30
O4 NAG E . 32.67 -42.31 -11.73
O5 NAG E . 29.08 -41.72 -11.84
O6 NAG E . 31.68 -41.07 -9.42
O7 NAG E . 28.15 -43.22 -16.16
C1 NAG F . -24.04 -58.73 -14.13
C2 NAG F . -25.06 -57.65 -13.74
C3 NAG F . -26.33 -58.42 -13.40
C4 NAG F . -26.74 -59.44 -14.47
C5 NAG F . -25.55 -60.10 -15.21
C6 NAG F . -25.93 -60.66 -16.57
C7 NAG F . -24.54 -55.55 -12.52
C8 NAG F . -24.99 -54.81 -13.75
N2 NAG F . -24.60 -56.90 -12.60
O3 NAG F . -27.35 -57.48 -13.18
O4 NAG F . -27.41 -60.45 -13.75
O5 NAG F . -24.45 -59.22 -15.38
O6 NAG F . -26.46 -59.63 -17.37
O7 NAG F . -24.15 -54.96 -11.53
C1 NAG F . -28.79 -60.54 -14.13
C2 NAG F . -29.24 -61.97 -13.77
C3 NAG F . -30.74 -62.14 -13.97
C4 NAG F . -31.50 -61.02 -13.25
C5 NAG F . -30.96 -59.66 -13.74
C6 NAG F . -31.65 -58.48 -13.12
C7 NAG F . -27.45 -63.63 -14.12
C8 NAG F . -26.85 -64.59 -15.12
N2 NAG F . -28.51 -62.93 -14.55
O3 NAG F . -31.10 -63.40 -13.48
O4 NAG F . -32.87 -61.18 -13.55
O5 NAG F . -29.58 -59.60 -13.45
O6 NAG F . -33.01 -58.48 -13.47
O7 NAG F . -26.97 -63.49 -13.00
C1 NAG G . -9.16 -49.56 -3.19
C2 NAG G . -9.79 -48.77 -2.05
C3 NAG G . -8.90 -48.85 -0.81
C4 NAG G . -8.57 -50.31 -0.48
C5 NAG G . -8.02 -51.01 -1.72
C6 NAG G . -7.70 -52.47 -1.52
C7 NAG G . -11.10 -46.67 -2.18
C8 NAG G . -11.07 -45.25 -2.67
N2 NAG G . -9.98 -47.39 -2.43
O3 NAG G . -9.58 -48.22 0.25
O4 NAG G . -7.62 -50.27 0.56
O5 NAG G . -8.96 -50.89 -2.78
O6 NAG G . -8.83 -53.14 -1.02
O7 NAG G . -12.08 -47.13 -1.60
C1 NAG G . -8.18 -50.92 1.73
C2 NAG G . -7.03 -51.51 2.53
C3 NAG G . -7.58 -52.19 3.79
C4 NAG G . -8.45 -51.23 4.58
C5 NAG G . -9.51 -50.61 3.65
C6 NAG G . -10.39 -49.58 4.31
C7 NAG G . -5.04 -52.18 1.25
C8 NAG G . -4.43 -53.30 0.43
N2 NAG G . -6.26 -52.44 1.74
O3 NAG G . -6.50 -52.67 4.53
O4 NAG G . -9.07 -51.96 5.61
O5 NAG G . -8.86 -49.99 2.55
O6 NAG G . -9.61 -48.51 4.79
O7 NAG G . -4.44 -51.12 1.42
C1 BMA G . -8.40 -51.69 6.86
C2 BMA G . -9.43 -51.80 7.98
C3 BMA G . -8.75 -51.55 9.35
C4 BMA G . -7.25 -51.89 9.41
C5 BMA G . -6.78 -52.88 8.33
C6 BMA G . -6.98 -54.34 8.71
O2 BMA G . -10.05 -53.05 7.90
O3 BMA G . -9.51 -52.26 10.29
O4 BMA G . -6.57 -50.65 9.29
O5 BMA G . -7.36 -52.64 7.04
O6 BMA G . -6.76 -55.11 7.55
C1 NAG H . 11.38 -25.06 -33.02
C2 NAG H . 12.29 -23.81 -33.08
C3 NAG H . 13.27 -23.85 -34.25
C4 NAG H . 13.94 -25.22 -34.33
C5 NAG H . 12.85 -26.26 -34.48
C6 NAG H . 13.35 -27.68 -34.70
C7 NAG H . 11.48 -21.63 -32.26
C8 NAG H . 10.55 -20.49 -32.58
N2 NAG H . 11.48 -22.63 -33.17
O3 NAG H . 14.20 -22.81 -34.03
O4 NAG H . 14.90 -25.27 -35.39
O5 NAG H . 12.10 -26.24 -33.28
O6 NAG H . 13.94 -27.78 -35.96
O7 NAG H . 12.17 -21.63 -31.27
C1 NAG H . 14.47 -24.63 -36.62
C2 NAG H . 15.75 -24.22 -37.37
C3 NAG H . 15.41 -23.64 -38.73
C4 NAG H . 14.53 -24.61 -39.49
C5 NAG H . 13.28 -24.90 -38.65
C6 NAG H . 12.29 -25.82 -39.31
C7 NAG H . 17.70 -23.63 -35.98
C8 NAG H . 18.36 -22.52 -35.22
N2 NAG H . 16.53 -23.31 -36.59
O3 NAG H . 16.62 -23.36 -39.39
O4 NAG H . 14.21 -24.03 -40.74
O5 NAG H . 13.70 -25.48 -37.43
O6 NAG H . 12.90 -27.06 -39.62
O7 NAG H . 18.20 -24.75 -36.04
C1 BMA H . 14.94 -24.74 -41.78
C2 BMA H . 14.27 -24.45 -43.11
C3 BMA H . 14.99 -25.23 -44.23
C4 BMA H . 16.48 -25.56 -43.95
C5 BMA H . 17.14 -24.67 -42.89
C6 BMA H . 17.81 -23.43 -43.44
O2 BMA H . 14.27 -23.06 -43.31
O3 BMA H . 14.82 -24.47 -45.41
O4 BMA H . 16.49 -26.92 -43.56
O5 BMA H . 16.29 -24.32 -41.80
O6 BMA H . 16.84 -22.61 -44.07
C1 NAG I . -7.78 -43.40 28.62
C2 NAG I . -6.34 -43.91 28.65
C3 NAG I . -5.63 -43.81 30.00
C4 NAG I . -6.34 -43.11 31.16
C5 NAG I . -7.79 -42.74 30.83
C6 NAG I . -8.37 -41.68 31.75
C7 NAG I . -5.42 -45.94 27.48
C8 NAG I . -4.24 -45.12 27.00
N2 NAG I . -6.34 -45.30 28.23
O3 NAG I . -4.36 -43.25 29.75
O4 NAG I . -6.27 -43.98 32.29
O5 NAG I . -7.89 -42.29 29.49
O6 NAG I . -9.70 -41.39 31.36
O7 NAG I . -5.51 -47.12 27.19
C1 NAG I . -4.92 -44.43 32.60
C2 NAG I . -4.73 -44.65 34.10
C3 NAG I . -3.26 -44.96 34.36
C4 NAG I . -2.76 -46.12 33.49
C5 NAG I . -3.21 -45.91 32.04
C6 NAG I . -2.89 -47.07 31.12
C7 NAG I . -6.01 -43.62 35.95
C8 NAG I . -6.49 -45.02 36.29
N2 NAG I . -5.17 -43.53 34.89
O3 NAG I . -3.10 -45.24 35.73
O4 NAG I . -1.35 -46.14 33.59
O5 NAG I . -4.60 -45.68 32.02
O6 NAG I . -1.51 -47.13 30.89
O7 NAG I . -6.37 -42.65 36.61
C1 BMA I . -0.94 -47.36 34.24
C2 BMA I . 0.43 -47.73 33.69
C3 BMA I . 0.93 -49.04 34.35
C4 BMA I . 0.32 -49.34 35.74
C5 BMA I . -0.20 -48.10 36.47
C6 BMA I . 0.88 -47.35 37.26
O2 BMA I . 1.30 -46.65 33.90
O3 BMA I . 2.33 -48.97 34.36
O4 BMA I . -0.71 -50.28 35.53
O5 BMA I . -0.89 -47.18 35.63
O6 BMA I . 1.23 -48.15 38.36
C1 NAG J . 30.31 -24.33 20.87
C2 NAG J . 30.37 -23.29 21.99
C3 NAG J . 31.82 -23.15 22.44
C4 NAG J . 32.30 -24.52 22.96
C5 NAG J . 32.07 -25.57 21.86
C6 NAG J . 32.43 -26.98 22.29
C7 NAG J . 28.72 -21.48 22.07
C8 NAG J . 28.34 -20.14 21.49
N2 NAG J . 29.84 -22.01 21.56
O3 NAG J . 31.86 -22.15 23.43
O4 NAG J . 33.67 -24.40 23.26
O5 NAG J . 30.73 -25.56 21.42
O6 NAG J . 31.65 -27.34 23.41
O7 NAG J . 28.04 -22.02 22.92
C1 NAG J . 33.88 -24.20 24.68
C2 NAG J . 34.75 -22.95 24.84
C3 NAG J . 34.91 -22.58 26.32
C4 NAG J . 33.55 -22.48 26.99
C5 NAG J . 32.80 -23.80 26.77
C6 NAG J . 31.42 -23.83 27.41
C7 NAG J . 36.97 -24.05 24.50
C8 NAG J . 38.22 -23.97 23.64
N2 NAG J . 36.03 -23.12 24.21
O3 NAG J . 35.61 -21.36 26.38
O4 NAG J . 33.77 -22.23 28.36
O5 NAG J . 32.65 -24.01 25.38
O6 NAG J . 30.67 -22.73 26.96
O7 NAG J . 36.88 -24.89 25.37
C1 NAG K . 64.78 14.16 22.71
C2 NAG K . 65.24 15.02 23.90
C3 NAG K . 66.57 14.50 24.42
C4 NAG K . 66.49 13.01 24.75
C5 NAG K . 65.96 12.27 23.51
C6 NAG K . 65.80 10.78 23.71
C7 NAG K . 64.72 17.41 24.18
C8 NAG K . 65.01 18.79 23.63
N2 NAG K . 65.36 16.41 23.55
O3 NAG K . 66.91 15.29 25.53
O4 NAG K . 67.77 12.55 25.09
O5 NAG K . 64.71 12.81 23.13
O6 NAG K . 65.25 10.21 22.54
O7 NAG K . 63.97 17.25 25.12
C1 NAG K . 67.90 12.53 26.53
C2 NAG K . 68.74 11.31 26.94
C3 NAG K . 69.02 11.33 28.45
C4 NAG K . 69.58 12.68 28.87
C5 NAG K . 68.65 13.80 28.38
C6 NAG K . 69.13 15.19 28.74
C7 NAG K . 66.91 9.61 26.93
C8 NAG K . 66.53 8.27 26.33
N2 NAG K . 68.12 10.08 26.54
O3 NAG K . 69.90 10.27 28.74
O4 NAG K . 69.69 12.67 30.27
O5 NAG K . 68.54 13.70 26.97
O6 NAG K . 69.12 15.35 30.15
O7 NAG K . 66.15 10.19 27.70
C1 NAG L . 63.69 14.53 -8.94
C2 NAG L . 63.37 13.31 -9.82
C3 NAG L . 64.34 13.33 -11.00
C4 NAG L . 64.35 14.67 -11.72
C5 NAG L . 64.39 15.85 -10.74
C6 NAG L . 64.14 17.19 -11.39
C7 NAG L . 62.69 11.01 -9.27
C8 NAG L . 63.00 9.83 -8.39
N2 NAG L . 63.48 12.09 -9.09
O3 NAG L . 64.01 12.27 -11.84
O4 NAG L . 65.52 14.68 -12.51
O5 NAG L . 63.43 15.68 -9.71
O6 NAG L . 64.05 18.19 -10.39
O7 NAG L . 61.79 10.97 -10.10
C1 NAG L . 65.25 14.45 -13.91
C2 NAG L . 66.38 13.56 -14.45
C3 NAG L . 66.20 13.38 -15.94
C4 NAG L . 64.80 12.80 -16.24
C5 NAG L . 63.75 13.67 -15.54
C6 NAG L . 62.34 13.14 -15.69
C7 NAG L . 68.59 13.47 -13.38
C8 NAG L . 69.89 14.21 -13.19
N2 NAG L . 67.68 14.09 -14.14
O3 NAG L . 67.23 12.53 -16.39
O4 NAG L . 64.63 12.80 -17.64
O5 NAG L . 64.03 13.80 -14.17
O6 NAG L . 61.96 13.14 -17.05
O7 NAG L . 68.41 12.37 -12.87
C1 BMA L . 64.83 11.47 -18.16
C2 BMA L . 64.19 11.43 -19.55
C3 BMA L . 64.36 10.02 -20.17
C4 BMA L . 65.57 9.22 -19.65
C5 BMA L . 66.68 10.08 -19.03
C6 BMA L . 67.67 10.61 -20.07
O2 BMA L . 64.77 12.44 -20.32
O3 BMA L . 64.41 10.22 -21.57
O4 BMA L . 65.05 8.31 -18.70
O5 BMA L . 66.21 11.16 -18.24
O6 BMA L . 68.44 9.52 -20.52
C1 NAG M . 76.45 22.72 4.06
C2 NAG M . 77.92 22.33 3.86
C3 NAG M . 78.72 23.62 3.80
C4 NAG M . 78.18 24.53 2.70
C5 NAG M . 76.64 24.64 2.74
C6 NAG M . 76.04 25.33 1.54
C7 NAG M . 78.74 20.18 4.73
C8 NAG M . 79.21 19.45 5.95
N2 NAG M . 78.39 21.47 4.92
O3 NAG M . 80.06 23.28 3.60
O4 NAG M . 78.77 25.79 2.92
O5 NAG M . 76.02 23.36 2.87
O6 NAG M . 76.51 26.66 1.48
O7 NAG M . 78.69 19.63 3.64
C1 NAG M . 79.75 26.10 1.90
C2 NAG M . 80.44 27.41 2.27
C3 NAG M . 81.40 27.79 1.15
C4 NAG M . 82.37 26.65 0.85
C5 NAG M . 81.62 25.33 0.69
C6 NAG M . 82.52 24.12 0.55
C7 NAG M . 79.31 29.04 3.71
C8 NAG M . 78.26 30.12 3.75
N2 NAG M . 79.50 28.46 2.52
O3 NAG M . 82.07 28.96 1.53
O4 NAG M . 83.03 26.99 -0.35
O5 NAG M . 80.75 25.11 1.78
O6 NAG M . 83.36 24.03 1.68
O7 NAG M . 79.95 28.74 4.71
C1 BMA M . 84.40 27.39 -0.08
C2 BMA M . 85.22 26.95 -1.28
C3 BMA M . 86.72 27.29 -1.07
C4 BMA M . 86.96 28.55 -0.20
C5 BMA M . 85.74 29.46 0.00
C6 BMA M . 85.62 30.58 -1.04
O2 BMA M . 84.69 27.54 -2.43
O3 BMA M . 87.31 27.35 -2.33
O4 BMA M . 87.41 28.06 1.05
O5 BMA M . 84.49 28.79 0.11
O6 BMA M . 84.69 31.52 -0.55
C1 MAN M . 87.64 26.00 -2.73
C2 MAN M . 89.10 25.99 -3.21
C3 MAN M . 89.24 26.73 -4.54
C4 MAN M . 88.26 26.20 -5.56
C5 MAN M . 86.84 26.27 -4.99
C6 MAN M . 85.83 25.64 -5.91
O2 MAN M . 89.47 24.63 -3.34
O3 MAN M . 90.58 26.59 -4.96
O4 MAN M . 88.39 26.99 -6.73
O5 MAN M . 86.79 25.55 -3.77
O6 MAN M . 86.06 24.26 -6.00
C1 MAN M . 84.73 32.70 -1.37
C2 MAN M . 85.62 33.74 -0.69
C3 MAN M . 84.98 34.22 0.61
C4 MAN M . 83.56 34.72 0.35
C5 MAN M . 82.75 33.63 -0.37
C6 MAN M . 81.38 34.11 -0.77
O2 MAN M . 85.79 34.80 -1.60
O3 MAN M . 85.80 35.24 1.14
O4 MAN M . 82.99 35.04 1.61
O5 MAN M . 83.43 33.23 -1.55
O6 MAN M . 80.66 33.04 -1.33
C1 NAG N . 74.37 30.96 23.79
C2 NAG N . 74.77 29.90 24.83
C3 NAG N . 74.86 30.51 26.22
C4 NAG N . 75.74 31.76 26.21
C5 NAG N . 75.19 32.72 25.14
C6 NAG N . 75.95 34.03 25.03
C7 NAG N . 74.24 27.49 24.65
C8 NAG N . 75.72 27.26 24.47
N2 NAG N . 73.86 28.78 24.81
O3 NAG N . 75.34 29.54 27.10
O4 NAG N . 75.69 32.31 27.50
O5 NAG N . 75.25 32.07 23.89
O6 NAG N . 77.32 33.79 24.85
O7 NAG N . 73.44 26.56 24.63
C1 NAG N . 77.04 32.40 28.03
C2 NAG N . 76.96 32.47 29.56
C3 NAG N . 78.36 32.48 30.16
C4 NAG N . 79.20 31.32 29.61
C5 NAG N . 79.16 31.36 28.08
C6 NAG N . 79.95 30.26 27.42
C7 NAG N . 75.03 33.61 30.60
C8 NAG N . 74.44 32.24 30.86
N2 NAG N . 76.21 33.63 29.98
O3 NAG N . 78.24 32.43 31.56
O4 NAG N . 80.50 31.48 30.10
O5 NAG N . 77.81 31.28 27.65
O6 NAG N . 79.84 30.37 26.02
O7 NAG N . 74.44 34.62 30.95
C1 NAG O . -6.85 -58.09 -31.90
C2 NAG O . -7.07 -57.48 -33.29
C3 NAG O . -8.34 -57.88 -34.05
C4 NAG O . -9.43 -58.63 -33.28
C5 NAG O . -9.11 -58.69 -31.78
C6 NAG O . -10.00 -59.63 -31.00
C7 NAG O . -7.90 -55.20 -32.66
C8 NAG O . -7.61 -53.74 -32.80
N2 NAG O . -7.00 -56.03 -33.26
O3 NAG O . -7.95 -58.56 -35.22
O4 NAG O . -10.69 -57.99 -33.47
O5 NAG O . -7.78 -59.11 -31.63
O6 NAG O . -9.88 -60.93 -31.49
O7 NAG O . -8.89 -55.58 -32.05
C1 NAG O . -10.96 -57.62 -34.84
C2 NAG O . -12.46 -57.79 -35.13
C3 NAG O . -12.77 -57.38 -36.56
C4 NAG O . -12.22 -55.99 -36.88
C5 NAG O . -10.73 -55.95 -36.48
C6 NAG O . -10.05 -54.62 -36.72
C7 NAG O . -14.03 -59.46 -34.22
C8 NAG O . -14.28 -60.94 -34.08
N2 NAG O . -12.90 -59.14 -34.88
O3 NAG O . -14.17 -57.43 -36.75
O4 NAG O . -12.38 -55.77 -38.26
O5 NAG O . -10.65 -56.27 -35.11
O6 NAG O . -8.70 -54.71 -36.33
O7 NAG O . -14.79 -58.63 -33.76
C1 NAG P . -29.14 -51.84 11.22
C2 NAG P . -28.08 -52.57 12.05
C3 NAG P . -28.55 -53.96 12.51
C4 NAG P . -29.95 -53.88 13.11
C5 NAG P . -30.87 -53.19 12.12
C6 NAG P . -32.31 -53.10 12.57
C7 NAG P . -26.28 -53.17 10.29
C8 NAG P . -27.18 -53.99 9.39
N2 NAG P . -26.77 -52.60 11.42
O3 NAG P . -27.60 -54.45 13.42
O4 NAG P . -30.37 -55.20 13.39
O5 NAG P . -30.39 -51.88 11.88
O6 NAG P . -32.38 -52.43 13.81
O7 NAG P . -25.10 -53.02 9.97
C1 NAG P . -30.35 -55.39 14.82
C2 NAG P . -31.24 -56.61 15.14
C3 NAG P . -31.19 -56.91 16.64
C4 NAG P . -29.74 -57.03 17.12
C5 NAG P . -28.96 -55.77 16.69
C6 NAG P . -27.50 -55.79 17.08
C7 NAG P . -33.19 -56.97 13.66
C8 NAG P . -32.34 -57.95 12.90
N2 NAG P . -32.60 -56.38 14.71
O3 NAG P . -31.91 -58.09 16.87
O4 NAG P . -29.78 -57.16 18.52
O5 NAG P . -29.04 -55.65 15.29
O6 NAG P . -26.85 -54.67 16.54
O7 NAG P . -34.35 -56.74 13.33
C1 BMA P . -29.26 -58.46 18.88
C2 BMA P . -29.15 -58.51 20.41
C3 BMA P . -28.56 -59.86 20.85
C4 BMA P . -28.79 -61.02 19.86
C5 BMA P . -29.97 -60.81 18.91
C6 BMA P . -31.30 -61.27 19.50
O2 BMA P . -30.41 -58.25 20.94
O3 BMA P . -29.09 -60.12 22.12
O4 BMA P . -27.58 -61.16 19.13
O5 BMA P . -30.11 -59.49 18.42
O6 BMA P . -31.26 -62.67 19.62
C1 NAG Q . -39.23 -45.59 15.66
C2 NAG Q . -39.93 -45.20 14.35
C3 NAG Q . -41.19 -46.05 14.16
C4 NAG Q . -40.91 -47.54 14.37
C5 NAG Q . -40.06 -47.77 15.64
C6 NAG Q . -39.64 -49.20 15.86
C7 NAG Q . -40.94 -42.86 14.86
C8 NAG Q . -41.82 -43.29 16.02
N2 NAG Q . -40.17 -43.78 14.21
O3 NAG Q . -41.70 -45.79 12.88
O4 NAG Q . -42.17 -48.18 14.51
O5 NAG Q . -38.91 -46.95 15.60
O6 NAG Q . -38.86 -49.30 17.02
O7 NAG Q . -40.95 -41.69 14.52
C1 NAG Q . -42.53 -48.86 13.29
C2 NAG Q . -43.62 -49.88 13.63
C3 NAG Q . -44.15 -50.55 12.36
C4 NAG Q . -44.57 -49.49 11.34
C5 NAG Q . -43.39 -48.53 11.11
C6 NAG Q . -43.70 -47.43 10.12
C7 NAG Q . -42.12 -51.74 14.40
C8 NAG Q . -41.86 -52.65 15.57
N2 NAG Q . -43.14 -50.87 14.57
O3 NAG Q . -45.23 -51.37 12.72
O4 NAG Q . -44.93 -50.16 10.16
O5 NAG Q . -43.04 -47.94 12.35
O6 NAG Q . -44.84 -46.72 10.52
O7 NAG Q . -41.43 -51.81 13.39
C1 NAG R . 48.70 7.05 34.94
C2 NAG R . 47.95 5.97 35.72
C3 NAG R . 47.82 6.36 37.19
C4 NAG R . 49.18 6.77 37.76
C5 NAG R . 49.82 7.82 36.87
C6 NAG R . 51.18 8.30 37.33
C7 NAG R . 45.63 6.57 34.98
C8 NAG R . 44.41 5.99 34.33
N2 NAG R . 46.65 5.70 35.13
O3 NAG R . 47.26 5.28 37.88
O4 NAG R . 48.95 7.24 39.07
O5 NAG R . 49.94 7.31 35.56
O6 NAG R . 51.72 9.18 36.37
O7 NAG R . 45.65 7.74 35.33
C1 BMA R . 49.69 6.43 40.02
C2 BMA R . 49.03 6.61 41.38
C3 BMA R . 49.83 5.82 42.45
C4 BMA R . 50.65 4.62 41.90
C5 BMA R . 50.15 4.07 40.55
C6 BMA R . 49.11 2.97 40.67
O2 BMA R . 47.70 6.19 41.28
O3 BMA R . 48.91 5.44 43.44
O4 BMA R . 51.98 5.08 41.80
O5 BMA R . 49.68 5.06 39.64
O6 BMA R . 47.99 3.46 41.36
C1 NAG S . -15.86 6.44 47.11
C2 NAG S . -14.91 7.58 46.71
C3 NAG S . -13.78 7.67 47.72
C4 NAG S . -14.34 7.78 49.13
C5 NAG S . -15.33 6.65 49.39
C6 NAG S . -15.99 6.70 50.75
C7 NAG S . -14.73 8.11 44.30
C8 NAG S . -15.73 9.21 44.53
N2 NAG S . -14.40 7.38 45.38
O3 NAG S . -12.98 8.77 47.38
O4 NAG S . -13.24 7.70 50.02
O5 NAG S . -16.35 6.70 48.40
O6 NAG S . -16.65 7.94 50.91
O7 NAG S . -14.27 7.90 43.18
C1 NAG S . -13.04 8.98 50.64
C2 NAG S . -12.25 8.77 51.94
C3 NAG S . -11.89 10.10 52.57
C4 NAG S . -11.23 11.03 51.55
C5 NAG S . -12.14 11.14 50.32
C6 NAG S . -11.58 12.04 49.23
C7 NAG S . -12.84 6.62 53.01
C8 NAG S . -13.74 5.98 54.02
N2 NAG S . -13.00 7.96 52.85
O3 NAG S . -11.05 9.86 53.67
O4 NAG S . -11.07 12.28 52.18
O5 NAG S . -12.31 9.84 49.78
O6 NAG S . -11.61 13.38 49.66
O7 NAG S . -12.03 5.96 52.37
C1 NAG T . -50.01 -27.06 31.53
C2 NAG T . -49.87 -27.42 30.05
C3 NAG T . -51.21 -28.02 29.65
C4 NAG T . -51.71 -29.10 30.62
C5 NAG T . -51.31 -28.89 32.10
C6 NAG T . -51.33 -30.16 32.91
C7 NAG T . -48.54 -26.15 28.38
C8 NAG T . -47.66 -27.36 28.24
N2 NAG T . -49.56 -26.26 29.25
O3 NAG T . -51.10 -28.51 28.34
O4 NAG T . -53.12 -29.02 30.52
O5 NAG T . -50.05 -28.28 32.23
O6 NAG T . -50.46 -31.10 32.33
O7 NAG T . -48.34 -25.14 27.72
C1 NAG T . -53.69 -30.21 29.99
C2 NAG T . -55.15 -30.26 30.48
C3 NAG T . -55.92 -31.40 29.82
C4 NAG T . -55.75 -31.34 28.31
C5 NAG T . -54.26 -31.34 27.98
C6 NAG T . -53.96 -31.31 26.49
C7 NAG T . -55.39 -29.35 32.77
C8 NAG T . -55.39 -29.72 34.23
N2 NAG T . -55.19 -30.38 31.92
O3 NAG T . -57.27 -31.28 30.20
O4 NAG T . -56.41 -32.47 27.78
O5 NAG T . -53.66 -30.21 28.58
O6 NAG T . -54.46 -32.48 25.89
O7 NAG T . -55.55 -28.20 32.40
C1 NAG U . -40.60 -8.93 28.68
C2 NAG U . -40.81 -8.49 27.22
C3 NAG U . -40.98 -6.97 27.18
C4 NAG U . -42.07 -6.52 28.16
C5 NAG U . -41.78 -7.10 29.55
C6 NAG U . -42.82 -6.75 30.59
C7 NAG U . -39.80 -9.43 25.18
C8 NAG U . -38.49 -9.77 24.52
N2 NAG U . -39.69 -8.89 26.41
O3 NAG U . -41.30 -6.62 25.86
O4 NAG U . -42.03 -5.11 28.17
O5 NAG U . -41.69 -8.51 29.45
O6 NAG U . -44.11 -7.12 30.13
O7 NAG U . -40.88 -9.64 24.63
C1 NAG U . -43.29 -4.60 27.69
C2 NAG U . -43.54 -3.24 28.35
C3 NAG U . -44.87 -2.68 27.85
C4 NAG U . -44.91 -2.65 26.33
C5 NAG U . -44.54 -4.03 25.78
C6 NAG U . -44.49 -4.11 24.26
C7 NAG U . -42.52 -2.92 30.56
C8 NAG U . -42.72 -3.13 32.04
N2 NAG U . -43.52 -3.35 29.78
O3 NAG U . -45.03 -1.40 28.43
O4 NAG U . -46.21 -2.29 25.94
O5 NAG U . -43.29 -4.43 26.29
O6 NAG U . -43.50 -3.22 23.79
O7 NAG U . -41.51 -2.38 30.11
C1 BMA U . -46.23 -0.90 25.54
C2 BMA U . -47.29 -0.73 24.46
C3 BMA U . -47.38 0.74 24.01
C4 BMA U . -46.93 1.77 25.07
C5 BMA U . -46.98 1.25 26.50
C6 BMA U . -48.35 1.40 27.16
O2 BMA U . -48.52 -1.22 24.96
O3 BMA U . -48.70 0.95 23.57
O4 BMA U . -45.61 2.14 24.71
O5 BMA U . -46.53 -0.08 26.66
O6 BMA U . -48.33 0.67 28.36
C1 NAG V . 0.94 -17.58 39.23
C2 NAG V . 2.34 -17.02 38.97
C3 NAG V . 3.31 -17.24 40.13
C4 NAG V . 2.64 -16.88 41.45
C5 NAG V . 1.36 -17.73 41.57
C6 NAG V . 0.64 -17.57 42.89
C7 NAG V . 3.26 -16.92 36.67
C8 NAG V . 3.80 -17.76 35.55
N2 NAG V . 2.90 -17.61 37.77
O3 NAG V . 4.45 -16.47 39.88
O4 NAG V . 3.53 -17.05 42.55
O5 NAG V . 0.50 -17.32 40.54
O6 NAG V . 1.40 -18.15 43.93
O7 NAG V . 3.16 -15.70 36.58
C1 NAG V . 4.34 -18.25 42.50
C2 NAG V . 5.58 -17.96 43.34
C3 NAG V . 6.46 -19.21 43.43
C4 NAG V . 5.63 -20.38 43.95
C5 NAG V . 4.44 -20.56 43.00
C6 NAG V . 3.54 -21.73 43.36
C7 NAG V . 6.38 -15.64 43.39
C8 NAG V . 7.22 -14.62 42.66
N2 NAG V . 6.32 -16.85 42.81
O3 NAG V . 7.54 -18.91 44.28
O4 NAG V . 6.46 -21.51 44.00
O5 NAG V . 3.66 -19.38 43.01
O6 NAG V . 3.05 -21.57 44.67
O7 NAG V . 5.80 -15.36 44.43
C1 BMA V . 6.72 -21.82 45.39
C2 BMA V . 7.21 -23.26 45.48
C3 BMA V . 7.46 -23.64 46.96
C4 BMA V . 7.80 -22.45 47.88
C5 BMA V . 8.32 -21.21 47.16
C6 BMA V . 9.85 -21.17 47.01
O2 BMA V . 8.34 -23.40 44.67
O3 BMA V . 8.47 -24.63 46.95
O4 BMA V . 6.61 -22.15 48.58
O5 BMA V . 7.72 -20.94 45.90
O6 BMA V . 10.25 -22.27 46.23
C1 NAG W . -49.13 15.95 9.71
C2 NAG W . -48.83 16.92 10.86
C3 NAG W . -49.00 18.40 10.54
C4 NAG W . -49.32 18.82 9.10
C5 NAG W . -49.60 17.61 8.19
C6 NAG W . -49.48 17.93 6.71
C7 NAG W . -49.41 16.63 13.29
C8 NAG W . -48.02 17.05 13.67
N2 NAG W . -49.70 16.60 11.97
O3 NAG W . -47.85 19.05 11.02
O4 NAG W . -50.44 19.70 9.15
O5 NAG W . -48.73 16.56 8.50
O6 NAG W . -49.74 16.77 5.95
O7 NAG W . -50.23 16.34 14.16
C1 NAG W . -50.26 20.82 10.06
C2 NAG W . -50.99 22.07 9.57
C3 NAG W . -50.63 23.24 10.49
C4 NAG W . -50.88 22.90 11.96
C5 NAG W . -50.31 21.51 12.29
C6 NAG W . -50.63 21.01 13.68
C7 NAG W . -51.64 22.63 7.25
C8 NAG W . -53.07 22.56 7.72
N2 NAG W . -50.70 22.38 8.19
O3 NAG W . -51.36 24.37 10.09
O4 NAG W . -50.26 23.89 12.74
O5 NAG W . -50.80 20.58 11.34
O6 NAG W . -49.90 21.76 14.63
O7 NAG W . -51.36 22.89 6.09
C1 BMA W . -51.26 24.64 13.45
C2 BMA W . -50.64 25.14 14.75
C3 BMA W . -51.68 25.94 15.57
C4 BMA W . -52.79 26.60 14.72
C5 BMA W . -52.43 26.80 13.25
C6 BMA W . -51.69 28.11 12.99
O2 BMA W . -49.49 25.87 14.44
O3 BMA W . -50.95 26.88 16.32
O4 BMA W . -53.92 25.75 14.84
O5 BMA W . -51.71 25.73 12.66
O6 BMA W . -52.61 29.17 13.17
C1 NAG X . -12.81 35.42 22.97
C2 NAG X . -12.47 36.31 21.77
C3 NAG X . -11.87 37.61 22.28
C4 NAG X . -12.88 38.30 23.20
C5 NAG X . -13.32 37.32 24.30
C6 NAG X . -14.40 37.87 25.20
C7 NAG X . -11.93 35.30 19.60
C8 NAG X . -10.85 34.63 18.79
N2 NAG X . -11.58 35.66 20.84
O3 NAG X . -11.52 38.38 21.17
O4 NAG X . -12.27 39.45 23.75
O5 NAG X . -13.78 36.10 23.73
O6 NAG X . -15.54 38.19 24.44
O7 NAG X . -13.05 35.49 19.14
C1 NAG X . -12.63 40.64 23.04
C2 NAG X . -11.33 41.36 22.65
C3 NAG X . -11.61 42.57 21.76
C4 NAG X . -12.50 42.18 20.60
C5 NAG X . -13.76 41.50 21.13
C6 NAG X . -14.73 41.07 20.05
C7 NAG X . -10.93 42.54 24.81
C8 NAG X . -9.89 42.72 25.90
N2 NAG X . -10.56 41.72 23.82
O3 NAG X . -10.37 43.08 21.34
O4 NAG X . -12.80 43.35 19.88
O5 NAG X . -13.39 40.36 21.88
O6 NAG X . -14.07 40.25 19.12
O7 NAG X . -12.00 43.13 24.87
C1 NAG Y . 32.30 59.91 16.71
C2 NAG Y . 32.65 61.11 15.82
C3 NAG Y . 32.69 62.38 16.68
C4 NAG Y . 31.37 62.55 17.43
C5 NAG Y . 31.09 61.26 18.23
C6 NAG Y . 29.80 61.28 19.01
C7 NAG Y . 34.10 61.01 13.83
C8 NAG Y . 35.52 60.79 13.37
N2 NAG Y . 33.92 60.94 15.17
O3 NAG Y . 32.97 63.45 15.81
O4 NAG Y . 31.50 63.66 18.30
O5 NAG Y . 31.07 60.16 17.34
O6 NAG Y . 29.60 60.06 19.65
O7 NAG Y . 33.19 61.21 13.04
C1 NAG Y . 30.93 64.83 17.68
C2 NAG Y . 30.23 65.67 18.76
C3 NAG Y . 29.72 66.99 18.17
C4 NAG Y . 30.83 67.69 17.40
C5 NAG Y . 31.44 66.73 16.37
C6 NAG Y . 32.57 67.31 15.56
C7 NAG Y . 28.05 64.44 18.83
C8 NAG Y . 27.11 63.73 19.78
N2 NAG Y . 29.16 64.95 19.41
O3 NAG Y . 29.22 67.77 19.21
O4 NAG Y . 30.26 68.82 16.77
O5 NAG Y . 31.92 65.59 17.05
O6 NAG Y . 32.07 68.37 14.75
O7 NAG Y . 27.79 64.52 17.64
C1 NAG Z . 45.84 35.40 31.51
C2 NAG Z . 45.16 34.51 32.54
C3 NAG Z . 46.15 34.27 33.68
C4 NAG Z . 47.49 33.74 33.17
C5 NAG Z . 47.97 34.51 31.93
C6 NAG Z . 49.16 33.88 31.23
C7 NAG Z . 42.84 34.46 33.39
C8 NAG Z . 41.71 35.32 33.90
N2 NAG Z . 43.96 35.13 33.05
O3 NAG Z . 45.55 33.39 34.60
O4 NAG Z . 48.40 33.93 34.22
O5 NAG Z . 46.93 34.66 30.98
O6 NAG Z . 49.43 34.56 30.04
O7 NAG Z . 42.74 33.24 33.30
C1 NAG Z . 48.72 32.68 34.91
C2 NAG Z . 48.81 33.02 36.40
C3 NAG Z . 49.24 31.76 37.17
C4 NAG Z . 48.27 30.62 36.88
C5 NAG Z . 48.10 30.46 35.37
C6 NAG Z . 47.08 29.41 34.98
C7 NAG Z . 49.36 35.27 37.20
C8 NAG Z . 50.48 36.28 37.37
N2 NAG Z . 49.72 34.10 36.64
O3 NAG Z . 49.31 32.10 38.52
O4 NAG Z . 48.79 29.46 37.48
O5 NAG Z . 47.74 31.69 34.76
O6 NAG Z . 47.50 28.14 35.44
O7 NAG Z . 48.22 35.52 37.56
C1 BMA Z . 48.10 29.17 38.71
C2 BMA Z . 48.37 27.72 39.06
C3 BMA Z . 47.66 27.34 40.39
C4 BMA Z . 47.40 28.53 41.34
C5 BMA Z . 48.33 29.73 41.12
C6 BMA Z . 49.66 29.61 41.85
O2 BMA Z . 49.75 27.52 39.12
O3 BMA Z . 48.43 26.33 40.98
O4 BMA Z . 46.05 28.89 41.16
O5 BMA Z . 48.57 30.03 39.75
O6 BMA Z . 49.41 29.77 43.23
C1 NAG AA . 52.58 53.65 27.05
C2 NAG AA . 53.09 54.48 28.24
C3 NAG AA . 54.49 54.97 27.89
C4 NAG AA . 55.39 53.79 27.53
C5 NAG AA . 54.70 52.81 26.56
C6 NAG AA . 55.47 51.52 26.36
C7 NAG AA . 51.49 55.65 29.70
C8 NAG AA . 50.63 56.87 29.84
N2 NAG AA . 52.21 55.57 28.56
O3 NAG AA . 54.97 55.70 28.98
O4 NAG AA . 56.54 54.37 26.94
O5 NAG AA . 53.38 52.49 26.98
O6 NAG AA . 56.72 51.79 25.79
O7 NAG AA . 51.52 54.79 30.57
C1 NAG AA . 57.68 54.24 27.81
C2 NAG AA . 58.86 55.00 27.17
C3 NAG AA . 60.11 54.78 28.03
C4 NAG AA . 59.84 55.19 29.47
C5 NAG AA . 58.54 54.55 29.98
C6 NAG AA . 58.13 55.04 31.36
C7 NAG AA . 58.91 55.35 24.73
C8 NAG AA . 59.21 54.68 23.41
N2 NAG AA . 59.08 54.56 25.81
O3 NAG AA . 61.15 55.52 27.45
O4 NAG AA . 60.95 54.72 30.22
O5 NAG AA . 57.48 54.80 29.08
O6 NAG AA . 57.98 56.44 31.34
O7 NAG AA . 58.55 56.52 24.80
C1 BMA AA . 61.79 55.84 30.62
C2 BMA AA . 62.38 55.47 31.98
C3 BMA AA . 63.27 56.61 32.49
C4 BMA AA . 63.97 57.44 31.38
C5 BMA AA . 63.98 56.80 30.00
C6 BMA AA . 65.22 55.96 29.71
O2 BMA AA . 63.07 54.26 31.84
O3 BMA AA . 64.16 56.05 33.43
O4 BMA AA . 63.27 58.68 31.34
O5 BMA AA . 62.81 56.05 29.67
O6 BMA AA . 65.27 55.72 28.32
C1 MAN AA . 63.46 55.96 34.69
C2 MAN AA . 64.37 56.56 35.78
C3 MAN AA . 65.59 55.67 36.02
C4 MAN AA . 65.15 54.24 36.32
C5 MAN AA . 64.27 53.75 35.18
C6 MAN AA . 63.70 52.37 35.46
O2 MAN AA . 63.59 56.70 36.94
O3 MAN AA . 66.31 56.23 37.09
O4 MAN AA . 66.33 53.47 36.45
O5 MAN AA . 63.17 54.63 35.01
O6 MAN AA . 62.81 52.45 36.54
C1 MAN AA . 66.54 55.13 27.98
C2 MAN AA . 67.46 56.25 27.47
C3 MAN AA . 66.95 56.80 26.15
C4 MAN AA . 66.74 55.67 25.14
C5 MAN AA . 65.85 54.60 25.74
C6 MAN AA . 65.72 53.39 24.84
O2 MAN AA . 68.75 55.68 27.33
O3 MAN AA . 67.88 57.75 25.69
O4 MAN AA . 66.17 56.25 23.98
O5 MAN AA . 66.38 54.15 26.98
O6 MAN AA . 64.80 52.48 25.40
C1 NAG BA . 49.23 67.21 10.72
C2 NAG BA . 48.16 68.24 11.13
C3 NAG BA . 48.05 69.35 10.09
C4 NAG BA . 49.43 69.93 9.79
C5 NAG BA . 50.37 68.78 9.38
C6 NAG BA . 51.77 69.21 9.01
C7 NAG BA . 46.15 67.73 12.50
C8 NAG BA . 46.78 68.57 13.58
N2 NAG BA . 46.88 67.62 11.36
O3 NAG BA . 47.17 70.33 10.58
O4 NAG BA . 49.27 70.89 8.76
O5 NAG BA . 50.44 67.87 10.45
O6 NAG BA . 52.33 69.98 10.05
O7 NAG BA . 45.07 67.19 12.65
C1 NAG BA . 49.76 72.17 9.22
C2 NAG BA . 49.10 73.27 8.38
C3 NAG BA . 49.54 74.64 8.88
C4 NAG BA . 49.31 74.77 10.38
C5 NAG BA . 49.98 73.59 11.08
C6 NAG BA . 49.82 73.60 12.59
C7 NAG BA . 48.57 72.79 6.00
C8 NAG BA . 47.14 72.59 6.43
N2 NAG BA . 49.44 73.11 6.99
O3 NAG BA . 48.82 75.61 8.15
O4 NAG BA . 49.85 76.00 10.78
O5 NAG BA . 49.45 72.39 10.58
O6 NAG BA . 50.46 72.48 13.15
O7 NAG BA . 48.90 72.66 4.83
C1 NAG CA . -33.43 -29.07 49.78
C2 NAG CA . -32.46 -30.28 49.94
C3 NAG CA . -33.06 -31.69 49.83
C4 NAG CA . -34.50 -31.83 49.32
C5 NAG CA . -35.04 -30.50 48.80
C6 NAG CA . -36.52 -30.50 48.52
C7 NAG CA . -31.41 -30.33 47.66
C8 NAG CA . -30.11 -30.22 46.94
N2 NAG CA . -31.35 -30.19 49.01
O3 NAG CA . -32.87 -32.31 51.08
O4 NAG CA . -34.53 -32.80 48.27
O5 NAG CA . -34.77 -29.51 49.77
O6 NAG CA . -37.23 -30.81 49.69
O7 NAG CA . -32.45 -30.53 47.03
C1 NAG CA . -33.79 -34.01 48.55
C2 NAG CA . -34.53 -35.21 47.95
C3 NAG CA . -33.73 -36.49 48.22
C4 NAG CA . -32.28 -36.34 47.78
C5 NAG CA . -31.70 -35.07 48.41
C6 NAG CA . -30.26 -34.79 48.05
C7 NAG CA . -36.95 -35.57 47.69
C8 NAG CA . -38.25 -35.66 48.44
N2 NAG CA . -35.87 -35.33 48.46
O3 NAG CA . -34.38 -37.54 47.53
O4 NAG CA . -31.59 -37.50 48.22
O5 NAG CA . -32.50 -33.98 47.99
O6 NAG CA . -29.84 -33.60 48.69
O7 NAG CA . -36.89 -35.72 46.48
C1 NAG DA . -58.32 -11.30 11.57
C2 NAG DA . -58.73 -9.98 12.25
C3 NAG DA . -60.20 -9.95 12.66
C4 NAG DA . -61.08 -10.42 11.50
C5 NAG DA . -60.58 -11.78 11.02
C6 NAG DA . -61.41 -12.39 9.91
C7 NAG DA . -57.52 -10.12 14.54
C8 NAG DA . -58.20 -11.40 15.00
N2 NAG DA . -57.82 -9.59 13.33
O3 NAG DA . -60.51 -8.66 13.07
O4 NAG DA . -62.40 -10.50 11.99
O5 NAG DA . -59.25 -11.62 10.56
O6 NAG DA . -61.47 -11.49 8.82
O7 NAG DA . -56.71 -9.59 15.28
C1 NAG DA . -63.18 -9.42 11.42
C2 NAG DA . -64.66 -9.77 11.54
C3 NAG DA . -65.52 -8.62 11.02
C4 NAG DA . -65.11 -7.30 11.69
C5 NAG DA . -63.61 -7.10 11.54
C6 NAG DA . -63.08 -5.85 12.19
C7 NAG DA . -65.24 -12.18 11.39
C8 NAG DA . -65.24 -12.21 12.90
N2 NAG DA . -64.96 -10.99 10.82
O3 NAG DA . -66.86 -8.94 11.26
O4 NAG DA . -65.84 -6.28 11.07
O5 NAG DA . -62.93 -8.22 12.10
O6 NAG DA . -61.67 -5.82 12.11
O7 NAG DA . -65.48 -13.18 10.73
C1 BMA DA . -66.73 -5.67 12.03
C2 BMA DA . -67.37 -4.46 11.38
C3 BMA DA . -68.31 -3.75 12.38
C4 BMA DA . -68.87 -4.66 13.50
C5 BMA DA . -68.88 -6.16 13.14
C6 BMA DA . -70.13 -6.59 12.38
O2 BMA DA . -68.04 -4.89 10.21
O3 BMA DA . -69.33 -3.14 11.61
O4 BMA DA . -68.08 -4.41 14.64
O5 BMA DA . -67.73 -6.59 12.45
O6 BMA DA . -71.22 -6.49 13.27
C1 NAG EA . -60.42 -14.54 -0.50
C2 NAG EA . -59.90 -15.99 -0.51
C3 NAG EA . -61.08 -16.96 -0.58
C4 NAG EA . -62.17 -16.64 0.44
C5 NAG EA . -62.46 -15.13 0.45
C6 NAG EA . -63.45 -14.70 1.53
C7 NAG EA . -58.84 -16.25 -2.86
C8 NAG EA . -60.09 -15.96 -3.66
N2 NAG EA . -58.87 -16.23 -1.50
O3 NAG EA . -60.57 -18.26 -0.41
O4 NAG EA . -63.31 -17.37 0.07
O5 NAG EA . -61.27 -14.39 0.61
O6 NAG EA . -63.65 -13.32 1.47
O7 NAG EA . -57.80 -16.49 -3.46
C1 NAG EA . -63.46 -18.53 0.91
C2 NAG EA . -64.93 -19.01 0.80
C3 NAG EA . -65.13 -20.32 1.55
C4 NAG EA . -64.09 -21.35 1.11
C5 NAG EA . -62.69 -20.74 1.28
C6 NAG EA . -61.57 -21.68 0.88
C7 NAG EA . -65.94 -17.46 2.49
C8 NAG EA . -67.01 -16.42 2.64
N2 NAG EA . -65.85 -17.99 1.25
O3 NAG EA . -66.44 -20.77 1.29
O4 NAG EA . -64.26 -22.49 1.93
O5 NAG EA . -62.61 -19.58 0.49
O6 NAG EA . -61.76 -22.12 -0.44
O7 NAG EA . -65.21 -17.77 3.43
C1 NAG FA . 13.75 58.48 5.98
C2 NAG FA . 12.23 58.56 5.86
C3 NAG FA . 11.82 59.58 4.81
C4 NAG FA . 12.54 60.91 5.04
C5 NAG FA . 14.04 60.67 5.16
C6 NAG FA . 14.86 61.92 5.40
C7 NAG FA . 11.88 56.48 4.51
C8 NAG FA . 11.12 55.18 4.50
N2 NAG FA . 11.65 57.25 5.58
O3 NAG FA . 10.43 59.72 4.84
O4 NAG FA . 12.22 61.74 3.94
O5 NAG FA . 14.28 59.76 6.21
O6 NAG FA . 16.21 61.57 5.61
O7 NAG FA . 12.62 56.77 3.58
C1 BMA FA . 11.56 62.94 4.43
C2 BMA FA . 10.77 63.53 3.26
C3 BMA FA . 10.10 64.85 3.70
C4 BMA FA . 9.82 64.96 5.22
C5 BMA FA . 9.75 63.62 5.96
C6 BMA FA . 8.35 63.02 6.03
O2 BMA FA . 9.85 62.58 2.82
O3 BMA FA . 8.94 64.99 2.92
O4 BMA FA . 10.86 65.77 5.74
O5 BMA FA . 10.67 62.64 5.50
O6 BMA FA . 7.89 62.80 4.71
C1 NAG GA . -23.32 24.98 -36.68
C2 NAG GA . -21.82 25.31 -36.69
C3 NAG GA . -21.65 26.82 -36.60
C4 NAG GA . -22.44 27.52 -37.70
C5 NAG GA . -23.90 27.04 -37.66
C6 NAG GA . -24.77 27.63 -38.75
C7 NAG GA . -20.28 23.62 -35.73
C8 NAG GA . -20.03 23.16 -37.14
N2 NAG GA . -21.14 24.65 -35.59
O3 NAG GA . -20.28 27.11 -36.69
O4 NAG GA . -22.36 28.91 -37.45
O5 NAG GA . -23.93 25.63 -37.78
O6 NAG GA . -24.22 27.33 -40.01
O7 NAG GA . -19.73 23.10 -34.78
C1 NAG GA . -21.56 29.52 -38.48
C2 NAG GA . -21.90 31.01 -38.53
C3 NAG GA . -20.99 31.74 -39.51
C4 NAG GA . -19.53 31.41 -39.24
C5 NAG GA . -19.34 29.90 -39.20
C6 NAG GA . -17.93 29.44 -38.94
C7 NAG GA . -24.28 31.41 -38.00
C8 NAG GA . -25.65 31.57 -38.61
N2 NAG GA . -23.28 31.19 -38.88
O3 NAG GA . -21.26 33.11 -39.42
O4 NAG GA . -18.77 32.01 -40.27
O5 NAG GA . -20.19 29.36 -38.20
O6 NAG GA . -17.11 29.77 -40.04
O7 NAG GA . -24.11 31.46 -36.79
C1 NAG HA . -58.51 -9.56 -26.70
C2 NAG HA . -58.07 -10.57 -25.65
C3 NAG HA . -59.01 -11.77 -25.83
C4 NAG HA . -60.49 -11.38 -25.90
C5 NAG HA . -60.78 -10.01 -26.55
C6 NAG HA . -62.10 -9.42 -26.13
C7 NAG HA . -55.74 -10.95 -24.90
C8 NAG HA . -56.17 -10.48 -23.53
N2 NAG HA . -56.69 -10.97 -25.84
O3 NAG HA . -58.76 -12.68 -24.80
O4 NAG HA . -61.06 -12.38 -26.72
O5 NAG HA . -59.76 -9.07 -26.28
O6 NAG HA . -62.15 -9.28 -24.73
O7 NAG HA . -54.59 -11.29 -25.11
C1 NAG HA . -62.02 -13.17 -26.00
C2 NAG HA . -62.97 -13.77 -27.05
C3 NAG HA . -63.92 -14.78 -26.43
C4 NAG HA . -63.14 -15.81 -25.61
C5 NAG HA . -62.27 -15.07 -24.60
C6 NAG HA . -61.46 -15.99 -23.70
C7 NAG HA . -63.39 -12.20 -28.91
C8 NAG HA . -64.31 -11.11 -29.40
N2 NAG HA . -63.71 -12.72 -27.71
O3 NAG HA . -64.65 -15.38 -27.46
O4 NAG HA . -64.08 -16.65 -24.99
O5 NAG HA . -61.39 -14.21 -25.28
O6 NAG HA . -62.33 -16.79 -22.94
O7 NAG HA . -62.44 -12.57 -29.58
C1 NAG IA . -38.96 -5.33 -31.71
C2 NAG IA . -38.09 -6.55 -31.39
C3 NAG IA . -37.00 -6.69 -32.46
C4 NAG IA . -37.61 -6.67 -33.86
C5 NAG IA . -38.52 -5.44 -34.01
C6 NAG IA . -39.21 -5.34 -35.36
C7 NAG IA . -37.43 -7.43 -29.19
C8 NAG IA . -36.75 -7.07 -27.89
N2 NAG IA . -37.49 -6.43 -30.09
O3 NAG IA . -36.31 -7.88 -32.21
O4 NAG IA . -36.53 -6.62 -34.76
O5 NAG IA . -39.50 -5.47 -32.99
O6 NAG IA . -39.92 -6.54 -35.62
O7 NAG IA . -37.86 -8.55 -29.40
C1 NAG IA . -36.55 -7.81 -35.58
C2 NAG IA . -35.92 -7.47 -36.94
C3 NAG IA . -35.93 -8.71 -37.82
C4 NAG IA . -35.26 -9.89 -37.10
C5 NAG IA . -35.89 -10.07 -35.72
C6 NAG IA . -35.27 -11.17 -34.89
C7 NAG IA . -36.13 -5.13 -37.67
C8 NAG IA . -37.03 -4.15 -38.37
N2 NAG IA . -36.62 -6.39 -37.57
O3 NAG IA . -35.28 -8.38 -39.02
O4 NAG IA . -35.44 -11.04 -37.90
O5 NAG IA . -35.81 -8.86 -34.99
O6 NAG IA . -33.91 -10.87 -34.66
O7 NAG IA . -35.05 -4.79 -37.21
C1 BMA IA . -34.22 -11.33 -38.62
C2 BMA IA . -34.15 -12.84 -38.79
C3 BMA IA . -32.87 -13.23 -39.57
C4 BMA IA . -32.33 -12.13 -40.52
C5 BMA IA . -33.37 -11.09 -40.92
C6 BMA IA . -34.21 -11.50 -42.13
O2 BMA IA . -35.33 -13.28 -39.43
O3 BMA IA . -33.17 -14.42 -40.26
O4 BMA IA . -31.25 -11.52 -39.83
O5 BMA IA . -34.24 -10.68 -39.87
O6 BMA IA . -35.29 -10.58 -42.24
C1 NAG JA . -29.97 29.95 -7.49
C2 NAG JA . -28.74 30.68 -6.92
C3 NAG JA . -28.95 32.19 -6.80
C4 NAG JA . -29.58 32.75 -8.08
C5 NAG JA . -30.88 31.99 -8.32
C6 NAG JA . -31.69 32.50 -9.49
C7 NAG JA . -27.22 29.57 -5.33
C8 NAG JA . -27.11 29.07 -3.91
N2 NAG JA . -28.39 30.14 -5.63
O3 NAG JA . -27.69 32.77 -6.53
O4 NAG JA . -29.75 34.15 -8.00
O5 NAG JA . -30.54 30.65 -8.57
O6 NAG JA . -32.20 33.78 -9.19
O7 NAG JA . -26.31 29.44 -6.13
C1 NAG JA . -30.24 34.63 -6.73
C2 NAG JA . -29.79 36.10 -6.61
C3 NAG JA . -30.35 36.74 -5.35
C4 NAG JA . -31.86 36.56 -5.33
C5 NAG JA . -32.17 35.06 -5.42
C6 NAG JA . -33.65 34.73 -5.35
C7 NAG JA . -27.66 36.68 -7.70
C8 NAG JA . -26.16 36.69 -7.53
N2 NAG JA . -28.36 36.19 -6.65
O3 NAG JA . -29.97 38.09 -5.34
O4 NAG JA . -32.35 37.14 -4.14
O5 NAG JA . -31.65 34.57 -6.63
O6 NAG JA . -34.33 35.39 -6.39
O7 NAG JA . -28.18 37.08 -8.73
C1 BMA JA . -33.05 38.36 -4.48
C2 BMA JA . -33.95 38.72 -3.30
C3 BMA JA . -34.76 40.00 -3.65
C4 BMA JA . -34.10 40.93 -4.68
C5 BMA JA . -32.58 40.75 -4.83
C6 BMA JA . -31.75 41.64 -3.91
O2 BMA JA . -33.15 38.87 -2.16
O3 BMA JA . -35.02 40.65 -2.42
O4 BMA JA . -34.76 40.68 -5.91
O5 BMA JA . -32.13 39.41 -4.73
O6 BMA JA . -32.06 41.32 -2.57
C1 NAG KA . -15.96 -24.99 -43.39
C2 NAG KA . -15.59 -23.91 -44.43
C3 NAG KA . -14.40 -24.26 -45.33
C4 NAG KA . -13.61 -25.55 -45.07
C5 NAG KA . -14.26 -26.43 -43.99
C6 NAG KA . -13.33 -27.46 -43.40
C7 NAG KA . -17.14 -22.48 -45.78
C8 NAG KA . -16.31 -21.27 -45.43
N2 NAG KA . -16.73 -23.66 -45.26
O3 NAG KA . -13.56 -23.13 -45.33
O4 NAG KA . -13.51 -26.25 -46.31
O5 NAG KA . -14.79 -25.62 -42.95
O6 NAG KA . -14.00 -28.20 -42.40
O7 NAG KA . -18.13 -22.38 -46.48
C1 NAG KA . -12.97 -25.43 -47.39
C2 NAG KA . -12.16 -26.27 -48.38
C3 NAG KA . -11.50 -25.32 -49.39
C4 NAG KA . -12.52 -24.39 -50.04
C5 NAG KA . -13.44 -23.78 -48.97
C6 NAG KA . -14.58 -22.96 -49.52
C7 NAG KA . -11.04 -28.43 -47.96
C8 NAG KA . -12.00 -29.03 -48.97
N2 NAG KA . -11.18 -27.11 -47.73
O3 NAG KA . -10.82 -26.10 -50.34
O4 NAG KA . -11.80 -23.39 -50.71
O5 NAG KA . -13.97 -24.82 -48.18
O6 NAG KA . -14.07 -21.75 -50.06
O7 NAG KA . -10.20 -29.12 -47.40
C1 BMA KA . -12.03 -23.51 -52.13
C2 BMA KA . -11.92 -22.12 -52.75
C3 BMA KA . -12.17 -22.19 -54.27
C4 BMA KA . -11.85 -23.55 -54.91
C5 BMA KA . -10.87 -24.42 -54.11
C6 BMA KA . -9.41 -24.11 -54.41
O2 BMA KA . -10.67 -21.59 -52.41
O3 BMA KA . -11.43 -21.13 -54.84
O4 BMA KA . -13.09 -24.21 -55.07
O5 BMA KA . -11.08 -24.39 -52.71
O6 BMA KA . -9.13 -24.57 -55.71
C1 NAG LA . 10.65 9.12 -41.83
C2 NAG LA . 12.01 8.46 -41.62
C3 NAG LA . 13.06 9.25 -42.38
C4 NAG LA . 12.69 9.27 -43.86
C5 NAG LA . 11.26 9.80 -44.02
C6 NAG LA . 10.75 9.77 -45.45
C7 NAG LA . 12.45 7.16 -39.58
C8 NAG LA . 12.82 7.27 -38.13
N2 NAG LA . 12.35 8.35 -40.23
O3 NAG LA . 14.31 8.64 -42.13
O4 NAG LA . 13.62 10.10 -44.53
O5 NAG LA . 10.36 9.06 -43.21
O6 NAG LA . 10.78 8.45 -45.94
O7 NAG LA . 12.24 6.08 -40.12
C1 NAG LA . 14.66 9.34 -45.17
C2 NAG LA . 16.00 9.91 -44.69
C3 NAG LA . 17.17 9.07 -45.21
C4 NAG LA . 16.96 7.60 -44.88
C5 NAG LA . 15.60 7.17 -45.43
C6 NAG LA . 15.27 5.71 -45.17
C7 NAG LA . 16.16 11.81 -46.31
C8 NAG LA . 16.33 13.31 -46.37
N2 NAG LA . 16.14 11.30 -45.06
O3 NAG LA . 18.35 9.57 -44.63
O4 NAG LA . 18.01 6.88 -45.46
O5 NAG LA . 14.59 7.96 -44.84
O6 NAG LA . 15.37 5.44 -43.79
O7 NAG LA . 16.07 11.15 -47.34
C1 NAG MA . 53.82 34.42 -28.82
C2 NAG MA . 55.30 34.00 -28.96
C3 NAG MA . 55.91 34.68 -30.19
C4 NAG MA . 55.06 34.38 -31.43
C5 NAG MA . 53.61 34.78 -31.15
C6 NAG MA . 52.66 34.51 -32.29
C7 NAG MA . 56.79 33.46 -27.07
C8 NAG MA . 57.51 34.05 -25.89
N2 NAG MA . 56.07 34.34 -27.79
O3 NAG MA . 57.23 34.23 -30.29
O4 NAG MA . 55.59 35.12 -32.51
O5 NAG MA . 53.14 34.08 -30.00
O6 NAG MA . 51.35 34.86 -31.92
O7 NAG MA . 56.85 32.27 -27.33
C1 NAG MA . 56.46 34.28 -33.29
C2 NAG MA . 56.30 34.64 -34.77
C3 NAG MA . 57.31 33.87 -35.63
C4 NAG MA . 58.72 34.04 -35.07
C5 NAG MA . 58.73 33.66 -33.59
C6 NAG MA . 60.07 33.80 -32.92
C7 NAG MA . 54.28 33.24 -35.25
C8 NAG MA . 52.87 33.33 -35.80
N2 NAG MA . 54.94 34.41 -35.24
O3 NAG MA . 57.21 34.33 -36.95
O4 NAG MA . 59.57 33.20 -35.83
O5 NAG MA . 57.80 34.48 -32.91
O6 NAG MA . 60.98 32.88 -33.49
O7 NAG MA . 54.73 32.17 -34.87
C1 NAG NA . 35.36 54.26 -12.42
C2 NAG NA . 33.90 54.59 -12.76
C3 NAG NA . 33.72 56.08 -12.60
C4 NAG NA . 34.18 56.58 -11.22
C5 NAG NA . 35.54 55.97 -10.84
C6 NAG NA . 35.94 56.23 -9.41
C7 NAG NA . 32.37 53.69 -14.47
C8 NAG NA . 32.25 53.33 -15.93
N2 NAG NA . 33.57 54.18 -14.10
O3 NAG NA . 32.35 56.37 -12.82
O4 NAG NA . 34.30 57.98 -11.35
O5 NAG NA . 35.56 54.58 -11.06
O6 NAG NA . 37.11 55.52 -9.10
O7 NAG NA . 31.43 53.55 -13.69
C1 NAG NA . 33.22 58.69 -10.70
C2 NAG NA . 32.86 59.88 -11.60
C3 NAG NA . 31.79 60.72 -10.92
C4 NAG NA . 30.58 59.85 -10.60
C5 NAG NA . 31.03 58.60 -9.83
C6 NAG NA . 29.91 57.63 -9.53
C7 NAG NA . 34.49 60.85 -13.16
C8 NAG NA . 35.73 61.72 -13.26
N2 NAG NA . 34.02 60.67 -11.92
O3 NAG NA . 31.48 61.79 -11.78
O4 NAG NA . 29.70 60.63 -9.83
O5 NAG NA . 32.05 57.92 -10.54
O6 NAG NA . 28.96 58.24 -8.70
O7 NAG NA . 33.97 60.38 -14.15
C1 BMA NA . 28.60 61.11 -10.65
C2 BMA NA . 27.47 61.53 -9.73
C3 BMA NA . 26.27 62.05 -10.55
C4 BMA NA . 26.63 62.62 -11.94
C5 BMA NA . 28.09 63.07 -12.08
C6 BMA NA . 28.33 64.51 -11.60
O2 BMA NA . 27.97 62.49 -8.83
O3 BMA NA . 25.62 63.00 -9.74
O4 BMA NA . 26.33 61.59 -12.86
O5 BMA NA . 29.02 62.21 -11.46
O6 BMA NA . 27.71 65.36 -12.54
C1 NAG OA . 54.41 55.53 -18.24
C2 NAG OA . 54.77 56.76 -19.08
C3 NAG OA . 55.97 57.42 -18.42
C4 NAG OA . 55.68 57.74 -16.97
C5 NAG OA . 55.02 56.55 -16.24
C6 NAG OA . 54.50 56.89 -14.87
C7 NAG OA . 54.25 56.81 -21.48
C8 NAG OA . 54.70 56.34 -22.85
N2 NAG OA . 55.03 56.42 -20.46
O3 NAG OA . 56.29 58.56 -19.17
O4 NAG OA . 56.92 58.07 -16.39
O5 NAG OA . 53.95 55.99 -16.99
O6 NAG OA . 55.56 57.29 -14.03
O7 NAG OA . 53.23 57.47 -21.34
C1 NAG OA . 57.00 59.47 -16.08
C2 NAG OA . 58.43 59.77 -15.58
C3 NAG OA . 58.50 61.23 -15.15
C4 NAG OA . 58.05 62.15 -16.29
C5 NAG OA . 56.71 61.67 -16.87
C6 NAG OA . 56.29 62.43 -18.11
C7 NAG OA . 59.78 57.98 -14.57
C8 NAG OA . 60.00 57.17 -13.31
N2 NAG OA . 58.80 58.89 -14.49
O3 NAG OA . 59.82 61.50 -14.75
O4 NAG OA . 57.91 63.44 -15.72
O5 NAG OA . 56.77 60.29 -17.20
O6 NAG OA . 57.28 62.33 -19.10
O7 NAG OA . 60.46 57.80 -15.58
C1 BMA OA . 58.99 64.30 -16.16
C2 BMA OA . 58.40 65.70 -16.26
C3 BMA OA . 59.48 66.69 -16.75
C4 BMA OA . 60.92 66.32 -16.34
C5 BMA OA . 61.05 65.29 -15.22
C6 BMA OA . 61.13 65.89 -13.82
O2 BMA OA . 57.87 66.06 -15.00
O3 BMA OA . 59.07 67.97 -16.34
O4 BMA OA . 61.54 65.85 -17.52
O5 BMA OA . 60.06 64.26 -15.24
O6 BMA OA . 61.58 64.87 -12.94
C1 MAN OA . 58.12 68.48 -17.31
C2 MAN OA . 58.54 69.89 -17.72
C3 MAN OA . 58.35 70.86 -16.56
C4 MAN OA . 56.93 70.78 -16.02
C5 MAN OA . 56.62 69.34 -15.64
C6 MAN OA . 55.18 69.17 -15.20
O2 MAN OA . 57.76 70.24 -18.83
O3 MAN OA . 58.66 72.15 -17.04
O4 MAN OA . 56.85 71.66 -14.91
O5 MAN OA . 56.82 68.50 -16.76
O6 MAN OA . 54.34 69.39 -16.30
C1 MAN OA . 61.90 65.45 -11.67
C2 MAN OA . 63.42 65.69 -11.61
C3 MAN OA . 64.16 64.36 -11.61
C4 MAN OA . 63.65 63.45 -10.49
C5 MAN OA . 62.13 63.30 -10.61
C6 MAN OA . 61.55 62.53 -9.45
O2 MAN OA . 63.67 66.42 -10.44
O3 MAN OA . 65.53 64.64 -11.47
O4 MAN OA . 64.32 62.21 -10.62
O5 MAN OA . 61.51 64.59 -10.62
O6 MAN OA . 60.18 62.34 -9.66
C1 NAG PA . 70.17 41.17 -20.89
C2 NAG PA . 70.26 40.77 -22.38
C3 NAG PA . 71.51 39.94 -22.64
C4 NAG PA . 72.75 40.62 -22.08
C5 NAG PA . 72.51 40.92 -20.60
C6 NAG PA . 73.67 41.58 -19.89
C7 NAG PA . 68.31 40.47 -23.87
C8 NAG PA . 68.79 41.70 -24.61
N2 NAG PA . 69.08 40.10 -22.83
O3 NAG PA . 71.60 39.72 -24.02
O4 NAG PA . 73.85 39.75 -22.29
O5 NAG PA . 71.39 41.77 -20.50
O6 NAG PA . 74.07 42.74 -20.58
O7 NAG PA . 67.31 39.87 -24.22
C1 NAG PA . 74.85 40.43 -23.07
C2 NAG PA . 75.73 39.37 -23.75
C3 NAG PA . 76.77 40.05 -24.64
C4 NAG PA . 76.10 41.02 -25.60
C5 NAG PA . 75.23 41.99 -24.80
C6 NAG PA . 74.50 43.01 -25.65
C7 NAG PA . 76.15 37.23 -22.55
C8 NAG PA . 75.11 36.62 -23.47
N2 NAG PA . 76.38 38.54 -22.76
O3 NAG PA . 77.47 39.04 -25.32
O4 NAG PA . 77.13 41.69 -26.30
O5 NAG PA . 74.28 41.25 -24.06
O6 NAG PA . 73.72 43.85 -24.82
O7 NAG PA . 76.72 36.57 -21.70
C1 NAG QA . -59.95 15.08 -24.94
C2 NAG QA . -60.45 15.82 -23.69
C3 NAG QA . -61.77 15.34 -23.06
C4 NAG QA . -62.35 14.00 -23.54
C5 NAG QA . -61.37 13.28 -24.46
C6 NAG QA . -61.97 12.07 -25.16
C7 NAG QA . -58.99 14.80 -21.93
C8 NAG QA . -57.96 15.13 -20.88
N2 NAG QA . -59.45 15.86 -22.65
O3 NAG QA . -62.70 16.39 -23.17
O4 NAG QA . -62.64 13.19 -22.41
O5 NAG QA . -60.92 14.18 -25.43
O6 NAG QA . -63.06 12.48 -25.96
O7 NAG QA . -59.36 13.65 -22.08
C1 NAG QA . -63.32 13.87 -21.33
C2 NAG QA . -64.33 12.92 -20.67
C3 NAG QA . -65.04 13.64 -19.51
C4 NAG QA . -64.03 14.28 -18.57
C5 NAG QA . -63.05 15.13 -19.37
C6 NAG QA . -61.99 15.82 -18.55
C7 NAG QA . -65.66 11.13 -21.69
C8 NAG QA . -66.69 10.83 -22.76
N2 NAG QA . -65.29 12.42 -21.62
O3 NAG QA . -65.84 12.69 -18.86
O4 NAG QA . -64.75 15.05 -17.63
O5 NAG QA . -62.44 14.30 -20.33
O6 NAG QA . -61.16 16.59 -19.40
O7 NAG QA . -65.22 10.26 -20.96
C1 NAG RA . -41.90 -29.90 -31.83
C2 NAG RA . -41.39 -29.64 -33.26
C3 NAG RA . -42.26 -30.32 -34.32
C4 NAG RA . -42.54 -31.77 -33.95
C5 NAG RA . -43.12 -31.80 -32.53
C6 NAG RA . -43.50 -33.19 -32.07
C7 NAG RA . -41.92 -27.13 -33.62
C8 NAG RA . -43.42 -27.24 -33.40
N2 NAG RA . -41.12 -28.24 -33.53
O3 NAG RA . -41.61 -30.19 -35.55
O4 NAG RA . -43.46 -32.27 -34.91
O5 NAG RA . -42.15 -31.28 -31.65
O6 NAG RA . -42.37 -34.04 -32.15
O7 NAG RA . -41.44 -26.04 -33.86
C1 NAG RA . -42.77 -33.20 -35.76
C2 NAG RA . -43.81 -34.10 -36.45
C3 NAG RA . -43.12 -35.04 -37.43
C4 NAG RA . -42.22 -34.26 -38.38
C5 NAG RA . -41.27 -33.37 -37.57
C6 NAG RA . -40.33 -32.53 -38.42
C7 NAG RA . -45.84 -34.61 -35.13
C8 NAG RA . -46.52 -33.47 -35.86
N2 NAG RA . -44.56 -34.84 -35.47
O3 NAG RA . -44.11 -35.75 -38.11
O4 NAG RA . -41.52 -35.20 -39.17
O5 NAG RA . -42.03 -32.52 -36.75
O6 NAG RA . -39.60 -31.66 -37.59
O7 NAG RA . -46.43 -35.27 -34.29
C1 BMA RA . -41.91 -35.05 -40.55
C2 BMA RA . -41.01 -35.96 -41.38
C3 BMA RA . -41.38 -35.83 -42.88
C4 BMA RA . -42.81 -35.36 -43.16
C5 BMA RA . -43.80 -35.64 -42.02
C6 BMA RA . -44.41 -37.04 -42.07
O2 BMA RA . -41.16 -37.28 -40.91
O3 BMA RA . -41.07 -37.06 -43.47
O4 BMA RA . -42.74 -33.97 -43.43
O5 BMA RA . -43.27 -35.41 -40.72
O6 BMA RA . -45.25 -37.11 -43.21
C1 NAG SA . -40.12 -40.38 -24.93
C2 NAG SA . -40.96 -40.05 -23.69
C3 NAG SA . -42.25 -40.88 -23.69
C4 NAG SA . -42.97 -40.83 -25.04
C5 NAG SA . -41.98 -41.02 -26.19
C6 NAG SA . -42.60 -40.85 -27.56
C7 NAG SA . -39.63 -41.12 -21.74
C8 NAG SA . -39.66 -42.55 -22.24
N2 NAG SA . -40.22 -40.12 -22.44
O3 NAG SA . -43.06 -40.43 -22.63
O4 NAG SA . -43.92 -41.88 -25.03
O5 NAG SA . -40.91 -40.11 -26.06
O6 NAG SA . -41.61 -41.03 -28.55
O7 NAG SA . -39.05 -40.89 -20.69
C1 NAG SA . -45.25 -41.37 -24.78
C2 NAG SA . -46.26 -42.42 -25.25
C3 NAG SA . -47.69 -42.00 -24.88
C4 NAG SA . -47.77 -41.64 -23.40
C5 NAG SA . -46.70 -40.59 -23.07
C6 NAG SA . -46.70 -40.15 -21.63
C7 NAG SA . -46.31 -41.80 -27.68
C8 NAG SA . -46.11 -42.38 -29.05
N2 NAG SA . -46.13 -42.68 -26.66
O3 NAG SA . -48.54 -43.06 -25.20
O4 NAG SA . -49.08 -41.16 -23.16
O5 NAG SA . -45.44 -41.12 -23.40
O6 NAG SA . -46.56 -41.29 -20.80
O7 NAG SA . -46.60 -40.62 -27.53
C1 NAG TA . 49.15 16.46 -29.68
C2 NAG TA . 50.67 16.37 -29.85
C3 NAG TA . 51.01 15.03 -30.51
C4 NAG TA . 50.41 13.88 -29.70
C5 NAG TA . 48.91 14.12 -29.50
C6 NAG TA . 48.24 13.06 -28.65
C7 NAG TA . 52.01 18.40 -30.13
C8 NAG TA . 52.41 19.47 -31.12
N2 NAG TA . 51.17 17.47 -30.62
O3 NAG TA . 52.41 14.93 -30.60
O4 NAG TA . 50.65 12.69 -30.42
O5 NAG TA . 48.70 15.37 -28.89
O6 NAG TA . 48.32 11.81 -29.29
O7 NAG TA . 52.43 18.40 -28.98
C1 NAG UA . 18.22 -46.79 -2.99
C2 NAG UA . 18.33 -48.02 -2.07
C3 NAG UA . 19.41 -47.79 -1.03
C4 NAG UA . 20.72 -47.42 -1.71
C5 NAG UA . 20.50 -46.24 -2.67
C6 NAG UA . 21.73 -45.83 -3.43
C7 NAG UA . 16.30 -47.55 -0.67
C8 NAG UA . 15.02 -48.19 -0.19
N2 NAG UA . 17.07 -48.34 -1.47
O3 NAG UA . 19.54 -48.96 -0.27
O4 NAG UA . 21.65 -47.10 -0.70
O5 NAG UA . 19.48 -46.56 -3.59
O6 NAG UA . 21.40 -44.83 -4.37
O7 NAG UA . 16.60 -46.42 -0.34
C1 NAG VA . -15.48 -65.73 -9.53
C2 NAG VA . -16.34 -66.82 -10.17
C3 NAG VA . -16.59 -67.94 -9.15
C4 NAG VA . -15.27 -68.44 -8.59
C5 NAG VA . -14.47 -67.26 -8.03
C6 NAG VA . -13.13 -67.64 -7.45
C7 NAG VA . -17.91 -66.17 -11.94
C8 NAG VA . -19.27 -65.57 -12.20
N2 NAG VA . -17.58 -66.28 -10.64
O3 NAG VA . -17.31 -68.96 -9.80
O4 NAG VA . -15.58 -69.38 -7.58
O5 NAG VA . -14.28 -66.31 -9.06
O6 NAG VA . -12.38 -68.36 -8.42
O7 NAG VA . -17.20 -66.53 -12.85
C1 NAG WA . 67.28 10.45 10.54
C2 NAG WA . 66.68 9.03 10.46
C3 NAG WA . 66.56 8.42 11.85
C4 NAG WA . 67.90 8.50 12.58
C5 NAG WA . 68.36 9.96 12.60
C6 NAG WA . 69.68 10.17 13.31
C7 NAG WA . 65.15 8.52 8.59
C8 NAG WA . 63.73 8.67 8.11
N2 NAG WA . 65.41 9.05 9.81
O3 NAG WA . 66.13 7.09 11.70
O4 NAG WA . 67.68 8.00 13.89
O5 NAG WA . 68.49 10.41 11.27
O6 NAG WA . 69.56 9.77 14.66
O7 NAG WA . 65.99 7.94 7.93
C1 NAG XA . 48.34 -21.68 10.61
C2 NAG XA . 49.72 -22.34 10.76
C3 NAG XA . 49.66 -23.44 11.82
C4 NAG XA . 49.07 -22.90 13.12
C5 NAG XA . 47.72 -22.23 12.82
C6 NAG XA . 47.06 -21.65 14.05
C7 NAG XA . 51.16 -22.31 8.75
C8 NAG XA . 51.81 -21.08 9.31
N2 NAG XA . 50.18 -22.85 9.50
O3 NAG XA . 50.96 -23.94 11.99
O4 NAG XA . 48.93 -23.99 14.00
O5 NAG XA . 47.92 -21.21 11.87
O6 NAG XA . 47.94 -20.76 14.69
O7 NAG XA . 51.53 -22.78 7.68
C1 NAG YA . 30.00 -17.89 -19.12
C2 NAG YA . 29.68 -16.45 -19.55
C3 NAG YA . 29.62 -16.28 -21.07
C4 NAG YA . 30.82 -16.92 -21.75
C5 NAG YA . 30.82 -18.39 -21.34
C6 NAG YA . 31.92 -19.20 -21.99
C7 NAG YA . 28.28 -15.01 -18.13
C8 NAG YA . 26.88 -14.78 -17.63
N2 NAG YA . 28.43 -16.05 -18.96
O3 NAG YA . 29.56 -14.89 -21.34
O4 NAG YA . 30.67 -16.75 -23.13
O5 NAG YA . 31.00 -18.46 -19.95
O6 NAG YA . 32.17 -18.74 -23.30
O7 NAG YA . 29.21 -14.30 -17.78
C1 NAG ZA . 49.29 10.24 32.15
C2 NAG ZA . 50.02 11.11 33.17
C3 NAG ZA . 49.46 10.82 34.57
C4 NAG ZA . 47.95 11.01 34.58
C5 NAG ZA . 47.32 10.19 33.46
C6 NAG ZA . 45.81 10.37 33.34
C7 NAG ZA . 52.34 11.80 32.75
C8 NAG ZA . 53.78 11.34 32.77
N2 NAG ZA . 51.44 10.87 33.12
O3 NAG ZA . 50.11 11.68 35.48
O4 NAG ZA . 47.49 10.62 35.85
O5 NAG ZA . 47.91 10.52 32.22
O6 NAG ZA . 45.19 9.93 34.53
O7 NAG ZA . 52.05 12.94 32.43
C1 NAG AB . -25.29 9.29 42.49
C2 NAG AB . -26.57 10.03 42.89
C3 NAG AB . -26.32 11.54 42.85
C4 NAG AB . -25.11 11.89 43.70
C5 NAG AB . -23.91 11.04 43.27
C6 NAG AB . -22.66 11.28 44.09
C7 NAG AB . -27.81 9.76 40.74
C8 NAG AB . -29.12 9.27 40.18
N2 NAG AB . -27.69 9.66 42.08
O3 NAG AB . -27.49 12.19 43.31
O4 NAG AB . -24.86 13.27 43.52
O5 NAG AB . -24.24 9.67 43.35
O6 NAG AB . -21.66 10.37 43.72
O7 NAG AB . -26.95 10.22 40.00
C1 NAG BB . -53.16 -18.03 38.75
C2 NAG BB . -54.13 -19.08 39.28
C3 NAG BB . -55.54 -18.51 39.36
C4 NAG BB . -55.53 -17.21 40.16
C5 NAG BB . -54.49 -16.25 39.57
C6 NAG BB . -54.37 -14.94 40.31
C7 NAG BB . -53.63 -21.45 38.82
C8 NAG BB . -53.71 -22.54 37.77
N2 NAG BB . -54.11 -20.26 38.44
O3 NAG BB . -56.37 -19.47 39.93
O4 NAG BB . -56.83 -16.66 40.10
O5 NAG BB . -53.22 -16.89 39.58
O6 NAG BB . -54.14 -15.17 41.68
O7 NAG BB . -53.16 -21.67 39.92
C1 NAG CB . 36.01 52.37 26.60
C2 NAG CB . 34.68 51.90 27.22
C3 NAG CB . 33.55 52.86 26.86
C4 NAG CB . 33.94 54.29 27.21
C5 NAG CB . 35.26 54.62 26.51
C6 NAG CB . 35.75 56.03 26.78
C7 NAG CB . 34.36 49.48 27.59
C8 NAG CB . 34.00 48.18 26.92
N2 NAG CB . 34.37 50.56 26.79
O3 NAG CB . 32.40 52.45 27.55
O4 NAG CB . 32.90 55.13 26.77
O5 NAG CB . 36.25 53.71 26.95
O6 NAG CB . 34.82 56.96 26.31
O7 NAG CB . 34.63 49.52 28.78
C1 NAG DB . 2.44 39.61 36.66
C2 NAG DB . 2.55 40.64 37.80
C3 NAG DB . 1.22 41.38 37.97
C4 NAG DB . 0.77 41.97 36.64
C5 NAG DB . 0.75 40.86 35.57
C6 NAG DB . 0.34 41.35 34.20
C7 NAG DB . 4.14 40.07 39.62
C8 NAG DB . 5.15 40.93 38.90
N2 NAG DB . 2.93 39.99 39.02
O3 NAG DB . 1.40 42.37 38.95
O4 NAG DB . -0.50 42.53 36.83
O5 NAG DB . 2.04 40.28 35.49
O6 NAG DB . 1.15 42.43 33.81
O7 NAG DB . 4.42 39.50 40.66
C1 NAG EB . 9.36 5.21 38.36
C2 NAG EB . 10.48 4.69 37.45
C3 NAG EB . 11.25 3.51 38.05
C4 NAG EB . 11.63 3.79 39.50
C5 NAG EB . 10.34 4.07 40.26
C6 NAG EB . 10.54 4.30 41.75
C7 NAG EB . 10.28 4.86 35.00
C8 NAG EB . 9.55 4.30 33.81
N2 NAG EB . 9.92 4.31 36.18
O3 NAG EB . 12.38 3.28 37.26
O4 NAG EB . 12.31 2.65 39.99
O5 NAG EB . 9.77 5.24 39.72
O6 NAG EB . 11.59 3.49 42.22
O7 NAG EB . 11.11 5.74 34.90
C1 NAG FB . 17.66 56.80 5.62
C2 NAG FB . 18.23 58.06 4.97
C3 NAG FB . 17.14 58.73 4.15
C4 NAG FB . 16.55 57.74 3.15
C5 NAG FB . 16.10 56.49 3.88
C6 NAG FB . 15.56 55.41 2.96
C7 NAG FB . 20.07 59.28 6.06
C8 NAG FB . 20.41 60.24 7.17
N2 NAG FB . 18.77 58.96 5.96
O3 NAG FB . 17.72 59.85 3.51
O4 NAG FB . 15.48 58.39 2.51
O5 NAG FB . 17.18 55.94 4.62
O6 NAG FB . 14.41 55.88 2.29
O7 NAG FB . 20.93 58.86 5.31
C1 NAG GB . -23.72 15.32 -41.66
C2 NAG GB . -23.95 14.78 -43.07
C3 NAG GB . -22.67 14.92 -43.90
C4 NAG GB . -22.18 16.37 -43.85
C5 NAG GB . -22.06 16.83 -42.40
C6 NAG GB . -21.63 18.27 -42.25
C7 NAG GB . -23.83 12.33 -42.54
C8 NAG GB . -24.59 11.05 -42.70
N2 NAG GB . -24.43 13.42 -43.07
O3 NAG GB . -22.95 14.50 -45.21
O4 NAG GB . -20.94 16.40 -44.52
O5 NAG GB . -23.30 16.66 -41.74
O6 NAG GB . -21.67 18.63 -40.89
O7 NAG GB . -22.74 12.36 -41.98
C1 NAG HB . -56.32 -6.14 -37.98
C2 NAG HB . -57.83 -6.40 -38.11
C3 NAG HB . -58.11 -7.26 -39.34
C4 NAG HB . -57.48 -6.63 -40.58
C5 NAG HB . -55.99 -6.38 -40.31
C6 NAG HB . -55.25 -5.74 -41.47
C7 NAG HB . -59.19 -6.43 -36.05
C8 NAG HB . -59.60 -7.27 -34.88
N2 NAG HB . -58.34 -7.02 -36.92
O3 NAG HB . -59.50 -7.39 -39.47
O4 NAG HB . -57.66 -7.54 -41.65
O5 NAG HB . -55.86 -5.55 -39.17
O6 NAG HB . -55.92 -4.56 -41.85
O7 NAG HB . -59.60 -5.29 -36.20
C1 NAG IB . 45.60 44.22 -26.69
C2 NAG IB . 44.33 43.81 -27.45
C3 NAG IB . 44.66 42.81 -28.55
C4 NAG IB . 45.79 43.33 -29.43
C5 NAG IB . 46.99 43.69 -28.54
C6 NAG IB . 48.17 44.23 -29.31
C7 NAG IB . 42.18 43.86 -26.24
C8 NAG IB . 41.31 43.10 -25.27
N2 NAG IB . 43.35 43.27 -26.55
O3 NAG IB . 43.49 42.57 -29.28
O4 NAG IB . 46.11 42.33 -30.35
O5 NAG IB . 46.58 44.66 -27.60
O6 NAG IB . 48.63 43.26 -30.22
O7 NAG IB . 41.83 44.93 -26.71
C1 NAG JB . 15.27 29.50 -42.63
C2 NAG JB . 15.60 30.45 -43.80
C3 NAG JB . 15.44 29.71 -45.12
C4 NAG JB . 16.26 28.41 -45.10
C5 NAG JB . 15.87 27.59 -43.86
C6 NAG JB . 16.64 26.29 -43.73
C7 NAG JB . 15.16 32.85 -43.42
C8 NAG JB . 16.61 32.99 -43.04
N2 NAG JB . 14.75 31.62 -43.76
O3 NAG JB . 15.85 30.56 -46.14
O4 NAG JB . 15.98 27.72 -46.29
O5 NAG JB . 16.09 28.36 -42.70
O6 NAG JB . 18.02 26.54 -43.78
O7 NAG JB . 14.40 33.82 -43.40
C1 NAG KB . -8.22 35.06 -17.08
C2 NAG KB . -7.67 35.11 -15.65
C3 NAG KB . -8.45 36.05 -14.74
C4 NAG KB . -8.68 37.39 -15.42
C5 NAG KB . -9.43 37.12 -16.72
C6 NAG KB . -9.80 38.36 -17.49
C7 NAG KB . -6.58 33.14 -14.66
C8 NAG KB . -6.83 31.75 -14.12
N2 NAG KB . -7.67 33.78 -15.09
O3 NAG KB . -7.73 36.20 -13.55
O4 NAG KB . -9.43 38.19 -14.54
O5 NAG KB . -8.58 36.35 -17.53
O6 NAG KB . -10.12 39.41 -16.60
O7 NAG KB . -5.46 33.61 -14.70
#